data_5UN1
#
_entry.id   5UN1
#
_cell.length_a   181.570
_cell.length_b   108.470
_cell.length_c   182.460
_cell.angle_alpha   90.00
_cell.angle_beta   111.44
_cell.angle_gamma   90.00
#
_symmetry.space_group_name_H-M   'P 1 21 1'
#
loop_
_entity.id
_entity.type
_entity.pdbx_description
1 polymer 'N-methyl-D-aspartate receptor subunit NR1-3a'
2 polymer 'Ionotropic glutamate receptor subunit NR2B'
3 non-polymer GLYCINE
4 non-polymer 2-acetamido-2-deoxy-beta-D-glucopyranose
5 non-polymer 2-AMINO-2-HYDROXYMETHYL-PROPANE-1,3-DIOL
6 non-polymer 'GLUTAMIC ACID'
7 non-polymer (5S,10R)-5-methyl-10,11-dihydro-5H-5,10-epiminodibenzo[a,d][7]annulene
8 non-polymer 'MAGNESIUM ION'
9 non-polymer 'CHOLESTEROL HEMISUCCINATE'
#
loop_
_entity_poly.entity_id
_entity_poly.type
_entity_poly.pdbx_seq_one_letter_code
_entity_poly.pdbx_strand_id
1 'polypeptide(L)'
;MSTRLKIVTIHQEPFVYVRPTTSDGTCREEYTINGDPIKKVICNGPDETIPGRPTVPQCCYGFCVDLLIKLAREMDFTYE
VHLVADGKFGTQERVNNSNAAAWNGMMGELLSGQADMIVAPLTINNERAQYIEFSKPFKYQGLTILVKKEIPRSTLDSFM
QPFQSTLWLLVGLSVHVVAVMLYLLDRFSPFGRFEDALTLSSAMWFSWRVLLNSGLGEGAPRSFSARILGMVWAGFAMII
VASYTANLAAFLVLRRPEERITGINDPRLRNPSDKFIYATVKQSSVDIYFRRQVELSTMYRHMEKHNYESAAEAIQAVRD
NKLHAFIWDSAVLEFEASQKCDLVTTGELFFRSGFGIGMRKDSPWKQEVSLNILKSHENGFMEELDKTWVRYQECDSRSN
APATLTFENMAGVFMLVAGGIVAGIFLIFIEIAYKSRAEAKRMKGLEVLFQ
;
G,A,E,C
2 'polypeptide(L)'
;DEHLSIVTLEEAPFVIVEDVDPLSGTCMRNTVPCRKQIRPENRTEEGGNYIKRCCKGFCIDILKKIAKTVKFTYDLYLVT
NGKHGKKINGVWNGMIGEVVTKRAYMAVGSLTINEERSEVVDFSVPFIETGISVMVSRSNGTVSPSAFLEPFSADVWVMM
FVMLLIVSAVAVFVFEYFSPVGYNGPSFTIGKAIWLLWGLVFNNSLPVQNPKGTTSKIMVSVWAFFAVIFLASYTANLAA
FMIQRRYVDQVSGLSDKKFQRPNDFSPAFRFGTVPNGSTERNIRNNYLEMHSYMVKFNQRSVQDALLSLKSGKLDAFIYD
AAVLNYMAGRDEGCKLVTIGSGKVFATTGYGIAIQKDSGWKRQVDLAILQLFGDGEMEELEALWLTGICHNEKNEVMSSQ
LDIDNMAGVFYMLAAAMALSLITFIMEHLFYKSRAEAKRMKGLEVLFQ
;
B,H,F,D
#
# COMPACT_ATOMS: atom_id res chain seq x y z
N MET A 1 5.07 -17.07 31.30
CA MET A 1 5.89 -16.79 30.12
C MET A 1 6.25 -15.32 30.00
N SER A 2 5.47 -14.41 30.59
CA SER A 2 5.73 -12.98 30.45
C SER A 2 7.01 -12.58 31.19
N THR A 3 6.99 -12.68 32.51
CA THR A 3 8.09 -12.25 33.37
C THR A 3 8.49 -10.81 33.07
N ARG A 4 7.55 -9.90 33.30
CA ARG A 4 7.75 -8.48 33.07
C ARG A 4 8.81 -7.94 34.03
N LEU A 5 9.96 -7.54 33.49
CA LEU A 5 11.09 -7.10 34.29
C LEU A 5 11.42 -5.65 33.93
N LYS A 6 11.56 -4.82 34.96
CA LYS A 6 11.91 -3.44 34.70
C LYS A 6 13.30 -3.37 34.09
N ILE A 7 13.55 -2.31 33.33
CA ILE A 7 14.82 -2.13 32.64
C ILE A 7 15.27 -0.68 32.79
N VAL A 8 16.52 -0.48 33.24
CA VAL A 8 17.10 0.84 33.46
C VAL A 8 18.24 1.08 32.48
N THR A 9 18.33 2.30 31.99
CA THR A 9 19.34 2.64 31.01
C THR A 9 19.85 4.05 31.32
N ILE A 10 20.93 4.41 30.64
CA ILE A 10 21.53 5.72 30.76
C ILE A 10 21.62 6.33 29.37
N HIS A 11 21.78 7.64 29.32
CA HIS A 11 21.88 8.39 28.07
C HIS A 11 23.37 8.48 27.74
N GLN A 12 23.86 7.48 26.99
CA GLN A 12 25.14 7.54 26.29
C GLN A 12 24.83 7.60 24.80
N GLU A 13 25.41 8.59 24.11
CA GLU A 13 24.75 9.10 22.92
C GLU A 13 24.64 8.08 21.79
N PRO A 14 25.70 7.43 21.30
CA PRO A 14 25.47 6.39 20.26
C PRO A 14 24.54 5.30 20.74
N PHE A 15 24.72 4.82 21.96
CA PHE A 15 24.07 3.58 22.37
C PHE A 15 22.62 3.83 22.79
N VAL A 16 22.34 4.93 23.48
CA VAL A 16 20.98 5.22 23.96
C VAL A 16 20.71 6.69 23.67
N TYR A 17 19.94 6.96 22.61
CA TYR A 17 19.40 8.30 22.39
C TYR A 17 18.15 8.51 23.26
N VAL A 18 18.04 9.71 23.83
CA VAL A 18 16.89 10.07 24.68
C VAL A 18 16.41 11.46 24.25
N ARG A 19 15.34 11.50 23.45
CA ARG A 19 14.75 12.71 22.89
C ARG A 19 13.29 12.83 23.33
N PRO A 20 12.68 14.01 23.24
CA PRO A 20 11.41 14.21 23.92
C PRO A 20 10.23 13.69 23.09
N THR A 21 9.06 13.72 23.70
CA THR A 21 7.87 13.16 23.07
C THR A 21 7.19 14.20 22.18
N THR A 22 6.44 13.69 21.20
CA THR A 22 5.71 14.53 20.26
C THR A 22 4.36 14.94 20.83
N SER A 23 3.80 16.02 20.25
CA SER A 23 2.59 16.64 20.79
C SER A 23 1.48 15.63 21.05
N ASP A 24 1.39 14.58 20.23
CA ASP A 24 0.40 13.54 20.45
C ASP A 24 0.81 12.53 21.52
N GLY A 25 2.11 12.44 21.83
CA GLY A 25 2.60 11.48 22.80
C GLY A 25 3.40 10.34 22.20
N THR A 26 3.34 10.17 20.88
CA THR A 26 4.09 9.12 20.22
C THR A 26 5.49 9.60 19.85
N CYS A 27 6.32 8.68 19.39
CA CYS A 27 7.67 8.98 19.00
C CYS A 27 7.71 9.44 17.55
N ARG A 28 8.54 10.45 17.28
CA ARG A 28 8.67 10.97 15.92
C ARG A 28 9.20 9.89 15.00
N GLU A 29 8.43 9.56 13.97
CA GLU A 29 8.83 8.53 13.02
C GLU A 29 10.04 9.02 12.22
N GLU A 30 11.17 8.34 12.39
CA GLU A 30 12.38 8.70 11.68
C GLU A 30 12.89 7.51 10.89
N TYR A 31 13.73 7.80 9.90
CA TYR A 31 14.19 6.83 8.93
C TYR A 31 15.68 6.56 9.14
N THR A 32 16.04 5.29 9.22
CA THR A 32 17.43 4.86 9.43
C THR A 32 18.30 5.31 8.25
N ILE A 33 19.48 5.87 8.54
CA ILE A 33 20.41 6.30 7.48
C ILE A 33 20.47 5.29 6.32
N ASN A 34 20.50 3.99 6.64
CA ASN A 34 20.43 2.94 5.63
C ASN A 34 19.13 2.97 4.84
N GLY A 35 18.13 3.73 5.30
CA GLY A 35 16.82 3.75 4.69
C GLY A 35 15.91 2.71 5.30
N ASP A 36 15.73 2.77 6.62
CA ASP A 36 14.92 1.79 7.32
C ASP A 36 14.21 2.48 8.48
N PRO A 37 13.19 1.85 9.05
CA PRO A 37 12.49 2.47 10.18
C PRO A 37 13.34 2.45 11.45
N ILE A 38 13.40 3.57 12.13
CA ILE A 38 14.14 3.65 13.38
C ILE A 38 13.26 3.16 14.53
N LYS A 39 13.86 2.41 15.45
CA LYS A 39 13.12 1.85 16.56
C LYS A 39 12.73 2.97 17.55
N LYS A 40 11.93 2.61 18.54
CA LYS A 40 11.37 3.62 19.44
C LYS A 40 10.84 3.00 20.72
N VAL A 41 11.20 3.52 21.89
CA VAL A 41 10.51 3.13 23.12
C VAL A 41 10.31 4.35 24.00
N ILE A 42 9.58 4.17 25.11
CA ILE A 42 9.26 5.23 26.05
C ILE A 42 10.10 5.04 27.30
N CYS A 43 10.60 6.14 27.85
CA CYS A 43 11.48 6.13 29.02
C CYS A 43 10.93 7.05 30.10
N ASN A 44 10.91 6.56 31.33
CA ASN A 44 10.51 7.37 32.50
C ASN A 44 11.79 7.83 33.19
N GLY A 45 12.26 9.01 32.82
CA GLY A 45 13.52 9.50 33.31
C GLY A 45 13.44 10.90 33.88
N PRO A 46 14.60 11.43 34.27
CA PRO A 46 14.65 12.78 34.83
C PRO A 46 14.53 13.82 33.73
N ASP A 47 13.71 14.83 33.98
CA ASP A 47 13.59 15.96 33.05
C ASP A 47 14.73 16.92 33.32
N GLU A 48 15.65 17.04 32.36
CA GLU A 48 16.84 17.88 32.48
C GLU A 48 16.54 19.35 32.24
N THR A 49 15.36 19.68 31.72
CA THR A 49 14.98 21.07 31.43
C THR A 49 14.28 21.77 32.60
N ILE A 50 14.00 21.08 33.69
CA ILE A 50 13.17 21.62 34.77
C ILE A 50 13.89 21.47 36.10
N PRO A 51 13.71 22.39 37.05
CA PRO A 51 14.43 22.30 38.33
C PRO A 51 14.10 21.05 39.12
N GLY A 52 12.85 20.60 39.05
CA GLY A 52 12.33 19.63 39.99
C GLY A 52 13.01 18.28 39.97
N ARG A 53 13.77 17.99 38.92
CA ARG A 53 14.13 16.62 38.59
C ARG A 53 12.86 15.77 38.59
N PRO A 54 11.90 16.07 37.70
CA PRO A 54 10.65 15.31 37.69
C PRO A 54 10.67 14.20 36.65
N THR A 55 9.82 13.19 36.79
CA THR A 55 9.85 12.05 35.90
C THR A 55 8.98 12.38 34.70
N VAL A 56 9.57 12.40 33.51
CA VAL A 56 8.79 12.73 32.31
C VAL A 56 9.05 11.71 31.21
N PRO A 57 8.00 11.22 30.54
CA PRO A 57 8.20 10.22 29.47
C PRO A 57 8.99 10.82 28.31
N GLN A 58 9.77 9.95 27.66
CA GLN A 58 10.56 10.35 26.50
C GLN A 58 10.61 9.20 25.50
N CYS A 59 11.17 9.50 24.34
CA CYS A 59 11.38 8.53 23.28
C CYS A 59 12.87 8.24 23.17
N CYS A 60 13.24 6.98 23.36
CA CYS A 60 14.63 6.57 23.45
C CYS A 60 14.86 5.49 22.39
N TYR A 61 15.95 5.64 21.63
CA TYR A 61 16.22 4.83 20.45
C TYR A 61 17.72 4.79 20.20
N GLY A 62 18.19 3.68 19.66
CA GLY A 62 19.59 3.54 19.33
C GLY A 62 20.06 2.12 19.48
N PHE A 63 21.38 1.97 19.67
CA PHE A 63 22.02 0.66 19.70
C PHE A 63 21.46 -0.19 20.83
N CYS A 64 21.51 0.32 22.05
CA CYS A 64 21.14 -0.52 23.19
C CYS A 64 19.65 -0.83 23.21
N VAL A 65 18.84 0.04 22.62
CA VAL A 65 17.41 -0.25 22.51
C VAL A 65 17.16 -1.34 21.48
N ASP A 66 17.86 -1.29 20.34
CA ASP A 66 17.71 -2.32 19.33
C ASP A 66 18.18 -3.68 19.86
N LEU A 67 19.38 -3.72 20.46
CA LEU A 67 19.85 -4.96 21.08
C LEU A 67 18.89 -5.43 22.17
N LEU A 68 18.31 -4.49 22.91
CA LEU A 68 17.31 -4.84 23.90
C LEU A 68 16.12 -5.54 23.26
N ILE A 69 15.69 -5.08 22.09
CA ILE A 69 14.56 -5.71 21.42
C ILE A 69 14.94 -7.09 20.89
N LYS A 70 16.12 -7.22 20.29
CA LYS A 70 16.57 -8.51 19.81
C LYS A 70 16.61 -9.54 20.92
N LEU A 71 17.11 -9.14 22.09
CA LEU A 71 17.09 -10.06 23.22
C LEU A 71 15.67 -10.31 23.72
N ALA A 72 14.80 -9.31 23.65
CA ALA A 72 13.42 -9.55 24.01
C ALA A 72 12.73 -10.49 23.03
N ARG A 73 13.31 -10.70 21.84
CA ARG A 73 12.78 -11.66 20.89
C ARG A 73 13.34 -13.06 21.15
N GLU A 74 14.67 -13.17 21.26
CA GLU A 74 15.29 -14.48 21.41
C GLU A 74 14.84 -15.17 22.70
N MET A 75 14.54 -14.41 23.74
CA MET A 75 14.04 -14.93 25.00
C MET A 75 12.65 -14.37 25.23
N ASP A 76 11.78 -15.18 25.83
CA ASP A 76 10.36 -14.85 25.90
C ASP A 76 10.08 -14.03 27.16
N PHE A 77 10.52 -12.77 27.13
CA PHE A 77 10.33 -11.88 28.27
C PHE A 77 9.94 -10.50 27.74
N THR A 78 9.32 -9.73 28.64
CA THR A 78 8.79 -8.39 28.40
C THR A 78 9.54 -7.35 29.25
N TYR A 79 9.41 -6.07 28.89
CA TYR A 79 10.27 -5.04 29.47
C TYR A 79 9.53 -3.72 29.66
N GLU A 80 10.13 -2.85 30.47
CA GLU A 80 9.71 -1.45 30.60
C GLU A 80 10.96 -0.62 30.89
N VAL A 81 11.40 0.17 29.90
CA VAL A 81 12.69 0.84 29.96
C VAL A 81 12.51 2.23 30.55
N HIS A 82 13.49 2.65 31.34
CA HIS A 82 13.45 3.98 31.93
C HIS A 82 14.88 4.39 32.27
N LEU A 83 15.10 5.70 32.31
CA LEU A 83 16.41 6.22 32.67
C LEU A 83 16.58 6.24 34.20
N VAL A 84 17.83 6.19 34.64
CA VAL A 84 18.14 6.07 36.06
C VAL A 84 17.87 7.39 36.78
N ALA A 85 17.50 7.28 38.06
CA ALA A 85 17.09 8.45 38.81
C ALA A 85 18.25 9.41 39.02
N ASP A 86 19.37 8.91 39.55
CA ASP A 86 20.50 9.77 39.85
C ASP A 86 21.21 10.28 38.60
N GLY A 87 20.91 9.72 37.43
CA GLY A 87 21.47 10.18 36.18
C GLY A 87 22.90 9.79 35.91
N LYS A 88 23.53 9.06 36.81
CA LYS A 88 24.92 8.64 36.63
C LYS A 88 25.00 7.11 36.64
N PHE A 89 26.17 6.61 36.25
CA PHE A 89 26.40 5.16 36.23
C PHE A 89 26.54 4.66 37.66
N GLY A 90 26.90 3.39 37.80
CA GLY A 90 27.06 2.79 39.12
C GLY A 90 28.44 3.04 39.71
N THR A 91 28.45 3.42 40.98
CA THR A 91 29.70 3.54 41.72
C THR A 91 29.39 3.37 43.21
N GLN A 92 30.41 2.99 43.97
CA GLN A 92 30.25 2.80 45.40
C GLN A 92 30.76 4.04 46.13
N GLU A 93 30.03 4.44 47.16
CA GLU A 93 30.37 5.63 47.93
C GLU A 93 29.66 5.57 49.27
N ARG A 94 30.03 6.50 50.15
CA ARG A 94 29.45 6.60 51.48
C ARG A 94 29.34 8.08 51.83
N VAL A 95 28.16 8.65 51.57
CA VAL A 95 27.98 10.09 51.73
C VAL A 95 27.77 10.45 53.20
N ASN A 96 26.86 9.75 53.88
CA ASN A 96 26.51 10.08 55.25
C ASN A 96 26.96 9.06 56.28
N ASN A 97 27.25 7.82 55.87
CA ASN A 97 27.67 6.77 56.78
C ASN A 97 29.18 6.59 56.66
N SER A 98 29.89 6.73 57.78
CA SER A 98 31.34 6.65 57.77
C SER A 98 31.86 5.22 57.85
N ASN A 99 31.01 4.25 58.20
CA ASN A 99 31.43 2.87 58.35
C ASN A 99 30.77 1.91 57.38
N ALA A 100 29.76 2.35 56.62
CA ALA A 100 29.06 1.50 55.68
C ALA A 100 28.95 2.21 54.33
N ALA A 101 29.30 1.50 53.27
CA ALA A 101 29.26 2.04 51.91
C ALA A 101 28.11 1.40 51.14
N ALA A 102 27.70 2.08 50.07
CA ALA A 102 26.59 1.61 49.25
C ALA A 102 26.80 2.04 47.81
N TRP A 103 26.15 1.32 46.90
CA TRP A 103 26.20 1.63 45.47
C TRP A 103 25.12 2.66 45.14
N ASN A 104 25.44 3.53 44.18
CA ASN A 104 24.49 4.48 43.65
C ASN A 104 24.69 4.59 42.15
N GLY A 105 23.60 4.82 41.45
CA GLY A 105 23.54 4.79 40.02
C GLY A 105 22.63 3.69 39.53
N MET A 106 22.86 3.29 38.28
CA MET A 106 22.20 2.10 37.76
C MET A 106 22.54 0.88 38.62
N MET A 107 23.82 0.68 38.91
CA MET A 107 24.25 -0.43 39.76
C MET A 107 23.46 -0.47 41.06
N GLY A 108 23.29 0.68 41.71
CA GLY A 108 22.46 0.79 42.90
C GLY A 108 21.03 0.35 42.68
N GLU A 109 20.33 0.99 41.74
CA GLU A 109 18.94 0.66 41.49
C GLU A 109 18.76 -0.80 41.08
N LEU A 110 19.76 -1.35 40.40
CA LEU A 110 19.75 -2.76 40.06
C LEU A 110 19.83 -3.61 41.31
N LEU A 111 20.71 -3.22 42.25
CA LEU A 111 20.76 -3.91 43.53
C LEU A 111 19.59 -3.52 44.43
N SER A 112 19.05 -2.30 44.28
CA SER A 112 17.95 -1.82 45.10
C SER A 112 16.60 -2.41 44.70
N GLY A 113 16.56 -3.19 43.62
CA GLY A 113 15.32 -3.76 43.14
C GLY A 113 14.49 -2.85 42.28
N GLN A 114 14.81 -1.55 42.23
CA GLN A 114 14.04 -0.63 41.39
C GLN A 114 14.13 -1.02 39.91
N ALA A 115 15.15 -1.78 39.54
CA ALA A 115 15.28 -2.34 38.20
C ALA A 115 15.65 -3.83 38.32
N ASP A 116 15.39 -4.57 37.25
CA ASP A 116 15.70 -5.98 37.20
C ASP A 116 16.76 -6.33 36.17
N MET A 117 17.13 -5.38 35.31
CA MET A 117 18.19 -5.60 34.36
C MET A 117 18.60 -4.25 33.77
N ILE A 118 19.90 -3.98 33.71
CA ILE A 118 20.40 -2.75 33.12
C ILE A 118 21.09 -3.09 31.80
N VAL A 119 20.66 -2.40 30.74
CA VAL A 119 21.24 -2.56 29.41
C VAL A 119 21.65 -1.17 28.93
N ALA A 120 22.95 -0.91 28.97
CA ALA A 120 23.59 0.32 28.55
C ALA A 120 25.04 -0.03 28.27
N PRO A 121 25.86 0.93 27.79
CA PRO A 121 27.29 0.68 27.71
C PRO A 121 27.92 0.73 29.09
N LEU A 122 27.67 -0.33 29.86
CA LEU A 122 28.20 -0.44 31.20
C LEU A 122 29.61 -1.00 31.12
N THR A 123 30.54 -0.30 31.74
CA THR A 123 31.92 -0.75 31.76
C THR A 123 31.94 -2.02 32.57
N ILE A 124 32.85 -2.95 32.27
CA ILE A 124 32.95 -4.14 33.10
C ILE A 124 34.22 -4.08 33.94
N ASN A 125 34.11 -4.29 35.24
CA ASN A 125 35.29 -4.10 36.08
C ASN A 125 35.13 -4.96 37.33
N ASN A 126 36.18 -4.95 38.17
CA ASN A 126 36.19 -5.82 39.34
C ASN A 126 35.24 -5.32 40.43
N GLU A 127 35.21 -4.01 40.68
CA GLU A 127 34.37 -3.49 41.76
C GLU A 127 32.92 -3.84 41.53
N ARG A 128 32.43 -3.72 40.30
CA ARG A 128 31.02 -4.00 40.04
C ARG A 128 30.75 -5.49 39.95
N ALA A 129 31.72 -6.28 39.49
CA ALA A 129 31.48 -7.71 39.28
C ALA A 129 31.23 -8.43 40.59
N GLN A 130 31.72 -7.91 41.71
CA GLN A 130 31.50 -8.55 43.00
C GLN A 130 30.07 -8.41 43.48
N TYR A 131 29.30 -7.50 42.90
CA TYR A 131 27.92 -7.29 43.29
C TYR A 131 26.91 -7.57 42.20
N ILE A 132 27.30 -7.44 40.93
CA ILE A 132 26.43 -7.71 39.78
C ILE A 132 27.16 -8.62 38.83
N GLU A 133 26.41 -9.43 38.08
CA GLU A 133 26.99 -10.32 37.08
C GLU A 133 26.83 -9.74 35.69
N PHE A 134 27.88 -9.79 34.91
CA PHE A 134 27.87 -9.29 33.54
C PHE A 134 27.81 -10.44 32.56
N SER A 135 27.43 -10.11 31.32
CA SER A 135 27.45 -11.05 30.22
C SER A 135 28.80 -11.02 29.53
N LYS A 136 29.01 -11.99 28.63
CA LYS A 136 30.10 -11.85 27.68
C LYS A 136 29.85 -10.56 26.92
N PRO A 137 30.83 -9.67 26.83
CA PRO A 137 30.52 -8.30 26.44
C PRO A 137 29.92 -8.25 25.05
N PHE A 138 28.91 -7.40 24.89
CA PHE A 138 28.39 -7.11 23.56
C PHE A 138 29.17 -6.02 22.86
N LYS A 139 29.98 -5.25 23.58
CA LYS A 139 30.82 -4.24 22.96
C LYS A 139 32.23 -4.38 23.47
N TYR A 140 33.19 -4.55 22.56
CA TYR A 140 34.60 -4.59 22.92
C TYR A 140 35.20 -3.21 22.67
N GLN A 141 35.72 -2.59 23.72
CA GLN A 141 36.13 -1.20 23.64
C GLN A 141 37.31 -0.98 24.59
N GLY A 142 37.73 0.27 24.71
CA GLY A 142 38.64 0.69 25.77
C GLY A 142 38.40 2.13 26.18
N LEU A 143 39.46 2.79 26.65
CA LEU A 143 39.41 4.20 27.01
C LEU A 143 40.36 4.98 26.12
N THR A 144 39.87 6.08 25.55
CA THR A 144 40.68 7.04 24.82
C THR A 144 40.52 8.41 25.44
N ILE A 145 41.53 9.26 25.26
CA ILE A 145 41.51 10.64 25.71
C ILE A 145 41.11 11.52 24.53
N LEU A 146 40.09 12.36 24.73
CA LEU A 146 39.61 13.26 23.70
C LEU A 146 40.23 14.66 23.88
N VAL A 147 40.55 15.31 22.75
CA VAL A 147 41.12 16.65 22.74
C VAL A 147 40.48 17.43 21.60
N LYS A 148 40.51 18.76 21.72
CA LYS A 148 40.09 19.61 20.60
C LYS A 148 41.16 19.61 19.51
N LYS A 149 40.71 19.81 18.27
CA LYS A 149 41.59 19.69 17.11
C LYS A 149 42.44 20.96 17.04
N GLU A 150 43.60 20.93 17.68
CA GLU A 150 44.47 22.08 17.77
C GLU A 150 45.35 22.21 16.53
N ILE A 151 46.15 23.28 16.51
CA ILE A 151 47.01 23.65 15.40
C ILE A 151 47.72 22.43 14.85
N PRO A 152 47.71 22.21 13.54
CA PRO A 152 48.29 20.95 13.02
C PRO A 152 49.80 20.87 13.21
N ARG A 153 50.22 20.23 14.29
CA ARG A 153 51.64 20.03 14.52
C ARG A 153 52.21 19.02 13.54
N SER A 154 53.52 18.91 13.53
CA SER A 154 54.21 18.02 12.59
C SER A 154 54.59 16.71 13.28
N THR A 155 54.61 15.64 12.49
CA THR A 155 55.04 14.34 12.97
C THR A 155 56.52 14.41 13.33
N LEU A 156 56.83 14.38 14.62
CA LEU A 156 58.20 14.58 15.08
C LEU A 156 59.09 13.44 14.59
N ASP A 157 60.25 13.81 14.04
CA ASP A 157 61.22 12.85 13.53
C ASP A 157 62.53 13.57 13.30
N SER A 158 63.61 12.80 13.22
CA SER A 158 64.91 13.37 12.90
C SER A 158 64.95 13.77 11.43
N PHE A 159 65.98 14.54 11.07
CA PHE A 159 66.11 15.06 9.70
C PHE A 159 66.35 13.96 8.67
N MET A 160 66.63 12.73 9.10
CA MET A 160 66.93 11.63 8.20
C MET A 160 65.71 10.74 7.93
N GLN A 161 64.50 11.21 8.23
CA GLN A 161 63.29 10.41 8.10
C GLN A 161 63.05 9.98 6.66
N PRO A 162 63.62 10.69 5.68
CA PRO A 162 63.39 10.32 4.28
C PRO A 162 64.24 9.16 3.81
N PHE A 163 65.41 8.96 4.43
CA PHE A 163 66.36 7.94 4.00
C PHE A 163 66.88 7.19 5.22
N GLN A 164 66.73 5.86 5.20
CA GLN A 164 67.21 5.03 6.29
C GLN A 164 68.74 5.03 6.31
N SER A 165 69.29 4.46 7.39
CA SER A 165 70.73 4.44 7.56
C SER A 165 71.43 3.52 6.57
N THR A 166 70.71 2.57 5.97
CA THR A 166 71.34 1.61 5.08
C THR A 166 71.65 2.22 3.71
N LEU A 167 70.79 3.11 3.21
CA LEU A 167 70.99 3.68 1.89
C LEU A 167 72.03 4.80 1.89
N TRP A 168 72.15 5.53 3.00
CA TRP A 168 73.09 6.65 3.07
C TRP A 168 74.54 6.17 2.95
N LEU A 169 74.83 4.99 3.50
CA LEU A 169 76.17 4.45 3.38
C LEU A 169 76.52 4.15 1.92
N LEU A 170 75.54 3.68 1.16
CA LEU A 170 75.76 3.43 -0.27
C LEU A 170 75.90 4.74 -1.04
N VAL A 171 75.07 5.74 -0.71
CA VAL A 171 75.15 7.03 -1.38
C VAL A 171 76.53 7.65 -1.17
N GLY A 172 76.98 7.68 0.09
CA GLY A 172 78.31 8.18 0.37
C GLY A 172 79.41 7.34 -0.25
N LEU A 173 79.20 6.02 -0.33
CA LEU A 173 80.16 5.16 -1.01
C LEU A 173 80.29 5.55 -2.49
N SER A 174 79.18 5.95 -3.11
CA SER A 174 79.25 6.46 -4.47
C SER A 174 79.88 7.85 -4.53
N VAL A 175 79.70 8.64 -3.48
CA VAL A 175 80.27 9.99 -3.45
C VAL A 175 81.80 9.92 -3.41
N HIS A 176 82.34 9.07 -2.53
CA HIS A 176 83.79 8.89 -2.48
C HIS A 176 84.30 7.99 -3.58
N VAL A 177 83.42 7.19 -4.20
CA VAL A 177 83.84 6.42 -5.37
C VAL A 177 83.99 7.31 -6.58
N VAL A 178 83.21 8.39 -6.65
CA VAL A 178 83.31 9.34 -7.75
C VAL A 178 84.29 10.48 -7.44
N ALA A 179 84.58 10.74 -6.16
CA ALA A 179 85.61 11.70 -5.82
C ALA A 179 87.01 11.08 -5.90
N VAL A 180 87.14 9.84 -5.41
CA VAL A 180 88.40 9.11 -5.58
C VAL A 180 88.55 8.63 -7.02
N MET A 181 87.45 8.23 -7.65
CA MET A 181 87.49 7.94 -9.07
C MET A 181 87.80 9.18 -9.88
N LEU A 182 87.33 10.35 -9.44
CA LEU A 182 87.72 11.60 -10.06
C LEU A 182 89.18 11.92 -9.80
N TYR A 183 89.72 11.44 -8.67
CA TYR A 183 91.16 11.59 -8.44
C TYR A 183 91.97 10.67 -9.36
N LEU A 184 91.42 9.51 -9.71
CA LEU A 184 92.12 8.60 -10.61
C LEU A 184 91.86 8.97 -12.07
N LEU A 185 90.63 9.39 -12.40
CA LEU A 185 90.31 9.75 -13.78
C LEU A 185 90.91 11.08 -14.20
N ASP A 186 91.21 11.97 -13.26
CA ASP A 186 91.81 13.25 -13.61
C ASP A 186 93.21 13.04 -14.18
N ARG A 187 93.53 13.81 -15.22
CA ARG A 187 94.81 13.74 -15.92
C ARG A 187 95.05 12.37 -16.56
N PHE A 188 93.97 11.63 -16.82
CA PHE A 188 94.05 10.31 -17.47
C PHE A 188 94.95 9.36 -16.70
N SER A 189 94.81 9.35 -15.38
CA SER A 189 95.60 8.49 -14.49
C SER A 189 97.11 8.68 -14.71
N THR A 199 96.25 17.32 -5.39
CA THR A 199 95.44 16.77 -6.48
C THR A 199 94.30 15.93 -5.92
N LEU A 200 94.62 15.03 -5.00
CA LEU A 200 93.58 14.20 -4.38
C LEU A 200 92.58 15.06 -3.61
N SER A 201 93.09 15.98 -2.79
CA SER A 201 92.20 16.92 -2.11
C SER A 201 91.53 17.85 -3.11
N SER A 202 92.26 18.26 -4.16
CA SER A 202 91.65 19.06 -5.21
C SER A 202 90.62 18.27 -5.99
N ALA A 203 90.78 16.95 -6.08
CA ALA A 203 89.79 16.13 -6.75
C ALA A 203 88.54 15.95 -5.90
N MET A 204 88.71 15.74 -4.60
CA MET A 204 87.56 15.69 -3.71
C MET A 204 86.83 17.03 -3.69
N TRP A 205 87.57 18.14 -3.77
CA TRP A 205 86.94 19.45 -3.87
C TRP A 205 86.28 19.65 -5.23
N PHE A 206 86.77 18.97 -6.26
CA PHE A 206 86.16 19.08 -7.59
C PHE A 206 84.85 18.33 -7.65
N SER A 207 84.85 17.05 -7.27
CA SER A 207 83.62 16.25 -7.30
C SER A 207 82.61 16.77 -6.29
N TRP A 208 83.07 17.14 -5.09
CA TRP A 208 82.15 17.67 -4.08
C TRP A 208 81.64 19.04 -4.48
N ARG A 209 82.50 19.87 -5.09
CA ARG A 209 82.06 21.18 -5.57
C ARG A 209 81.09 21.05 -6.73
N VAL A 210 81.16 19.96 -7.48
CA VAL A 210 80.20 19.74 -8.56
C VAL A 210 78.90 19.14 -8.02
N LEU A 211 78.97 18.36 -6.94
CA LEU A 211 77.77 17.78 -6.35
C LEU A 211 76.98 18.79 -5.53
N LEU A 212 77.66 19.75 -4.89
CA LEU A 212 77.02 20.74 -4.06
C LEU A 212 76.87 22.10 -4.75
N ASN A 213 77.25 22.19 -6.02
CA ASN A 213 77.21 23.45 -6.78
C ASN A 213 78.00 24.55 -6.08
N SER A 214 79.07 24.18 -5.38
CA SER A 214 79.91 25.19 -4.74
C SER A 214 80.59 26.08 -5.77
N GLY A 215 81.03 25.51 -6.88
CA GLY A 215 81.56 26.29 -7.98
C GLY A 215 82.83 27.04 -7.67
N LEU A 216 83.70 26.48 -6.82
CA LEU A 216 84.98 27.13 -6.53
C LEU A 216 85.85 27.19 -7.78
N GLY A 217 85.87 26.11 -8.56
CA GLY A 217 86.59 26.08 -9.82
C GLY A 217 88.09 25.94 -9.72
N GLU A 218 88.64 25.86 -8.50
CA GLU A 218 90.08 25.70 -8.35
C GLU A 218 90.54 24.39 -8.96
N GLY A 219 89.86 23.29 -8.64
CA GLY A 219 90.14 22.01 -9.25
C GLY A 219 88.96 21.51 -10.06
N ALA A 220 89.21 21.11 -11.31
CA ALA A 220 88.14 20.63 -12.18
C ALA A 220 88.73 19.81 -13.32
N PRO A 221 88.36 18.54 -13.43
CA PRO A 221 88.88 17.71 -14.53
C PRO A 221 88.26 18.12 -15.86
N ARG A 222 89.08 18.13 -16.91
CA ARG A 222 88.66 18.57 -18.23
C ARG A 222 88.56 17.43 -19.24
N SER A 223 88.95 16.22 -18.87
CA SER A 223 88.89 15.10 -19.81
C SER A 223 87.45 14.79 -20.17
N PHE A 224 87.23 14.46 -21.45
CA PHE A 224 85.88 14.14 -21.91
C PHE A 224 85.29 12.96 -21.16
N SER A 225 86.15 12.06 -20.66
CA SER A 225 85.67 10.98 -19.80
C SER A 225 85.33 11.51 -18.41
N ALA A 226 86.12 12.44 -17.88
CA ALA A 226 85.85 13.05 -16.58
C ALA A 226 84.86 14.21 -16.67
N ARG A 227 84.75 14.88 -17.82
CA ARG A 227 83.74 15.91 -17.99
C ARG A 227 82.39 15.32 -18.37
N ILE A 228 82.38 14.23 -19.14
CA ILE A 228 81.13 13.54 -19.43
C ILE A 228 80.68 12.74 -18.21
N LEU A 229 81.63 12.10 -17.52
CA LEU A 229 81.30 11.46 -16.24
C LEU A 229 80.91 12.49 -15.20
N GLY A 230 81.45 13.72 -15.31
CA GLY A 230 81.00 14.81 -14.48
C GLY A 230 79.68 15.41 -14.92
N MET A 231 79.25 15.13 -16.15
CA MET A 231 77.92 15.52 -16.59
C MET A 231 76.88 14.51 -16.16
N VAL A 232 77.23 13.21 -16.17
CA VAL A 232 76.40 12.22 -15.53
C VAL A 232 76.43 12.39 -14.02
N TRP A 233 77.47 13.03 -13.49
CA TRP A 233 77.55 13.35 -12.06
C TRP A 233 76.70 14.55 -11.71
N ALA A 234 76.69 15.57 -12.57
CA ALA A 234 75.80 16.72 -12.36
C ALA A 234 74.34 16.33 -12.57
N GLY A 235 74.09 15.45 -13.54
CA GLY A 235 72.73 14.93 -13.71
C GLY A 235 72.31 14.04 -12.56
N PHE A 236 73.27 13.29 -12.00
CA PHE A 236 72.99 12.55 -10.78
C PHE A 236 72.82 13.47 -9.58
N ALA A 237 73.33 14.70 -9.67
CA ALA A 237 73.14 15.68 -8.61
C ALA A 237 71.77 16.34 -8.70
N MET A 238 71.33 16.67 -9.92
CA MET A 238 69.98 17.22 -10.08
C MET A 238 68.91 16.16 -9.87
N ILE A 239 69.24 14.90 -10.19
CA ILE A 239 68.28 13.82 -9.99
C ILE A 239 68.28 13.36 -8.54
N ILE A 240 69.44 13.37 -7.88
CA ILE A 240 69.48 12.99 -6.46
C ILE A 240 68.87 14.07 -5.60
N VAL A 241 69.15 15.34 -5.91
CA VAL A 241 68.52 16.44 -5.20
C VAL A 241 67.02 16.49 -5.51
N ALA A 242 66.65 16.21 -6.75
CA ALA A 242 65.24 16.16 -7.12
C ALA A 242 64.53 15.04 -6.39
N SER A 243 65.22 13.93 -6.12
CA SER A 243 64.62 12.85 -5.34
C SER A 243 64.53 13.22 -3.88
N TYR A 244 65.53 13.94 -3.36
CA TYR A 244 65.51 14.36 -1.98
C TYR A 244 64.35 15.32 -1.70
N THR A 245 64.22 16.35 -2.53
CA THR A 245 63.08 17.26 -2.37
C THR A 245 61.77 16.58 -2.74
N ALA A 246 61.82 15.58 -3.63
CA ALA A 246 60.62 14.88 -4.05
C ALA A 246 60.01 14.07 -2.90
N ASN A 247 60.80 13.16 -2.32
CA ASN A 247 60.30 12.37 -1.20
C ASN A 247 60.11 13.24 0.03
N LEU A 248 61.00 14.21 0.25
CA LEU A 248 60.85 15.15 1.37
C LEU A 248 59.53 15.89 1.29
N ALA A 249 59.05 16.16 0.07
CA ALA A 249 57.68 16.66 -0.08
C ALA A 249 56.65 15.55 -0.10
N ALA A 250 57.07 14.30 -0.27
CA ALA A 250 56.13 13.20 -0.36
C ALA A 250 55.60 12.78 1.01
N PHE A 251 56.46 12.77 2.03
CA PHE A 251 55.94 12.53 3.37
C PHE A 251 54.94 13.61 3.80
N LEU A 252 55.01 14.80 3.20
CA LEU A 252 54.17 15.92 3.63
C LEU A 252 52.69 15.57 3.60
N VAL A 253 52.22 14.98 2.50
CA VAL A 253 50.85 14.48 2.48
C VAL A 253 50.80 13.09 3.11
N LEU A 254 49.60 12.67 3.50
CA LEU A 254 49.40 11.40 4.20
C LEU A 254 50.18 11.37 5.51
N ARG A 255 50.38 12.54 6.11
CA ARG A 255 51.06 12.65 7.39
C ARG A 255 50.04 12.60 8.51
N ARG A 256 50.44 12.03 9.63
CA ARG A 256 49.58 12.03 10.80
C ARG A 256 49.99 13.19 11.70
N PRO A 257 49.19 14.26 11.79
CA PRO A 257 49.54 15.33 12.72
C PRO A 257 49.79 14.75 14.10
N GLU A 258 50.87 15.21 14.74
CA GLU A 258 51.25 14.66 16.04
C GLU A 258 50.04 14.66 16.97
N GLU A 259 49.74 13.48 17.53
CA GLU A 259 48.68 13.39 18.53
C GLU A 259 49.13 14.12 19.78
N ARG A 260 48.22 14.93 20.33
CA ARG A 260 48.56 15.78 21.47
C ARG A 260 49.15 14.96 22.61
N ILE A 261 48.37 14.07 23.19
CA ILE A 261 48.85 13.18 24.25
C ILE A 261 49.36 11.90 23.59
N THR A 262 50.66 11.65 23.69
CA THR A 262 51.26 10.44 23.13
C THR A 262 50.95 9.24 24.03
N GLY A 263 49.67 8.97 24.18
CA GLY A 263 49.21 7.96 25.10
C GLY A 263 48.98 8.53 26.49
N ILE A 264 48.50 7.64 27.38
CA ILE A 264 48.28 8.03 28.76
C ILE A 264 49.59 8.39 29.44
N ASN A 265 50.71 7.85 28.94
CA ASN A 265 52.00 8.18 29.53
C ASN A 265 52.75 9.14 28.62
N ASP A 266 52.21 10.33 28.42
CA ASP A 266 52.81 11.44 27.70
C ASP A 266 53.43 12.42 28.69
N PRO A 267 54.38 13.25 28.24
CA PRO A 267 55.00 14.20 29.17
C PRO A 267 54.01 15.10 29.88
N ARG A 268 53.00 15.61 29.17
CA ARG A 268 52.01 16.47 29.81
C ARG A 268 51.00 15.69 30.62
N LEU A 269 50.92 14.37 30.43
CA LEU A 269 49.85 13.58 31.03
C LEU A 269 50.14 13.23 32.47
N ARG A 270 51.37 12.81 32.78
CA ARG A 270 51.69 12.42 34.15
C ARG A 270 51.77 13.63 35.07
N ASN A 271 52.52 14.66 34.66
CA ASN A 271 52.68 15.86 35.47
C ASN A 271 51.42 16.71 35.39
N PRO A 272 50.70 16.92 36.49
CA PRO A 272 49.46 17.71 36.45
C PRO A 272 49.72 19.21 36.40
N SER A 273 50.33 19.65 35.30
CA SER A 273 50.51 21.08 35.07
C SER A 273 49.17 21.74 34.82
N ASP A 274 48.98 22.92 35.41
CA ASP A 274 47.70 23.60 35.35
C ASP A 274 47.43 24.25 34.01
N LYS A 275 48.29 24.03 33.02
CA LYS A 275 48.01 24.50 31.67
C LYS A 275 47.15 23.53 30.87
N PHE A 276 47.22 22.24 31.16
CA PHE A 276 46.50 21.19 30.44
C PHE A 276 45.65 20.42 31.44
N ILE A 277 44.35 20.67 31.43
CA ILE A 277 43.44 20.16 32.45
C ILE A 277 42.62 19.03 31.83
N TYR A 278 42.68 17.84 32.44
CA TYR A 278 41.88 16.71 32.00
C TYR A 278 41.02 16.17 33.14
N ALA A 279 39.90 15.56 32.78
CA ALA A 279 38.96 15.00 33.74
C ALA A 279 38.02 14.03 33.03
N THR A 280 37.25 13.29 33.82
CA THR A 280 36.30 12.30 33.33
C THR A 280 34.98 12.47 34.08
N VAL A 281 34.00 11.64 33.70
CA VAL A 281 32.67 11.72 34.31
C VAL A 281 32.75 11.29 35.76
N LYS A 282 32.13 12.07 36.64
CA LYS A 282 32.14 11.74 38.06
C LYS A 282 31.10 10.67 38.34
N GLN A 283 31.35 9.89 39.39
CA GLN A 283 30.56 8.71 39.72
C GLN A 283 30.40 7.82 38.49
N SER A 284 31.54 7.41 37.94
CA SER A 284 31.58 6.58 36.75
C SER A 284 32.71 5.58 36.87
N SER A 285 32.86 4.74 35.85
CA SER A 285 33.85 3.66 35.92
C SER A 285 35.26 4.21 36.01
N VAL A 286 35.58 5.24 35.23
CA VAL A 286 36.91 5.82 35.29
C VAL A 286 37.20 6.39 36.67
N ASP A 287 36.17 6.86 37.38
CA ASP A 287 36.37 7.36 38.74
C ASP A 287 36.77 6.23 39.68
N ILE A 288 36.24 5.02 39.47
CA ILE A 288 36.69 3.88 40.25
C ILE A 288 38.08 3.46 39.80
N TYR A 289 38.42 3.66 38.52
CA TYR A 289 39.73 3.26 38.00
C TYR A 289 40.85 4.13 38.56
N PHE A 290 40.68 5.44 38.51
CA PHE A 290 41.69 6.32 39.07
C PHE A 290 41.56 6.48 40.58
N ARG A 291 40.40 6.13 41.15
CA ARG A 291 40.26 6.22 42.60
C ARG A 291 40.87 5.02 43.29
N ARG A 292 40.77 3.84 42.66
CA ARG A 292 41.38 2.64 43.23
C ARG A 292 42.90 2.65 43.04
N GLN A 293 43.36 2.90 41.81
CA GLN A 293 44.78 2.89 41.51
C GLN A 293 45.47 4.05 42.23
N VAL A 294 46.41 3.71 43.14
CA VAL A 294 47.03 4.73 43.98
C VAL A 294 48.01 5.57 43.17
N GLU A 295 48.72 4.96 42.22
CA GLU A 295 49.78 5.67 41.49
C GLU A 295 49.20 6.80 40.65
N LEU A 296 48.05 6.59 40.04
CA LEU A 296 47.41 7.64 39.27
C LEU A 296 46.79 8.72 40.15
N SER A 297 46.92 8.59 41.48
CA SER A 297 46.30 9.54 42.41
C SER A 297 46.61 10.98 42.05
N THR A 298 47.87 11.27 41.70
CA THR A 298 48.25 12.59 41.22
C THR A 298 47.30 13.09 40.14
N MET A 299 47.22 12.35 39.03
CA MET A 299 46.21 12.65 38.01
C MET A 299 44.84 12.74 38.64
N TYR A 300 44.47 11.71 39.41
CA TYR A 300 43.18 11.71 40.10
C TYR A 300 42.97 13.01 40.88
N ARG A 301 44.01 13.46 41.57
CA ARG A 301 43.94 14.72 42.29
C ARG A 301 43.36 15.82 41.40
N HIS A 302 44.01 16.07 40.26
CA HIS A 302 43.48 17.03 39.30
C HIS A 302 42.05 16.68 38.92
N MET A 303 41.83 15.43 38.50
CA MET A 303 40.48 15.01 38.13
C MET A 303 39.52 15.15 39.29
N GLU A 304 39.99 14.94 40.52
CA GLU A 304 39.12 15.05 41.68
C GLU A 304 38.43 16.40 41.74
N LYS A 305 39.05 17.44 41.19
CA LYS A 305 38.49 18.78 41.25
C LYS A 305 37.83 19.22 39.95
N HIS A 306 37.95 18.44 38.87
CA HIS A 306 37.48 18.91 37.58
C HIS A 306 36.54 17.92 36.87
N ASN A 307 36.14 16.84 37.53
CA ASN A 307 35.23 15.89 36.88
C ASN A 307 33.84 16.47 36.71
N TYR A 308 33.03 15.82 35.87
CA TYR A 308 31.70 16.30 35.55
C TYR A 308 30.64 15.26 35.90
N GLU A 309 29.39 15.73 35.96
CA GLU A 309 28.27 14.86 36.28
C GLU A 309 27.79 14.10 35.04
N SER A 310 27.55 14.80 33.94
CA SER A 310 27.15 14.19 32.68
C SER A 310 28.37 14.08 31.76
N ALA A 311 28.32 13.09 30.87
CA ALA A 311 29.46 12.92 29.95
C ALA A 311 29.38 13.90 28.80
N ALA A 312 28.17 14.19 28.35
CA ALA A 312 28.01 15.16 27.29
C ALA A 312 28.60 16.51 27.69
N GLU A 313 28.42 16.89 28.96
CA GLU A 313 28.94 18.16 29.44
C GLU A 313 30.45 18.21 29.27
N ALA A 314 31.13 17.11 29.55
CA ALA A 314 32.57 17.07 29.33
C ALA A 314 32.89 17.07 27.85
N ILE A 315 32.03 16.47 27.02
CA ILE A 315 32.25 16.50 25.58
C ILE A 315 32.28 17.93 25.10
N GLN A 316 31.18 18.66 25.32
CA GLN A 316 31.11 20.06 24.93
C GLN A 316 32.20 20.87 25.61
N ALA A 317 32.61 20.48 26.81
CA ALA A 317 33.75 21.13 27.43
C ALA A 317 35.00 20.94 26.60
N VAL A 318 35.15 19.76 26.01
CA VAL A 318 36.30 19.54 25.15
C VAL A 318 36.16 20.34 23.87
N ARG A 319 34.93 20.58 23.43
CA ARG A 319 34.71 21.35 22.21
C ARG A 319 34.81 22.85 22.45
N ASP A 320 34.49 23.31 23.66
CA ASP A 320 34.45 24.72 23.98
C ASP A 320 35.77 25.25 24.53
N ASN A 321 36.87 24.50 24.38
CA ASN A 321 38.19 24.89 24.88
C ASN A 321 38.21 25.15 26.39
N LYS A 322 37.10 24.83 27.04
CA LYS A 322 36.98 24.86 28.49
C LYS A 322 37.82 23.78 29.16
N LEU A 323 37.79 22.58 28.59
CA LEU A 323 38.51 21.44 29.13
C LEU A 323 39.49 20.91 28.10
N HIS A 324 40.69 20.57 28.54
CA HIS A 324 41.77 20.31 27.60
C HIS A 324 41.68 18.88 27.08
N ALA A 325 41.51 17.91 27.96
CA ALA A 325 41.45 16.50 27.56
C ALA A 325 40.37 15.79 28.38
N PHE A 326 39.77 14.76 27.78
CA PHE A 326 38.65 14.06 28.40
C PHE A 326 38.83 12.55 28.19
N ILE A 327 39.35 11.88 29.22
CA ILE A 327 39.55 10.44 29.17
C ILE A 327 38.22 9.75 29.38
N TRP A 328 37.84 8.89 28.46
CA TRP A 328 36.52 8.30 28.51
C TRP A 328 36.51 7.01 27.70
N ASP A 329 35.33 6.41 27.63
CA ASP A 329 35.09 5.20 26.90
C ASP A 329 35.38 5.40 25.40
N SER A 330 35.88 4.34 24.75
CA SER A 330 36.37 4.49 23.37
C SER A 330 35.23 4.63 22.38
N ALA A 331 34.14 3.88 22.55
CA ALA A 331 33.07 3.90 21.55
C ALA A 331 32.37 5.25 21.51
N VAL A 332 32.11 5.83 22.67
CA VAL A 332 31.43 7.12 22.72
C VAL A 332 32.32 8.20 22.10
N LEU A 333 33.60 8.22 22.47
CA LEU A 333 34.47 9.29 22.00
C LEU A 333 34.78 9.14 20.52
N GLU A 334 35.01 7.91 20.05
CA GLU A 334 35.22 7.72 18.62
C GLU A 334 33.97 8.14 17.84
N PHE A 335 32.79 7.83 18.36
CA PHE A 335 31.54 8.22 17.69
C PHE A 335 31.39 9.73 17.61
N GLU A 336 31.70 10.42 18.71
CA GLU A 336 31.67 11.88 18.69
C GLU A 336 32.72 12.44 17.76
N ALA A 337 33.84 11.73 17.60
CA ALA A 337 34.82 12.14 16.62
C ALA A 337 34.30 11.93 15.20
N SER A 338 33.45 10.93 15.01
CA SER A 338 32.78 10.71 13.74
C SER A 338 31.57 11.61 13.55
N GLN A 339 31.19 12.37 14.57
CA GLN A 339 30.08 13.31 14.46
C GLN A 339 30.54 14.76 14.42
N LYS A 340 31.43 15.13 15.33
CA LYS A 340 31.93 16.50 15.39
C LYS A 340 33.38 16.52 14.91
N CYS A 341 33.68 17.45 14.01
CA CYS A 341 35.01 17.52 13.41
C CYS A 341 35.97 18.35 14.23
N ASP A 342 35.47 18.90 15.34
CA ASP A 342 36.30 19.69 16.25
C ASP A 342 36.90 18.85 17.37
N LEU A 343 36.65 17.54 17.37
CA LEU A 343 37.13 16.68 18.43
C LEU A 343 37.87 15.49 17.84
N VAL A 344 38.99 15.15 18.44
CA VAL A 344 39.76 13.98 18.06
C VAL A 344 40.11 13.22 19.33
N THR A 345 40.35 11.92 19.18
CA THR A 345 40.81 11.13 20.31
C THR A 345 42.30 11.00 20.11
N THR A 346 43.05 11.33 21.15
CA THR A 346 44.51 11.36 21.06
C THR A 346 45.20 10.26 21.85
N GLY A 347 46.14 9.58 21.19
CA GLY A 347 47.02 8.62 21.82
C GLY A 347 46.58 7.17 21.89
N GLU A 348 47.44 6.33 22.43
CA GLU A 348 47.19 4.87 22.57
C GLU A 348 46.05 4.57 23.53
N LEU A 349 45.27 3.55 23.21
CA LEU A 349 44.15 3.13 24.03
C LEU A 349 44.62 2.45 25.31
N PHE A 350 43.82 2.53 26.36
CA PHE A 350 44.11 1.81 27.57
C PHE A 350 42.88 1.43 28.34
N PHE A 351 43.03 0.51 29.24
CA PHE A 351 41.87 -0.06 29.93
C PHE A 351 40.83 -0.54 28.93
N ARG A 352 41.21 -1.59 28.19
CA ARG A 352 40.33 -2.16 27.17
C ARG A 352 39.33 -3.08 27.87
N SER A 353 38.08 -2.65 27.96
CA SER A 353 37.02 -3.40 28.63
C SER A 353 35.87 -3.61 27.65
N GLY A 354 34.74 -4.04 28.18
CA GLY A 354 33.61 -4.35 27.32
C GLY A 354 32.26 -4.09 27.95
N PHE A 355 31.42 -3.40 27.21
CA PHE A 355 30.03 -3.21 27.61
C PHE A 355 29.30 -4.54 27.55
N GLY A 356 28.70 -4.93 28.68
CA GLY A 356 27.88 -6.13 28.72
C GLY A 356 26.64 -5.93 29.58
N ILE A 357 25.63 -6.73 29.29
CA ILE A 357 24.34 -6.60 29.98
C ILE A 357 24.49 -6.97 31.45
N GLY A 358 23.94 -6.14 32.31
CA GLY A 358 24.06 -6.33 33.76
C GLY A 358 22.79 -6.89 34.35
N MET A 359 22.97 -7.76 35.35
CA MET A 359 21.88 -8.41 36.05
C MET A 359 22.42 -9.04 37.32
N ARG A 360 21.52 -9.21 38.30
CA ARG A 360 21.91 -9.73 39.60
C ARG A 360 22.50 -11.14 39.48
N LYS A 361 23.43 -11.45 40.39
CA LYS A 361 24.24 -12.65 40.25
C LYS A 361 23.41 -13.92 40.30
N ASP A 362 22.33 -13.92 41.09
CA ASP A 362 21.50 -15.11 41.23
C ASP A 362 20.47 -15.21 40.12
N SER A 363 20.78 -14.65 38.93
CA SER A 363 19.81 -14.67 37.85
C SER A 363 20.19 -15.74 36.83
N PRO A 364 19.26 -16.64 36.50
CA PRO A 364 19.53 -17.61 35.44
C PRO A 364 19.47 -17.00 34.05
N TRP A 365 18.89 -15.81 33.91
CA TRP A 365 18.91 -15.12 32.64
C TRP A 365 20.33 -14.82 32.16
N LYS A 366 21.31 -14.83 33.08
CA LYS A 366 22.68 -14.54 32.69
C LYS A 366 23.19 -15.58 31.69
N GLN A 367 22.85 -16.84 31.88
CA GLN A 367 23.36 -17.91 31.03
C GLN A 367 22.81 -17.79 29.62
N GLU A 368 21.48 -17.87 29.48
CA GLU A 368 20.88 -17.78 28.15
C GLU A 368 21.14 -16.42 27.51
N VAL A 369 21.25 -15.38 28.32
CA VAL A 369 21.46 -14.03 27.78
C VAL A 369 22.87 -13.88 27.25
N SER A 370 23.85 -14.35 28.02
CA SER A 370 25.23 -14.32 27.54
C SER A 370 25.38 -15.20 26.31
N LEU A 371 24.72 -16.37 26.31
CA LEU A 371 24.79 -17.23 25.15
C LEU A 371 24.19 -16.56 23.92
N ASN A 372 23.06 -15.85 24.10
CA ASN A 372 22.45 -15.17 22.97
C ASN A 372 23.27 -13.97 22.52
N ILE A 373 24.09 -13.41 23.41
CA ILE A 373 25.03 -12.37 23.00
C ILE A 373 26.13 -12.98 22.14
N LEU A 374 26.62 -14.16 22.54
CA LEU A 374 27.58 -14.86 21.71
C LEU A 374 26.99 -15.18 20.34
N LYS A 375 25.73 -15.59 20.31
CA LYS A 375 25.08 -15.91 19.04
C LYS A 375 24.94 -14.64 18.18
N SER A 376 24.46 -13.55 18.79
CA SER A 376 24.31 -12.32 18.04
C SER A 376 25.66 -11.81 17.54
N HIS A 377 26.75 -12.20 18.21
CA HIS A 377 28.07 -11.92 17.65
C HIS A 377 28.33 -12.81 16.44
N GLU A 378 28.14 -14.11 16.59
CA GLU A 378 28.39 -15.05 15.50
C GLU A 378 27.40 -14.88 14.36
N ASN A 379 26.18 -14.44 14.66
CA ASN A 379 25.16 -14.24 13.62
C ASN A 379 25.45 -13.03 12.74
N GLY A 380 26.44 -12.21 13.09
CA GLY A 380 26.68 -10.99 12.34
C GLY A 380 25.69 -9.89 12.60
N PHE A 381 24.87 -10.03 13.64
CA PHE A 381 23.84 -9.04 13.95
C PHE A 381 24.45 -7.78 14.57
N MET A 382 25.42 -7.97 15.46
CA MET A 382 26.04 -6.82 16.10
C MET A 382 26.77 -5.94 15.09
N GLU A 383 27.29 -6.55 14.02
CA GLU A 383 27.89 -5.75 12.96
C GLU A 383 26.85 -4.87 12.28
N GLU A 384 25.68 -5.42 11.99
CA GLU A 384 24.60 -4.61 11.44
C GLU A 384 24.26 -3.46 12.38
N LEU A 385 24.17 -3.75 13.68
CA LEU A 385 23.93 -2.66 14.62
C LEU A 385 25.05 -1.63 14.57
N ASP A 386 26.27 -2.06 14.26
CA ASP A 386 27.37 -1.12 14.15
C ASP A 386 27.21 -0.23 12.92
N LYS A 387 26.76 -0.82 11.80
CA LYS A 387 26.52 0.00 10.62
C LYS A 387 25.37 0.97 10.83
N THR A 388 24.40 0.59 11.67
CA THR A 388 23.23 1.43 11.87
C THR A 388 23.50 2.59 12.81
N TRP A 389 24.14 2.32 13.96
CA TRP A 389 24.30 3.33 15.00
C TRP A 389 25.71 3.87 15.15
N VAL A 390 26.68 3.34 14.40
CA VAL A 390 27.94 4.02 14.18
C VAL A 390 27.98 4.38 12.69
N ARG A 391 27.29 5.44 12.33
CA ARG A 391 27.00 5.78 10.95
C ARG A 391 28.31 5.97 10.25
N TYR A 392 29.33 6.25 11.04
CA TYR A 392 30.65 6.34 10.48
C TYR A 392 30.57 7.37 9.37
N GLN A 393 29.81 8.43 9.62
CA GLN A 393 29.87 9.57 8.73
C GLN A 393 31.08 10.30 9.26
N GLU A 394 32.20 9.60 9.25
CA GLU A 394 33.47 10.10 9.80
C GLU A 394 34.00 11.20 8.91
N CYS A 395 34.67 12.18 9.50
CA CYS A 395 35.21 13.25 8.70
C CYS A 395 36.53 12.79 8.14
N ASP A 396 36.55 12.66 6.83
CA ASP A 396 37.63 12.01 6.11
C ASP A 396 38.04 12.90 4.95
N SER A 397 39.23 12.66 4.44
CA SER A 397 39.85 13.53 3.44
C SER A 397 40.45 14.74 4.13
N ARG A 398 40.49 14.70 5.45
CA ARG A 398 41.12 15.77 6.21
C ARG A 398 42.58 15.75 5.80
N SER A 399 43.15 16.92 5.58
CA SER A 399 44.50 17.02 5.06
C SER A 399 45.44 17.66 6.06
N ASN A 400 46.57 17.02 6.28
CA ASN A 400 47.57 17.57 7.19
C ASN A 400 48.11 18.87 6.67
N ALA A 401 48.25 19.84 7.56
CA ALA A 401 48.92 21.08 7.26
C ALA A 401 50.06 21.20 8.23
N PRO A 402 51.27 20.98 7.75
CA PRO A 402 52.46 21.13 8.57
C PRO A 402 52.71 22.59 8.81
N ALA A 403 53.20 22.93 10.00
CA ALA A 403 53.61 24.29 10.25
C ALA A 403 54.81 24.64 9.39
N THR A 404 54.78 25.84 8.84
CA THR A 404 55.80 26.22 7.87
C THR A 404 57.08 25.55 8.33
N LEU A 405 57.31 25.55 9.62
CA LEU A 405 58.25 24.63 10.23
C LEU A 405 58.05 24.50 11.73
N THR A 406 58.55 23.42 12.33
CA THR A 406 58.47 23.28 13.77
C THR A 406 59.86 23.27 14.40
N PHE A 407 60.14 24.17 15.33
CA PHE A 407 61.49 24.17 15.87
C PHE A 407 62.04 22.76 15.96
N GLU A 408 61.32 21.86 16.64
CA GLU A 408 61.61 20.45 16.54
C GLU A 408 61.35 19.98 15.11
N ASN A 409 62.14 18.98 14.68
CA ASN A 409 62.22 18.52 13.30
C ASN A 409 63.01 19.52 12.45
N MET A 410 63.34 20.66 13.02
CA MET A 410 64.33 21.58 12.47
C MET A 410 65.49 21.82 13.41
N ALA A 411 65.28 21.73 14.72
CA ALA A 411 66.36 21.77 15.70
C ALA A 411 67.19 20.49 15.70
N GLY A 412 66.73 19.45 15.02
CA GLY A 412 67.54 18.25 14.86
C GLY A 412 68.60 18.43 13.81
N VAL A 413 68.20 18.95 12.64
CA VAL A 413 69.17 19.26 11.58
C VAL A 413 70.05 20.43 12.00
N PHE A 414 69.45 21.48 12.56
CA PHE A 414 70.24 22.60 13.05
C PHE A 414 71.16 22.18 14.18
N MET A 415 70.72 21.25 15.03
CA MET A 415 71.58 20.74 16.09
C MET A 415 72.71 19.89 15.53
N LEU A 416 72.47 19.19 14.43
CA LEU A 416 73.55 18.42 13.80
C LEU A 416 74.56 19.33 13.13
N VAL A 417 74.10 20.45 12.55
CA VAL A 417 75.00 21.37 11.86
C VAL A 417 75.84 22.14 12.88
N ALA A 418 75.19 22.80 13.85
CA ALA A 418 75.91 23.39 14.98
C ALA A 418 76.87 22.39 15.63
N GLY A 419 76.39 21.18 15.92
CA GLY A 419 77.28 20.16 16.45
C GLY A 419 78.48 19.89 15.55
N GLY A 420 78.24 19.83 14.23
CA GLY A 420 79.32 19.76 13.27
C GLY A 420 80.34 20.90 13.40
N ILE A 421 79.86 22.15 13.58
CA ILE A 421 80.77 23.27 13.81
C ILE A 421 81.59 23.06 15.07
N VAL A 422 80.92 22.90 16.22
CA VAL A 422 81.62 22.81 17.51
C VAL A 422 82.61 21.66 17.50
N ALA A 423 82.13 20.44 17.24
CA ALA A 423 83.04 19.34 16.92
C ALA A 423 84.09 19.75 15.90
N GLY A 424 83.73 20.60 14.94
CA GLY A 424 84.68 20.93 13.88
C GLY A 424 85.79 21.84 14.36
N ILE A 425 85.52 22.62 15.40
CA ILE A 425 86.57 23.30 16.14
C ILE A 425 87.42 22.27 16.88
N PHE A 426 86.77 21.26 17.47
CA PHE A 426 87.55 20.17 18.06
C PHE A 426 88.35 19.41 17.01
N LEU A 427 87.90 19.43 15.77
CA LEU A 427 88.56 18.76 14.65
C LEU A 427 89.68 19.62 14.10
N ILE A 428 89.53 20.94 14.23
CA ILE A 428 90.65 21.84 13.99
C ILE A 428 91.73 21.62 15.05
N PHE A 429 91.31 21.41 16.30
CA PHE A 429 92.25 20.99 17.33
C PHE A 429 92.80 19.60 17.06
N ILE A 430 92.09 18.79 16.29
CA ILE A 430 92.62 17.48 15.90
C ILE A 430 93.63 17.61 14.77
N GLU A 431 93.44 18.57 13.88
CA GLU A 431 94.41 18.83 12.81
C GLU A 431 95.62 19.61 13.33
N ILE A 432 95.48 20.30 14.45
CA ILE A 432 96.63 21.01 15.03
C ILE A 432 97.69 20.01 15.49
N ALA A 433 97.26 18.88 16.05
CA ALA A 433 98.17 17.85 16.53
C ALA A 433 98.73 17.05 15.36
N THR B 3 9.84 -5.57 0.19
CA THR B 3 10.45 -6.86 -0.14
C THR B 3 9.42 -7.89 -0.63
N ARG B 4 9.90 -8.97 -1.24
CA ARG B 4 9.05 -10.07 -1.67
C ARG B 4 8.98 -11.10 -0.55
N LEU B 5 7.80 -11.31 -0.01
CA LEU B 5 7.62 -12.15 1.16
C LEU B 5 6.68 -13.31 0.84
N LYS B 6 6.92 -14.46 1.46
CA LYS B 6 6.06 -15.62 1.30
C LYS B 6 4.85 -15.51 2.21
N ILE B 7 3.73 -16.08 1.75
CA ILE B 7 2.45 -16.04 2.46
C ILE B 7 1.88 -17.45 2.56
N VAL B 8 1.74 -17.96 3.78
CA VAL B 8 1.07 -19.24 3.98
C VAL B 8 -0.42 -19.03 3.99
N THR B 9 -1.15 -19.92 3.32
CA THR B 9 -2.61 -19.87 3.34
C THR B 9 -3.15 -21.30 3.31
N ILE B 10 -4.45 -21.41 3.57
CA ILE B 10 -5.16 -22.68 3.55
C ILE B 10 -6.40 -22.49 2.70
N HIS B 11 -6.92 -23.61 2.20
CA HIS B 11 -8.11 -23.58 1.36
C HIS B 11 -9.34 -23.58 2.25
N GLN B 12 -9.98 -22.43 2.39
CA GLN B 12 -11.26 -22.30 3.07
C GLN B 12 -12.27 -21.67 2.12
N GLU B 13 -13.38 -22.37 1.89
CA GLU B 13 -14.29 -22.00 0.81
C GLU B 13 -14.81 -20.57 0.91
N PRO B 14 -15.34 -20.10 2.04
CA PRO B 14 -15.88 -18.71 2.04
C PRO B 14 -14.80 -17.65 1.90
N PHE B 15 -13.57 -17.92 2.33
CA PHE B 15 -12.50 -16.93 2.39
C PHE B 15 -11.45 -17.09 1.30
N VAL B 16 -10.97 -18.31 1.05
CA VAL B 16 -9.90 -18.54 0.08
C VAL B 16 -10.32 -19.67 -0.86
N TYR B 17 -10.88 -19.31 -2.02
CA TYR B 17 -11.15 -20.30 -3.06
C TYR B 17 -9.85 -20.69 -3.73
N VAL B 18 -9.59 -21.99 -3.83
CA VAL B 18 -8.40 -22.51 -4.49
C VAL B 18 -8.88 -23.47 -5.56
N ARG B 19 -8.89 -23.01 -6.81
CA ARG B 19 -9.36 -23.76 -7.96
C ARG B 19 -8.27 -23.75 -9.03
N PRO B 20 -8.05 -24.88 -9.71
CA PRO B 20 -6.94 -24.95 -10.66
C PRO B 20 -7.09 -23.96 -11.81
N THR B 21 -5.97 -23.65 -12.44
CA THR B 21 -5.95 -22.68 -13.52
C THR B 21 -6.40 -23.30 -14.83
N THR B 22 -6.67 -22.44 -15.81
CA THR B 22 -6.97 -22.89 -17.16
C THR B 22 -5.70 -23.34 -17.87
N SER B 23 -5.87 -23.94 -19.05
CA SER B 23 -4.73 -24.41 -19.81
C SER B 23 -3.83 -23.28 -20.27
N ASP B 24 -4.35 -22.06 -20.37
CA ASP B 24 -3.53 -20.92 -20.78
C ASP B 24 -2.60 -20.46 -19.67
N GLY B 25 -3.04 -20.59 -18.41
CA GLY B 25 -2.24 -20.18 -17.27
C GLY B 25 -2.82 -19.01 -16.48
N THR B 26 -3.84 -18.35 -16.99
CA THR B 26 -4.50 -17.26 -16.30
C THR B 26 -5.77 -17.76 -15.62
N CYS B 27 -6.22 -17.00 -14.62
CA CYS B 27 -7.43 -17.36 -13.88
C CYS B 27 -8.67 -16.89 -14.63
N ARG B 28 -9.66 -17.76 -14.72
CA ARG B 28 -10.88 -17.41 -15.42
C ARG B 28 -11.60 -16.30 -14.68
N GLU B 29 -11.76 -15.16 -15.34
CA GLU B 29 -12.46 -14.04 -14.73
C GLU B 29 -13.95 -14.32 -14.69
N GLU B 30 -14.54 -14.17 -13.50
CA GLU B 30 -15.97 -14.34 -13.30
C GLU B 30 -16.49 -13.19 -12.45
N TYR B 31 -17.80 -13.20 -12.20
CA TYR B 31 -18.43 -12.19 -11.37
C TYR B 31 -19.24 -12.87 -10.28
N THR B 32 -19.28 -12.25 -9.11
CA THR B 32 -20.05 -12.77 -7.99
C THR B 32 -21.53 -12.49 -8.20
N ILE B 33 -22.36 -12.98 -7.27
CA ILE B 33 -23.80 -12.78 -7.39
C ILE B 33 -24.16 -11.31 -7.29
N ASN B 34 -23.34 -10.51 -6.61
CA ASN B 34 -23.60 -9.08 -6.49
C ASN B 34 -23.20 -8.31 -7.74
N GLY B 35 -22.57 -8.95 -8.71
CA GLY B 35 -22.25 -8.31 -9.98
C GLY B 35 -21.04 -7.42 -9.95
N ASP B 36 -19.86 -8.01 -9.76
CA ASP B 36 -18.61 -7.26 -9.74
C ASP B 36 -17.51 -8.15 -10.27
N PRO B 37 -16.50 -7.58 -10.94
CA PRO B 37 -15.37 -8.39 -11.41
C PRO B 37 -14.56 -8.92 -10.22
N ILE B 38 -14.47 -10.24 -10.13
CA ILE B 38 -13.76 -10.89 -9.03
C ILE B 38 -12.26 -10.91 -9.34
N LYS B 39 -11.45 -10.48 -8.39
CA LYS B 39 -10.00 -10.41 -8.54
C LYS B 39 -9.37 -11.67 -7.94
N LYS B 40 -8.51 -12.31 -8.71
CA LYS B 40 -7.88 -13.57 -8.31
C LYS B 40 -6.37 -13.45 -8.40
N VAL B 41 -5.67 -14.27 -7.60
CA VAL B 41 -4.22 -14.32 -7.60
C VAL B 41 -3.77 -15.78 -7.63
N ILE B 42 -2.47 -15.99 -7.74
CA ILE B 42 -1.90 -17.32 -7.95
C ILE B 42 -1.47 -17.91 -6.62
N CYS B 43 -1.78 -19.18 -6.42
CA CYS B 43 -1.39 -19.93 -5.24
C CYS B 43 -0.51 -21.10 -5.66
N ASN B 44 0.60 -21.30 -4.95
CA ASN B 44 1.57 -22.35 -5.28
C ASN B 44 1.61 -23.35 -4.13
N GLY B 45 0.71 -24.33 -4.20
CA GLY B 45 0.68 -25.41 -3.23
C GLY B 45 0.55 -26.75 -3.91
N PRO B 46 -0.04 -27.72 -3.21
CA PRO B 46 -0.31 -29.01 -3.84
C PRO B 46 -1.52 -28.94 -4.77
N ASP B 47 -1.40 -29.62 -5.92
CA ASP B 47 -2.52 -29.70 -6.84
C ASP B 47 -3.71 -30.35 -6.15
N GLU B 48 -4.87 -29.70 -6.25
CA GLU B 48 -6.10 -30.05 -5.54
C GLU B 48 -5.96 -29.87 -4.03
N THR B 49 -4.88 -29.22 -3.58
CA THR B 49 -4.68 -28.86 -2.17
C THR B 49 -4.68 -30.08 -1.24
N ILE B 50 -4.50 -31.27 -1.80
CA ILE B 50 -4.42 -32.51 -1.03
C ILE B 50 -3.03 -32.57 -0.39
N PRO B 51 -2.85 -33.22 0.76
CA PRO B 51 -1.57 -33.09 1.50
C PRO B 51 -0.36 -33.48 0.68
N GLY B 52 -0.39 -34.65 0.07
CA GLY B 52 0.74 -35.15 -0.66
C GLY B 52 1.11 -34.24 -1.81
N ARG B 53 2.11 -34.68 -2.53
CA ARG B 53 2.40 -34.17 -3.85
C ARG B 53 1.15 -34.13 -4.71
N PRO B 54 1.12 -33.27 -5.74
CA PRO B 54 2.20 -32.42 -6.22
C PRO B 54 1.97 -30.92 -6.11
N THR B 55 3.07 -30.16 -6.06
CA THR B 55 2.98 -28.73 -6.27
C THR B 55 2.55 -28.44 -7.69
N VAL B 56 1.73 -27.41 -7.85
CA VAL B 56 1.35 -26.91 -9.17
C VAL B 56 0.70 -25.54 -8.98
N PRO B 57 0.77 -24.65 -9.97
CA PRO B 57 0.06 -23.38 -9.87
C PRO B 57 -1.42 -23.64 -9.64
N GLN B 58 -2.10 -22.64 -9.09
CA GLN B 58 -3.55 -22.69 -8.87
C GLN B 58 -4.02 -21.25 -8.74
N CYS B 59 -5.33 -21.08 -8.74
CA CYS B 59 -5.97 -19.76 -8.68
C CYS B 59 -6.77 -19.65 -7.39
N CYS B 60 -6.44 -18.67 -6.57
CA CYS B 60 -7.12 -18.43 -5.31
C CYS B 60 -7.74 -17.03 -5.30
N TYR B 61 -8.93 -16.94 -4.71
CA TYR B 61 -9.70 -15.71 -4.72
C TYR B 61 -10.81 -15.82 -3.68
N GLY B 62 -11.10 -14.73 -3.00
CA GLY B 62 -12.20 -14.76 -2.04
C GLY B 62 -12.11 -13.58 -1.07
N PHE B 63 -12.70 -13.80 0.11
CA PHE B 63 -12.69 -12.79 1.17
C PHE B 63 -11.26 -12.44 1.59
N CYS B 64 -10.50 -13.46 2.00
CA CYS B 64 -9.15 -13.21 2.51
C CYS B 64 -8.18 -12.85 1.39
N VAL B 65 -8.41 -13.35 0.18
CA VAL B 65 -7.54 -12.98 -0.93
C VAL B 65 -7.74 -11.51 -1.29
N ASP B 66 -8.99 -11.07 -1.36
CA ASP B 66 -9.28 -9.66 -1.62
C ASP B 66 -8.86 -8.78 -0.46
N LEU B 67 -8.84 -9.33 0.76
CA LEU B 67 -8.38 -8.56 1.91
C LEU B 67 -6.87 -8.41 1.88
N LEU B 68 -6.15 -9.45 1.45
CA LEU B 68 -4.70 -9.37 1.37
C LEU B 68 -4.25 -8.51 0.21
N ILE B 69 -4.98 -8.54 -0.91
CA ILE B 69 -4.71 -7.57 -1.98
C ILE B 69 -5.01 -6.16 -1.50
N LYS B 70 -6.11 -5.99 -0.76
CA LYS B 70 -6.42 -4.70 -0.15
C LYS B 70 -5.34 -4.25 0.81
N LEU B 71 -4.61 -5.20 1.41
CA LEU B 71 -3.42 -4.86 2.18
C LEU B 71 -2.24 -4.53 1.28
N ALA B 72 -2.18 -5.16 0.09
CA ALA B 72 -1.11 -4.87 -0.85
C ALA B 72 -1.23 -3.47 -1.43
N ARG B 73 -2.44 -2.91 -1.46
CA ARG B 73 -2.60 -1.54 -1.94
C ARG B 73 -2.12 -0.53 -0.89
N GLU B 74 -2.42 -0.79 0.38
CA GLU B 74 -2.09 0.19 1.43
C GLU B 74 -0.59 0.28 1.65
N MET B 75 0.06 -0.86 1.90
CA MET B 75 1.50 -0.90 2.14
C MET B 75 2.22 -1.30 0.86
N ASP B 76 3.34 -0.62 0.57
CA ASP B 76 4.05 -0.81 -0.68
C ASP B 76 4.94 -2.06 -0.58
N PHE B 77 4.28 -3.21 -0.56
CA PHE B 77 4.98 -4.49 -0.47
C PHE B 77 4.45 -5.45 -1.52
N THR B 78 5.28 -6.44 -1.84
CA THR B 78 4.91 -7.53 -2.73
C THR B 78 4.69 -8.80 -1.91
N TYR B 79 4.11 -9.81 -2.57
CA TYR B 79 3.67 -11.01 -1.86
C TYR B 79 3.75 -12.22 -2.79
N GLU B 80 3.89 -13.40 -2.18
CA GLU B 80 3.87 -14.68 -2.89
C GLU B 80 3.00 -15.64 -2.09
N VAL B 81 1.72 -15.72 -2.44
CA VAL B 81 0.80 -16.61 -1.75
C VAL B 81 1.13 -18.05 -2.09
N HIS B 82 0.96 -18.93 -1.11
CA HIS B 82 1.11 -20.36 -1.35
C HIS B 82 0.31 -21.13 -0.30
N LEU B 83 -0.32 -22.21 -0.74
CA LEU B 83 -1.11 -23.04 0.16
C LEU B 83 -0.20 -23.92 1.01
N VAL B 84 -0.68 -24.26 2.20
CA VAL B 84 0.10 -25.07 3.13
C VAL B 84 0.31 -26.46 2.54
N ALA B 85 1.48 -27.03 2.82
CA ALA B 85 1.85 -28.27 2.15
C ALA B 85 1.12 -29.47 2.73
N ASP B 86 1.02 -29.55 4.06
CA ASP B 86 0.38 -30.69 4.70
C ASP B 86 -1.13 -30.57 4.75
N GLY B 87 -1.69 -29.39 4.48
CA GLY B 87 -3.12 -29.24 4.37
C GLY B 87 -3.85 -28.96 5.67
N LYS B 88 -3.14 -28.86 6.78
CA LYS B 88 -3.77 -28.60 8.06
C LYS B 88 -3.49 -27.17 8.50
N PHE B 89 -4.25 -26.73 9.51
CA PHE B 89 -4.11 -25.36 9.99
C PHE B 89 -2.81 -25.16 10.77
N GLY B 90 -2.57 -25.99 11.79
CA GLY B 90 -1.34 -25.91 12.54
C GLY B 90 -1.51 -26.27 14.00
N THR B 91 -0.60 -27.10 14.54
CA THR B 91 -0.63 -27.51 15.94
C THR B 91 0.80 -27.77 16.41
N GLN B 92 0.99 -27.75 17.73
CA GLN B 92 2.29 -28.03 18.34
C GLN B 92 2.33 -29.48 18.81
N GLU B 93 3.24 -30.27 18.24
CA GLU B 93 3.35 -31.68 18.58
C GLU B 93 4.82 -32.09 18.56
N ARG B 94 5.09 -33.29 19.08
CA ARG B 94 6.43 -33.86 19.11
C ARG B 94 6.37 -35.22 18.41
N VAL B 95 6.75 -35.25 17.13
CA VAL B 95 6.64 -36.47 16.35
C VAL B 95 7.83 -37.39 16.61
N ASN B 96 9.05 -36.88 16.40
CA ASN B 96 10.25 -37.69 16.49
C ASN B 96 11.12 -37.38 17.70
N ASN B 97 11.00 -36.20 18.29
CA ASN B 97 11.81 -35.79 19.44
C ASN B 97 10.94 -35.74 20.68
N SER B 98 11.25 -36.57 21.67
CA SER B 98 10.47 -36.64 22.90
C SER B 98 10.75 -35.48 23.85
N ASN B 99 11.81 -34.71 23.61
CA ASN B 99 12.13 -33.56 24.46
C ASN B 99 12.04 -32.23 23.74
N ALA B 100 11.86 -32.22 22.41
CA ALA B 100 11.73 -31.00 21.63
C ALA B 100 10.53 -31.14 20.71
N ALA B 101 9.66 -30.14 20.73
CA ALA B 101 8.44 -30.15 19.93
C ALA B 101 8.50 -29.07 18.85
N ALA B 102 7.68 -29.27 17.82
CA ALA B 102 7.61 -28.34 16.70
C ALA B 102 6.15 -28.21 16.26
N TRP B 103 5.88 -27.16 15.50
CA TRP B 103 4.55 -26.88 15.00
C TRP B 103 4.41 -27.39 13.56
N ASN B 104 3.17 -27.69 13.19
CA ASN B 104 2.85 -28.21 11.88
C ASN B 104 1.70 -27.40 11.29
N GLY B 105 1.66 -27.34 9.97
CA GLY B 105 0.65 -26.56 9.27
C GLY B 105 1.11 -25.16 8.95
N MET B 106 0.17 -24.22 8.83
CA MET B 106 0.55 -22.84 8.57
C MET B 106 1.37 -22.26 9.73
N MET B 107 1.03 -22.65 10.96
CA MET B 107 1.82 -22.22 12.11
C MET B 107 3.26 -22.69 11.98
N GLY B 108 3.45 -23.96 11.63
CA GLY B 108 4.80 -24.49 11.50
C GLY B 108 5.57 -23.86 10.36
N GLU B 109 4.91 -23.67 9.21
CA GLU B 109 5.56 -23.03 8.08
C GLU B 109 5.99 -21.61 8.42
N LEU B 110 5.13 -20.87 9.10
CA LEU B 110 5.49 -19.52 9.51
C LEU B 110 6.65 -19.52 10.49
N LEU B 111 6.61 -20.42 11.48
CA LEU B 111 7.69 -20.49 12.46
C LEU B 111 8.98 -20.99 11.80
N SER B 112 8.87 -21.91 10.85
CA SER B 112 10.04 -22.40 10.14
C SER B 112 10.60 -21.39 9.14
N GLY B 113 9.98 -20.22 9.01
CA GLY B 113 10.37 -19.25 8.02
C GLY B 113 9.94 -19.59 6.60
N GLN B 114 9.37 -20.77 6.38
CA GLN B 114 8.91 -21.14 5.04
C GLN B 114 7.87 -20.17 4.50
N ALA B 115 7.25 -19.38 5.37
CA ALA B 115 6.36 -18.31 4.97
C ALA B 115 6.52 -17.16 5.94
N ASP B 116 6.03 -15.99 5.55
CA ASP B 116 6.23 -14.78 6.34
C ASP B 116 4.95 -14.22 6.96
N MET B 117 3.78 -14.70 6.56
CA MET B 117 2.53 -14.17 7.11
C MET B 117 1.40 -15.10 6.72
N ILE B 118 0.49 -15.33 7.65
CA ILE B 118 -0.65 -16.22 7.45
C ILE B 118 -1.90 -15.35 7.34
N VAL B 119 -2.50 -15.31 6.14
CA VAL B 119 -3.70 -14.51 5.92
C VAL B 119 -4.85 -15.45 5.54
N ALA B 120 -5.33 -16.21 6.50
CA ALA B 120 -6.46 -17.10 6.29
C ALA B 120 -7.38 -16.99 7.50
N PRO B 121 -8.57 -17.58 7.49
CA PRO B 121 -9.38 -17.60 8.71
C PRO B 121 -8.69 -18.38 9.83
N LEU B 122 -7.65 -17.81 10.43
CA LEU B 122 -6.91 -18.44 11.52
C LEU B 122 -7.43 -17.90 12.84
N THR B 123 -7.89 -18.80 13.70
CA THR B 123 -8.51 -18.39 14.96
C THR B 123 -7.44 -18.11 16.00
N ILE B 124 -7.70 -17.13 16.85
CA ILE B 124 -6.77 -16.72 17.90
C ILE B 124 -7.04 -17.53 19.16
N ASN B 125 -5.97 -17.92 19.85
CA ASN B 125 -6.08 -18.67 21.09
C ASN B 125 -4.76 -18.59 21.83
N ASN B 126 -4.81 -18.92 23.13
CA ASN B 126 -3.61 -18.88 23.95
C ASN B 126 -2.56 -19.87 23.45
N GLU B 127 -3.00 -21.04 22.98
CA GLU B 127 -2.07 -22.07 22.52
C GLU B 127 -1.20 -21.57 21.38
N ARG B 128 -1.70 -20.64 20.58
CA ARG B 128 -0.90 -20.02 19.52
C ARG B 128 -0.34 -18.66 19.92
N ALA B 129 -1.00 -17.94 20.83
CA ALA B 129 -0.46 -16.66 21.28
C ALA B 129 0.77 -16.82 22.15
N GLN B 130 1.01 -18.02 22.68
CA GLN B 130 2.27 -18.25 23.39
C GLN B 130 3.45 -18.28 22.43
N TYR B 131 3.22 -18.66 21.17
CA TYR B 131 4.28 -18.83 20.19
C TYR B 131 4.21 -17.84 19.03
N ILE B 132 3.01 -17.43 18.62
CA ILE B 132 2.86 -16.49 17.52
C ILE B 132 2.09 -15.28 18.04
N GLU B 133 2.01 -14.25 17.21
CA GLU B 133 1.31 -13.02 17.54
C GLU B 133 0.22 -12.77 16.50
N PHE B 134 -0.99 -12.44 16.97
CA PHE B 134 -2.13 -12.15 16.13
C PHE B 134 -2.44 -10.65 16.14
N SER B 135 -3.20 -10.22 15.14
CA SER B 135 -3.68 -8.85 15.07
C SER B 135 -5.07 -8.74 15.67
N LYS B 136 -5.58 -7.53 15.76
CA LYS B 136 -6.98 -7.34 16.12
C LYS B 136 -7.84 -8.03 15.07
N PRO B 137 -8.77 -8.90 15.45
CA PRO B 137 -9.38 -9.79 14.47
C PRO B 137 -10.21 -9.03 13.45
N PHE B 138 -10.17 -9.51 12.21
CA PHE B 138 -11.03 -8.99 11.15
C PHE B 138 -12.36 -9.71 11.06
N LYS B 139 -12.48 -10.91 11.62
CA LYS B 139 -13.77 -11.59 11.63
C LYS B 139 -14.14 -11.95 13.07
N TYR B 140 -15.31 -11.49 13.51
CA TYR B 140 -15.85 -11.84 14.80
C TYR B 140 -16.93 -12.90 14.59
N GLN B 141 -16.72 -14.08 15.13
CA GLN B 141 -17.63 -15.20 14.90
C GLN B 141 -17.64 -16.09 16.15
N GLY B 142 -18.07 -17.32 15.98
CA GLY B 142 -18.11 -18.26 17.08
C GLY B 142 -18.10 -19.68 16.59
N LEU B 143 -18.65 -20.58 17.40
CA LEU B 143 -18.74 -21.99 17.07
C LEU B 143 -20.19 -22.44 17.04
N THR B 144 -20.61 -23.04 15.93
CA THR B 144 -21.93 -23.61 15.77
C THR B 144 -21.82 -25.02 15.24
N ILE B 145 -22.72 -25.89 15.69
CA ILE B 145 -22.81 -27.27 15.21
C ILE B 145 -23.95 -27.33 14.20
N LEU B 146 -23.61 -27.68 12.96
CA LEU B 146 -24.60 -27.81 11.91
C LEU B 146 -24.98 -29.28 11.74
N VAL B 147 -26.27 -29.52 11.47
CA VAL B 147 -26.80 -30.85 11.26
C VAL B 147 -27.82 -30.78 10.14
N LYS B 148 -28.19 -31.95 9.61
CA LYS B 148 -29.11 -32.05 8.49
C LYS B 148 -30.55 -32.07 9.00
N LYS B 149 -31.39 -31.19 8.45
CA LYS B 149 -32.79 -31.12 8.84
C LYS B 149 -33.52 -32.32 8.24
N GLU B 150 -33.85 -33.30 9.08
CA GLU B 150 -34.58 -34.47 8.59
C GLU B 150 -35.94 -34.07 8.03
N ILE B 151 -36.66 -33.20 8.74
CA ILE B 151 -37.95 -32.69 8.28
C ILE B 151 -38.37 -31.52 9.16
N PRO B 152 -39.22 -30.62 8.67
CA PRO B 152 -39.81 -29.62 9.56
C PRO B 152 -40.77 -30.27 10.53
N ARG B 153 -40.86 -29.72 11.73
CA ARG B 153 -41.66 -30.34 12.77
C ARG B 153 -41.96 -29.35 13.88
N SER B 154 -43.06 -29.63 14.58
CA SER B 154 -43.39 -29.03 15.88
C SER B 154 -43.48 -27.52 15.75
N THR B 155 -42.62 -26.73 16.41
CA THR B 155 -42.63 -25.28 16.50
C THR B 155 -43.77 -24.72 17.37
N LEU B 156 -44.66 -25.57 17.89
CA LEU B 156 -45.80 -25.09 18.66
C LEU B 156 -46.11 -26.05 19.80
N ASP B 157 -46.66 -25.48 20.88
CA ASP B 157 -47.01 -26.22 22.08
C ASP B 157 -48.49 -26.64 22.00
N SER B 158 -49.10 -26.91 23.15
CA SER B 158 -50.49 -27.35 23.21
C SER B 158 -51.42 -26.18 22.93
N PHE B 159 -52.72 -26.49 22.83
CA PHE B 159 -53.74 -25.52 22.49
C PHE B 159 -53.81 -24.40 23.53
N MET B 160 -54.55 -23.35 23.17
CA MET B 160 -54.67 -22.05 23.82
C MET B 160 -53.42 -21.21 23.60
N GLN B 161 -52.46 -21.67 22.80
CA GLN B 161 -51.33 -20.83 22.45
C GLN B 161 -51.76 -19.52 21.80
N PRO B 162 -52.79 -19.48 20.95
CA PRO B 162 -53.11 -18.22 20.25
C PRO B 162 -53.88 -17.23 21.12
N PHE B 163 -54.64 -17.73 22.09
CA PHE B 163 -55.48 -16.91 22.94
C PHE B 163 -54.95 -16.96 24.36
N GLN B 164 -54.66 -15.78 24.92
CA GLN B 164 -54.15 -15.70 26.28
C GLN B 164 -55.21 -16.19 27.28
N SER B 165 -54.76 -16.44 28.51
CA SER B 165 -55.66 -16.93 29.54
C SER B 165 -56.70 -15.89 29.92
N THR B 166 -56.38 -14.60 29.76
CA THR B 166 -57.36 -13.56 30.05
C THR B 166 -58.54 -13.63 29.09
N LEU B 167 -58.28 -13.98 27.82
CA LEU B 167 -59.37 -14.12 26.86
C LEU B 167 -60.28 -15.29 27.21
N TRP B 168 -59.69 -16.40 27.67
CA TRP B 168 -60.50 -17.54 28.08
C TRP B 168 -61.31 -17.23 29.33
N LEU B 169 -60.69 -16.59 30.33
CA LEU B 169 -61.42 -16.22 31.54
C LEU B 169 -62.56 -15.25 31.23
N LEU B 170 -62.32 -14.29 30.32
CA LEU B 170 -63.38 -13.37 29.93
C LEU B 170 -64.47 -14.09 29.13
N VAL B 171 -64.09 -15.10 28.34
CA VAL B 171 -65.09 -15.87 27.61
C VAL B 171 -65.98 -16.64 28.58
N GLY B 172 -65.39 -17.23 29.62
CA GLY B 172 -66.19 -17.91 30.62
C GLY B 172 -67.07 -16.96 31.41
N LEU B 173 -66.53 -15.78 31.76
CA LEU B 173 -67.36 -14.74 32.37
C LEU B 173 -68.53 -14.38 31.47
N SER B 174 -68.34 -14.43 30.15
CA SER B 174 -69.46 -14.26 29.24
C SER B 174 -70.38 -15.47 29.23
N VAL B 175 -69.85 -16.65 29.56
CA VAL B 175 -70.69 -17.85 29.61
C VAL B 175 -71.65 -17.76 30.80
N HIS B 176 -71.17 -17.30 31.95
CA HIS B 176 -72.08 -17.16 33.09
C HIS B 176 -72.90 -15.88 33.02
N VAL B 177 -72.37 -14.82 32.40
CA VAL B 177 -73.16 -13.60 32.23
C VAL B 177 -74.29 -13.82 31.24
N VAL B 178 -74.09 -14.67 30.23
CA VAL B 178 -75.15 -15.00 29.29
C VAL B 178 -76.02 -16.15 29.80
N ALA B 179 -75.50 -16.98 30.71
CA ALA B 179 -76.34 -17.99 31.34
C ALA B 179 -77.35 -17.35 32.30
N VAL B 180 -76.85 -16.50 33.21
CA VAL B 180 -77.74 -15.81 34.14
C VAL B 180 -78.56 -14.75 33.41
N MET B 181 -77.92 -13.97 32.54
CA MET B 181 -78.63 -12.95 31.76
C MET B 181 -79.62 -13.56 30.79
N LEU B 182 -79.44 -14.82 30.40
CA LEU B 182 -80.41 -15.51 29.56
C LEU B 182 -81.53 -16.13 30.37
N TYR B 183 -81.22 -16.65 31.56
CA TYR B 183 -82.28 -17.14 32.46
C TYR B 183 -83.19 -16.00 32.89
N LEU B 184 -82.63 -14.81 33.07
CA LEU B 184 -83.46 -13.65 33.43
C LEU B 184 -84.10 -13.02 32.20
N LEU B 185 -83.36 -12.92 31.09
CA LEU B 185 -83.89 -12.28 29.90
C LEU B 185 -85.02 -13.10 29.27
N ASP B 186 -84.99 -14.42 29.44
CA ASP B 186 -86.06 -15.26 28.90
C ASP B 186 -87.38 -15.07 29.64
N ARG B 187 -87.35 -14.48 30.84
CA ARG B 187 -88.56 -14.23 31.61
C ARG B 187 -89.39 -13.08 31.06
N PHE B 188 -88.96 -12.45 29.97
CA PHE B 188 -89.76 -11.42 29.30
C PHE B 188 -90.92 -12.05 28.54
N LEU B 198 -86.08 -21.58 27.68
CA LEU B 198 -86.24 -20.30 28.35
C LEU B 198 -85.99 -20.43 29.85
N THR B 199 -85.57 -21.62 30.28
CA THR B 199 -85.27 -21.87 31.68
C THR B 199 -83.80 -21.59 31.97
N LEU B 200 -83.44 -21.67 33.25
CA LEU B 200 -82.04 -21.47 33.64
C LEU B 200 -81.16 -22.58 33.07
N SER B 201 -81.59 -23.82 33.22
CA SER B 201 -80.88 -24.92 32.58
C SER B 201 -80.93 -24.80 31.07
N SER B 202 -82.05 -24.31 30.53
CA SER B 202 -82.13 -24.01 29.11
C SER B 202 -81.30 -22.79 28.74
N ALA B 203 -80.99 -21.93 29.70
CA ALA B 203 -80.11 -20.79 29.44
C ALA B 203 -78.65 -21.23 29.35
N MET B 204 -78.21 -22.08 30.29
CA MET B 204 -76.87 -22.62 30.22
C MET B 204 -76.69 -23.51 29.00
N TRP B 205 -77.67 -24.40 28.77
CA TRP B 205 -77.60 -25.26 27.58
C TRP B 205 -77.67 -24.45 26.30
N PHE B 206 -78.44 -23.35 26.32
CA PHE B 206 -78.55 -22.53 25.12
C PHE B 206 -77.26 -21.77 24.84
N SER B 207 -76.66 -21.21 25.88
CA SER B 207 -75.42 -20.43 25.69
C SER B 207 -74.26 -21.34 25.32
N TRP B 208 -74.07 -22.42 26.07
CA TRP B 208 -72.97 -23.34 25.80
C TRP B 208 -73.16 -24.05 24.46
N ARG B 209 -74.37 -24.58 24.22
CA ARG B 209 -74.66 -25.24 22.96
C ARG B 209 -74.59 -24.28 21.78
N VAL B 210 -74.79 -22.98 22.02
CA VAL B 210 -74.69 -21.99 20.95
C VAL B 210 -73.24 -21.63 20.67
N LEU B 211 -72.42 -21.55 21.73
CA LEU B 211 -71.01 -21.23 21.56
C LEU B 211 -70.19 -22.40 21.03
N LEU B 212 -70.65 -23.63 21.23
CA LEU B 212 -69.92 -24.82 20.80
C LEU B 212 -70.57 -25.54 19.64
N ASN B 213 -71.71 -25.06 19.15
CA ASN B 213 -72.44 -25.71 18.06
C ASN B 213 -72.89 -27.11 18.45
N SER B 214 -73.15 -27.33 19.74
CA SER B 214 -73.77 -28.58 20.14
C SER B 214 -75.12 -28.78 19.45
N GLY B 215 -75.88 -27.70 19.24
CA GLY B 215 -77.25 -27.84 18.79
C GLY B 215 -78.02 -28.90 19.56
N LEU B 216 -77.71 -29.05 20.85
CA LEU B 216 -78.23 -30.17 21.63
C LEU B 216 -79.74 -30.09 21.77
N GLY B 217 -80.23 -28.88 22.09
CA GLY B 217 -81.65 -28.62 22.18
C GLY B 217 -82.04 -27.36 21.41
N GLU B 218 -83.20 -27.40 20.75
CA GLU B 218 -83.68 -26.28 19.96
C GLU B 218 -84.32 -25.19 20.80
N GLY B 219 -84.40 -25.38 22.12
CA GLY B 219 -85.02 -24.41 23.02
C GLY B 219 -84.57 -23.00 22.72
N ALA B 220 -85.53 -22.09 22.53
CA ALA B 220 -85.16 -20.78 22.01
C ALA B 220 -86.01 -19.70 22.67
N PRO B 221 -85.46 -18.50 22.82
CA PRO B 221 -86.18 -17.41 23.48
C PRO B 221 -87.06 -16.60 22.53
N ARG B 222 -88.09 -16.00 23.10
CA ARG B 222 -89.03 -15.20 22.32
C ARG B 222 -88.86 -13.70 22.50
N SER B 223 -88.18 -13.27 23.57
CA SER B 223 -87.98 -11.84 23.78
C SER B 223 -87.01 -11.28 22.75
N PHE B 224 -87.30 -10.08 22.26
CA PHE B 224 -86.44 -9.44 21.28
C PHE B 224 -85.06 -9.13 21.87
N SER B 225 -85.00 -8.82 23.16
CA SER B 225 -83.71 -8.56 23.80
C SER B 225 -82.84 -9.81 23.79
N ALA B 226 -83.42 -10.96 24.16
CA ALA B 226 -82.65 -12.20 24.18
C ALA B 226 -82.27 -12.65 22.78
N ARG B 227 -83.11 -12.33 21.78
CA ARG B 227 -82.78 -12.70 20.40
C ARG B 227 -81.66 -11.84 19.85
N ILE B 228 -81.68 -10.53 20.14
CA ILE B 228 -80.61 -9.65 19.70
C ILE B 228 -79.30 -10.01 20.39
N LEU B 229 -79.36 -10.22 21.71
CA LEU B 229 -78.16 -10.65 22.45
C LEU B 229 -77.66 -11.99 21.95
N GLY B 230 -78.56 -12.88 21.54
CA GLY B 230 -78.13 -14.15 20.95
C GLY B 230 -77.46 -13.96 19.60
N MET B 231 -77.94 -12.99 18.82
CA MET B 231 -77.30 -12.69 17.54
C MET B 231 -75.90 -12.13 17.74
N VAL B 232 -75.74 -11.19 18.67
CA VAL B 232 -74.41 -10.69 18.99
C VAL B 232 -73.53 -11.81 19.54
N TRP B 233 -74.14 -12.77 20.24
CA TRP B 233 -73.38 -13.92 20.75
C TRP B 233 -72.86 -14.80 19.62
N ALA B 234 -73.70 -15.06 18.61
CA ALA B 234 -73.25 -15.83 17.46
C ALA B 234 -72.20 -15.08 16.67
N GLY B 235 -72.36 -13.76 16.52
CA GLY B 235 -71.30 -12.97 15.91
C GLY B 235 -69.99 -13.09 16.65
N PHE B 236 -70.04 -13.05 17.99
CA PHE B 236 -68.84 -13.26 18.78
C PHE B 236 -68.29 -14.66 18.61
N ALA B 237 -69.15 -15.63 18.26
CA ALA B 237 -68.68 -16.98 17.99
C ALA B 237 -67.90 -17.05 16.67
N MET B 238 -68.43 -16.41 15.63
CA MET B 238 -67.69 -16.36 14.36
C MET B 238 -66.39 -15.60 14.52
N ILE B 239 -66.40 -14.55 15.35
CA ILE B 239 -65.19 -13.76 15.56
C ILE B 239 -64.18 -14.52 16.42
N ILE B 240 -64.65 -15.38 17.33
CA ILE B 240 -63.69 -16.11 18.15
C ILE B 240 -63.15 -17.33 17.41
N VAL B 241 -63.91 -17.92 16.49
CA VAL B 241 -63.34 -19.01 15.71
C VAL B 241 -62.40 -18.46 14.64
N ALA B 242 -62.77 -17.33 14.03
CA ALA B 242 -61.90 -16.71 13.05
C ALA B 242 -60.66 -16.11 13.70
N SER B 243 -60.78 -15.67 14.95
CA SER B 243 -59.63 -15.12 15.66
C SER B 243 -58.73 -16.23 16.19
N TYR B 244 -59.32 -17.32 16.67
CA TYR B 244 -58.49 -18.44 17.13
C TYR B 244 -57.77 -19.09 15.97
N THR B 245 -58.43 -19.27 14.82
CA THR B 245 -57.73 -19.75 13.66
C THR B 245 -56.79 -18.69 13.10
N ALA B 246 -57.06 -17.41 13.38
CA ALA B 246 -56.20 -16.34 12.90
C ALA B 246 -54.86 -16.34 13.62
N ASN B 247 -54.88 -16.12 14.94
CA ASN B 247 -53.65 -16.13 15.71
C ASN B 247 -53.05 -17.53 15.79
N LEU B 248 -53.88 -18.58 15.68
CA LEU B 248 -53.36 -19.94 15.60
C LEU B 248 -52.66 -20.18 14.27
N ALA B 249 -53.04 -19.43 13.23
CA ALA B 249 -52.31 -19.43 11.97
C ALA B 249 -51.16 -18.43 11.96
N ALA B 250 -51.09 -17.52 12.94
CA ALA B 250 -50.00 -16.57 13.00
C ALA B 250 -48.69 -17.23 13.41
N PHE B 251 -48.76 -18.33 14.15
CA PHE B 251 -47.58 -19.11 14.52
C PHE B 251 -47.10 -20.02 13.40
N LEU B 252 -47.49 -19.73 12.16
CA LEU B 252 -47.06 -20.52 11.01
C LEU B 252 -45.96 -19.82 10.24
N ARG B 255 -43.27 -18.42 13.11
CA ARG B 255 -42.19 -19.01 13.89
C ARG B 255 -41.19 -19.74 13.00
N ARG B 256 -40.54 -20.76 13.57
CA ARG B 256 -39.54 -21.54 12.85
C ARG B 256 -39.41 -22.89 13.52
N PRO B 257 -39.03 -23.94 12.78
CA PRO B 257 -38.86 -25.26 13.40
C PRO B 257 -37.70 -25.26 14.39
N GLU B 258 -37.88 -26.01 15.47
CA GLU B 258 -36.89 -26.06 16.53
C GLU B 258 -35.66 -26.84 16.10
N GLU B 259 -34.49 -26.38 16.54
CA GLU B 259 -33.24 -27.06 16.23
C GLU B 259 -33.12 -28.36 17.03
N ARG B 260 -32.47 -29.35 16.43
CA ARG B 260 -32.36 -30.66 17.06
C ARG B 260 -31.54 -30.57 18.35
N ILE B 261 -30.27 -30.18 18.24
CA ILE B 261 -29.39 -30.08 19.40
C ILE B 261 -29.69 -28.77 20.12
N THR B 262 -30.09 -28.86 21.38
CA THR B 262 -30.46 -27.68 22.16
C THR B 262 -29.23 -26.98 22.72
N GLY B 263 -28.28 -26.65 21.85
CA GLY B 263 -27.08 -25.96 22.27
C GLY B 263 -25.93 -26.91 22.61
N ILE B 264 -24.84 -26.31 23.09
CA ILE B 264 -23.68 -27.08 23.50
C ILE B 264 -24.03 -28.04 24.62
N ASN B 265 -24.93 -27.64 25.51
CA ASN B 265 -25.36 -28.48 26.64
C ASN B 265 -26.69 -29.15 26.34
N ASP B 266 -26.71 -29.92 25.24
CA ASP B 266 -27.83 -30.73 24.81
C ASP B 266 -27.57 -32.19 25.14
N PRO B 267 -28.62 -32.99 25.32
CA PRO B 267 -28.41 -34.41 25.61
C PRO B 267 -27.60 -35.12 24.53
N ARG B 268 -27.89 -34.85 23.25
CA ARG B 268 -27.10 -35.45 22.19
C ARG B 268 -25.67 -34.92 22.19
N LEU B 269 -25.47 -33.67 22.56
CA LEU B 269 -24.13 -33.10 22.60
C LEU B 269 -23.35 -33.58 23.82
N ARG B 270 -24.03 -33.78 24.96
CA ARG B 270 -23.35 -34.22 26.17
C ARG B 270 -23.27 -35.73 26.31
N ASN B 271 -24.37 -36.43 26.04
CA ASN B 271 -24.38 -37.89 26.07
C ASN B 271 -24.04 -38.42 24.68
N PRO B 272 -22.94 -39.15 24.52
CA PRO B 272 -22.54 -39.63 23.18
C PRO B 272 -23.33 -40.85 22.71
N SER B 273 -24.50 -40.58 22.12
CA SER B 273 -25.30 -41.62 21.51
C SER B 273 -24.82 -41.87 20.08
N ASP B 274 -24.73 -43.15 19.71
CA ASP B 274 -24.19 -43.51 18.40
C ASP B 274 -25.14 -43.23 17.25
N LYS B 275 -26.37 -42.80 17.52
CA LYS B 275 -27.24 -42.36 16.43
C LYS B 275 -26.86 -40.98 15.94
N PHE B 276 -26.51 -40.08 16.86
CA PHE B 276 -26.02 -38.74 16.51
C PHE B 276 -24.51 -38.75 16.69
N ILE B 277 -23.78 -38.94 15.60
CA ILE B 277 -22.33 -39.04 15.60
C ILE B 277 -21.77 -37.66 15.26
N TYR B 278 -21.13 -37.02 16.24
CA TYR B 278 -20.52 -35.72 16.03
C TYR B 278 -19.00 -35.83 16.09
N ALA B 279 -18.34 -34.85 15.45
CA ALA B 279 -16.88 -34.78 15.41
C ALA B 279 -16.50 -33.39 14.89
N THR B 280 -15.19 -33.12 14.84
CA THR B 280 -14.66 -31.89 14.28
C THR B 280 -13.44 -32.20 13.42
N VAL B 281 -12.86 -31.17 12.82
CA VAL B 281 -11.72 -31.33 11.94
C VAL B 281 -10.45 -31.55 12.76
N LYS B 282 -9.59 -32.45 12.30
CA LYS B 282 -8.35 -32.74 13.00
C LYS B 282 -7.31 -31.64 12.76
N GLN B 283 -6.48 -31.40 13.78
CA GLN B 283 -5.45 -30.37 13.73
C GLN B 283 -6.06 -29.00 13.42
N SER B 284 -7.07 -28.63 14.21
CA SER B 284 -7.80 -27.38 14.03
C SER B 284 -8.14 -26.79 15.39
N SER B 285 -8.77 -25.63 15.37
CA SER B 285 -9.07 -24.92 16.62
C SER B 285 -10.06 -25.71 17.47
N VAL B 286 -11.12 -26.22 16.85
CA VAL B 286 -12.15 -26.93 17.61
C VAL B 286 -11.55 -28.12 18.34
N ASP B 287 -10.56 -28.76 17.73
CA ASP B 287 -9.85 -29.86 18.39
C ASP B 287 -9.16 -29.37 19.65
N ILE B 288 -8.48 -28.23 19.57
CA ILE B 288 -7.76 -27.71 20.73
C ILE B 288 -8.75 -27.29 21.82
N TYR B 289 -9.87 -26.68 21.43
CA TYR B 289 -10.84 -26.25 22.42
C TYR B 289 -11.48 -27.44 23.13
N PHE B 290 -11.74 -28.52 22.39
CA PHE B 290 -12.24 -29.73 23.03
C PHE B 290 -11.15 -30.53 23.72
N ARG B 291 -9.88 -30.15 23.54
CA ARG B 291 -8.79 -30.83 24.23
C ARG B 291 -8.39 -30.13 25.53
N ARG B 292 -8.53 -28.81 25.60
CA ARG B 292 -8.06 -28.07 26.77
C ARG B 292 -8.92 -28.37 28.00
N GLN B 293 -10.21 -28.06 27.92
CA GLN B 293 -11.11 -28.26 29.06
C GLN B 293 -11.21 -29.75 29.38
N VAL B 294 -10.76 -30.13 30.58
CA VAL B 294 -10.77 -31.55 30.95
C VAL B 294 -12.19 -32.04 31.19
N GLU B 295 -13.09 -31.16 31.66
CA GLU B 295 -14.44 -31.59 32.00
C GLU B 295 -15.17 -32.12 30.77
N LEU B 296 -14.98 -31.48 29.62
CA LEU B 296 -15.60 -31.94 28.39
C LEU B 296 -14.87 -33.11 27.74
N SER B 297 -13.83 -33.64 28.40
CA SER B 297 -13.03 -34.72 27.83
C SER B 297 -13.90 -35.87 27.37
N THR B 298 -14.94 -36.21 28.13
CA THR B 298 -15.86 -37.26 27.74
C THR B 298 -16.34 -37.07 26.32
N MET B 299 -16.89 -35.89 26.02
CA MET B 299 -17.34 -35.59 24.66
C MET B 299 -16.19 -35.77 23.67
N TYR B 300 -15.00 -35.28 24.02
CA TYR B 300 -13.84 -35.40 23.16
C TYR B 300 -13.63 -36.85 22.72
N ARG B 301 -13.93 -37.81 23.61
CA ARG B 301 -13.76 -39.22 23.28
C ARG B 301 -14.49 -39.56 21.98
N HIS B 302 -15.78 -39.19 21.90
CA HIS B 302 -16.58 -39.55 20.73
C HIS B 302 -16.02 -38.95 19.45
N MET B 303 -15.20 -37.91 19.55
CA MET B 303 -14.62 -37.31 18.35
C MET B 303 -13.42 -38.09 17.84
N GLU B 304 -12.67 -38.73 18.75
CA GLU B 304 -11.40 -39.35 18.37
C GLU B 304 -11.60 -40.43 17.31
N LYS B 305 -12.76 -41.08 17.29
CA LYS B 305 -13.04 -42.15 16.35
C LYS B 305 -13.71 -41.66 15.07
N HIS B 306 -14.08 -40.38 15.00
CA HIS B 306 -14.86 -39.89 13.86
C HIS B 306 -14.29 -38.61 13.24
N ASN B 307 -13.08 -38.22 13.61
CA ASN B 307 -12.51 -36.98 13.10
C ASN B 307 -12.03 -37.14 11.66
N TYR B 308 -12.02 -36.04 10.92
CA TYR B 308 -11.60 -36.03 9.52
C TYR B 308 -10.44 -35.06 9.33
N GLU B 309 -9.73 -35.24 8.20
CA GLU B 309 -8.54 -34.43 7.91
C GLU B 309 -8.92 -33.08 7.32
N SER B 310 -9.31 -33.07 6.05
CA SER B 310 -9.73 -31.84 5.39
C SER B 310 -11.20 -31.55 5.69
N ALA B 311 -11.54 -30.25 5.72
CA ALA B 311 -12.88 -29.85 6.13
C ALA B 311 -13.94 -30.23 5.09
N ALA B 312 -13.58 -30.19 3.80
CA ALA B 312 -14.52 -30.54 2.75
C ALA B 312 -15.03 -31.98 2.92
N GLU B 313 -14.14 -32.88 3.35
CA GLU B 313 -14.56 -34.25 3.62
C GLU B 313 -15.64 -34.30 4.69
N ALA B 314 -15.50 -33.51 5.75
CA ALA B 314 -16.53 -33.45 6.76
C ALA B 314 -17.82 -32.85 6.19
N ILE B 315 -17.71 -31.87 5.30
CA ILE B 315 -18.88 -31.26 4.71
C ILE B 315 -19.68 -32.29 3.94
N GLN B 316 -19.04 -32.93 2.95
CA GLN B 316 -19.74 -33.92 2.14
C GLN B 316 -20.19 -35.11 2.99
N ALA B 317 -19.46 -35.42 4.07
CA ALA B 317 -19.92 -36.48 4.97
C ALA B 317 -21.22 -36.09 5.64
N VAL B 318 -21.34 -34.83 6.07
CA VAL B 318 -22.60 -34.38 6.65
C VAL B 318 -23.69 -34.33 5.60
N ARG B 319 -23.32 -34.16 4.32
CA ARG B 319 -24.31 -34.18 3.26
C ARG B 319 -24.81 -35.59 2.96
N ASP B 320 -23.94 -36.59 3.09
CA ASP B 320 -24.27 -37.97 2.75
C ASP B 320 -24.96 -38.73 3.87
N ASN B 321 -25.47 -38.03 4.89
CA ASN B 321 -26.20 -38.64 6.00
C ASN B 321 -25.35 -39.68 6.73
N LYS B 322 -24.03 -39.49 6.75
CA LYS B 322 -23.12 -40.36 7.47
C LYS B 322 -22.70 -39.79 8.83
N LEU B 323 -22.24 -38.54 8.85
CA LEU B 323 -21.94 -37.84 10.08
C LEU B 323 -23.12 -36.96 10.46
N HIS B 324 -23.69 -37.22 11.63
CA HIS B 324 -24.95 -36.57 12.01
C HIS B 324 -24.77 -35.06 12.20
N ALA B 325 -23.82 -34.66 13.03
CA ALA B 325 -23.60 -33.25 13.32
C ALA B 325 -22.14 -32.91 13.15
N PHE B 326 -21.86 -31.62 13.00
CA PHE B 326 -20.49 -31.16 12.80
C PHE B 326 -20.36 -29.77 13.39
N ILE B 327 -19.54 -29.64 14.44
CA ILE B 327 -19.28 -28.35 15.08
C ILE B 327 -18.09 -27.70 14.40
N TRP B 328 -18.20 -26.40 14.09
CA TRP B 328 -17.15 -25.67 13.40
C TRP B 328 -17.41 -24.17 13.56
N ASP B 329 -16.56 -23.36 12.94
CA ASP B 329 -16.72 -21.91 12.97
C ASP B 329 -18.09 -21.48 12.48
N SER B 330 -18.64 -20.44 13.13
CA SER B 330 -19.92 -19.92 12.67
C SER B 330 -19.77 -19.14 11.39
N ALA B 331 -18.60 -18.55 11.15
CA ALA B 331 -18.40 -17.77 9.94
C ALA B 331 -18.43 -18.64 8.69
N VAL B 332 -18.20 -19.94 8.84
CA VAL B 332 -18.30 -20.86 7.71
C VAL B 332 -19.61 -21.64 7.74
N LEU B 333 -20.02 -22.10 8.93
CA LEU B 333 -21.23 -22.91 9.03
C LEU B 333 -22.49 -22.10 8.75
N GLU B 334 -22.57 -20.87 9.28
CA GLU B 334 -23.71 -20.02 8.95
C GLU B 334 -23.73 -19.65 7.48
N PHE B 335 -22.56 -19.57 6.84
CA PHE B 335 -22.50 -19.27 5.42
C PHE B 335 -23.02 -20.45 4.60
N GLU B 336 -22.57 -21.65 4.94
CA GLU B 336 -22.99 -22.82 4.18
C GLU B 336 -24.46 -23.13 4.42
N ALA B 337 -24.95 -22.94 5.65
CA ALA B 337 -26.35 -23.15 5.94
C ALA B 337 -27.23 -22.20 5.13
N SER B 338 -26.75 -20.98 4.90
CA SER B 338 -27.45 -20.06 4.02
C SER B 338 -27.30 -20.51 2.56
N GLN B 339 -26.08 -20.84 2.14
CA GLN B 339 -25.83 -21.22 0.75
C GLN B 339 -26.32 -22.61 0.42
N LYS B 340 -26.33 -23.53 1.39
CA LYS B 340 -26.85 -24.88 1.19
C LYS B 340 -27.90 -25.17 2.25
N CYS B 341 -29.10 -25.54 1.81
CA CYS B 341 -30.24 -25.68 2.72
C CYS B 341 -30.43 -27.09 3.24
N ASP B 342 -29.44 -27.96 3.09
CA ASP B 342 -29.47 -29.28 3.71
C ASP B 342 -28.87 -29.28 5.11
N LEU B 343 -28.56 -28.11 5.67
CA LEU B 343 -27.94 -28.02 6.98
C LEU B 343 -28.36 -26.72 7.65
N VAL B 344 -28.64 -26.80 8.95
CA VAL B 344 -28.99 -25.65 9.78
C VAL B 344 -28.11 -25.66 11.01
N THR B 345 -28.02 -24.51 11.66
CA THR B 345 -27.21 -24.37 12.87
C THR B 345 -28.04 -24.62 14.12
N THR B 346 -27.39 -25.18 15.13
CA THR B 346 -28.03 -25.38 16.42
C THR B 346 -27.94 -24.10 17.26
N GLY B 347 -28.90 -23.94 18.16
CA GLY B 347 -28.95 -22.76 18.99
C GLY B 347 -27.78 -22.66 19.96
N GLU B 348 -27.76 -21.53 20.68
CA GLU B 348 -26.73 -21.23 21.67
C GLU B 348 -25.34 -21.24 21.06
N LEU B 349 -24.99 -20.17 20.35
CA LEU B 349 -23.65 -20.02 19.80
C LEU B 349 -22.64 -19.88 20.93
N PHE B 350 -21.59 -20.70 20.89
CA PHE B 350 -20.63 -20.75 21.99
C PHE B 350 -19.21 -20.56 21.47
N PHE B 351 -18.34 -20.11 22.37
CA PHE B 351 -16.92 -19.87 22.10
C PHE B 351 -16.74 -18.84 20.98
N ARG B 352 -17.21 -17.62 21.25
CA ARG B 352 -17.14 -16.54 20.28
C ARG B 352 -15.68 -16.13 20.11
N SER B 353 -15.07 -16.53 18.99
CA SER B 353 -13.68 -16.23 18.71
C SER B 353 -13.56 -15.50 17.38
N GLY B 354 -12.34 -15.11 17.01
CA GLY B 354 -12.18 -14.29 15.82
C GLY B 354 -11.05 -14.67 14.88
N PHE B 355 -11.31 -14.57 13.58
CA PHE B 355 -10.27 -14.71 12.58
C PHE B 355 -9.43 -13.45 12.55
N GLY B 356 -8.11 -13.60 12.79
CA GLY B 356 -7.16 -12.53 12.61
C GLY B 356 -5.92 -13.04 11.91
N ILE B 357 -5.07 -12.10 11.52
CA ILE B 357 -3.86 -12.42 10.74
C ILE B 357 -2.78 -12.96 11.65
N GLY B 358 -1.95 -13.86 11.11
CA GLY B 358 -0.88 -14.51 11.86
C GLY B 358 0.49 -14.04 11.42
N MET B 359 1.34 -13.73 12.40
CA MET B 359 2.68 -13.22 12.15
C MET B 359 3.67 -13.85 13.11
N ARG B 360 4.95 -13.57 12.85
CA ARG B 360 6.03 -14.10 13.67
C ARG B 360 6.12 -13.30 14.97
N LYS B 361 6.80 -13.90 15.95
CA LYS B 361 6.93 -13.27 17.25
C LYS B 361 7.68 -11.95 17.12
N ASP B 362 7.11 -10.89 17.70
CA ASP B 362 7.74 -9.57 17.73
C ASP B 362 8.02 -9.05 16.32
N SER B 363 7.11 -9.31 15.41
CA SER B 363 7.28 -8.71 14.10
C SER B 363 6.72 -7.30 14.10
N PRO B 364 7.43 -6.33 13.51
CA PRO B 364 6.92 -4.95 13.55
C PRO B 364 5.66 -4.76 12.72
N TRP B 365 5.62 -5.35 11.52
CA TRP B 365 4.47 -5.23 10.62
C TRP B 365 3.16 -5.31 11.36
N LYS B 366 3.17 -6.01 12.48
CA LYS B 366 1.94 -6.26 13.20
C LYS B 366 1.31 -4.99 13.56
N GLN B 367 2.10 -4.03 14.00
CA GLN B 367 1.52 -2.81 14.48
C GLN B 367 0.76 -2.16 13.36
N GLU B 368 1.36 -2.02 12.19
CA GLU B 368 0.63 -1.36 11.08
C GLU B 368 -0.51 -2.22 10.64
N VAL B 369 -0.28 -3.51 10.53
CA VAL B 369 -1.34 -4.40 10.05
C VAL B 369 -2.55 -4.30 10.97
N SER B 370 -2.32 -4.45 12.28
CA SER B 370 -3.42 -4.38 13.22
C SER B 370 -4.21 -3.09 13.02
N LEU B 371 -3.51 -1.97 13.01
CA LEU B 371 -4.17 -0.68 12.85
C LEU B 371 -5.05 -0.69 11.60
N ASN B 372 -4.50 -1.17 10.47
CA ASN B 372 -5.26 -1.17 9.24
C ASN B 372 -6.55 -1.99 9.39
N ILE B 373 -6.44 -3.17 9.99
CA ILE B 373 -7.65 -3.96 10.23
C ILE B 373 -8.62 -3.19 11.10
N LEU B 374 -8.09 -2.52 12.14
CA LEU B 374 -8.94 -1.74 13.03
C LEU B 374 -9.65 -0.62 12.28
N LYS B 375 -9.07 -0.14 11.18
CA LYS B 375 -9.75 0.85 10.35
C LYS B 375 -10.68 0.22 9.33
N SER B 376 -10.37 -1.00 8.86
CA SER B 376 -11.19 -1.61 7.82
C SER B 376 -12.59 -1.94 8.33
N HIS B 377 -12.74 -2.13 9.64
CA HIS B 377 -14.06 -2.27 10.23
C HIS B 377 -14.75 -0.92 10.40
N GLU B 378 -13.97 0.14 10.63
CA GLU B 378 -14.57 1.43 10.95
C GLU B 378 -15.21 2.06 9.72
N ASN B 379 -14.52 2.03 8.58
CA ASN B 379 -15.08 2.58 7.35
C ASN B 379 -16.09 1.65 6.70
N GLY B 380 -16.30 0.44 7.24
CA GLY B 380 -17.27 -0.47 6.70
C GLY B 380 -16.78 -1.35 5.58
N PHE B 381 -15.47 -1.45 5.40
CA PHE B 381 -14.93 -2.27 4.32
C PHE B 381 -15.23 -3.75 4.57
N MET B 382 -15.18 -4.18 5.83
CA MET B 382 -15.54 -5.56 6.13
C MET B 382 -17.01 -5.82 5.87
N GLU B 383 -17.84 -4.79 5.91
CA GLU B 383 -19.23 -4.96 5.50
C GLU B 383 -19.35 -5.14 4.00
N GLU B 384 -18.43 -4.52 3.23
CA GLU B 384 -18.43 -4.70 1.78
C GLU B 384 -17.93 -6.09 1.40
N LEU B 385 -16.75 -6.46 1.91
CA LEU B 385 -16.26 -7.81 1.71
C LEU B 385 -17.29 -8.83 2.17
N ASP B 386 -17.99 -8.52 3.25
CA ASP B 386 -19.11 -9.34 3.65
C ASP B 386 -20.13 -9.43 2.51
N LYS B 387 -20.65 -8.28 2.07
CA LYS B 387 -21.68 -8.28 1.03
C LYS B 387 -21.23 -9.07 -0.20
N THR B 388 -19.92 -9.17 -0.43
CA THR B 388 -19.43 -9.87 -1.61
C THR B 388 -19.31 -11.37 -1.36
N TRP B 389 -18.79 -11.78 -0.20
CA TRP B 389 -18.46 -13.17 0.04
C TRP B 389 -19.31 -13.84 1.11
N VAL B 390 -20.28 -13.15 1.71
CA VAL B 390 -21.25 -13.77 2.60
C VAL B 390 -22.63 -13.20 2.25
N ARG B 391 -23.66 -14.05 2.40
CA ARG B 391 -25.05 -13.67 2.16
C ARG B 391 -25.25 -13.22 0.71
N TYR B 392 -25.20 -14.19 -0.20
CA TYR B 392 -25.26 -13.89 -1.62
C TYR B 392 -26.12 -14.93 -2.32
N GLN B 393 -27.34 -14.53 -2.70
CA GLN B 393 -28.26 -15.38 -3.46
C GLN B 393 -28.47 -16.73 -2.78
N GLU B 394 -28.45 -16.72 -1.45
CA GLU B 394 -28.56 -17.94 -0.67
C GLU B 394 -30.02 -18.41 -0.62
N CYS B 395 -30.21 -19.68 -0.30
CA CYS B 395 -31.54 -20.27 -0.21
C CYS B 395 -32.24 -19.87 1.09
N ASP B 396 -32.34 -18.57 1.31
CA ASP B 396 -32.89 -18.03 2.55
C ASP B 396 -34.39 -17.82 2.39
N SER B 397 -35.16 -18.82 2.80
CA SER B 397 -36.63 -18.73 2.79
C SER B 397 -37.25 -19.84 3.64
N PRO B 402 -41.18 -22.03 4.76
CA PRO B 402 -41.04 -23.09 5.78
C PRO B 402 -42.39 -23.59 6.29
N ALA B 403 -42.73 -24.83 5.92
CA ALA B 403 -43.98 -25.45 6.34
C ALA B 403 -43.67 -26.70 7.13
N THR B 404 -44.30 -26.84 8.30
CA THR B 404 -44.04 -27.94 9.22
C THR B 404 -45.33 -28.69 9.48
N LEU B 405 -45.28 -30.02 9.36
CA LEU B 405 -46.40 -30.86 9.73
C LEU B 405 -46.58 -30.84 11.25
N THR B 406 -47.78 -31.19 11.70
CA THR B 406 -48.14 -31.14 13.11
C THR B 406 -48.62 -32.52 13.55
N PHE B 407 -47.73 -33.28 14.18
CA PHE B 407 -48.07 -34.57 14.76
C PHE B 407 -48.09 -34.57 16.28
N GLU B 408 -47.33 -33.69 16.92
CA GLU B 408 -47.18 -33.68 18.37
C GLU B 408 -48.14 -32.71 19.05
N ASN B 409 -48.11 -31.43 18.66
CA ASN B 409 -48.86 -30.41 19.37
C ASN B 409 -50.36 -30.69 19.34
N MET B 410 -50.89 -30.96 18.15
CA MET B 410 -52.31 -31.27 18.03
C MET B 410 -52.67 -32.53 18.79
N ALA B 411 -51.76 -33.50 18.85
CA ALA B 411 -51.99 -34.67 19.68
C ALA B 411 -51.95 -34.31 21.16
N GLY B 412 -51.22 -33.26 21.52
CA GLY B 412 -51.22 -32.81 22.91
C GLY B 412 -52.53 -32.16 23.29
N VAL B 413 -53.04 -31.28 22.43
CA VAL B 413 -54.35 -30.67 22.66
C VAL B 413 -55.43 -31.75 22.71
N PHE B 414 -55.38 -32.68 21.75
CA PHE B 414 -56.32 -33.80 21.75
C PHE B 414 -56.21 -34.62 23.01
N MET B 415 -55.00 -34.76 23.56
CA MET B 415 -54.82 -35.50 24.79
C MET B 415 -55.44 -34.76 25.97
N LEU B 416 -55.28 -33.44 26.03
CA LEU B 416 -55.89 -32.65 27.10
C LEU B 416 -57.40 -32.75 27.05
N VAL B 417 -57.98 -32.58 25.86
CA VAL B 417 -59.44 -32.66 25.72
C VAL B 417 -59.93 -34.05 26.10
N ALA B 418 -59.23 -35.09 25.63
CA ALA B 418 -59.64 -36.46 25.94
C ALA B 418 -59.60 -36.74 27.44
N GLY B 419 -58.53 -36.31 28.10
CA GLY B 419 -58.46 -36.49 29.55
C GLY B 419 -59.56 -35.75 30.28
N GLY B 420 -59.81 -34.50 29.88
CA GLY B 420 -60.91 -33.75 30.49
C GLY B 420 -62.25 -34.43 30.32
N ILE B 421 -62.47 -35.04 29.15
CA ILE B 421 -63.73 -35.73 28.90
C ILE B 421 -63.84 -36.99 29.75
N VAL B 422 -62.76 -37.76 29.84
CA VAL B 422 -62.78 -38.99 30.62
C VAL B 422 -63.05 -38.68 32.09
N ALA B 423 -62.27 -37.76 32.67
CA ALA B 423 -62.48 -37.39 34.07
C ALA B 423 -63.87 -36.79 34.27
N GLY B 424 -64.37 -36.05 33.28
CA GLY B 424 -65.70 -35.48 33.39
C GLY B 424 -66.78 -36.55 33.46
N ILE B 425 -66.66 -37.59 32.64
CA ILE B 425 -67.62 -38.68 32.68
C ILE B 425 -67.51 -39.43 34.00
N PHE B 426 -66.28 -39.73 34.43
CA PHE B 426 -66.09 -40.49 35.67
C PHE B 426 -66.63 -39.73 36.88
N LEU B 427 -66.57 -38.39 36.85
CA LEU B 427 -67.06 -37.60 37.99
C LEU B 427 -68.57 -37.40 37.92
N ILE B 428 -69.07 -36.90 36.78
CA ILE B 428 -70.49 -36.59 36.66
C ILE B 428 -71.35 -37.84 36.79
N PHE B 429 -70.85 -38.98 36.29
CA PHE B 429 -71.62 -40.22 36.38
C PHE B 429 -71.79 -40.67 37.83
N ILE B 430 -70.70 -40.64 38.60
CA ILE B 430 -70.77 -41.10 39.98
C ILE B 430 -71.49 -40.09 40.86
N GLU B 431 -71.47 -38.81 40.48
CA GLU B 431 -72.13 -37.78 41.29
C GLU B 431 -73.61 -37.64 41.00
N ILE B 432 -74.04 -37.85 39.76
CA ILE B 432 -75.42 -37.58 39.38
C ILE B 432 -76.31 -38.78 39.70
N ALA B 433 -75.88 -39.98 39.32
CA ALA B 433 -76.68 -41.17 39.52
C ALA B 433 -76.72 -41.59 40.99
N ASP C 1 3.32 -8.70 43.27
CA ASP C 1 4.33 -8.51 42.23
C ASP C 1 4.57 -7.02 41.96
N GLU C 2 3.50 -6.28 41.73
CA GLU C 2 3.60 -4.84 41.56
C GLU C 2 2.24 -4.22 41.79
N HIS C 3 2.24 -3.00 42.35
CA HIS C 3 1.02 -2.23 42.59
C HIS C 3 0.86 -1.19 41.49
N LEU C 4 -0.28 -1.23 40.81
CA LEU C 4 -0.56 -0.34 39.69
C LEU C 4 -1.93 0.29 39.85
N SER C 5 -2.06 1.52 39.36
CA SER C 5 -3.34 2.22 39.37
C SER C 5 -4.09 1.97 38.07
N ILE C 6 -5.39 1.75 38.18
CA ILE C 6 -6.24 1.41 37.05
C ILE C 6 -7.43 2.35 37.03
N VAL C 7 -7.84 2.78 35.84
CA VAL C 7 -8.97 3.68 35.67
C VAL C 7 -10.12 2.91 35.04
N THR C 8 -11.35 3.40 35.26
CA THR C 8 -12.55 2.78 34.74
C THR C 8 -13.67 3.82 34.74
N LEU C 9 -14.65 3.62 33.86
CA LEU C 9 -15.84 4.46 33.76
C LEU C 9 -17.06 3.62 34.08
N GLU C 10 -18.18 4.26 34.42
CA GLU C 10 -19.39 3.58 34.86
C GLU C 10 -20.37 3.45 33.70
N GLU C 11 -20.55 2.22 33.20
CA GLU C 11 -21.52 1.94 32.13
C GLU C 11 -22.14 0.57 32.43
N ALA C 12 -23.37 0.58 32.93
CA ALA C 12 -24.02 -0.66 33.32
C ALA C 12 -24.23 -1.56 32.11
N PRO C 13 -24.07 -2.89 32.26
CA PRO C 13 -23.65 -3.45 33.55
C PRO C 13 -22.14 -3.64 33.73
N PHE C 14 -21.33 -3.10 32.82
CA PHE C 14 -19.91 -3.44 32.82
C PHE C 14 -19.20 -2.77 33.99
N VAL C 15 -19.68 -1.62 34.43
CA VAL C 15 -19.00 -0.97 35.53
C VAL C 15 -20.02 -0.31 36.43
N ILE C 16 -20.65 -1.12 37.27
CA ILE C 16 -21.70 -0.69 38.18
C ILE C 16 -21.04 -0.15 39.43
N VAL C 17 -21.15 1.16 39.65
CA VAL C 17 -20.56 1.85 40.80
C VAL C 17 -21.63 1.98 41.87
N GLU C 18 -21.28 1.61 43.10
CA GLU C 18 -22.19 1.65 44.23
C GLU C 18 -21.46 2.23 45.44
N ASP C 19 -22.23 2.90 46.30
CA ASP C 19 -21.70 3.44 47.54
C ASP C 19 -21.69 2.37 48.63
N VAL C 20 -20.85 2.58 49.64
CA VAL C 20 -20.70 1.60 50.71
C VAL C 20 -21.94 1.58 51.59
N ASP C 21 -22.22 0.42 52.19
CA ASP C 21 -23.34 0.30 53.10
C ASP C 21 -22.99 0.93 54.44
N PRO C 22 -23.80 1.86 54.95
CA PRO C 22 -23.45 2.51 56.23
C PRO C 22 -23.51 1.58 57.43
N LEU C 23 -24.25 0.47 57.34
CA LEU C 23 -24.34 -0.45 58.48
C LEU C 23 -23.11 -1.34 58.57
N SER C 24 -22.61 -1.82 57.42
CA SER C 24 -21.46 -2.71 57.42
C SER C 24 -20.13 -1.97 57.33
N GLY C 25 -20.13 -0.71 56.89
CA GLY C 25 -18.92 0.07 56.79
C GLY C 25 -18.16 -0.14 55.49
N THR C 26 -17.51 -1.30 55.36
CA THR C 26 -16.73 -1.61 54.17
C THR C 26 -17.64 -2.21 53.10
N CYS C 27 -17.05 -2.67 52.00
CA CYS C 27 -17.77 -3.26 50.89
C CYS C 27 -17.50 -4.75 50.85
N MET C 28 -18.55 -5.55 50.94
CA MET C 28 -18.44 -7.00 50.91
C MET C 28 -18.89 -7.53 49.54
N ARG C 29 -18.80 -8.85 49.39
CA ARG C 29 -19.29 -9.56 48.20
C ARG C 29 -18.55 -9.12 46.93
N ASN C 30 -17.24 -9.36 46.94
CA ASN C 30 -16.39 -9.24 45.75
C ASN C 30 -16.46 -7.85 45.12
N THR C 31 -16.71 -6.82 45.93
CA THR C 31 -16.67 -5.46 45.43
C THR C 31 -15.24 -4.95 45.38
N VAL C 32 -14.98 -4.01 44.46
CA VAL C 32 -13.64 -3.46 44.30
C VAL C 32 -13.64 -2.01 44.77
N PRO C 33 -12.56 -1.54 45.40
CA PRO C 33 -12.50 -0.13 45.78
C PRO C 33 -12.12 0.76 44.61
N CYS C 34 -12.83 1.87 44.48
CA CYS C 34 -12.58 2.85 43.42
C CYS C 34 -12.85 4.24 43.95
N ARG C 35 -11.86 5.12 43.86
CA ARG C 35 -11.91 6.43 44.49
C ARG C 35 -12.26 7.52 43.47
N LYS C 36 -12.41 8.75 43.97
CA LYS C 36 -12.73 9.90 43.13
C LYS C 36 -12.38 11.16 43.89
N GLN C 37 -11.38 11.90 43.41
CA GLN C 37 -10.95 13.13 44.08
C GLN C 37 -11.73 14.33 43.54
N GLY C 48 -7.01 17.89 48.02
CA GLY C 48 -6.17 16.71 48.18
C GLY C 48 -6.89 15.49 48.69
N ASN C 49 -8.14 15.67 49.11
CA ASN C 49 -8.94 14.57 49.64
C ASN C 49 -9.78 13.94 48.52
N TYR C 50 -9.97 12.63 48.61
CA TYR C 50 -10.69 11.85 47.61
C TYR C 50 -11.74 10.98 48.28
N ILE C 51 -12.97 11.05 47.77
CA ILE C 51 -14.04 10.21 48.30
C ILE C 51 -13.89 8.79 47.77
N LYS C 52 -14.52 7.84 48.45
CA LYS C 52 -14.38 6.43 48.14
C LYS C 52 -15.73 5.82 47.75
N ARG C 53 -15.70 4.95 46.73
CA ARG C 53 -16.85 4.19 46.29
C ARG C 53 -16.39 2.77 45.97
N CYS C 54 -17.33 1.92 45.55
CA CYS C 54 -17.04 0.52 45.28
C CYS C 54 -17.63 0.13 43.93
N CYS C 55 -16.75 -0.24 43.00
CA CYS C 55 -17.12 -0.63 41.66
C CYS C 55 -17.22 -2.15 41.55
N LYS C 56 -18.15 -2.61 40.70
CA LYS C 56 -18.37 -4.03 40.46
C LYS C 56 -19.21 -4.20 39.20
N GLY C 57 -18.88 -5.25 38.42
CA GLY C 57 -19.62 -5.52 37.20
C GLY C 57 -19.05 -6.71 36.46
N PHE C 58 -19.41 -6.82 35.19
CA PHE C 58 -18.90 -7.90 34.34
C PHE C 58 -17.44 -7.68 33.98
N CYS C 59 -17.14 -6.53 33.37
CA CYS C 59 -15.75 -6.20 33.05
C CYS C 59 -14.89 -6.13 34.30
N ILE C 60 -15.48 -5.78 35.45
CA ILE C 60 -14.75 -5.81 36.71
C ILE C 60 -14.46 -7.25 37.11
N ASP C 61 -15.36 -8.18 36.80
CA ASP C 61 -15.07 -9.59 37.06
C ASP C 61 -13.96 -10.09 36.14
N ILE C 62 -13.98 -9.68 34.88
CA ILE C 62 -12.89 -10.06 33.97
C ILE C 62 -11.57 -9.46 34.43
N LEU C 63 -11.60 -8.26 35.00
CA LEU C 63 -10.37 -7.64 35.51
C LEU C 63 -9.88 -8.37 36.75
N LYS C 64 -10.79 -8.78 37.63
CA LYS C 64 -10.40 -9.54 38.82
C LYS C 64 -9.83 -10.90 38.44
N LYS C 65 -10.43 -11.56 37.44
CA LYS C 65 -9.88 -12.83 36.98
C LYS C 65 -8.52 -12.62 36.32
N ILE C 66 -8.35 -11.50 35.60
CA ILE C 66 -7.06 -11.20 34.98
C ILE C 66 -6.01 -10.96 36.06
N ALA C 67 -6.41 -10.33 37.16
CA ALA C 67 -5.49 -10.14 38.28
C ALA C 67 -5.18 -11.45 38.98
N LYS C 68 -6.12 -12.40 38.97
CA LYS C 68 -5.83 -13.72 39.55
C LYS C 68 -4.86 -14.49 38.67
N THR C 69 -4.99 -14.36 37.35
CA THR C 69 -4.12 -15.08 36.43
C THR C 69 -2.72 -14.48 36.42
N VAL C 70 -2.62 -13.19 36.11
CA VAL C 70 -1.34 -12.47 36.14
C VAL C 70 -1.23 -11.81 37.50
N LYS C 71 -0.28 -12.26 38.30
CA LYS C 71 -0.17 -11.78 39.68
C LYS C 71 0.33 -10.33 39.69
N PHE C 72 -0.49 -9.44 40.25
CA PHE C 72 -0.10 -8.05 40.48
C PHE C 72 -1.20 -7.38 41.31
N THR C 73 -0.80 -6.49 42.20
CA THR C 73 -1.74 -5.74 43.01
C THR C 73 -2.20 -4.49 42.26
N TYR C 74 -3.41 -4.04 42.57
CA TYR C 74 -3.97 -2.90 41.87
C TYR C 74 -4.83 -2.08 42.82
N ASP C 75 -4.80 -0.76 42.63
CA ASP C 75 -5.64 0.18 43.37
C ASP C 75 -6.49 0.92 42.34
N LEU C 76 -7.74 0.51 42.21
CA LEU C 76 -8.62 1.06 41.18
C LEU C 76 -9.10 2.45 41.56
N TYR C 77 -9.26 3.31 40.55
CA TYR C 77 -9.77 4.66 40.76
C TYR C 77 -10.65 5.05 39.59
N LEU C 78 -11.68 5.85 39.86
CA LEU C 78 -12.66 6.22 38.86
C LEU C 78 -12.27 7.51 38.16
N VAL C 79 -12.74 7.66 36.92
CA VAL C 79 -12.39 8.81 36.09
C VAL C 79 -13.24 10.00 36.49
N THR C 80 -12.64 11.19 36.43
CA THR C 80 -13.33 12.42 36.79
C THR C 80 -13.45 13.38 35.61
N ASN C 81 -12.33 13.72 34.97
CA ASN C 81 -12.32 14.66 33.85
C ASN C 81 -12.70 14.01 32.53
N GLY C 82 -13.62 13.06 32.54
CA GLY C 82 -14.06 12.42 31.31
C GLY C 82 -14.85 11.15 31.53
N LYS C 83 -15.77 10.85 30.62
CA LYS C 83 -16.52 9.59 30.64
C LYS C 83 -15.79 8.55 29.80
N HIS C 84 -15.73 8.78 28.49
CA HIS C 84 -14.94 7.99 27.57
C HIS C 84 -13.97 8.90 26.84
N GLY C 85 -13.02 8.29 26.14
CA GLY C 85 -11.91 9.05 25.57
C GLY C 85 -12.33 9.87 24.35
N LYS C 86 -11.75 11.06 24.24
CA LYS C 86 -11.99 11.95 23.11
C LYS C 86 -10.80 12.86 22.94
N LYS C 87 -10.74 13.51 21.77
CA LYS C 87 -9.64 14.42 21.43
C LYS C 87 -10.25 15.75 21.01
N ILE C 88 -10.07 16.78 21.84
CA ILE C 88 -10.63 18.09 21.59
C ILE C 88 -9.49 19.09 21.40
N ASN C 89 -9.51 19.81 20.28
CA ASN C 89 -8.53 20.87 19.98
C ASN C 89 -7.10 20.32 20.03
N GLY C 90 -6.92 19.04 19.71
CA GLY C 90 -5.60 18.44 19.77
C GLY C 90 -5.13 18.03 21.14
N VAL C 91 -5.98 18.14 22.17
CA VAL C 91 -5.64 17.76 23.53
C VAL C 91 -6.45 16.52 23.89
N TRP C 92 -5.82 15.60 24.61
CA TRP C 92 -6.42 14.31 24.91
C TRP C 92 -7.06 14.36 26.31
N ASN C 93 -8.35 14.02 26.38
CA ASN C 93 -9.08 14.03 27.63
C ASN C 93 -9.96 12.79 27.70
N GLY C 94 -10.29 12.39 28.91
CA GLY C 94 -11.13 11.23 29.15
C GLY C 94 -10.37 10.09 29.79
N MET C 95 -10.95 8.89 29.68
CA MET C 95 -10.33 7.69 30.25
C MET C 95 -8.99 7.41 29.60
N ILE C 96 -8.96 7.40 28.25
CA ILE C 96 -7.70 7.25 27.55
C ILE C 96 -6.78 8.43 27.82
N GLY C 97 -7.32 9.58 28.21
CA GLY C 97 -6.49 10.68 28.64
C GLY C 97 -5.78 10.38 29.96
N GLU C 98 -6.49 9.73 30.88
CA GLU C 98 -5.85 9.27 32.11
C GLU C 98 -4.87 8.14 31.82
N VAL C 99 -5.11 7.36 30.76
CA VAL C 99 -4.15 6.34 30.38
C VAL C 99 -2.89 6.99 29.80
N VAL C 100 -3.03 8.13 29.14
CA VAL C 100 -1.86 8.87 28.67
C VAL C 100 -1.26 9.74 29.77
N THR C 101 -2.05 10.11 30.77
CA THR C 101 -1.56 10.88 31.92
C THR C 101 -0.62 10.07 32.81
N LYS C 102 -0.43 8.79 32.51
CA LYS C 102 0.39 7.88 33.30
C LYS C 102 -0.16 7.70 34.71
N ARG C 103 -1.30 8.33 35.02
CA ARG C 103 -1.95 8.16 36.30
C ARG C 103 -2.69 6.85 36.43
N ALA C 104 -2.78 6.07 35.36
CA ALA C 104 -3.44 4.77 35.40
C ALA C 104 -2.70 3.83 34.46
N TYR C 105 -2.14 2.75 35.01
CA TYR C 105 -1.38 1.81 34.18
C TYR C 105 -2.27 1.08 33.19
N MET C 106 -3.53 0.80 33.57
CA MET C 106 -4.45 0.09 32.71
C MET C 106 -5.83 0.73 32.81
N ALA C 107 -6.63 0.53 31.77
CA ALA C 107 -8.00 1.03 31.70
C ALA C 107 -8.89 -0.08 31.17
N VAL C 108 -9.66 -0.71 32.06
CA VAL C 108 -10.49 -1.86 31.71
C VAL C 108 -11.92 -1.56 32.14
N GLY C 109 -12.86 -1.78 31.22
CA GLY C 109 -14.28 -1.56 31.49
C GLY C 109 -15.12 -1.84 30.26
N SER C 110 -16.16 -1.02 30.04
CA SER C 110 -16.97 -1.10 28.83
C SER C 110 -16.38 -0.22 27.73
N LEU C 111 -15.12 -0.50 27.41
CA LEU C 111 -14.31 0.35 26.54
C LEU C 111 -14.11 -0.33 25.19
N THR C 112 -14.62 0.28 24.14
CA THR C 112 -14.42 -0.25 22.80
C THR C 112 -13.03 0.11 22.27
N ILE C 113 -12.56 -0.67 21.32
CA ILE C 113 -11.24 -0.49 20.72
C ILE C 113 -11.43 0.19 19.37
N ASN C 114 -10.95 1.43 19.26
CA ASN C 114 -10.96 2.15 17.99
C ASN C 114 -9.52 2.41 17.56
N GLU C 115 -9.37 3.01 16.37
CA GLU C 115 -8.04 3.12 15.78
C GLU C 115 -7.23 4.22 16.45
N GLU C 116 -7.81 5.41 16.60
CA GLU C 116 -7.07 6.55 17.12
C GLU C 116 -6.46 6.26 18.48
N ARG C 117 -7.18 5.51 19.33
CA ARG C 117 -6.65 5.14 20.63
C ARG C 117 -5.54 4.11 20.49
N SER C 118 -5.68 3.19 19.52
CA SER C 118 -4.66 2.16 19.33
C SER C 118 -3.32 2.75 18.92
N GLU C 119 -3.31 4.01 18.46
CA GLU C 119 -2.05 4.65 18.09
C GLU C 119 -1.26 5.09 19.32
N VAL C 120 -1.95 5.45 20.39
CA VAL C 120 -1.28 5.96 21.58
C VAL C 120 -1.19 4.93 22.70
N VAL C 121 -2.16 4.01 22.81
CA VAL C 121 -2.16 3.03 23.88
C VAL C 121 -2.12 1.62 23.31
N ASP C 122 -2.07 0.63 24.19
CA ASP C 122 -2.22 -0.76 23.79
C ASP C 122 -3.61 -1.23 24.16
N PHE C 123 -4.01 -2.37 23.59
CA PHE C 123 -5.30 -2.97 23.91
C PHE C 123 -5.13 -4.48 24.03
N SER C 124 -5.85 -5.05 24.99
CA SER C 124 -5.81 -6.49 25.20
C SER C 124 -6.68 -7.18 24.14
N VAL C 125 -6.88 -8.47 24.29
CA VAL C 125 -7.86 -9.14 23.44
C VAL C 125 -9.26 -8.71 23.86
N PRO C 126 -10.19 -8.55 22.93
CA PRO C 126 -11.52 -8.02 23.29
C PRO C 126 -12.28 -8.94 24.24
N PHE C 127 -13.17 -8.32 25.02
CA PHE C 127 -14.10 -9.09 25.84
C PHE C 127 -15.27 -9.60 25.01
N ILE C 128 -16.18 -8.71 24.62
CA ILE C 128 -17.34 -9.05 23.81
C ILE C 128 -17.31 -8.18 22.57
N GLU C 129 -17.71 -8.76 21.44
CA GLU C 129 -17.75 -8.02 20.17
C GLU C 129 -18.81 -6.92 20.26
N THR C 130 -18.40 -5.68 20.01
CA THR C 130 -19.27 -4.53 20.14
C THR C 130 -19.15 -3.65 18.90
N GLY C 131 -20.20 -2.89 18.63
CA GLY C 131 -20.20 -2.03 17.48
C GLY C 131 -21.36 -1.07 17.51
N ILE C 132 -21.67 -0.51 16.35
CA ILE C 132 -22.77 0.42 16.21
C ILE C 132 -24.05 -0.36 15.94
N SER C 133 -25.09 -0.08 16.71
CA SER C 133 -26.37 -0.75 16.56
C SER C 133 -27.48 0.23 16.97
N VAL C 134 -28.63 0.08 16.33
CA VAL C 134 -29.77 0.96 16.53
C VAL C 134 -30.91 0.18 17.17
N MET C 135 -31.54 0.78 18.18
CA MET C 135 -32.70 0.21 18.84
C MET C 135 -33.83 1.22 18.81
N VAL C 136 -35.04 0.75 18.49
CA VAL C 136 -36.22 1.61 18.42
C VAL C 136 -37.43 0.89 18.98
N SER C 146 -61.56 -0.77 18.38
CA SER C 146 -60.61 -1.82 18.06
C SER C 146 -60.44 -1.98 16.55
N ALA C 147 -59.62 -2.95 16.14
CA ALA C 147 -59.36 -3.22 14.74
C ALA C 147 -59.55 -4.71 14.42
N PHE C 148 -60.45 -5.37 15.16
CA PHE C 148 -60.69 -6.79 14.91
C PHE C 148 -61.69 -7.01 13.78
N LEU C 149 -62.83 -6.33 13.84
CA LEU C 149 -63.85 -6.43 12.80
C LEU C 149 -63.57 -5.49 11.62
N GLU C 150 -62.38 -4.93 11.53
CA GLU C 150 -62.00 -4.00 10.48
C GLU C 150 -61.90 -4.65 9.10
N PRO C 151 -61.36 -5.89 8.94
CA PRO C 151 -61.23 -6.46 7.60
C PRO C 151 -62.55 -6.72 6.88
N PHE C 152 -63.67 -6.30 7.46
CA PHE C 152 -64.96 -6.46 6.81
C PHE C 152 -65.18 -5.44 5.70
N SER C 153 -64.63 -4.24 5.84
CA SER C 153 -64.75 -3.26 4.76
C SER C 153 -66.06 -2.52 4.83
N ALA C 154 -66.93 -2.96 5.72
CA ALA C 154 -68.11 -2.19 6.08
C ALA C 154 -69.24 -2.44 5.11
N ASP C 155 -68.93 -3.12 4.02
CA ASP C 155 -69.97 -3.61 3.14
C ASP C 155 -70.56 -4.87 3.75
N VAL C 156 -69.70 -5.77 4.21
CA VAL C 156 -70.25 -7.05 4.63
C VAL C 156 -71.59 -6.85 5.32
N TRP C 157 -71.74 -5.75 6.06
CA TRP C 157 -73.02 -5.49 6.73
C TRP C 157 -74.08 -5.04 5.74
N VAL C 158 -73.72 -4.20 4.77
CA VAL C 158 -74.67 -3.74 3.78
C VAL C 158 -75.05 -4.86 2.82
N MET C 159 -74.07 -5.65 2.38
CA MET C 159 -74.34 -6.78 1.50
C MET C 159 -75.10 -7.87 2.24
N MET C 160 -74.84 -8.06 3.53
CA MET C 160 -75.59 -9.04 4.31
C MET C 160 -77.01 -8.56 4.59
N PHE C 161 -77.22 -7.25 4.69
CA PHE C 161 -78.55 -6.71 4.93
C PHE C 161 -79.40 -6.76 3.66
N VAL C 162 -78.85 -6.31 2.53
CA VAL C 162 -79.58 -6.40 1.27
C VAL C 162 -79.78 -7.85 0.87
N MET C 163 -78.80 -8.71 1.14
CA MET C 163 -78.96 -10.13 0.90
C MET C 163 -80.03 -10.72 1.82
N LEU C 164 -80.16 -10.19 3.04
CA LEU C 164 -81.23 -10.64 3.94
C LEU C 164 -82.59 -10.22 3.42
N LEU C 165 -82.70 -9.00 2.89
CA LEU C 165 -83.94 -8.58 2.24
C LEU C 165 -84.25 -9.48 1.05
N ILE C 166 -83.23 -9.92 0.32
CA ILE C 166 -83.44 -10.89 -0.75
C ILE C 166 -83.92 -12.21 -0.18
N VAL C 167 -83.47 -12.57 1.03
CA VAL C 167 -83.96 -13.79 1.67
C VAL C 167 -85.44 -13.67 2.00
N SER C 168 -85.87 -12.50 2.50
CA SER C 168 -87.28 -12.30 2.79
C SER C 168 -88.12 -12.35 1.51
N ALA C 169 -87.66 -11.65 0.47
CA ALA C 169 -88.40 -11.64 -0.80
C ALA C 169 -88.50 -13.03 -1.41
N VAL C 170 -87.46 -13.85 -1.24
CA VAL C 170 -87.54 -15.23 -1.69
C VAL C 170 -88.50 -16.03 -0.82
N ALA C 171 -88.58 -15.70 0.47
CA ALA C 171 -89.46 -16.43 1.37
C ALA C 171 -90.93 -16.18 1.05
N VAL C 172 -91.29 -14.93 0.75
CA VAL C 172 -92.68 -14.60 0.44
C VAL C 172 -93.17 -15.39 -0.76
N PHE C 173 -92.35 -15.45 -1.82
CA PHE C 173 -92.73 -16.22 -3.01
C PHE C 173 -92.67 -17.72 -2.75
N VAL C 174 -91.76 -18.17 -1.89
CA VAL C 174 -91.67 -19.59 -1.58
C VAL C 174 -92.82 -20.06 -0.69
N PHE C 175 -93.55 -19.13 -0.07
CA PHE C 175 -94.64 -19.50 0.82
C PHE C 175 -95.75 -20.24 0.09
N GLU C 176 -96.13 -19.76 -1.09
CA GLU C 176 -97.19 -20.38 -1.87
C GLU C 176 -96.63 -21.13 -3.07
N PRO C 186 -97.05 -26.28 12.39
CA PRO C 186 -97.02 -24.94 12.98
C PRO C 186 -96.92 -23.83 11.94
N SER C 187 -96.54 -22.64 12.38
CA SER C 187 -96.38 -21.49 11.50
C SER C 187 -94.93 -21.04 11.50
N PHE C 188 -94.52 -20.41 10.39
CA PHE C 188 -93.14 -19.95 10.20
C PHE C 188 -93.18 -18.51 9.70
N THR C 189 -92.88 -17.57 10.59
CA THR C 189 -92.81 -16.17 10.22
C THR C 189 -91.52 -15.90 9.46
N ILE C 190 -91.41 -14.67 8.92
CA ILE C 190 -90.21 -14.29 8.19
C ILE C 190 -89.04 -14.05 9.15
N GLY C 191 -89.34 -13.70 10.41
CA GLY C 191 -88.27 -13.42 11.35
C GLY C 191 -87.45 -14.65 11.69
N LYS C 192 -88.12 -15.78 11.96
CA LYS C 192 -87.40 -17.01 12.25
C LYS C 192 -86.60 -17.49 11.04
N ALA C 193 -87.08 -17.21 9.83
CA ALA C 193 -86.33 -17.57 8.63
C ALA C 193 -85.14 -16.65 8.40
N ILE C 194 -85.23 -15.39 8.86
CA ILE C 194 -84.04 -14.53 8.86
C ILE C 194 -83.04 -15.04 9.90
N TRP C 195 -83.55 -15.52 11.04
CA TRP C 195 -82.72 -16.20 12.01
C TRP C 195 -82.03 -17.41 11.38
N LEU C 196 -82.73 -18.12 10.50
CA LEU C 196 -82.15 -19.29 9.85
C LEU C 196 -81.09 -18.89 8.82
N LEU C 197 -81.38 -17.87 8.00
CA LEU C 197 -80.43 -17.44 6.98
C LEU C 197 -79.16 -16.88 7.61
N TRP C 198 -79.32 -16.03 8.63
CA TRP C 198 -78.15 -15.50 9.33
C TRP C 198 -77.41 -16.59 10.09
N GLY C 199 -78.14 -17.58 10.61
CA GLY C 199 -77.48 -18.73 11.20
C GLY C 199 -76.59 -19.45 10.21
N LEU C 200 -77.13 -19.73 9.01
CA LEU C 200 -76.32 -20.37 7.97
C LEU C 200 -75.13 -19.51 7.57
N VAL C 201 -75.31 -18.18 7.53
CA VAL C 201 -74.21 -17.29 7.17
C VAL C 201 -73.09 -17.38 8.19
N PHE C 202 -73.43 -17.54 9.46
CA PHE C 202 -72.44 -17.63 10.55
C PHE C 202 -72.17 -19.09 10.93
N ASN C 203 -71.93 -19.93 9.92
CA ASN C 203 -71.51 -21.32 10.10
C ASN C 203 -72.57 -22.16 10.81
N ASN C 204 -73.82 -22.03 10.36
CA ASN C 204 -74.94 -22.82 10.86
C ASN C 204 -75.00 -22.80 12.39
N SER C 205 -74.80 -23.96 13.00
CA SER C 205 -74.76 -24.11 14.46
C SER C 205 -76.05 -23.56 15.09
N LEU C 206 -77.16 -24.16 14.67
CA LEU C 206 -78.46 -23.61 14.98
C LEU C 206 -79.46 -24.74 15.14
N PRO C 207 -80.45 -24.58 16.01
CA PRO C 207 -81.42 -25.66 16.24
C PRO C 207 -82.83 -25.42 15.72
N VAL C 208 -83.10 -24.29 15.06
CA VAL C 208 -84.44 -24.04 14.53
C VAL C 208 -84.71 -24.92 13.31
N GLN C 209 -85.99 -25.04 12.96
CA GLN C 209 -86.42 -25.88 11.86
C GLN C 209 -86.24 -25.17 10.53
N ASN C 210 -85.79 -25.92 9.52
CA ASN C 210 -85.59 -25.37 8.19
C ASN C 210 -86.92 -25.14 7.50
N PRO C 211 -86.93 -24.43 6.37
CA PRO C 211 -88.20 -24.13 5.68
C PRO C 211 -88.78 -25.35 4.99
N LYS C 212 -89.81 -25.14 4.15
CA LYS C 212 -90.54 -26.24 3.53
C LYS C 212 -90.64 -26.17 2.02
N GLY C 213 -90.38 -25.02 1.39
CA GLY C 213 -90.54 -24.91 -0.06
C GLY C 213 -89.31 -25.36 -0.82
N THR C 214 -89.54 -25.83 -2.04
CA THR C 214 -88.42 -26.22 -2.91
C THR C 214 -87.63 -25.00 -3.35
N THR C 215 -88.32 -23.87 -3.57
CA THR C 215 -87.62 -22.61 -3.80
C THR C 215 -86.70 -22.28 -2.64
N SER C 216 -87.09 -22.63 -1.42
CA SER C 216 -86.21 -22.51 -0.28
C SER C 216 -85.10 -23.55 -0.29
N LYS C 217 -85.25 -24.62 -1.05
CA LYS C 217 -84.18 -25.59 -1.18
C LYS C 217 -83.10 -25.09 -2.15
N ILE C 218 -83.52 -24.56 -3.30
CA ILE C 218 -82.55 -23.99 -4.24
C ILE C 218 -81.91 -22.74 -3.65
N MET C 219 -82.74 -21.80 -3.18
CA MET C 219 -82.21 -20.59 -2.56
C MET C 219 -81.42 -20.91 -1.29
N VAL C 220 -81.76 -22.00 -0.61
CA VAL C 220 -80.99 -22.40 0.57
C VAL C 220 -79.62 -22.94 0.15
N SER C 221 -79.56 -23.65 -0.98
CA SER C 221 -78.27 -24.13 -1.47
C SER C 221 -77.38 -22.97 -1.91
N VAL C 222 -77.95 -22.02 -2.65
CA VAL C 222 -77.17 -20.84 -3.06
C VAL C 222 -76.72 -20.05 -1.84
N TRP C 223 -77.63 -19.87 -0.87
CA TRP C 223 -77.28 -19.14 0.34
C TRP C 223 -76.24 -19.89 1.17
N ALA C 224 -76.19 -21.22 1.05
CA ALA C 224 -75.16 -21.99 1.72
C ALA C 224 -73.81 -21.81 1.03
N PHE C 225 -73.81 -21.77 -0.30
CA PHE C 225 -72.59 -21.41 -1.01
C PHE C 225 -72.08 -20.05 -0.54
N PHE C 226 -72.96 -19.04 -0.53
CA PHE C 226 -72.58 -17.74 0.02
C PHE C 226 -72.21 -17.82 1.49
N ALA C 227 -72.65 -18.87 2.19
CA ALA C 227 -72.34 -19.02 3.61
C ALA C 227 -70.91 -19.49 3.83
N VAL C 228 -70.53 -20.60 3.18
CA VAL C 228 -69.15 -21.07 3.31
C VAL C 228 -68.18 -20.08 2.68
N ILE C 229 -68.61 -19.37 1.62
CA ILE C 229 -67.74 -18.39 1.01
C ILE C 229 -67.57 -17.17 1.91
N PHE C 230 -68.67 -16.70 2.52
CA PHE C 230 -68.57 -15.54 3.39
C PHE C 230 -67.80 -15.85 4.67
N LEU C 231 -68.13 -16.96 5.32
CA LEU C 231 -67.41 -17.34 6.54
C LEU C 231 -65.95 -17.64 6.24
N ALA C 232 -65.68 -18.31 5.10
CA ALA C 232 -64.31 -18.54 4.68
C ALA C 232 -63.56 -17.23 4.49
N SER C 233 -64.20 -16.24 3.87
CA SER C 233 -63.57 -14.94 3.68
C SER C 233 -63.32 -14.25 5.01
N TYR C 234 -64.24 -14.40 5.97
CA TYR C 234 -64.02 -13.81 7.29
C TYR C 234 -62.83 -14.46 7.99
N THR C 235 -62.68 -15.78 7.86
CA THR C 235 -61.51 -16.44 8.42
C THR C 235 -60.22 -15.97 7.76
N ALA C 236 -60.23 -15.91 6.43
CA ALA C 236 -59.01 -15.54 5.70
C ALA C 236 -58.60 -14.10 5.97
N ASN C 237 -59.57 -13.19 6.06
CA ASN C 237 -59.23 -11.80 6.33
C ASN C 237 -58.83 -11.60 7.78
N LEU C 238 -59.53 -12.26 8.72
CA LEU C 238 -59.16 -12.19 10.12
C LEU C 238 -57.75 -12.72 10.35
N ALA C 239 -57.35 -13.74 9.58
CA ALA C 239 -55.97 -14.20 9.63
C ALA C 239 -55.04 -13.33 8.81
N ALA C 240 -55.58 -12.49 7.91
CA ALA C 240 -54.75 -11.66 7.05
C ALA C 240 -54.30 -10.39 7.76
N PHE C 241 -55.22 -9.71 8.45
CA PHE C 241 -54.87 -8.48 9.15
C PHE C 241 -53.87 -8.74 10.28
N MET C 242 -53.82 -9.96 10.82
CA MET C 242 -52.87 -10.31 11.85
C MET C 242 -51.50 -10.69 11.30
N ILE C 243 -51.36 -10.75 9.97
CA ILE C 243 -50.08 -11.10 9.35
C ILE C 243 -49.37 -9.90 8.77
N GLN C 244 -49.91 -8.69 8.94
CA GLN C 244 -49.28 -7.48 8.42
C GLN C 244 -49.51 -6.30 9.35
N GLY C 253 -38.90 -1.01 10.26
CA GLY C 253 -38.70 0.09 11.19
C GLY C 253 -38.09 1.31 10.54
N LEU C 254 -37.06 1.09 9.72
CA LEU C 254 -36.38 2.17 8.99
C LEU C 254 -36.75 2.07 7.52
N SER C 255 -37.29 3.15 6.97
CA SER C 255 -37.73 3.18 5.58
C SER C 255 -36.57 3.67 4.72
N ASP C 256 -36.03 2.76 3.91
CA ASP C 256 -34.93 3.07 2.99
C ASP C 256 -33.75 3.58 3.81
N LYS C 257 -33.15 4.71 3.47
CA LYS C 257 -32.07 5.26 4.27
C LYS C 257 -32.48 6.60 4.88
N LYS C 258 -33.49 6.56 5.77
CA LYS C 258 -33.94 7.78 6.43
C LYS C 258 -32.82 8.42 7.24
N PHE C 259 -31.88 7.62 7.73
CA PHE C 259 -30.73 8.16 8.44
C PHE C 259 -29.81 8.91 7.48
N GLN C 260 -29.64 8.39 6.26
CA GLN C 260 -28.79 9.04 5.27
C GLN C 260 -29.46 10.26 4.65
N ARG C 261 -30.77 10.20 4.44
CA ARG C 261 -31.53 11.32 3.88
C ARG C 261 -32.72 11.59 4.80
N PRO C 262 -32.66 12.69 5.57
CA PRO C 262 -33.73 13.00 6.53
C PRO C 262 -35.06 13.30 5.89
N ASN C 263 -35.07 14.19 4.91
CA ASN C 263 -36.29 14.68 4.30
C ASN C 263 -36.90 13.60 3.42
N ASP C 264 -37.24 12.46 4.00
CA ASP C 264 -37.89 11.38 3.28
C ASP C 264 -39.28 11.14 3.85
N PHE C 265 -39.38 10.33 4.89
CA PHE C 265 -40.66 10.08 5.54
C PHE C 265 -41.03 11.25 6.43
N SER C 266 -42.30 11.65 6.37
CA SER C 266 -42.79 12.77 7.17
C SER C 266 -43.71 12.26 8.27
N PRO C 267 -43.50 12.67 9.54
CA PRO C 267 -42.45 13.60 9.99
C PRO C 267 -41.05 13.00 9.95
N ALA C 268 -40.04 13.86 9.80
CA ALA C 268 -38.68 13.40 9.53
C ALA C 268 -37.88 13.26 10.83
N PHE C 269 -36.67 12.70 10.68
CA PHE C 269 -35.68 12.56 11.75
C PHE C 269 -36.10 11.70 12.96
N ARG C 270 -35.98 12.25 14.17
CA ARG C 270 -36.25 11.53 15.42
C ARG C 270 -35.17 10.62 16.01
N PHE C 271 -33.90 10.80 15.64
CA PHE C 271 -32.89 9.83 16.03
C PHE C 271 -31.62 10.56 16.45
N GLY C 272 -30.79 9.87 17.22
CA GLY C 272 -29.57 10.48 17.71
C GLY C 272 -28.75 9.50 18.52
N THR C 273 -27.78 10.05 19.25
CA THR C 273 -26.86 9.24 20.05
C THR C 273 -26.41 10.07 21.26
N VAL C 274 -25.39 9.59 21.96
CA VAL C 274 -24.86 10.26 23.14
C VAL C 274 -23.71 11.16 22.68
N PRO C 275 -23.71 12.45 23.02
CA PRO C 275 -22.71 13.33 22.43
C PRO C 275 -21.33 12.93 22.94
N ASN C 276 -20.30 13.42 22.24
CA ASN C 276 -18.90 13.26 22.65
C ASN C 276 -18.58 11.91 23.27
N GLY C 277 -19.12 10.85 22.66
CA GLY C 277 -18.83 9.50 23.08
C GLY C 277 -18.37 8.67 21.90
N SER C 278 -18.18 7.39 22.16
CA SER C 278 -17.81 6.48 21.09
C SER C 278 -18.99 6.25 20.15
N THR C 279 -18.69 5.66 18.99
CA THR C 279 -19.66 5.37 17.94
C THR C 279 -20.25 6.66 17.36
N GLU C 280 -19.79 7.81 17.84
CA GLU C 280 -20.22 9.08 17.28
C GLU C 280 -19.14 9.74 16.44
N ARG C 281 -17.87 9.51 16.77
CA ARG C 281 -16.79 10.09 15.97
C ARG C 281 -16.72 9.41 14.61
N ASN C 282 -17.13 8.14 14.53
CA ASN C 282 -17.09 7.42 13.26
C ASN C 282 -18.06 8.02 12.25
N ILE C 283 -19.22 8.50 12.73
CA ILE C 283 -20.20 9.08 11.83
C ILE C 283 -19.70 10.42 11.28
N ARG C 284 -18.99 11.19 12.11
CA ARG C 284 -18.50 12.48 11.66
C ARG C 284 -17.42 12.33 10.61
N ASN C 285 -16.50 11.38 10.82
CA ASN C 285 -15.42 11.18 9.86
C ASN C 285 -15.88 10.45 8.61
N ASN C 286 -17.06 9.83 8.64
CA ASN C 286 -17.59 9.15 7.46
C ASN C 286 -18.46 10.08 6.62
N TYR C 287 -19.54 10.58 7.22
CA TYR C 287 -20.46 11.50 6.55
C TYR C 287 -20.67 12.72 7.45
N LEU C 288 -20.04 13.83 7.09
CA LEU C 288 -20.18 15.04 7.90
C LEU C 288 -21.62 15.53 7.96
N GLU C 289 -22.38 15.30 6.89
CA GLU C 289 -23.78 15.72 6.89
C GLU C 289 -24.59 14.94 7.92
N MET C 290 -24.32 13.64 8.06
CA MET C 290 -25.06 12.83 9.01
C MET C 290 -24.74 13.20 10.45
N HIS C 291 -23.51 13.66 10.73
CA HIS C 291 -23.15 14.07 12.08
C HIS C 291 -23.69 15.45 12.39
N SER C 292 -23.53 16.39 11.47
CA SER C 292 -24.13 17.71 11.65
C SER C 292 -25.64 17.60 11.80
N TYR C 293 -26.24 16.59 11.18
CA TYR C 293 -27.67 16.36 11.31
C TYR C 293 -28.02 15.71 12.64
N MET C 294 -27.25 14.71 13.06
CA MET C 294 -27.55 14.01 14.31
C MET C 294 -27.23 14.84 15.53
N VAL C 295 -26.43 15.91 15.39
CA VAL C 295 -26.06 16.72 16.54
C VAL C 295 -27.27 17.51 17.05
N LYS C 296 -28.21 17.85 16.17
CA LYS C 296 -29.38 18.61 16.58
C LYS C 296 -30.27 17.80 17.50
N PHE C 297 -30.42 16.50 17.22
CA PHE C 297 -31.24 15.62 18.04
C PHE C 297 -30.41 14.76 19.00
N ASN C 298 -29.23 15.25 19.38
CA ASN C 298 -28.38 14.50 20.30
C ASN C 298 -29.00 14.50 21.70
N GLN C 299 -29.10 13.31 22.30
CA GLN C 299 -29.66 13.12 23.63
C GLN C 299 -28.54 12.91 24.64
N ARG C 300 -28.74 13.42 25.86
CA ARG C 300 -27.63 13.54 26.79
C ARG C 300 -27.24 12.19 27.38
N SER C 301 -28.23 11.39 27.77
CA SER C 301 -27.95 10.19 28.55
C SER C 301 -28.75 9.01 28.01
N VAL C 302 -28.21 7.81 28.26
CA VAL C 302 -28.76 6.59 27.69
C VAL C 302 -30.23 6.41 28.07
N GLN C 303 -30.54 6.56 29.36
CA GLN C 303 -31.93 6.46 29.79
C GLN C 303 -32.76 7.61 29.23
N ASP C 304 -32.20 8.82 29.19
CA ASP C 304 -32.89 9.94 28.57
C ASP C 304 -33.08 9.71 27.07
N ALA C 305 -32.13 9.04 26.42
CA ALA C 305 -32.31 8.70 25.01
C ALA C 305 -33.39 7.65 24.83
N LEU C 306 -33.52 6.73 25.78
CA LEU C 306 -34.61 5.76 25.73
C LEU C 306 -35.95 6.45 25.92
N LEU C 307 -36.01 7.45 26.82
CA LEU C 307 -37.24 8.21 27.00
C LEU C 307 -37.58 9.01 25.75
N SER C 308 -36.56 9.58 25.09
CA SER C 308 -36.80 10.31 23.85
C SER C 308 -37.30 9.38 22.76
N LEU C 309 -36.71 8.19 22.67
CA LEU C 309 -37.14 7.22 21.67
C LEU C 309 -38.51 6.64 21.97
N LYS C 310 -38.94 6.67 23.24
CA LYS C 310 -40.24 6.12 23.60
C LYS C 310 -41.36 7.16 23.57
N SER C 311 -41.06 8.41 23.90
CA SER C 311 -42.07 9.46 23.98
C SER C 311 -42.39 10.07 22.63
N GLY C 312 -41.96 9.45 21.53
CA GLY C 312 -42.19 10.00 20.21
C GLY C 312 -41.30 11.16 19.82
N LYS C 313 -40.62 11.79 20.78
CA LYS C 313 -39.68 12.85 20.46
C LYS C 313 -38.51 12.34 19.63
N LEU C 314 -38.21 11.04 19.72
CA LEU C 314 -37.23 10.39 18.87
C LEU C 314 -37.81 9.07 18.39
N ASP C 315 -37.48 8.70 17.16
CA ASP C 315 -37.98 7.46 16.59
C ASP C 315 -37.06 6.28 16.88
N ALA C 316 -35.74 6.48 16.76
CA ALA C 316 -34.78 5.42 16.98
C ALA C 316 -33.60 5.97 17.76
N PHE C 317 -32.76 5.06 18.26
CA PHE C 317 -31.54 5.38 18.96
C PHE C 317 -30.40 4.56 18.39
N ILE C 318 -29.18 5.12 18.44
CA ILE C 318 -28.01 4.47 17.85
C ILE C 318 -26.84 4.59 18.82
N TYR C 319 -26.33 3.45 19.28
CA TYR C 319 -25.21 3.42 20.22
C TYR C 319 -24.62 2.01 20.20
N ASP C 320 -23.81 1.69 21.21
CA ASP C 320 -22.98 0.49 21.18
C ASP C 320 -23.83 -0.78 21.03
N ALA C 321 -23.26 -1.76 20.33
CA ALA C 321 -24.00 -2.98 20.04
C ALA C 321 -24.08 -3.88 21.26
N ALA C 322 -23.07 -3.87 22.12
CA ALA C 322 -23.18 -4.59 23.38
C ALA C 322 -24.06 -3.84 24.36
N VAL C 323 -23.94 -2.51 24.41
CA VAL C 323 -24.73 -1.71 25.32
C VAL C 323 -26.20 -1.74 24.92
N LEU C 324 -26.50 -1.74 23.62
CA LEU C 324 -27.88 -1.80 23.16
C LEU C 324 -28.40 -3.21 23.01
N ASN C 325 -27.51 -4.20 22.88
CA ASN C 325 -27.96 -5.59 22.90
C ASN C 325 -28.35 -6.01 24.31
N TYR C 326 -27.64 -5.50 25.33
CA TYR C 326 -28.11 -5.72 26.69
C TYR C 326 -29.23 -4.76 27.05
N MET C 327 -29.22 -3.55 26.49
CA MET C 327 -30.33 -2.63 26.73
C MET C 327 -31.64 -3.22 26.21
N ALA C 328 -31.61 -3.86 25.05
CA ALA C 328 -32.72 -4.68 24.62
C ALA C 328 -32.84 -5.95 25.45
N GLY C 329 -31.74 -6.41 26.05
CA GLY C 329 -31.82 -7.51 26.98
C GLY C 329 -32.62 -7.19 28.22
N ARG C 330 -32.52 -5.94 28.69
CA ARG C 330 -33.26 -5.49 29.86
C ARG C 330 -34.35 -4.49 29.49
N ASP C 331 -34.75 -4.44 28.23
CA ASP C 331 -35.83 -3.58 27.79
C ASP C 331 -37.16 -4.24 28.17
N GLU C 332 -37.85 -3.66 29.16
CA GLU C 332 -39.11 -4.22 29.62
C GLU C 332 -40.12 -4.30 28.48
N GLY C 333 -40.68 -5.49 28.27
CA GLY C 333 -41.63 -5.71 27.21
C GLY C 333 -41.02 -5.79 25.83
N CYS C 334 -39.71 -5.62 25.71
CA CYS C 334 -39.00 -5.74 24.45
C CYS C 334 -39.52 -4.71 23.44
N LYS C 335 -39.65 -3.47 23.92
CA LYS C 335 -40.12 -2.36 23.09
C LYS C 335 -39.03 -1.91 22.12
N LEU C 336 -37.88 -1.47 22.64
CA LEU C 336 -36.74 -1.08 21.83
C LEU C 336 -35.88 -2.31 21.58
N VAL C 337 -35.73 -2.69 20.30
CA VAL C 337 -34.98 -3.87 19.92
C VAL C 337 -33.89 -3.47 18.93
N THR C 338 -32.79 -4.21 18.98
CA THR C 338 -31.68 -3.97 18.05
C THR C 338 -32.12 -4.27 16.62
N ILE C 339 -31.93 -3.30 15.73
CA ILE C 339 -32.31 -3.50 14.33
C ILE C 339 -31.44 -4.59 13.73
N GLY C 340 -32.08 -5.51 13.02
CA GLY C 340 -31.36 -6.63 12.43
C GLY C 340 -31.16 -7.82 13.33
N SER C 341 -31.87 -7.87 14.46
CA SER C 341 -31.79 -8.98 15.42
C SER C 341 -30.36 -9.16 15.94
N GLY C 342 -29.68 -8.05 16.16
CA GLY C 342 -28.33 -8.09 16.68
C GLY C 342 -27.27 -7.74 15.66
N LYS C 343 -27.61 -6.90 14.68
CA LYS C 343 -26.67 -6.50 13.65
C LYS C 343 -25.72 -5.43 14.20
N VAL C 344 -24.43 -5.61 13.93
CA VAL C 344 -23.40 -4.68 14.36
C VAL C 344 -22.71 -4.11 13.13
N PHE C 345 -22.49 -2.80 13.14
CA PHE C 345 -21.93 -2.09 11.99
C PHE C 345 -20.43 -1.87 12.10
N ALA C 346 -19.92 -1.60 13.30
CA ALA C 346 -18.49 -1.36 13.47
C ALA C 346 -17.73 -2.64 13.80
N THR C 347 -18.27 -3.46 14.71
CA THR C 347 -17.65 -4.71 15.17
C THR C 347 -16.21 -4.46 15.65
N THR C 348 -16.13 -3.83 16.81
CA THR C 348 -14.89 -3.70 17.57
C THR C 348 -15.04 -4.50 18.86
N GLY C 349 -14.08 -4.34 19.77
CA GLY C 349 -14.05 -5.14 20.98
C GLY C 349 -13.91 -4.33 22.24
N TYR C 350 -14.49 -4.87 23.31
CA TYR C 350 -14.27 -4.37 24.67
C TYR C 350 -12.91 -4.89 25.13
N GLY C 351 -11.89 -4.09 24.92
CA GLY C 351 -10.51 -4.49 25.21
C GLY C 351 -9.93 -3.66 26.35
N ILE C 352 -9.19 -4.34 27.23
CA ILE C 352 -8.49 -3.65 28.31
C ILE C 352 -7.30 -2.91 27.73
N ALA C 353 -7.16 -1.64 28.12
CA ALA C 353 -6.05 -0.81 27.65
C ALA C 353 -4.85 -0.95 28.58
N ILE C 354 -3.65 -0.83 27.99
CA ILE C 354 -2.41 -0.86 28.74
C ILE C 354 -1.50 0.25 28.22
N GLN C 355 -0.53 0.63 29.05
CA GLN C 355 0.36 1.73 28.70
C GLN C 355 1.19 1.39 27.46
N LYS C 356 1.78 2.42 26.87
CA LYS C 356 2.42 2.31 25.57
C LYS C 356 3.87 1.88 25.68
N ASP C 357 4.29 1.00 24.77
CA ASP C 357 5.66 0.53 24.61
C ASP C 357 6.27 -0.04 25.88
N SER C 358 5.46 -0.26 26.92
CA SER C 358 5.96 -0.77 28.18
C SER C 358 4.81 -1.33 29.02
N GLY C 359 4.39 -2.55 28.74
CA GLY C 359 3.21 -3.05 29.39
C GLY C 359 3.18 -4.56 29.47
N TRP C 360 2.14 -5.04 30.14
CA TRP C 360 1.83 -6.45 30.28
C TRP C 360 0.94 -6.98 29.15
N LYS C 361 0.84 -6.24 28.05
CA LYS C 361 -0.04 -6.64 26.94
C LYS C 361 0.10 -8.13 26.61
N ARG C 362 1.33 -8.61 26.46
CA ARG C 362 1.55 -10.04 26.26
C ARG C 362 0.86 -10.87 27.34
N GLN C 363 1.17 -10.61 28.60
CA GLN C 363 0.56 -11.37 29.69
C GLN C 363 -0.94 -11.17 29.73
N VAL C 364 -1.41 -9.92 29.55
CA VAL C 364 -2.85 -9.66 29.59
C VAL C 364 -3.55 -10.36 28.44
N ASP C 365 -2.95 -10.35 27.25
CA ASP C 365 -3.54 -11.03 26.10
C ASP C 365 -3.63 -12.53 26.35
N LEU C 366 -2.55 -13.13 26.86
CA LEU C 366 -2.58 -14.55 27.20
C LEU C 366 -3.65 -14.83 28.26
N ALA C 367 -3.88 -13.87 29.17
CA ALA C 367 -4.89 -14.08 30.20
C ALA C 367 -6.30 -14.03 29.61
N ILE C 368 -6.53 -13.15 28.64
CA ILE C 368 -7.85 -13.07 28.02
C ILE C 368 -8.12 -14.31 27.19
N LEU C 369 -7.16 -14.69 26.34
CA LEU C 369 -7.36 -15.88 25.52
C LEU C 369 -7.46 -17.13 26.38
N GLN C 370 -6.80 -17.14 27.54
CA GLN C 370 -7.01 -18.24 28.48
C GLN C 370 -8.40 -18.17 29.09
N LEU C 371 -8.92 -16.96 29.32
CA LEU C 371 -10.29 -16.83 29.83
C LEU C 371 -11.29 -17.31 28.79
N PHE C 372 -10.97 -17.20 27.50
CA PHE C 372 -11.82 -17.79 26.47
C PHE C 372 -11.66 -19.31 26.44
N GLY C 373 -10.45 -19.80 26.66
CA GLY C 373 -10.21 -21.24 26.56
C GLY C 373 -10.80 -22.03 27.72
N ASP C 374 -10.67 -21.50 28.93
CA ASP C 374 -11.15 -22.24 30.11
C ASP C 374 -12.67 -22.30 30.19
N GLY C 375 -13.37 -21.42 29.47
CA GLY C 375 -14.81 -21.46 29.45
C GLY C 375 -15.50 -20.55 30.43
N GLU C 376 -14.76 -19.72 31.17
CA GLU C 376 -15.39 -18.78 32.09
C GLU C 376 -16.18 -17.70 31.37
N MET C 377 -15.96 -17.53 30.06
CA MET C 377 -16.69 -16.51 29.31
C MET C 377 -18.10 -16.96 28.96
N GLU C 378 -18.34 -18.27 28.86
CA GLU C 378 -19.70 -18.74 28.65
C GLU C 378 -20.57 -18.45 29.86
N GLU C 379 -20.08 -18.81 31.06
CA GLU C 379 -20.84 -18.56 32.28
C GLU C 379 -20.93 -17.07 32.57
N LEU C 380 -19.82 -16.36 32.45
CA LEU C 380 -19.80 -14.93 32.77
C LEU C 380 -20.63 -14.14 31.76
N GLU C 381 -20.21 -14.15 30.49
CA GLU C 381 -20.92 -13.38 29.47
C GLU C 381 -22.36 -13.85 29.31
N ALA C 382 -22.63 -15.15 29.54
CA ALA C 382 -24.00 -15.63 29.45
C ALA C 382 -24.85 -15.15 30.63
N LEU C 383 -24.22 -14.88 31.78
CA LEU C 383 -24.99 -14.44 32.93
C LEU C 383 -25.25 -12.94 32.91
N TRP C 384 -24.34 -12.15 32.34
CA TRP C 384 -24.43 -10.71 32.41
C TRP C 384 -25.16 -10.09 31.23
N LEU C 385 -24.77 -10.44 30.00
CA LEU C 385 -25.42 -9.87 28.84
C LEU C 385 -26.85 -10.36 28.68
N THR C 386 -27.17 -11.54 29.22
CA THR C 386 -28.49 -12.12 29.00
C THR C 386 -29.51 -11.53 29.96
N GLY C 387 -30.75 -11.45 29.48
CA GLY C 387 -31.88 -11.10 30.32
C GLY C 387 -33.12 -11.78 29.80
N ILE C 388 -34.16 -11.76 30.63
CA ILE C 388 -35.35 -12.56 30.35
C ILE C 388 -36.06 -12.07 29.09
N CYS C 389 -36.23 -10.75 28.93
CA CYS C 389 -37.00 -10.26 27.78
C CYS C 389 -36.29 -10.55 26.45
N HIS C 390 -34.98 -10.35 26.40
CA HIS C 390 -34.28 -10.48 25.11
C HIS C 390 -34.31 -11.90 24.60
N ASN C 391 -33.99 -12.88 25.48
CA ASN C 391 -33.86 -14.27 25.08
C ASN C 391 -35.03 -14.67 24.20
N GLU C 392 -34.71 -14.98 22.94
CA GLU C 392 -35.75 -15.19 21.93
C GLU C 392 -36.91 -16.01 22.49
N LYS C 393 -36.60 -17.14 23.13
CA LYS C 393 -37.63 -18.06 23.63
C LYS C 393 -38.65 -18.34 22.53
N ASN C 394 -38.13 -18.61 21.34
CA ASN C 394 -38.88 -18.59 20.07
C ASN C 394 -39.44 -17.17 19.93
N GLU C 395 -40.76 -16.99 19.82
CA GLU C 395 -41.36 -15.65 19.82
C GLU C 395 -41.82 -15.32 21.24
N VAL C 396 -41.33 -14.19 21.78
CA VAL C 396 -41.65 -13.84 23.17
C VAL C 396 -43.13 -13.54 23.33
N MET C 397 -43.70 -12.76 22.40
CA MET C 397 -45.11 -12.38 22.49
C MET C 397 -45.63 -12.13 21.07
N SER C 398 -45.96 -13.23 20.39
CA SER C 398 -46.49 -13.15 19.04
C SER C 398 -47.76 -13.97 18.88
N SER C 399 -47.86 -15.07 19.64
CA SER C 399 -49.00 -15.97 19.50
C SER C 399 -50.23 -15.46 20.22
N GLN C 400 -50.06 -14.96 21.45
CA GLN C 400 -51.20 -14.54 22.25
C GLN C 400 -52.03 -13.52 21.48
N LEU C 401 -53.34 -13.72 21.48
CA LEU C 401 -54.20 -12.68 20.93
C LEU C 401 -53.97 -11.38 21.70
N ASP C 402 -53.72 -10.31 20.96
CA ASP C 402 -53.78 -8.98 21.57
C ASP C 402 -55.17 -8.84 22.19
N ILE C 403 -55.22 -8.75 23.53
CA ILE C 403 -56.50 -8.89 24.22
C ILE C 403 -57.45 -7.75 23.83
N ASP C 404 -56.88 -6.59 23.51
CA ASP C 404 -57.70 -5.40 23.25
C ASP C 404 -58.63 -5.60 22.06
N ASN C 405 -58.12 -6.08 20.92
CA ASN C 405 -59.01 -6.32 19.78
C ASN C 405 -60.21 -7.20 20.18
N MET C 406 -59.93 -8.33 20.84
CA MET C 406 -60.99 -9.12 21.45
C MET C 406 -61.78 -8.32 22.49
N ALA C 407 -61.18 -7.29 23.09
CA ALA C 407 -61.92 -6.46 24.03
C ALA C 407 -62.82 -5.46 23.32
N GLY C 408 -62.50 -5.11 22.06
CA GLY C 408 -63.39 -4.27 21.29
C GLY C 408 -64.55 -5.07 20.75
N VAL C 409 -64.29 -6.30 20.31
CA VAL C 409 -65.39 -7.21 20.00
C VAL C 409 -66.24 -7.45 21.24
N PHE C 410 -65.60 -7.54 22.40
CA PHE C 410 -66.36 -7.64 23.66
C PHE C 410 -67.14 -6.36 23.92
N TYR C 411 -66.64 -5.21 23.48
CA TYR C 411 -67.42 -3.98 23.57
C TYR C 411 -68.58 -4.00 22.61
N MET C 412 -68.47 -4.73 21.49
CA MET C 412 -69.59 -4.87 20.58
C MET C 412 -70.65 -5.81 21.15
N LEU C 413 -70.22 -6.89 21.80
CA LEU C 413 -71.16 -7.85 22.37
C LEU C 413 -71.87 -7.28 23.59
N ALA C 414 -71.10 -6.69 24.51
CA ALA C 414 -71.70 -6.09 25.70
C ALA C 414 -72.47 -4.82 25.36
N ALA C 415 -71.97 -4.04 24.41
CA ALA C 415 -72.71 -2.87 23.94
C ALA C 415 -74.02 -3.28 23.30
N ALA C 416 -74.02 -4.39 22.55
CA ALA C 416 -75.25 -4.93 22.00
C ALA C 416 -76.10 -5.59 23.08
N MET C 417 -75.53 -5.90 24.24
CA MET C 417 -76.32 -6.43 25.35
C MET C 417 -77.08 -5.32 26.06
N ALA C 418 -76.39 -4.21 26.36
CA ALA C 418 -77.08 -3.06 26.92
C ALA C 418 -78.08 -2.48 25.91
N LEU C 419 -77.70 -2.46 24.63
CA LEU C 419 -78.63 -2.05 23.59
C LEU C 419 -79.79 -3.03 23.48
N SER C 420 -79.55 -4.30 23.80
CA SER C 420 -80.65 -5.26 23.87
C SER C 420 -81.57 -4.96 25.05
N LEU C 421 -81.01 -4.47 26.16
CA LEU C 421 -81.84 -4.01 27.26
C LEU C 421 -82.66 -2.79 26.85
N ILE C 422 -82.08 -1.91 26.03
CA ILE C 422 -82.85 -0.81 25.46
C ILE C 422 -83.93 -1.35 24.53
N THR C 423 -83.68 -2.49 23.89
CA THR C 423 -84.72 -3.16 23.12
C THR C 423 -85.73 -3.88 23.98
N PHE C 424 -85.44 -4.08 25.27
CA PHE C 424 -86.39 -4.66 26.22
C PHE C 424 -87.29 -3.60 26.84
N ILE C 425 -86.72 -2.44 27.21
CA ILE C 425 -87.54 -1.34 27.67
C ILE C 425 -88.35 -0.75 26.51
N MET C 426 -87.72 -0.64 25.34
CA MET C 426 -88.45 -0.21 24.15
C MET C 426 -89.42 -1.29 23.68
N GLU C 427 -89.09 -2.56 23.96
CA GLU C 427 -90.04 -3.64 23.66
C GLU C 427 -91.23 -3.63 24.61
N HIS C 428 -91.03 -3.09 25.82
CA HIS C 428 -92.16 -2.90 26.73
C HIS C 428 -92.94 -1.64 26.41
N LEU C 429 -92.28 -0.63 25.83
CA LEU C 429 -92.98 0.57 25.40
C LEU C 429 -93.84 0.28 24.16
N PHE C 430 -93.24 -0.37 23.15
CA PHE C 430 -94.03 -0.80 22.00
C PHE C 430 -95.01 -1.90 22.36
N TYR C 431 -94.68 -2.71 23.37
CA TYR C 431 -95.62 -3.70 23.86
C TYR C 431 -96.77 -3.07 24.64
N LYS C 432 -96.59 -1.85 25.13
CA LYS C 432 -97.64 -1.09 25.79
C LYS C 432 -98.31 -0.08 24.87
N SER C 433 -97.98 -0.11 23.58
CA SER C 433 -98.54 0.83 22.62
C SER C 433 -100.02 0.54 22.38
N ASP D 1 45.35 -24.26 46.48
CA ASP D 1 45.64 -25.54 47.10
C ASP D 1 44.69 -26.60 46.55
N GLU D 2 44.62 -26.69 45.23
CA GLU D 2 43.84 -27.73 44.56
C GLU D 2 44.59 -28.17 43.30
N HIS D 3 44.07 -29.21 42.66
CA HIS D 3 44.78 -29.83 41.55
C HIS D 3 44.75 -28.95 40.31
N LEU D 4 43.55 -28.75 39.76
CA LEU D 4 43.31 -27.81 38.66
C LEU D 4 44.31 -28.02 37.51
N SER D 5 44.36 -29.24 37.00
CA SER D 5 45.21 -29.52 35.85
C SER D 5 44.74 -28.71 34.65
N ILE D 6 45.72 -28.23 33.87
CA ILE D 6 45.47 -27.31 32.77
C ILE D 6 46.04 -27.90 31.48
N VAL D 7 45.24 -27.85 30.41
CA VAL D 7 45.66 -28.29 29.08
C VAL D 7 45.85 -27.05 28.21
N THR D 8 46.87 -27.07 27.35
CA THR D 8 47.21 -25.91 26.56
C THR D 8 47.73 -26.34 25.20
N LEU D 9 47.81 -25.38 24.27
CA LEU D 9 48.40 -25.57 22.97
C LEU D 9 49.55 -24.57 22.81
N GLU D 10 50.30 -24.71 21.71
CA GLU D 10 51.48 -23.88 21.46
C GLU D 10 51.19 -22.98 20.27
N GLU D 11 51.08 -21.67 20.52
CA GLU D 11 50.79 -20.71 19.46
C GLU D 11 51.46 -19.39 19.80
N ALA D 12 52.48 -19.03 19.03
CA ALA D 12 53.24 -17.82 19.30
C ALA D 12 52.40 -16.59 18.93
N PRO D 13 52.62 -15.46 19.62
CA PRO D 13 53.57 -15.28 20.73
C PRO D 13 52.93 -15.63 22.06
N PHE D 14 51.74 -16.21 22.00
CA PHE D 14 50.94 -16.40 23.20
C PHE D 14 51.47 -17.57 24.03
N VAL D 15 51.88 -18.66 23.39
CA VAL D 15 52.46 -19.81 24.08
C VAL D 15 53.67 -20.28 23.26
N ILE D 16 54.85 -19.79 23.60
CA ILE D 16 56.08 -20.20 22.94
C ILE D 16 56.65 -21.40 23.67
N VAL D 17 56.96 -22.47 22.93
CA VAL D 17 57.49 -23.71 23.48
C VAL D 17 58.98 -23.78 23.14
N GLU D 18 59.82 -23.79 24.18
CA GLU D 18 61.26 -23.85 24.01
C GLU D 18 61.82 -25.07 24.74
N ASP D 19 62.89 -25.62 24.20
CA ASP D 19 63.56 -26.76 24.82
C ASP D 19 64.22 -26.34 26.14
N VAL D 20 64.33 -27.30 27.06
CA VAL D 20 64.93 -27.02 28.34
C VAL D 20 66.40 -26.65 28.14
N ASP D 21 66.87 -25.66 28.91
CA ASP D 21 68.27 -25.26 28.83
C ASP D 21 69.17 -26.38 29.32
N PRO D 22 70.05 -26.92 28.48
CA PRO D 22 70.89 -28.04 28.94
C PRO D 22 71.83 -27.65 30.07
N LEU D 23 72.38 -26.44 30.05
CA LEU D 23 73.24 -26.00 31.13
C LEU D 23 72.45 -25.79 32.41
N SER D 24 71.22 -25.28 32.30
CA SER D 24 70.38 -25.11 33.47
C SER D 24 69.59 -26.36 33.84
N GLY D 25 69.45 -27.33 32.93
CA GLY D 25 68.69 -28.54 33.22
C GLY D 25 67.33 -28.27 33.83
N THR D 26 66.77 -27.10 33.53
CA THR D 26 65.57 -26.54 34.14
C THR D 26 65.10 -25.46 33.18
N CYS D 27 63.90 -24.95 33.41
CA CYS D 27 63.31 -23.99 32.47
C CYS D 27 63.93 -22.61 32.69
N MET D 28 64.60 -22.10 31.66
CA MET D 28 65.32 -20.84 31.74
C MET D 28 64.33 -19.68 31.83
N ARG D 29 64.86 -18.52 32.20
CA ARG D 29 64.13 -17.25 32.26
C ARG D 29 62.92 -17.44 33.18
N ASN D 30 61.72 -17.04 32.78
CA ASN D 30 60.51 -17.20 33.58
C ASN D 30 59.56 -18.21 32.97
N THR D 31 60.12 -19.29 32.42
CA THR D 31 59.31 -20.31 31.75
C THR D 31 58.65 -21.22 32.77
N VAL D 32 57.55 -21.84 32.35
CA VAL D 32 56.82 -22.83 33.17
C VAL D 32 56.97 -24.20 32.50
N PRO D 33 57.19 -25.27 33.27
CA PRO D 33 57.42 -26.58 32.66
C PRO D 33 56.13 -27.15 32.07
N CYS D 34 56.24 -27.71 30.88
CA CYS D 34 55.09 -28.27 30.19
C CYS D 34 55.51 -29.58 29.53
N ARG D 35 54.74 -30.64 29.78
CA ARG D 35 55.04 -31.98 29.31
C ARG D 35 54.18 -32.33 28.09
N LYS D 36 54.44 -33.50 27.51
CA LYS D 36 53.67 -33.97 26.36
C LYS D 36 53.66 -35.49 26.39
N GLN D 37 52.49 -36.07 26.63
CA GLN D 37 52.35 -37.53 26.71
C GLN D 37 52.34 -38.10 25.30
N ILE D 38 53.49 -38.57 24.83
CA ILE D 38 53.61 -39.22 23.53
C ILE D 38 53.15 -40.67 23.69
N ARG D 39 51.91 -40.94 23.29
CA ARG D 39 51.27 -42.24 23.48
C ARG D 39 51.65 -43.29 22.43
N PRO D 40 51.62 -42.98 21.13
CA PRO D 40 51.72 -44.07 20.13
C PRO D 40 53.02 -44.86 20.17
N GLU D 41 54.14 -44.24 20.56
CA GLU D 41 55.41 -44.95 20.54
C GLU D 41 56.33 -44.37 21.60
N ASN D 42 57.32 -45.18 21.99
CA ASN D 42 58.33 -44.77 22.96
C ASN D 42 59.51 -45.74 22.86
N ARG D 43 60.64 -45.32 23.43
CA ARG D 43 61.82 -46.17 23.41
C ARG D 43 61.61 -47.45 24.19
N THR D 44 60.86 -47.37 25.31
CA THR D 44 60.57 -48.56 26.11
C THR D 44 59.23 -48.42 26.83
N GLU D 45 58.28 -47.70 26.25
CA GLU D 45 56.96 -47.51 26.83
C GLU D 45 55.91 -47.57 25.73
N GLU D 46 54.63 -47.58 26.14
CA GLU D 46 53.50 -47.66 25.22
C GLU D 46 52.38 -46.76 25.76
N GLY D 47 52.62 -45.45 25.75
CA GLY D 47 51.63 -44.50 26.19
C GLY D 47 51.68 -44.13 27.66
N GLY D 48 52.88 -44.11 28.26
CA GLY D 48 53.01 -43.82 29.67
C GLY D 48 54.02 -42.74 30.02
N ASN D 49 55.00 -42.53 29.15
CA ASN D 49 56.05 -41.55 29.39
C ASN D 49 55.77 -40.26 28.62
N TYR D 50 56.07 -39.13 29.25
CA TYR D 50 55.80 -37.80 28.71
C TYR D 50 57.09 -37.01 28.61
N ILE D 51 57.34 -36.43 27.43
CA ILE D 51 58.53 -35.61 27.24
C ILE D 51 58.36 -34.27 27.96
N LYS D 52 59.48 -33.61 28.21
CA LYS D 52 59.53 -32.37 28.97
C LYS D 52 59.98 -31.21 28.09
N ARG D 53 59.31 -30.07 28.23
CA ARG D 53 59.67 -28.84 27.54
C ARG D 53 59.35 -27.66 28.45
N CYS D 54 59.64 -26.46 27.98
CA CYS D 54 59.48 -25.23 28.75
C CYS D 54 58.62 -24.25 27.97
N CYS D 55 57.40 -24.01 28.44
CA CYS D 55 56.44 -23.12 27.79
C CYS D 55 56.43 -21.77 28.49
N LYS D 56 56.56 -20.70 27.70
CA LYS D 56 56.51 -19.33 28.20
C LYS D 56 55.91 -18.44 27.11
N GLY D 57 55.12 -17.47 27.53
CA GLY D 57 54.49 -16.59 26.57
C GLY D 57 53.58 -15.60 27.26
N PHE D 58 52.66 -15.03 26.47
CA PHE D 58 51.66 -14.11 27.00
C PHE D 58 50.59 -14.85 27.78
N CYS D 59 49.96 -15.84 27.12
CA CYS D 59 48.96 -16.63 27.82
C CYS D 59 49.56 -17.37 29.01
N ILE D 60 50.82 -17.81 28.90
CA ILE D 60 51.46 -18.47 30.03
C ILE D 60 51.58 -17.51 31.20
N ASP D 61 51.94 -16.25 30.91
CA ASP D 61 52.05 -15.25 31.98
C ASP D 61 50.70 -14.95 32.60
N ILE D 62 49.64 -14.83 31.79
CA ILE D 62 48.33 -14.56 32.34
C ILE D 62 47.86 -15.73 33.19
N LEU D 63 48.19 -16.96 32.78
CA LEU D 63 47.86 -18.13 33.59
C LEU D 63 48.60 -18.09 34.91
N LYS D 64 49.88 -17.69 34.89
CA LYS D 64 50.66 -17.62 36.12
C LYS D 64 50.07 -16.58 37.07
N LYS D 65 49.68 -15.43 36.53
CA LYS D 65 49.14 -14.38 37.39
C LYS D 65 47.80 -14.79 37.98
N ILE D 66 46.88 -15.29 37.14
CA ILE D 66 45.59 -15.74 37.64
C ILE D 66 45.78 -16.81 38.71
N ALA D 67 46.75 -17.69 38.49
CA ALA D 67 47.05 -18.71 39.49
C ALA D 67 47.65 -18.11 40.75
N LYS D 68 48.28 -16.94 40.64
CA LYS D 68 48.80 -16.32 41.86
C LYS D 68 47.69 -15.68 42.67
N THR D 69 46.76 -14.98 42.01
CA THR D 69 45.69 -14.30 42.72
C THR D 69 44.67 -15.29 43.29
N VAL D 70 44.35 -16.34 42.53
CA VAL D 70 43.47 -17.39 43.02
C VAL D 70 44.33 -18.58 43.44
N LYS D 71 44.26 -18.93 44.72
CA LYS D 71 45.12 -19.97 45.27
C LYS D 71 44.74 -21.33 44.71
N PHE D 72 45.55 -21.85 43.79
CA PHE D 72 45.41 -23.22 43.33
C PHE D 72 46.72 -23.68 42.70
N THR D 73 47.02 -24.97 42.88
CA THR D 73 48.15 -25.57 42.20
C THR D 73 47.75 -25.96 40.78
N TYR D 74 48.75 -26.25 39.96
CA TYR D 74 48.50 -26.68 38.59
C TYR D 74 49.78 -27.24 38.01
N ASP D 75 49.64 -28.20 37.11
CA ASP D 75 50.75 -28.70 36.30
C ASP D 75 50.36 -28.56 34.84
N LEU D 76 51.17 -27.82 34.07
CA LEU D 76 50.85 -27.54 32.69
C LEU D 76 51.00 -28.81 31.84
N TYR D 77 50.01 -29.06 30.98
CA TYR D 77 50.00 -30.22 30.09
C TYR D 77 49.65 -29.77 28.67
N LEU D 78 50.37 -30.32 27.69
CA LEU D 78 50.02 -30.09 26.30
C LEU D 78 48.87 -31.01 25.89
N VAL D 79 48.22 -30.68 24.79
CA VAL D 79 47.06 -31.42 24.29
C VAL D 79 47.56 -32.43 23.27
N THR D 80 47.38 -33.70 23.59
CA THR D 80 47.73 -34.77 22.65
C THR D 80 46.74 -34.80 21.50
N ASN D 81 45.44 -34.72 21.81
CA ASN D 81 44.40 -35.02 20.84
C ASN D 81 44.05 -33.78 20.02
N GLY D 82 44.01 -33.96 18.70
CA GLY D 82 43.68 -32.86 17.79
C GLY D 82 44.56 -31.66 18.09
N LYS D 83 43.89 -30.54 18.29
CA LYS D 83 44.43 -29.29 18.81
C LYS D 83 43.20 -28.43 19.00
N HIS D 84 43.29 -27.48 19.91
CA HIS D 84 42.21 -26.54 20.10
C HIS D 84 40.95 -27.29 20.50
N GLY D 85 39.82 -26.98 19.87
CA GLY D 85 38.59 -27.74 20.04
C GLY D 85 37.96 -28.02 18.71
N LYS D 86 37.42 -29.21 18.55
CA LYS D 86 36.65 -29.57 17.37
C LYS D 86 35.71 -30.69 17.80
N LYS D 87 34.57 -30.80 17.11
CA LYS D 87 33.50 -31.71 17.51
C LYS D 87 33.21 -32.63 16.35
N ILE D 88 33.42 -33.94 16.56
CA ILE D 88 33.24 -34.95 15.53
C ILE D 88 32.26 -35.99 16.07
N ASN D 89 31.24 -36.30 15.27
CA ASN D 89 30.24 -37.31 15.61
C ASN D 89 29.64 -37.09 17.00
N GLY D 90 29.48 -35.82 17.39
CA GLY D 90 28.98 -35.50 18.70
C GLY D 90 29.96 -35.78 19.82
N VAL D 91 31.19 -36.13 19.50
CA VAL D 91 32.23 -36.40 20.48
C VAL D 91 33.25 -35.27 20.40
N TRP D 92 33.65 -34.76 21.57
CA TRP D 92 34.50 -33.58 21.63
C TRP D 92 35.96 -34.00 21.68
N ASN D 93 36.76 -33.44 20.76
CA ASN D 93 38.20 -33.66 20.73
C ASN D 93 38.91 -32.31 20.75
N GLY D 94 40.13 -32.32 21.27
CA GLY D 94 40.94 -31.12 21.39
C GLY D 94 41.09 -30.67 22.83
N MET D 95 41.41 -29.39 23.00
CA MET D 95 41.49 -28.79 24.33
C MET D 95 40.11 -28.77 24.99
N ILE D 96 39.11 -28.24 24.30
CA ILE D 96 37.76 -28.25 24.86
C ILE D 96 37.27 -29.67 25.04
N GLY D 97 37.69 -30.57 24.13
CA GLY D 97 37.34 -31.97 24.28
C GLY D 97 37.95 -32.62 25.50
N GLU D 98 39.16 -32.20 25.87
CA GLU D 98 39.79 -32.71 27.07
C GLU D 98 39.29 -32.02 28.32
N VAL D 99 38.80 -30.79 28.19
CA VAL D 99 38.25 -30.09 29.34
C VAL D 99 36.88 -30.67 29.70
N VAL D 100 36.06 -30.95 28.69
CA VAL D 100 34.78 -31.60 28.95
C VAL D 100 34.97 -33.09 29.21
N THR D 101 36.06 -33.68 28.70
CA THR D 101 36.37 -35.08 28.95
C THR D 101 36.91 -35.32 30.36
N LYS D 102 37.05 -34.26 31.15
CA LYS D 102 37.60 -34.32 32.50
C LYS D 102 39.06 -34.77 32.51
N ARG D 103 39.63 -35.02 31.33
CA ARG D 103 41.06 -35.25 31.21
C ARG D 103 41.86 -33.99 31.52
N ALA D 104 41.20 -32.84 31.58
CA ALA D 104 41.82 -31.60 32.02
C ALA D 104 40.74 -30.77 32.71
N TYR D 105 41.03 -30.29 33.93
CA TYR D 105 40.04 -29.52 34.66
C TYR D 105 39.89 -28.11 34.11
N MET D 106 40.94 -27.59 33.52
CA MET D 106 40.91 -26.25 32.95
C MET D 106 41.70 -26.25 31.64
N ALA D 107 41.38 -25.30 30.77
CA ALA D 107 42.01 -25.22 29.47
C ALA D 107 42.27 -23.75 29.17
N VAL D 108 43.54 -23.34 29.25
CA VAL D 108 43.95 -21.95 29.08
C VAL D 108 44.93 -21.86 27.90
N GLY D 109 44.65 -20.96 26.97
CA GLY D 109 45.51 -20.80 25.82
C GLY D 109 44.86 -19.89 24.80
N SER D 110 45.28 -20.03 23.54
CA SER D 110 44.72 -19.25 22.44
C SER D 110 43.36 -19.81 22.04
N LEU D 111 42.47 -20.03 23.01
CA LEU D 111 41.17 -20.66 22.78
C LEU D 111 40.09 -19.59 22.71
N THR D 112 39.26 -19.66 21.66
CA THR D 112 38.22 -18.66 21.46
C THR D 112 36.96 -19.06 22.23
N ILE D 113 36.16 -18.06 22.58
CA ILE D 113 34.87 -18.27 23.21
C ILE D 113 33.81 -18.24 22.12
N ASN D 114 33.14 -19.38 21.89
CA ASN D 114 32.10 -19.51 20.88
C ASN D 114 30.90 -20.24 21.49
N GLU D 115 29.74 -20.03 20.88
CA GLU D 115 28.51 -20.59 21.44
C GLU D 115 28.62 -22.10 21.57
N GLU D 116 28.92 -22.78 20.45
CA GLU D 116 28.99 -24.23 20.47
C GLU D 116 29.98 -24.72 21.53
N ARG D 117 31.07 -23.99 21.71
CA ARG D 117 32.02 -24.37 22.75
C ARG D 117 31.42 -24.12 24.12
N SER D 118 30.79 -22.95 24.30
CA SER D 118 30.19 -22.62 25.59
C SER D 118 29.01 -23.51 25.94
N GLU D 119 28.58 -24.37 25.01
CA GLU D 119 27.54 -25.35 25.35
C GLU D 119 28.08 -26.39 26.32
N VAL D 120 29.31 -26.85 26.11
CA VAL D 120 29.83 -28.02 26.81
C VAL D 120 30.79 -27.60 27.91
N VAL D 121 31.42 -26.44 27.76
CA VAL D 121 32.41 -25.95 28.72
C VAL D 121 32.05 -24.53 29.11
N ASP D 122 32.58 -24.12 30.25
CA ASP D 122 32.39 -22.75 30.69
C ASP D 122 33.56 -21.90 30.23
N PHE D 123 33.33 -20.59 30.12
CA PHE D 123 34.34 -19.62 29.76
C PHE D 123 34.34 -18.46 30.76
N SER D 124 35.54 -17.91 30.99
CA SER D 124 35.72 -16.77 31.87
C SER D 124 35.49 -15.47 31.10
N VAL D 125 35.90 -14.34 31.68
CA VAL D 125 35.78 -13.06 30.99
C VAL D 125 36.85 -13.08 29.92
N PRO D 126 36.67 -12.39 28.80
CA PRO D 126 37.72 -12.38 27.77
C PRO D 126 38.83 -11.40 28.13
N PHE D 127 40.08 -11.87 28.01
CA PHE D 127 41.21 -11.01 28.33
C PHE D 127 41.79 -10.32 27.09
N ILE D 128 41.75 -10.95 25.91
CA ILE D 128 42.23 -10.33 24.69
C ILE D 128 41.14 -10.46 23.63
N GLU D 129 40.87 -9.36 22.92
CA GLU D 129 39.91 -9.40 21.81
C GLU D 129 40.49 -10.17 20.62
N THR D 130 39.69 -11.06 20.04
CA THR D 130 40.21 -11.94 18.97
C THR D 130 39.08 -12.42 18.06
N GLY D 131 39.08 -11.98 16.81
CA GLY D 131 38.09 -12.44 15.87
C GLY D 131 38.67 -12.84 14.52
N ILE D 132 37.87 -12.78 13.47
CA ILE D 132 38.34 -13.04 12.12
C ILE D 132 38.87 -11.75 11.52
N SER D 133 39.85 -11.87 10.62
CA SER D 133 40.45 -10.70 9.99
C SER D 133 41.09 -11.12 8.68
N VAL D 134 41.26 -10.14 7.79
CA VAL D 134 41.86 -10.35 6.48
C VAL D 134 43.15 -9.54 6.38
N MET D 135 44.08 -10.07 5.60
CA MET D 135 45.39 -9.46 5.42
C MET D 135 45.91 -9.89 4.05
N VAL D 136 46.44 -8.93 3.30
CA VAL D 136 46.87 -9.18 1.93
C VAL D 136 48.11 -8.35 1.65
N SER D 137 49.07 -8.95 0.96
CA SER D 137 50.20 -8.23 0.40
C SER D 137 49.83 -7.79 -1.01
N ARG D 138 49.84 -6.48 -1.24
CA ARG D 138 49.39 -5.93 -2.52
C ARG D 138 50.25 -6.43 -3.67
N SER D 139 49.70 -7.33 -4.49
CA SER D 139 50.41 -7.84 -5.65
C SER D 139 50.64 -6.75 -6.69
N ASN D 140 49.89 -5.65 -6.62
CA ASN D 140 50.08 -4.53 -7.53
C ASN D 140 50.43 -3.27 -6.74
N LEU D 149 65.61 6.58 -11.53
CA LEU D 149 64.21 6.17 -11.58
C LEU D 149 63.29 7.39 -11.57
N GLU D 150 63.33 8.18 -12.64
CA GLU D 150 62.55 9.38 -12.76
C GLU D 150 61.69 9.33 -14.02
N PRO D 151 60.57 10.05 -14.05
CA PRO D 151 59.77 10.13 -15.28
C PRO D 151 60.50 10.82 -16.41
N PHE D 152 61.53 10.15 -16.95
CA PHE D 152 62.29 10.72 -18.05
C PHE D 152 61.46 10.80 -19.33
N SER D 153 60.58 9.83 -19.55
CA SER D 153 59.70 9.79 -20.72
C SER D 153 60.50 9.81 -22.02
N ALA D 154 61.54 8.97 -22.06
CA ALA D 154 62.41 8.82 -23.22
C ALA D 154 63.02 10.16 -23.67
N ASP D 155 63.29 11.05 -22.71
CA ASP D 155 63.76 12.39 -23.03
C ASP D 155 64.97 12.84 -22.20
N VAL D 156 65.37 12.10 -21.17
CA VAL D 156 66.51 12.53 -20.37
C VAL D 156 67.81 12.42 -21.17
N TRP D 157 68.04 11.26 -21.78
CA TRP D 157 69.27 11.05 -22.54
C TRP D 157 69.24 11.81 -23.86
N VAL D 158 68.11 11.74 -24.59
CA VAL D 158 68.02 12.40 -25.88
C VAL D 158 68.05 13.92 -25.72
N MET D 159 67.40 14.43 -24.68
CA MET D 159 67.42 15.87 -24.42
C MET D 159 68.72 16.33 -23.78
N MET D 160 69.45 15.44 -23.12
CA MET D 160 70.77 15.81 -22.62
C MET D 160 71.79 15.86 -23.74
N PHE D 161 71.71 14.92 -24.69
CA PHE D 161 72.62 14.93 -25.83
C PHE D 161 72.28 16.07 -26.80
N VAL D 162 71.00 16.26 -27.09
CA VAL D 162 70.58 17.38 -27.94
C VAL D 162 70.81 18.71 -27.22
N MET D 163 70.79 18.69 -25.88
CA MET D 163 71.15 19.89 -25.13
C MET D 163 72.65 20.13 -25.17
N LEU D 164 73.45 19.07 -25.33
CA LEU D 164 74.88 19.25 -25.53
C LEU D 164 75.20 19.76 -26.94
N LEU D 165 74.42 19.31 -27.93
CA LEU D 165 74.60 19.81 -29.29
C LEU D 165 74.16 21.27 -29.40
N ILE D 166 73.01 21.60 -28.79
CA ILE D 166 72.59 23.00 -28.74
C ILE D 166 73.56 23.82 -27.90
N VAL D 167 74.24 23.18 -26.95
CA VAL D 167 75.28 23.86 -26.19
C VAL D 167 76.51 24.11 -27.05
N SER D 168 76.77 23.23 -28.03
CA SER D 168 77.89 23.43 -28.93
C SER D 168 77.59 24.52 -29.95
N ALA D 169 76.40 24.48 -30.56
CA ALA D 169 76.02 25.52 -31.51
C ALA D 169 75.88 26.87 -30.84
N VAL D 170 75.35 26.90 -29.61
CA VAL D 170 75.26 28.14 -28.87
C VAL D 170 76.63 28.62 -28.44
N ALA D 171 77.54 27.68 -28.13
CA ALA D 171 78.92 28.05 -27.80
C ALA D 171 79.62 28.69 -28.99
N VAL D 172 79.42 28.14 -30.18
CA VAL D 172 79.94 28.78 -31.38
C VAL D 172 79.22 30.07 -31.70
N PHE D 173 77.98 30.23 -31.21
CA PHE D 173 77.22 31.46 -31.43
C PHE D 173 77.59 32.56 -30.44
N VAL D 174 78.26 32.20 -29.34
CA VAL D 174 78.68 33.22 -28.37
C VAL D 174 79.70 34.15 -28.99
N PHE D 175 80.85 33.61 -29.40
CA PHE D 175 81.92 34.36 -30.05
C PHE D 175 82.38 35.53 -29.19
N GLU D 176 82.99 35.19 -28.05
CA GLU D 176 83.52 36.21 -27.09
C GLU D 176 84.88 35.82 -26.46
N TYR D 177 85.63 36.83 -26.04
CA TYR D 177 86.88 36.63 -25.31
C TYR D 177 87.94 35.83 -26.05
N PHE D 178 88.51 34.83 -25.39
CA PHE D 178 89.63 34.07 -25.96
C PHE D 178 89.64 32.69 -25.32
N SER D 179 89.73 31.64 -26.14
CA SER D 179 89.58 30.26 -25.68
C SER D 179 90.78 29.42 -26.12
N PRO D 180 91.04 28.30 -25.45
CA PRO D 180 92.38 27.72 -25.50
C PRO D 180 92.73 27.01 -26.80
N VAL D 181 91.78 26.34 -27.45
CA VAL D 181 92.11 25.45 -28.54
C VAL D 181 91.27 25.78 -29.77
N GLY D 182 91.81 25.43 -30.93
CA GLY D 182 91.15 25.63 -32.21
C GLY D 182 90.67 24.35 -32.86
N PHE D 188 86.46 20.84 -27.72
CA PHE D 188 87.27 21.16 -26.55
C PHE D 188 86.67 22.32 -25.77
N THR D 189 86.96 23.55 -26.21
CA THR D 189 86.38 24.72 -25.57
C THR D 189 84.89 24.80 -25.82
N ILE D 190 84.44 24.41 -27.02
CA ILE D 190 83.01 24.26 -27.26
C ILE D 190 82.47 23.06 -26.49
N GLY D 191 83.31 22.04 -26.26
CA GLY D 191 82.97 20.96 -25.37
C GLY D 191 83.15 21.30 -23.91
N LYS D 192 83.92 22.33 -23.60
CA LYS D 192 84.00 22.84 -22.23
C LYS D 192 82.82 23.74 -21.89
N ALA D 193 82.24 24.39 -22.90
CA ALA D 193 80.96 25.07 -22.76
C ALA D 193 79.78 24.14 -22.99
N ILE D 194 80.04 22.93 -23.48
CA ILE D 194 79.00 21.89 -23.52
C ILE D 194 79.01 21.06 -22.24
N TRP D 195 80.16 20.96 -21.57
CA TRP D 195 80.19 20.39 -20.23
C TRP D 195 79.81 21.43 -19.17
N LEU D 196 80.11 22.70 -19.43
CA LEU D 196 79.66 23.77 -18.54
C LEU D 196 78.19 24.11 -18.77
N LEU D 197 77.77 24.14 -20.02
CA LEU D 197 76.36 24.38 -20.31
C LEU D 197 75.51 23.16 -20.00
N TRP D 198 76.06 21.96 -20.27
CA TRP D 198 75.36 20.73 -19.89
C TRP D 198 75.28 20.58 -18.38
N GLY D 199 76.39 20.82 -17.69
CA GLY D 199 76.37 20.81 -16.23
C GLY D 199 75.41 21.84 -15.68
N LEU D 200 75.39 23.04 -16.26
CA LEU D 200 74.43 24.06 -15.84
C LEU D 200 73.00 23.61 -16.08
N VAL D 201 72.77 22.83 -17.15
CA VAL D 201 71.44 22.26 -17.37
C VAL D 201 71.11 21.27 -16.27
N PHE D 202 72.11 20.60 -15.73
CA PHE D 202 71.92 19.67 -14.60
C PHE D 202 72.06 20.41 -13.26
N ASN D 203 71.29 21.49 -13.11
CA ASN D 203 71.17 22.26 -11.87
C ASN D 203 72.50 22.91 -11.50
N ASN D 204 72.86 23.93 -12.28
CA ASN D 204 73.99 24.84 -12.02
C ASN D 204 75.26 23.99 -11.85
N SER D 205 76.01 24.15 -10.77
CA SER D 205 77.21 23.37 -10.48
C SER D 205 78.26 23.48 -11.59
N LEU D 206 78.25 24.57 -12.34
CA LEU D 206 79.20 24.76 -13.42
C LEU D 206 80.25 25.76 -12.99
N PRO D 207 81.51 25.36 -12.84
CA PRO D 207 82.55 26.31 -12.39
C PRO D 207 83.14 27.16 -13.51
N VAL D 208 82.78 26.90 -14.76
CA VAL D 208 83.36 27.63 -15.89
C VAL D 208 82.68 28.99 -16.01
N GLN D 209 83.47 30.06 -15.88
CA GLN D 209 82.95 31.42 -16.03
C GLN D 209 82.69 31.69 -17.51
N ASN D 210 81.41 31.69 -17.90
CA ASN D 210 81.05 31.93 -19.28
C ASN D 210 81.39 33.36 -19.69
N PRO D 211 81.65 33.60 -20.98
CA PRO D 211 81.98 34.95 -21.45
C PRO D 211 80.77 35.86 -21.47
N ILE D 218 71.73 35.58 -23.51
CA ILE D 218 72.99 34.86 -23.54
C ILE D 218 72.72 33.36 -23.68
N MET D 219 73.67 32.65 -24.30
CA MET D 219 73.52 31.21 -24.44
C MET D 219 73.52 30.51 -23.08
N VAL D 220 74.40 30.95 -22.18
CA VAL D 220 74.38 30.43 -20.82
C VAL D 220 73.10 30.84 -20.09
N SER D 221 72.53 32.00 -20.46
CA SER D 221 71.25 32.41 -19.89
C SER D 221 70.10 31.57 -20.44
N VAL D 222 70.18 31.17 -21.70
CA VAL D 222 69.16 30.29 -22.27
C VAL D 222 69.25 28.91 -21.65
N TRP D 223 70.46 28.37 -21.51
CA TRP D 223 70.61 27.08 -20.83
C TRP D 223 70.21 27.18 -19.36
N ALA D 224 70.35 28.36 -18.75
CA ALA D 224 69.90 28.55 -17.37
C ALA D 224 68.38 28.59 -17.29
N PHE D 225 67.72 29.21 -18.27
CA PHE D 225 66.27 29.13 -18.34
C PHE D 225 65.81 27.70 -18.54
N PHE D 226 66.53 26.94 -19.36
CA PHE D 226 66.25 25.51 -19.50
C PHE D 226 66.56 24.75 -18.22
N ALA D 227 67.42 25.30 -17.35
CA ALA D 227 67.67 24.66 -16.06
C ALA D 227 66.55 24.93 -15.08
N VAL D 228 66.00 26.14 -15.07
CA VAL D 228 64.90 26.45 -14.18
C VAL D 228 63.63 25.74 -14.62
N ILE D 229 63.31 25.82 -15.92
CA ILE D 229 62.08 25.20 -16.43
C ILE D 229 62.23 23.68 -16.48
N PHE D 230 63.30 23.20 -17.12
CA PHE D 230 63.49 21.75 -17.25
C PHE D 230 63.73 21.11 -15.89
N LEU D 231 64.54 21.75 -15.03
CA LEU D 231 64.75 21.21 -13.69
C LEU D 231 63.46 21.25 -12.88
N ALA D 232 62.67 22.32 -13.03
CA ALA D 232 61.37 22.37 -12.38
C ALA D 232 60.46 21.23 -12.84
N SER D 233 60.56 20.85 -14.10
CA SER D 233 59.78 19.70 -14.57
C SER D 233 60.31 18.40 -13.99
N TYR D 234 61.63 18.28 -13.87
CA TYR D 234 62.21 17.05 -13.33
C TYR D 234 61.82 16.86 -11.86
N THR D 235 61.89 17.93 -11.06
CA THR D 235 61.54 17.80 -9.66
C THR D 235 60.02 17.72 -9.46
N ALA D 236 59.25 18.43 -10.28
CA ALA D 236 57.80 18.41 -10.13
C ALA D 236 57.24 17.05 -10.52
N ASN D 237 57.76 16.46 -11.60
CA ASN D 237 57.31 15.13 -12.01
C ASN D 237 57.89 14.05 -11.11
N LEU D 238 59.11 14.26 -10.61
CA LEU D 238 59.64 13.36 -9.59
C LEU D 238 58.75 13.34 -8.35
N ALA D 239 58.16 14.49 -8.01
CA ALA D 239 57.14 14.53 -6.98
C ALA D 239 55.80 14.00 -7.47
N ALA D 240 55.60 13.93 -8.79
CA ALA D 240 54.36 13.38 -9.33
C ALA D 240 54.30 11.88 -9.15
N PHE D 241 55.34 11.17 -9.61
CA PHE D 241 55.32 9.70 -9.52
C PHE D 241 55.34 9.20 -8.09
N MET D 242 55.81 10.02 -7.15
CA MET D 242 55.87 9.61 -5.75
C MET D 242 54.62 9.98 -4.96
N ILE D 243 53.68 10.70 -5.58
CA ILE D 243 52.48 11.15 -4.86
C ILE D 243 51.34 10.17 -5.09
N GLN D 244 51.67 8.88 -5.24
CA GLN D 244 50.67 7.85 -5.45
C GLN D 244 50.34 7.22 -4.09
N ARG D 245 49.12 7.45 -3.63
CA ARG D 245 48.68 6.89 -2.35
C ARG D 245 48.62 5.37 -2.44
N ARG D 246 49.33 4.70 -1.54
CA ARG D 246 49.44 3.25 -1.58
C ARG D 246 48.89 2.62 -0.32
N TYR D 247 49.25 1.35 -0.07
CA TYR D 247 48.79 0.52 1.04
C TYR D 247 47.30 0.23 1.01
N VAL D 248 46.57 0.76 0.02
CA VAL D 248 45.14 0.49 -0.10
C VAL D 248 44.95 -0.99 -0.42
N ASP D 249 44.12 -1.66 0.37
CA ASP D 249 43.92 -3.08 0.21
C ASP D 249 43.24 -3.39 -1.12
N GLN D 250 43.58 -4.56 -1.68
CA GLN D 250 42.92 -5.02 -2.90
C GLN D 250 41.45 -5.31 -2.65
N VAL D 251 41.15 -6.01 -1.56
CA VAL D 251 39.80 -6.23 -1.10
C VAL D 251 39.69 -5.64 0.29
N SER D 252 38.77 -4.70 0.47
CA SER D 252 38.67 -3.93 1.70
C SER D 252 37.60 -4.48 2.65
N GLY D 253 36.39 -4.70 2.14
CA GLY D 253 35.26 -4.92 3.04
C GLY D 253 35.27 -6.28 3.70
N LEU D 254 35.70 -7.31 2.95
CA LEU D 254 35.53 -8.73 3.22
C LEU D 254 34.07 -9.12 2.98
N SER D 255 33.20 -8.18 2.65
CA SER D 255 31.94 -8.50 2.00
C SER D 255 31.98 -8.16 0.51
N ASP D 256 33.16 -7.88 -0.02
CA ASP D 256 33.31 -7.49 -1.41
C ASP D 256 33.02 -8.68 -2.33
N LYS D 257 32.86 -8.38 -3.62
CA LYS D 257 32.56 -9.41 -4.60
C LYS D 257 33.73 -10.35 -4.81
N LYS D 258 34.96 -9.91 -4.53
CA LYS D 258 36.13 -10.77 -4.74
C LYS D 258 36.10 -11.99 -3.84
N PHE D 259 35.47 -11.88 -2.67
CA PHE D 259 35.40 -12.99 -1.73
C PHE D 259 34.16 -13.84 -1.92
N GLN D 260 33.02 -13.22 -2.26
CA GLN D 260 31.77 -13.98 -2.39
C GLN D 260 31.75 -14.79 -3.68
N ARG D 261 32.23 -14.22 -4.78
CA ARG D 261 32.25 -14.89 -6.08
C ARG D 261 33.69 -15.02 -6.55
N PRO D 262 34.36 -16.15 -6.30
CA PRO D 262 35.78 -16.25 -6.68
C PRO D 262 36.00 -16.33 -8.18
N ASN D 263 35.18 -17.09 -8.90
CA ASN D 263 35.35 -17.27 -10.33
C ASN D 263 34.93 -16.02 -11.09
N ASP D 264 35.59 -14.90 -10.83
CA ASP D 264 35.27 -13.65 -11.49
C ASP D 264 36.50 -13.07 -12.18
N PHE D 265 37.28 -12.28 -11.44
CA PHE D 265 38.50 -11.70 -11.99
C PHE D 265 39.52 -12.79 -12.28
N SER D 266 40.18 -12.70 -13.43
CA SER D 266 41.18 -13.67 -13.83
C SER D 266 42.57 -13.06 -13.67
N PRO D 267 43.50 -13.73 -12.97
CA PRO D 267 43.29 -15.04 -12.35
C PRO D 267 42.50 -14.96 -11.04
N ALA D 268 42.01 -16.10 -10.57
CA ALA D 268 41.20 -16.13 -9.35
C ALA D 268 42.02 -15.72 -8.14
N PHE D 269 41.34 -15.16 -7.14
CA PHE D 269 41.97 -14.71 -5.91
C PHE D 269 41.99 -15.89 -4.94
N ARG D 270 43.15 -16.53 -4.83
CA ARG D 270 43.31 -17.71 -3.97
C ARG D 270 43.43 -17.27 -2.52
N PHE D 271 42.55 -17.80 -1.67
CA PHE D 271 42.60 -17.51 -0.25
C PHE D 271 42.08 -18.72 0.52
N GLY D 272 42.56 -18.88 1.74
CA GLY D 272 42.16 -20.00 2.56
C GLY D 272 42.40 -19.71 4.03
N THR D 273 42.15 -20.73 4.85
CA THR D 273 42.26 -20.61 6.30
C THR D 273 42.76 -21.92 6.88
N VAL D 274 42.74 -22.01 8.21
CA VAL D 274 43.26 -23.15 8.95
C VAL D 274 42.05 -23.94 9.49
N PRO D 275 42.03 -25.26 9.35
CA PRO D 275 40.82 -26.02 9.66
C PRO D 275 40.57 -26.17 11.15
N ASN D 276 39.33 -26.57 11.46
CA ASN D 276 38.88 -26.96 12.79
C ASN D 276 39.15 -25.89 13.84
N GLY D 277 39.21 -24.63 13.42
CA GLY D 277 39.29 -23.50 14.32
C GLY D 277 37.96 -22.83 14.53
N SER D 278 38.00 -21.62 15.08
CA SER D 278 36.78 -20.85 15.22
C SER D 278 36.31 -20.34 13.88
N THR D 279 37.25 -19.85 13.06
CA THR D 279 36.92 -19.31 11.75
C THR D 279 36.32 -20.37 10.83
N GLU D 280 36.75 -21.63 10.95
CA GLU D 280 36.19 -22.66 10.10
C GLU D 280 34.75 -22.98 10.47
N ARG D 281 34.47 -23.13 11.76
CA ARG D 281 33.10 -23.48 12.17
C ARG D 281 32.16 -22.31 11.97
N ASN D 282 32.63 -21.08 12.24
CA ASN D 282 31.76 -19.92 12.05
C ASN D 282 31.58 -19.60 10.57
N ILE D 283 32.62 -19.82 9.76
CA ILE D 283 32.47 -19.60 8.33
C ILE D 283 31.57 -20.67 7.72
N ARG D 284 31.60 -21.89 8.26
CA ARG D 284 30.70 -22.94 7.77
C ARG D 284 29.25 -22.63 8.14
N ASN D 285 29.02 -22.25 9.40
CA ASN D 285 27.66 -21.94 9.81
C ASN D 285 27.15 -20.61 9.26
N ASN D 286 28.04 -19.75 8.72
CA ASN D 286 27.65 -18.45 8.17
C ASN D 286 27.43 -18.50 6.67
N TYR D 287 28.46 -18.85 5.90
CA TYR D 287 28.36 -19.01 4.45
C TYR D 287 28.65 -20.46 4.09
N LEU D 288 27.67 -21.15 3.51
CA LEU D 288 27.90 -22.51 3.06
C LEU D 288 28.68 -22.54 1.76
N GLU D 289 28.31 -21.67 0.81
CA GLU D 289 28.97 -21.65 -0.50
C GLU D 289 30.41 -21.19 -0.38
N MET D 290 30.65 -20.09 0.34
CA MET D 290 32.03 -19.63 0.52
C MET D 290 32.87 -20.66 1.25
N HIS D 291 32.27 -21.41 2.19
CA HIS D 291 33.01 -22.49 2.84
C HIS D 291 33.36 -23.59 1.86
N SER D 292 32.41 -23.99 1.02
CA SER D 292 32.69 -25.01 0.02
C SER D 292 33.79 -24.55 -0.95
N TYR D 293 33.85 -23.25 -1.23
CA TYR D 293 34.88 -22.74 -2.14
C TYR D 293 36.23 -22.65 -1.46
N MET D 294 36.25 -22.30 -0.17
CA MET D 294 37.52 -22.10 0.52
C MET D 294 38.10 -23.39 1.08
N VAL D 295 37.31 -24.45 1.21
CA VAL D 295 37.81 -25.69 1.78
C VAL D 295 38.83 -26.34 0.84
N LYS D 296 38.68 -26.13 -0.47
CA LYS D 296 39.61 -26.73 -1.43
C LYS D 296 40.96 -26.05 -1.43
N PHE D 297 40.99 -24.74 -1.15
CA PHE D 297 42.23 -23.97 -1.14
C PHE D 297 42.74 -23.72 0.28
N ASN D 298 42.39 -24.58 1.23
CA ASN D 298 42.84 -24.40 2.60
C ASN D 298 44.34 -24.56 2.70
N GLN D 299 44.95 -23.82 3.62
CA GLN D 299 46.39 -23.82 3.81
C GLN D 299 46.76 -24.70 5.01
N ARG D 300 48.07 -24.85 5.23
CA ARG D 300 48.57 -25.76 6.25
C ARG D 300 48.83 -25.04 7.58
N SER D 301 49.92 -24.29 7.67
CA SER D 301 50.33 -23.61 8.89
C SER D 301 50.20 -22.10 8.73
N VAL D 302 50.39 -21.40 9.85
CA VAL D 302 50.29 -19.95 9.83
C VAL D 302 51.45 -19.35 9.06
N GLN D 303 52.67 -19.81 9.33
CA GLN D 303 53.82 -19.30 8.59
C GLN D 303 53.76 -19.73 7.13
N ASP D 304 53.30 -20.95 6.87
CA ASP D 304 53.14 -21.41 5.49
C ASP D 304 52.10 -20.56 4.76
N ALA D 305 51.05 -20.15 5.47
CA ALA D 305 50.05 -19.28 4.86
C ALA D 305 50.61 -17.87 4.64
N LEU D 306 51.52 -17.43 5.51
CA LEU D 306 52.22 -16.18 5.26
C LEU D 306 53.06 -16.28 4.00
N LEU D 307 53.71 -17.43 3.80
CA LEU D 307 54.45 -17.66 2.56
C LEU D 307 53.52 -17.66 1.35
N SER D 308 52.32 -18.25 1.50
CA SER D 308 51.37 -18.23 0.40
C SER D 308 50.89 -16.82 0.10
N LEU D 309 50.76 -15.99 1.13
CA LEU D 309 50.38 -14.59 0.92
C LEU D 309 51.54 -13.75 0.36
N LYS D 310 52.78 -14.21 0.55
CA LYS D 310 53.95 -13.50 0.04
C LYS D 310 54.43 -14.01 -1.31
N SER D 311 54.37 -15.31 -1.54
CA SER D 311 54.91 -15.92 -2.75
C SER D 311 53.92 -15.92 -3.91
N GLY D 312 52.82 -15.17 -3.81
CA GLY D 312 51.84 -15.14 -4.86
C GLY D 312 50.97 -16.38 -4.97
N LYS D 313 51.24 -17.43 -4.18
CA LYS D 313 50.37 -18.59 -4.15
C LYS D 313 49.02 -18.29 -3.53
N LEU D 314 48.89 -17.17 -2.82
CA LEU D 314 47.61 -16.72 -2.28
C LEU D 314 47.58 -15.20 -2.32
N ASP D 315 46.56 -14.64 -2.97
CA ASP D 315 46.46 -13.19 -3.07
C ASP D 315 46.20 -12.56 -1.71
N ALA D 316 45.18 -13.05 -1.01
CA ALA D 316 44.85 -12.59 0.33
C ALA D 316 44.71 -13.79 1.25
N PHE D 317 44.77 -13.52 2.55
CA PHE D 317 44.67 -14.56 3.57
C PHE D 317 43.88 -14.03 4.76
N ILE D 318 43.01 -14.88 5.32
CA ILE D 318 42.12 -14.48 6.42
C ILE D 318 42.21 -15.52 7.53
N TYR D 319 42.30 -15.05 8.77
CA TYR D 319 42.41 -15.91 9.94
C TYR D 319 42.23 -15.04 11.19
N ASP D 320 42.57 -15.59 12.35
CA ASP D 320 42.40 -14.92 13.64
C ASP D 320 43.08 -13.55 13.65
N ALA D 321 42.55 -12.66 14.47
CA ALA D 321 42.97 -11.25 14.44
C ALA D 321 44.23 -11.03 15.27
N ALA D 322 44.23 -11.50 16.52
CA ALA D 322 45.35 -11.21 17.42
C ALA D 322 46.64 -11.84 16.91
N VAL D 323 46.61 -13.14 16.61
CA VAL D 323 47.80 -13.82 16.11
C VAL D 323 48.25 -13.20 14.79
N LEU D 324 47.30 -12.72 13.99
CA LEU D 324 47.67 -11.97 12.79
C LEU D 324 48.18 -10.57 13.12
N ASN D 325 47.70 -9.99 14.23
CA ASN D 325 48.18 -8.67 14.62
C ASN D 325 49.65 -8.73 15.01
N TYR D 326 50.03 -9.70 15.83
CA TYR D 326 51.45 -9.86 16.14
C TYR D 326 52.23 -10.35 14.93
N MET D 327 51.68 -11.32 14.20
CA MET D 327 52.38 -11.86 13.05
C MET D 327 52.66 -10.79 12.00
N ALA D 328 51.87 -9.73 12.00
CA ALA D 328 52.16 -8.57 11.16
C ALA D 328 53.08 -7.58 11.87
N GLY D 329 52.96 -7.47 13.20
CA GLY D 329 53.83 -6.56 13.93
C GLY D 329 55.26 -7.03 14.00
N ARG D 330 55.48 -8.35 13.99
CA ARG D 330 56.81 -8.91 14.01
C ARG D 330 57.28 -9.36 12.64
N ASP D 331 56.41 -9.27 11.62
CA ASP D 331 56.80 -9.62 10.27
C ASP D 331 57.95 -8.75 9.80
N GLU D 332 59.02 -9.39 9.34
CA GLU D 332 60.19 -8.66 8.87
C GLU D 332 59.82 -7.78 7.68
N GLY D 333 60.16 -6.50 7.78
CA GLY D 333 59.82 -5.54 6.76
C GLY D 333 58.40 -5.03 6.80
N CYS D 334 57.52 -5.65 7.59
CA CYS D 334 56.13 -5.23 7.73
C CYS D 334 55.41 -5.25 6.37
N LYS D 335 55.72 -6.25 5.55
CA LYS D 335 55.13 -6.33 4.22
C LYS D 335 53.64 -6.67 4.31
N LEU D 336 53.31 -7.80 4.93
CA LEU D 336 51.93 -8.24 5.08
C LEU D 336 51.24 -7.39 6.13
N VAL D 337 50.17 -6.70 5.73
CA VAL D 337 49.37 -5.88 6.64
C VAL D 337 47.94 -6.36 6.57
N THR D 338 47.18 -6.02 7.61
CA THR D 338 45.79 -6.44 7.71
C THR D 338 44.93 -5.68 6.70
N ILE D 339 44.04 -6.42 6.02
CA ILE D 339 43.15 -5.81 5.05
C ILE D 339 42.09 -5.01 5.79
N GLY D 340 41.82 -3.80 5.30
CA GLY D 340 40.84 -2.93 5.92
C GLY D 340 41.38 -2.07 7.03
N SER D 341 42.70 -1.88 7.11
CA SER D 341 43.33 -1.03 8.12
C SER D 341 42.95 -1.48 9.53
N GLY D 342 42.89 -2.79 9.73
CA GLY D 342 42.61 -3.35 11.03
C GLY D 342 41.16 -3.69 11.30
N LYS D 343 40.39 -4.04 10.26
CA LYS D 343 39.00 -4.40 10.47
C LYS D 343 38.91 -5.81 11.06
N VAL D 344 38.03 -5.97 12.04
CA VAL D 344 37.84 -7.24 12.74
C VAL D 344 36.36 -7.55 12.74
N PHE D 345 35.99 -8.70 12.19
CA PHE D 345 34.63 -9.19 12.24
C PHE D 345 34.49 -10.15 13.42
N ALA D 346 33.28 -10.72 13.57
CA ALA D 346 32.91 -11.74 14.55
C ALA D 346 32.84 -11.17 15.95
N THR D 347 33.95 -10.58 16.39
CA THR D 347 34.14 -9.90 17.67
C THR D 347 34.39 -10.82 18.86
N THR D 348 34.42 -12.14 18.75
CA THR D 348 34.59 -12.95 19.96
C THR D 348 35.95 -12.64 20.64
N GLY D 349 36.16 -13.26 21.81
CA GLY D 349 37.40 -13.09 22.54
C GLY D 349 37.79 -14.35 23.31
N TYR D 350 39.08 -14.43 23.65
CA TYR D 350 39.62 -15.58 24.36
C TYR D 350 39.16 -15.60 25.81
N GLY D 351 39.52 -16.67 26.51
CA GLY D 351 39.19 -16.80 27.91
C GLY D 351 39.61 -18.16 28.41
N ILE D 352 39.89 -18.22 29.71
CA ILE D 352 40.23 -19.48 30.34
C ILE D 352 38.98 -20.34 30.42
N ALA D 353 39.05 -21.54 29.84
CA ALA D 353 37.93 -22.48 29.80
C ALA D 353 37.91 -23.30 31.09
N ILE D 354 36.82 -23.18 31.85
CA ILE D 354 36.71 -23.86 33.14
C ILE D 354 35.73 -25.02 32.99
N GLN D 355 35.54 -25.78 34.06
CA GLN D 355 34.65 -26.93 33.98
C GLN D 355 33.21 -26.45 33.94
N LYS D 356 32.42 -27.17 33.18
CA LYS D 356 31.06 -26.76 32.92
C LYS D 356 30.20 -26.93 34.12
N ASP D 357 29.10 -26.18 34.17
CA ASP D 357 28.09 -26.37 35.19
C ASP D 357 28.60 -25.86 36.50
N SER D 358 29.76 -26.35 36.89
CA SER D 358 30.38 -25.97 38.14
C SER D 358 31.82 -25.65 37.94
N GLY D 359 32.36 -24.91 38.88
CA GLY D 359 33.74 -24.48 38.76
C GLY D 359 33.94 -23.18 39.51
N TRP D 360 35.12 -22.61 39.33
CA TRP D 360 35.43 -21.32 39.93
C TRP D 360 34.90 -20.21 39.02
N LYS D 361 33.62 -20.30 38.66
CA LYS D 361 33.09 -19.45 37.59
C LYS D 361 33.28 -17.97 37.90
N ARG D 362 33.03 -17.57 39.14
CA ARG D 362 33.12 -16.17 39.50
C ARG D 362 34.49 -15.77 40.01
N GLN D 363 35.23 -16.68 40.65
CA GLN D 363 36.51 -16.31 41.24
C GLN D 363 37.55 -16.05 40.17
N VAL D 364 37.54 -16.87 39.11
CA VAL D 364 38.46 -16.67 38.00
C VAL D 364 38.17 -15.36 37.28
N ASP D 365 36.89 -15.12 36.95
CA ASP D 365 36.54 -13.82 36.36
C ASP D 365 36.99 -12.67 37.24
N LEU D 366 36.72 -12.75 38.56
CA LEU D 366 37.11 -11.66 39.45
C LEU D 366 38.61 -11.45 39.41
N ALA D 367 39.37 -12.54 39.30
CA ALA D 367 40.82 -12.41 39.18
C ALA D 367 41.19 -11.71 37.89
N ILE D 368 40.49 -12.04 36.80
CA ILE D 368 40.80 -11.41 35.51
C ILE D 368 40.46 -9.92 35.54
N LEU D 369 39.36 -9.56 36.19
CA LEU D 369 38.91 -8.18 36.18
C LEU D 369 39.67 -7.31 37.18
N GLN D 370 40.15 -7.89 38.29
CA GLN D 370 41.05 -7.14 39.17
C GLN D 370 42.42 -6.97 38.52
N LEU D 371 42.89 -8.01 37.81
CA LEU D 371 44.09 -7.86 36.99
C LEU D 371 43.90 -6.82 35.91
N PHE D 372 42.66 -6.64 35.43
CA PHE D 372 42.39 -5.53 34.53
C PHE D 372 42.40 -4.19 35.29
N GLY D 373 42.02 -4.21 36.57
CA GLY D 373 41.98 -2.97 37.34
C GLY D 373 43.37 -2.43 37.63
N ASP D 374 44.30 -3.31 37.98
CA ASP D 374 45.67 -2.86 38.18
C ASP D 374 46.28 -2.39 36.87
N GLY D 375 45.81 -2.91 35.74
CA GLY D 375 46.28 -2.50 34.43
C GLY D 375 47.50 -3.21 33.91
N GLU D 376 47.78 -4.43 34.37
CA GLU D 376 49.04 -5.09 34.03
C GLU D 376 49.08 -5.63 32.59
N MET D 377 47.92 -5.79 31.94
CA MET D 377 47.93 -6.22 30.55
C MET D 377 48.83 -5.32 29.71
N GLU D 378 48.56 -4.02 29.72
CA GLU D 378 49.36 -3.05 28.96
C GLU D 378 50.86 -3.40 29.00
N GLU D 379 51.39 -3.66 30.19
CA GLU D 379 52.77 -4.14 30.29
C GLU D 379 52.95 -5.50 29.64
N LEU D 380 51.96 -6.39 29.78
CA LEU D 380 52.11 -7.71 29.17
C LEU D 380 52.17 -7.62 27.64
N GLU D 381 51.26 -6.85 27.05
CA GLU D 381 51.26 -6.64 25.60
C GLU D 381 52.51 -5.91 25.16
N ALA D 382 53.02 -5.01 25.99
CA ALA D 382 54.28 -4.35 25.66
C ALA D 382 55.42 -5.36 25.64
N LEU D 383 55.38 -6.35 26.53
CA LEU D 383 56.45 -7.34 26.57
C LEU D 383 56.33 -8.35 25.44
N TRP D 384 55.11 -8.65 25.00
CA TRP D 384 54.88 -9.72 24.04
C TRP D 384 54.27 -9.25 22.73
N LEU D 385 53.19 -8.46 22.80
CA LEU D 385 52.39 -8.21 21.60
C LEU D 385 52.99 -7.11 20.72
N THR D 386 53.51 -6.04 21.33
CA THR D 386 53.95 -4.90 20.56
C THR D 386 55.12 -5.27 19.64
N GLY D 387 54.94 -5.03 18.35
CA GLY D 387 55.96 -5.34 17.37
C GLY D 387 56.72 -4.10 16.92
N ILE D 388 57.70 -4.34 16.05
CA ILE D 388 58.57 -3.28 15.55
C ILE D 388 57.92 -2.64 14.33
N CYS D 389 56.68 -3.05 14.02
CA CYS D 389 55.91 -2.47 12.93
C CYS D 389 54.88 -1.45 13.42
N HIS D 390 54.24 -1.72 14.56
CA HIS D 390 53.36 -0.74 15.17
C HIS D 390 54.12 0.38 15.89
N ASN D 391 55.45 0.30 15.94
CA ASN D 391 56.27 1.33 16.54
C ASN D 391 56.69 2.41 15.55
N GLU D 392 56.23 2.33 14.30
CA GLU D 392 56.53 3.36 13.32
C GLU D 392 55.77 4.65 13.65
N LYS D 393 55.97 5.67 12.83
CA LYS D 393 55.28 6.93 13.01
C LYS D 393 53.77 6.73 12.86
N ASN D 394 53.01 7.69 13.38
CA ASN D 394 51.55 7.60 13.34
C ASN D 394 51.02 7.61 11.91
N GLU D 395 51.82 8.07 10.94
CA GLU D 395 51.46 7.97 9.54
C GLU D 395 51.93 6.65 8.95
N VAL D 396 51.19 6.18 7.95
CA VAL D 396 51.58 4.94 7.27
C VAL D 396 52.93 5.08 6.57
N MET D 397 53.40 6.31 6.39
CA MET D 397 54.74 6.68 5.92
C MET D 397 55.01 6.31 4.47
N SER D 398 54.06 5.68 3.78
CA SER D 398 54.27 5.17 2.43
C SER D 398 55.50 4.27 2.40
N SER D 399 56.52 4.66 1.63
CA SER D 399 57.81 4.01 1.66
C SER D 399 58.77 4.86 2.50
N GLN D 400 59.25 4.29 3.61
CA GLN D 400 60.08 5.06 4.52
C GLN D 400 61.36 5.54 3.84
N LEU D 401 61.98 4.70 3.02
CA LEU D 401 63.21 5.07 2.34
C LEU D 401 63.38 4.17 1.12
N ASP D 402 63.84 4.75 0.03
CA ASP D 402 64.03 4.01 -1.21
C ASP D 402 65.16 3.01 -1.06
N ILE D 403 64.83 1.72 -1.14
CA ILE D 403 65.83 0.67 -1.16
C ILE D 403 65.96 0.03 -2.54
N ASP D 404 64.88 -0.01 -3.32
CA ASP D 404 64.91 -0.55 -4.68
C ASP D 404 64.90 0.54 -5.74
N ASN D 405 64.19 1.65 -5.50
CA ASN D 405 64.16 2.74 -6.48
C ASN D 405 65.48 3.49 -6.53
N MET D 406 66.06 3.79 -5.36
CA MET D 406 67.36 4.44 -5.33
C MET D 406 68.45 3.53 -5.88
N ALA D 407 68.34 2.22 -5.66
CA ALA D 407 69.29 1.28 -6.22
C ALA D 407 69.22 1.21 -7.74
N GLY D 408 68.08 1.59 -8.33
CA GLY D 408 67.99 1.67 -9.77
C GLY D 408 68.74 2.87 -10.32
N VAL D 409 68.62 4.02 -9.64
CA VAL D 409 69.39 5.20 -10.04
C VAL D 409 70.88 4.95 -9.82
N PHE D 410 71.22 4.22 -8.76
CA PHE D 410 72.61 3.82 -8.56
C PHE D 410 73.06 2.82 -9.63
N TYR D 411 72.13 2.02 -10.14
CA TYR D 411 72.47 1.13 -11.25
C TYR D 411 72.63 1.92 -12.55
N MET D 412 72.00 3.09 -12.66
CA MET D 412 72.21 3.97 -13.80
C MET D 412 73.54 4.70 -13.69
N LEU D 413 73.92 5.09 -12.47
CA LEU D 413 75.20 5.78 -12.28
C LEU D 413 76.37 4.81 -12.41
N ALA D 414 76.18 3.57 -11.96
CA ALA D 414 77.24 2.58 -12.06
C ALA D 414 77.30 1.97 -13.44
N ALA D 415 76.15 1.76 -14.07
CA ALA D 415 76.13 1.27 -15.46
C ALA D 415 76.68 2.31 -16.42
N ALA D 416 76.26 3.57 -16.25
CA ALA D 416 76.85 4.67 -17.02
C ALA D 416 78.26 5.00 -16.56
N MET D 417 78.69 4.47 -15.41
CA MET D 417 80.06 4.66 -14.95
C MET D 417 81.00 3.64 -15.58
N ALA D 418 80.54 2.39 -15.75
CA ALA D 418 81.32 1.41 -16.49
C ALA D 418 81.26 1.67 -17.99
N LEU D 419 80.12 2.14 -18.50
CA LEU D 419 80.03 2.53 -19.90
C LEU D 419 80.84 3.81 -20.16
N SER D 420 80.81 4.76 -19.23
CA SER D 420 81.67 5.93 -19.35
C SER D 420 83.13 5.55 -19.22
N LEU D 421 83.43 4.51 -18.45
CA LEU D 421 84.79 3.98 -18.42
C LEU D 421 85.13 3.29 -19.74
N ILE D 422 84.14 2.76 -20.44
CA ILE D 422 84.37 2.23 -21.77
C ILE D 422 84.64 3.37 -22.76
N THR D 423 84.01 4.52 -22.55
CA THR D 423 84.34 5.70 -23.35
C THR D 423 85.67 6.31 -22.92
N PHE D 424 86.17 5.95 -21.73
CA PHE D 424 87.48 6.40 -21.29
C PHE D 424 88.59 5.54 -21.87
N ILE D 425 88.39 4.22 -21.88
CA ILE D 425 89.37 3.33 -22.50
C ILE D 425 89.33 3.47 -24.02
N MET D 426 88.13 3.60 -24.59
CA MET D 426 88.02 3.90 -26.02
C MET D 426 88.57 5.29 -26.33
N GLU D 427 88.40 6.24 -25.42
CA GLU D 427 89.05 7.54 -25.57
C GLU D 427 90.55 7.46 -25.39
N HIS D 428 91.04 6.45 -24.66
CA HIS D 428 92.47 6.25 -24.48
C HIS D 428 93.07 5.50 -25.66
N THR E 3 -8.55 -3.69 -17.25
CA THR E 3 -8.31 -4.59 -18.37
C THR E 3 -6.84 -5.02 -18.44
N ARG E 4 -6.29 -4.99 -19.65
CA ARG E 4 -4.88 -5.36 -19.86
C ARG E 4 -4.36 -4.59 -21.06
N LEU E 5 -3.32 -3.78 -20.85
CA LEU E 5 -2.74 -2.96 -21.89
C LEU E 5 -1.27 -3.34 -22.09
N LYS E 6 -0.80 -3.22 -23.33
CA LYS E 6 0.58 -3.58 -23.65
C LYS E 6 1.51 -2.41 -23.34
N ILE E 7 2.75 -2.76 -22.97
CA ILE E 7 3.78 -1.79 -22.61
C ILE E 7 5.01 -2.07 -23.47
N VAL E 8 5.44 -1.07 -24.22
CA VAL E 8 6.63 -1.18 -25.05
C VAL E 8 7.77 -0.44 -24.38
N THR E 9 8.98 -1.00 -24.47
CA THR E 9 10.14 -0.37 -23.87
C THR E 9 11.38 -0.74 -24.69
N ILE E 10 12.44 0.03 -24.49
CA ILE E 10 13.71 -0.20 -25.18
C ILE E 10 14.79 -0.42 -24.13
N HIS E 11 15.83 -1.17 -24.51
CA HIS E 11 16.93 -1.48 -23.61
C HIS E 11 17.84 -0.26 -23.51
N GLN E 12 17.70 0.49 -22.42
CA GLN E 12 18.59 1.60 -22.12
C GLN E 12 19.30 1.30 -20.80
N GLU E 13 20.63 1.43 -20.81
CA GLU E 13 21.46 0.91 -19.72
C GLU E 13 21.02 1.35 -18.33
N PRO E 14 20.86 2.65 -18.02
CA PRO E 14 20.52 3.01 -16.63
C PRO E 14 19.05 2.85 -16.31
N PHE E 15 18.18 2.98 -17.31
CA PHE E 15 16.74 3.02 -17.08
C PHE E 15 16.04 1.68 -17.27
N VAL E 16 16.39 0.93 -18.32
CA VAL E 16 15.70 -0.32 -18.64
C VAL E 16 16.76 -1.39 -18.91
N TYR E 17 17.02 -2.23 -17.91
CA TYR E 17 17.86 -3.41 -18.10
C TYR E 17 17.02 -4.54 -18.67
N VAL E 18 17.54 -5.22 -19.67
CA VAL E 18 16.86 -6.32 -20.34
C VAL E 18 17.84 -7.49 -20.40
N ARG E 19 17.72 -8.42 -19.45
CA ARG E 19 18.56 -9.59 -19.37
C ARG E 19 17.69 -10.84 -19.25
N PRO E 20 18.13 -11.96 -19.84
CA PRO E 20 17.33 -13.18 -19.77
C PRO E 20 17.27 -13.75 -18.36
N THR E 21 16.44 -14.77 -18.19
CA THR E 21 16.22 -15.40 -16.90
C THR E 21 17.16 -16.59 -16.72
N THR E 22 17.09 -17.19 -15.53
CA THR E 22 17.85 -18.40 -15.26
C THR E 22 17.25 -19.58 -16.02
N SER E 23 17.84 -20.76 -15.83
CA SER E 23 17.39 -21.94 -16.58
C SER E 23 15.97 -22.34 -16.21
N ASP E 24 15.53 -22.00 -14.98
CA ASP E 24 14.17 -22.34 -14.58
C ASP E 24 13.14 -21.51 -15.34
N GLY E 25 13.33 -20.19 -15.38
CA GLY E 25 12.43 -19.32 -16.11
C GLY E 25 12.02 -18.08 -15.34
N THR E 26 12.30 -18.05 -14.04
CA THR E 26 11.98 -16.91 -13.20
C THR E 26 13.19 -15.99 -13.07
N CYS E 27 12.93 -14.72 -12.75
CA CYS E 27 13.99 -13.74 -12.63
C CYS E 27 14.78 -13.96 -11.35
N ARG E 28 16.11 -13.89 -11.47
CA ARG E 28 16.98 -14.13 -10.32
C ARG E 28 16.79 -13.03 -9.28
N GLU E 29 16.47 -13.45 -8.05
CA GLU E 29 16.27 -12.51 -6.96
C GLU E 29 17.60 -11.96 -6.47
N GLU E 30 17.71 -10.64 -6.40
CA GLU E 30 18.93 -9.97 -5.98
C GLU E 30 18.58 -8.75 -5.13
N TYR E 31 19.62 -8.14 -4.57
CA TYR E 31 19.48 -6.94 -3.76
C TYR E 31 20.54 -5.92 -4.16
N THR E 32 20.12 -4.67 -4.28
CA THR E 32 21.03 -3.62 -4.72
C THR E 32 22.04 -3.28 -3.60
N ILE E 33 23.01 -2.44 -3.95
CA ILE E 33 24.02 -2.03 -2.97
C ILE E 33 23.38 -1.26 -1.82
N ASN E 34 22.26 -0.59 -2.07
CA ASN E 34 21.53 0.09 -1.00
C ASN E 34 21.01 -0.91 0.02
N GLY E 35 20.62 -2.10 -0.44
CA GLY E 35 19.98 -3.07 0.41
C GLY E 35 18.48 -3.11 0.18
N ASP E 36 18.08 -3.28 -1.08
CA ASP E 36 16.68 -3.34 -1.47
C ASP E 36 16.48 -4.34 -2.60
N PRO E 37 15.37 -5.06 -2.60
CA PRO E 37 15.10 -6.02 -3.68
C PRO E 37 14.86 -5.31 -5.00
N ILE E 38 15.68 -5.62 -6.00
CA ILE E 38 15.50 -5.05 -7.32
C ILE E 38 14.28 -5.68 -7.98
N LYS E 39 13.35 -4.84 -8.43
CA LYS E 39 12.10 -5.31 -9.02
C LYS E 39 12.26 -5.53 -10.53
N LYS E 40 11.89 -6.72 -10.99
CA LYS E 40 11.98 -7.08 -12.40
C LYS E 40 10.63 -7.60 -12.88
N VAL E 41 10.41 -7.50 -14.19
CA VAL E 41 9.18 -7.94 -14.85
C VAL E 41 9.55 -8.70 -16.11
N ILE E 42 8.53 -9.16 -16.83
CA ILE E 42 8.68 -10.00 -18.02
C ILE E 42 8.60 -9.12 -19.27
N CYS E 43 9.57 -9.29 -20.17
CA CYS E 43 9.65 -8.52 -21.41
C CYS E 43 9.78 -9.49 -22.58
N ASN E 44 8.84 -9.42 -23.52
CA ASN E 44 8.83 -10.28 -24.71
C ASN E 44 9.33 -9.48 -25.91
N GLY E 45 10.62 -9.62 -26.20
CA GLY E 45 11.21 -8.90 -27.30
C GLY E 45 12.27 -9.70 -28.05
N PRO E 46 12.88 -9.08 -29.05
CA PRO E 46 13.92 -9.77 -29.83
C PRO E 46 15.21 -9.92 -29.04
N ASP E 47 15.58 -11.17 -28.75
CA ASP E 47 16.84 -11.44 -28.06
C ASP E 47 17.99 -11.18 -29.04
N GLU E 48 18.79 -10.14 -28.75
CA GLU E 48 19.91 -9.81 -29.62
C GLU E 48 20.99 -10.88 -29.62
N THR E 49 21.03 -11.74 -28.59
CA THR E 49 21.98 -12.85 -28.56
C THR E 49 21.82 -13.74 -29.78
N ILE E 50 20.60 -14.17 -30.07
CA ILE E 50 20.32 -14.88 -31.32
C ILE E 50 20.31 -13.86 -32.46
N PRO E 51 21.22 -13.97 -33.44
CA PRO E 51 21.11 -13.13 -34.64
C PRO E 51 19.73 -13.16 -35.30
N GLY E 52 18.92 -14.20 -35.02
CA GLY E 52 17.69 -14.42 -35.75
C GLY E 52 16.65 -13.31 -35.67
N ARG E 53 16.82 -12.37 -34.74
CA ARG E 53 15.76 -11.45 -34.33
C ARG E 53 14.50 -12.22 -33.96
N PRO E 54 14.57 -13.26 -33.06
CA PRO E 54 13.33 -13.93 -32.64
C PRO E 54 12.78 -13.37 -31.32
N THR E 55 11.46 -13.30 -31.15
CA THR E 55 10.92 -12.81 -29.90
C THR E 55 11.15 -13.84 -28.80
N VAL E 56 11.54 -13.35 -27.61
CA VAL E 56 11.71 -14.23 -26.45
C VAL E 56 11.50 -13.43 -25.17
N PRO E 57 10.59 -13.87 -24.30
CA PRO E 57 10.38 -13.19 -23.03
C PRO E 57 11.61 -13.24 -22.14
N GLN E 58 11.74 -12.21 -21.29
CA GLN E 58 12.99 -11.98 -20.57
C GLN E 58 12.67 -11.29 -19.24
N CYS E 59 13.72 -10.83 -18.56
CA CYS E 59 13.60 -10.11 -17.29
C CYS E 59 14.12 -8.69 -17.48
N CYS E 60 13.29 -7.71 -17.15
CA CYS E 60 13.62 -6.30 -17.32
C CYS E 60 13.44 -5.56 -16.00
N TYR E 61 14.38 -4.66 -15.71
CA TYR E 61 14.41 -3.99 -14.41
C TYR E 61 15.22 -2.71 -14.51
N GLY E 62 14.78 -1.67 -13.82
CA GLY E 62 15.53 -0.43 -13.82
C GLY E 62 14.67 0.73 -13.33
N PHE E 63 15.16 1.93 -13.61
CA PHE E 63 14.45 3.16 -13.24
C PHE E 63 13.07 3.20 -13.87
N CYS E 64 13.01 3.08 -15.20
CA CYS E 64 11.72 3.10 -15.89
C CYS E 64 10.85 1.93 -15.50
N VAL E 65 11.44 0.82 -15.03
CA VAL E 65 10.63 -0.30 -14.56
C VAL E 65 9.97 0.04 -13.24
N ASP E 66 10.72 0.67 -12.32
CA ASP E 66 10.13 1.12 -11.07
C ASP E 66 9.07 2.18 -11.31
N LEU E 67 9.30 3.07 -12.28
CA LEU E 67 8.28 4.06 -12.62
C LEU E 67 7.05 3.41 -13.25
N LEU E 68 7.25 2.33 -14.01
CA LEU E 68 6.12 1.63 -14.60
C LEU E 68 5.29 0.91 -13.55
N ILE E 69 5.96 0.27 -12.58
CA ILE E 69 5.23 -0.35 -11.48
C ILE E 69 4.52 0.71 -10.64
N LYS E 70 5.15 1.86 -10.46
CA LYS E 70 4.53 2.94 -9.68
C LYS E 70 3.27 3.46 -10.38
N LEU E 71 3.36 3.71 -11.69
CA LEU E 71 2.19 4.19 -12.43
C LEU E 71 1.10 3.11 -12.49
N ALA E 72 1.50 1.84 -12.57
CA ALA E 72 0.54 0.76 -12.49
C ALA E 72 -0.12 0.66 -11.12
N ARG E 73 0.55 1.16 -10.08
CA ARG E 73 -0.04 1.20 -8.76
C ARG E 73 -0.96 2.41 -8.58
N GLU E 74 -0.64 3.53 -9.24
CA GLU E 74 -1.45 4.73 -9.10
C GLU E 74 -2.84 4.55 -9.70
N MET E 75 -2.91 4.08 -10.95
CA MET E 75 -4.17 3.83 -11.62
C MET E 75 -4.52 2.35 -11.56
N ASP E 76 -5.82 2.06 -11.55
CA ASP E 76 -6.32 0.70 -11.33
C ASP E 76 -6.29 -0.12 -12.62
N PHE E 77 -5.08 -0.33 -13.14
CA PHE E 77 -4.90 -1.08 -14.37
C PHE E 77 -3.72 -2.03 -14.22
N THR E 78 -3.73 -3.06 -15.06
CA THR E 78 -2.62 -3.99 -15.19
C THR E 78 -1.90 -3.74 -16.52
N TYR E 79 -0.78 -4.43 -16.71
CA TYR E 79 0.08 -4.18 -17.86
C TYR E 79 0.67 -5.48 -18.38
N GLU E 80 1.23 -5.41 -19.59
CA GLU E 80 1.96 -6.52 -20.20
C GLU E 80 3.13 -5.92 -20.98
N VAL E 81 4.31 -5.97 -20.39
CA VAL E 81 5.49 -5.32 -20.96
C VAL E 81 6.11 -6.20 -22.03
N HIS E 82 6.64 -5.55 -23.07
CA HIS E 82 7.36 -6.25 -24.13
C HIS E 82 8.35 -5.28 -24.75
N LEU E 83 9.50 -5.82 -25.17
CA LEU E 83 10.53 -4.99 -25.77
C LEU E 83 10.15 -4.61 -27.19
N VAL E 84 10.75 -3.52 -27.67
CA VAL E 84 10.46 -3.04 -29.02
C VAL E 84 11.04 -4.01 -30.04
N ALA E 85 10.33 -4.14 -31.17
CA ALA E 85 10.66 -5.18 -32.14
C ALA E 85 11.92 -4.85 -32.92
N ASP E 86 12.03 -3.62 -33.43
CA ASP E 86 13.15 -3.27 -34.29
C ASP E 86 14.42 -2.91 -33.52
N GLY E 87 14.31 -2.62 -32.23
CA GLY E 87 15.46 -2.30 -31.42
C GLY E 87 15.90 -0.85 -31.44
N LYS E 88 15.14 0.03 -32.08
CA LYS E 88 15.45 1.45 -32.14
C LYS E 88 14.36 2.24 -31.42
N PHE E 89 14.64 3.53 -31.20
CA PHE E 89 13.68 4.39 -30.52
C PHE E 89 12.45 4.63 -31.40
N GLY E 90 12.65 5.20 -32.57
CA GLY E 90 11.56 5.43 -33.50
C GLY E 90 11.86 6.61 -34.42
N THR E 91 11.25 6.57 -35.60
CA THR E 91 11.40 7.63 -36.59
C THR E 91 10.23 7.57 -37.56
N GLN E 92 10.03 8.69 -38.25
CA GLN E 92 8.96 8.83 -39.24
C GLN E 92 9.55 8.77 -40.63
N GLU E 93 8.99 7.91 -41.49
CA GLU E 93 9.52 7.76 -42.84
C GLU E 93 8.48 7.07 -43.72
N ARG E 94 8.76 7.06 -45.02
CA ARG E 94 7.93 6.38 -46.02
C ARG E 94 8.87 5.56 -46.90
N VAL E 95 8.94 4.25 -46.64
CA VAL E 95 9.92 3.41 -47.31
C VAL E 95 9.40 2.92 -48.65
N ASN E 96 8.24 2.26 -48.63
CA ASN E 96 7.69 1.64 -49.84
C ASN E 96 6.54 2.41 -50.47
N ASN E 97 5.93 3.35 -49.75
CA ASN E 97 4.80 4.12 -50.27
C ASN E 97 5.25 5.56 -50.47
N SER E 98 5.15 6.05 -51.70
CA SER E 98 5.54 7.41 -52.03
C SER E 98 4.47 8.43 -51.68
N ASN E 99 3.27 8.00 -51.31
CA ASN E 99 2.18 8.91 -50.95
C ASN E 99 1.67 8.73 -49.53
N ALA E 100 2.14 7.71 -48.81
CA ALA E 100 1.72 7.47 -47.43
C ALA E 100 2.95 7.16 -46.59
N ALA E 101 3.03 7.80 -45.43
CA ALA E 101 4.16 7.64 -44.51
C ALA E 101 3.70 6.94 -43.24
N ALA E 102 4.68 6.41 -42.50
CA ALA E 102 4.40 5.68 -41.27
C ALA E 102 5.57 5.87 -40.31
N TRP E 103 5.41 5.31 -39.11
CA TRP E 103 6.42 5.38 -38.06
C TRP E 103 7.04 4.01 -37.83
N ASN E 104 8.26 4.02 -37.30
CA ASN E 104 8.98 2.79 -37.00
C ASN E 104 9.60 2.90 -35.60
N GLY E 105 9.71 1.76 -34.94
CA GLY E 105 10.18 1.71 -33.56
C GLY E 105 9.02 1.58 -32.60
N MET E 106 9.20 2.07 -31.37
CA MET E 106 8.08 2.11 -30.43
C MET E 106 6.97 3.02 -30.93
N MET E 107 7.33 4.09 -31.66
CA MET E 107 6.33 4.95 -32.28
C MET E 107 5.46 4.16 -33.26
N GLY E 108 6.09 3.30 -34.05
CA GLY E 108 5.33 2.51 -35.01
C GLY E 108 4.39 1.53 -34.35
N GLU E 109 4.86 0.83 -33.31
CA GLU E 109 3.99 -0.08 -32.58
C GLU E 109 2.86 0.65 -31.87
N LEU E 110 3.11 1.89 -31.45
CA LEU E 110 2.04 2.67 -30.83
C LEU E 110 1.00 3.11 -31.84
N LEU E 111 1.44 3.59 -33.01
CA LEU E 111 0.50 4.05 -34.03
C LEU E 111 -0.22 2.88 -34.70
N SER E 112 0.44 1.73 -34.81
CA SER E 112 -0.19 0.55 -35.39
C SER E 112 -1.06 -0.20 -34.39
N GLY E 113 -1.18 0.30 -33.16
CA GLY E 113 -1.96 -0.36 -32.13
C GLY E 113 -1.25 -1.48 -31.41
N GLN E 114 -0.01 -1.80 -31.80
CA GLN E 114 0.71 -2.90 -31.15
C GLN E 114 1.10 -2.57 -29.73
N ALA E 115 1.06 -1.30 -29.34
CA ALA E 115 1.39 -0.89 -27.98
C ALA E 115 0.41 0.19 -27.53
N ASP E 116 0.21 0.28 -26.21
CA ASP E 116 -0.70 1.25 -25.63
C ASP E 116 0.01 2.31 -24.79
N MET E 117 1.28 2.11 -24.45
CA MET E 117 2.00 3.01 -23.56
C MET E 117 3.49 2.74 -23.66
N ILE E 118 4.29 3.80 -23.63
CA ILE E 118 5.75 3.71 -23.72
C ILE E 118 6.34 4.14 -22.38
N VAL E 119 7.04 3.21 -21.72
CA VAL E 119 7.65 3.48 -20.43
C VAL E 119 9.16 3.31 -20.54
N ALA E 120 9.81 4.19 -21.29
CA ALA E 120 11.24 4.17 -21.49
C ALA E 120 11.77 5.59 -21.46
N PRO E 121 13.09 5.82 -21.39
CA PRO E 121 13.60 7.20 -21.51
C PRO E 121 13.32 7.79 -22.87
N LEU E 122 12.07 8.23 -23.09
CA LEU E 122 11.63 8.80 -24.36
C LEU E 122 11.66 10.32 -24.26
N THR E 123 12.40 10.96 -25.16
CA THR E 123 12.59 12.39 -25.12
C THR E 123 11.41 13.11 -25.76
N ILE E 124 11.06 14.27 -25.22
CA ILE E 124 9.96 15.08 -25.74
C ILE E 124 10.52 16.08 -26.76
N ASN E 125 9.87 16.16 -27.91
CA ASN E 125 10.24 17.14 -28.93
C ASN E 125 9.03 17.43 -29.80
N ASN E 126 9.16 18.44 -30.66
CA ASN E 126 8.01 18.90 -31.45
C ASN E 126 7.66 17.94 -32.57
N GLU E 127 8.67 17.30 -33.18
CA GLU E 127 8.39 16.38 -34.28
C GLU E 127 7.55 15.20 -33.84
N ARG E 128 7.76 14.70 -32.62
CA ARG E 128 6.95 13.61 -32.09
C ARG E 128 5.65 14.09 -31.45
N ALA E 129 5.59 15.36 -31.04
CA ALA E 129 4.38 15.90 -30.42
C ALA E 129 3.21 16.02 -31.39
N GLN E 130 3.46 15.89 -32.69
CA GLN E 130 2.39 15.97 -33.67
C GLN E 130 1.55 14.71 -33.72
N TYR E 131 2.06 13.59 -33.18
CA TYR E 131 1.38 12.30 -33.27
C TYR E 131 0.99 11.71 -31.92
N ILE E 132 1.71 12.01 -30.85
CA ILE E 132 1.44 11.46 -29.53
C ILE E 132 1.38 12.60 -28.51
N GLU E 133 0.88 12.26 -27.32
CA GLU E 133 0.80 13.20 -26.21
C GLU E 133 1.71 12.71 -25.10
N PHE E 134 2.47 13.63 -24.52
CA PHE E 134 3.44 13.32 -23.47
C PHE E 134 2.99 13.91 -22.15
N SER E 135 3.43 13.27 -21.06
CA SER E 135 3.13 13.74 -19.72
C SER E 135 4.19 14.73 -19.28
N LYS E 136 4.06 15.22 -18.04
CA LYS E 136 5.11 16.05 -17.46
C LYS E 136 6.39 15.22 -17.35
N PRO E 137 7.54 15.77 -17.73
CA PRO E 137 8.76 14.95 -17.83
C PRO E 137 9.17 14.37 -16.49
N PHE E 138 9.66 13.14 -16.52
CA PHE E 138 10.20 12.51 -15.31
C PHE E 138 11.72 12.58 -15.23
N LYS E 139 12.40 13.01 -16.29
CA LYS E 139 13.86 13.13 -16.26
C LYS E 139 14.28 14.45 -16.87
N TYR E 140 15.02 15.25 -16.11
CA TYR E 140 15.61 16.48 -16.63
C TYR E 140 17.03 16.17 -17.10
N GLN E 141 17.30 16.42 -18.38
CA GLN E 141 18.60 16.13 -18.96
C GLN E 141 18.91 17.19 -20.01
N GLY E 142 19.97 16.97 -20.78
CA GLY E 142 20.39 17.87 -21.82
C GLY E 142 21.20 17.13 -22.86
N LEU E 143 22.11 17.85 -23.53
CA LEU E 143 23.01 17.26 -24.52
C LEU E 143 24.44 17.56 -24.13
N THR E 144 25.27 16.53 -24.07
CA THR E 144 26.68 16.65 -23.75
C THR E 144 27.47 15.73 -24.66
N ILE E 145 28.63 16.21 -25.10
CA ILE E 145 29.51 15.43 -25.95
C ILE E 145 30.36 14.54 -25.04
N LEU E 146 30.18 13.23 -25.18
CA LEU E 146 30.78 12.26 -24.28
C LEU E 146 32.02 11.66 -24.93
N VAL E 147 33.12 11.62 -24.16
CA VAL E 147 34.38 11.09 -24.67
C VAL E 147 35.27 10.53 -23.59
N LYS E 148 36.17 9.68 -24.05
CA LYS E 148 37.22 8.97 -23.31
C LYS E 148 38.57 9.66 -23.45
N LYS E 149 38.98 10.41 -22.43
CA LYS E 149 40.09 11.34 -22.56
C LYS E 149 41.40 10.87 -21.97
N GLU E 150 42.47 11.03 -22.75
CA GLU E 150 43.85 10.75 -22.28
C GLU E 150 44.25 11.77 -21.22
N PRO E 152 47.34 13.07 -20.38
CA PRO E 152 48.69 13.63 -20.46
C PRO E 152 48.76 15.02 -19.84
N ARG E 153 49.75 15.20 -18.97
CA ARG E 153 49.86 16.39 -18.14
C ARG E 153 50.09 17.73 -18.83
N SER E 154 50.97 17.78 -19.83
CA SER E 154 51.36 19.07 -20.40
C SER E 154 51.05 19.27 -21.88
N THR E 155 50.33 20.35 -22.19
CA THR E 155 50.07 20.76 -23.56
C THR E 155 50.83 22.03 -23.93
N LEU E 156 51.71 22.49 -23.03
CA LEU E 156 52.36 23.78 -23.16
C LEU E 156 53.61 23.90 -22.29
N ASP E 157 54.40 24.94 -22.53
CA ASP E 157 55.62 25.16 -21.76
C ASP E 157 55.25 25.34 -20.29
N SER E 158 56.05 24.73 -19.42
CA SER E 158 55.71 24.59 -18.01
C SER E 158 56.21 25.74 -17.16
N PHE E 159 56.77 26.80 -17.75
CA PHE E 159 57.22 27.93 -16.95
C PHE E 159 56.10 28.91 -16.66
N MET E 160 55.18 29.10 -17.59
CA MET E 160 54.06 30.01 -17.43
C MET E 160 52.78 29.32 -17.01
N GLN E 161 52.81 28.00 -16.81
CA GLN E 161 51.62 27.25 -16.41
C GLN E 161 51.30 27.44 -14.93
N PRO E 162 52.26 27.25 -14.00
CA PRO E 162 51.90 27.42 -12.58
C PRO E 162 51.61 28.85 -12.19
N PHE E 163 52.37 29.81 -12.71
CA PHE E 163 52.19 31.22 -12.41
C PHE E 163 51.47 31.90 -13.57
N GLN E 164 50.39 32.60 -13.26
CA GLN E 164 49.65 33.35 -14.28
C GLN E 164 50.54 34.44 -14.87
N SER E 165 50.04 35.03 -15.96
CA SER E 165 50.81 36.08 -16.65
C SER E 165 51.13 37.25 -15.72
N THR E 166 50.21 37.56 -14.80
CA THR E 166 50.48 38.64 -13.85
C THR E 166 51.61 38.28 -12.89
N LEU E 167 51.73 37.01 -12.51
CA LEU E 167 52.78 36.61 -11.58
C LEU E 167 54.15 36.59 -12.24
N TRP E 168 54.24 36.06 -13.46
CA TRP E 168 55.52 36.04 -14.17
C TRP E 168 55.93 37.45 -14.57
N LEU E 169 55.00 38.22 -15.16
CA LEU E 169 55.29 39.61 -15.47
C LEU E 169 55.67 40.40 -14.23
N LEU E 170 55.06 40.07 -13.09
CA LEU E 170 55.46 40.70 -11.83
C LEU E 170 56.89 40.30 -11.46
N VAL E 171 57.26 39.04 -11.71
CA VAL E 171 58.61 38.58 -11.40
C VAL E 171 59.63 39.33 -12.23
N GLY E 172 59.36 39.53 -13.52
CA GLY E 172 60.25 40.34 -14.34
C GLY E 172 60.29 41.79 -13.91
N LEU E 173 59.13 42.34 -13.55
CA LEU E 173 59.08 43.70 -13.03
C LEU E 173 59.94 43.85 -11.78
N SER E 174 60.01 42.80 -10.96
CA SER E 174 60.92 42.81 -9.82
C SER E 174 62.37 42.60 -10.27
N VAL E 175 62.59 41.93 -11.40
CA VAL E 175 63.94 41.78 -11.92
C VAL E 175 64.51 43.13 -12.31
N HIS E 176 63.71 43.96 -12.99
CA HIS E 176 64.18 45.30 -13.33
C HIS E 176 64.02 46.29 -12.20
N VAL E 177 63.18 45.98 -11.20
CA VAL E 177 63.10 46.84 -10.03
C VAL E 177 64.31 46.65 -9.12
N VAL E 178 64.87 45.44 -9.09
CA VAL E 178 66.07 45.18 -8.31
C VAL E 178 67.34 45.46 -9.13
N ALA E 179 67.28 45.34 -10.46
CA ALA E 179 68.41 45.73 -11.28
C ALA E 179 68.55 47.26 -11.34
N VAL E 180 67.43 47.96 -11.54
CA VAL E 180 67.46 49.42 -11.59
C VAL E 180 67.57 50.01 -10.19
N MET E 181 66.87 49.43 -9.21
CA MET E 181 66.99 49.90 -7.84
C MET E 181 68.37 49.56 -7.26
N LEU E 182 69.00 48.51 -7.77
CA LEU E 182 70.37 48.19 -7.37
C LEU E 182 71.38 49.08 -8.05
N TYR E 183 71.11 49.48 -9.30
CA TYR E 183 71.97 50.47 -9.96
C TYR E 183 71.84 51.85 -9.31
N LEU E 184 70.65 52.17 -8.80
CA LEU E 184 70.45 53.45 -8.14
C LEU E 184 71.00 53.45 -6.71
N LEU E 185 70.77 52.37 -5.97
CA LEU E 185 71.24 52.29 -4.59
C LEU E 185 72.76 52.21 -4.53
N ASP E 186 73.39 51.56 -5.50
CA ASP E 186 74.86 51.50 -5.59
C ASP E 186 75.45 52.74 -6.24
N ARG E 187 74.86 53.90 -6.00
CA ARG E 187 75.34 55.15 -6.57
C ARG E 187 75.34 56.25 -5.50
N LEU E 198 77.92 48.69 -19.60
CA LEU E 198 78.84 48.21 -18.57
C LEU E 198 78.12 48.05 -17.23
N THR E 199 77.84 49.18 -16.57
CA THR E 199 77.13 49.14 -15.30
C THR E 199 75.71 48.62 -15.47
N LEU E 200 75.04 49.02 -16.55
CA LEU E 200 73.71 48.49 -16.83
C LEU E 200 73.75 47.00 -17.15
N SER E 201 74.73 46.59 -17.97
CA SER E 201 74.89 45.17 -18.26
C SER E 201 75.30 44.39 -17.01
N SER E 202 75.99 45.04 -16.08
CA SER E 202 76.33 44.37 -14.82
C SER E 202 75.10 44.24 -13.92
N ALA E 203 74.21 45.21 -13.95
CA ALA E 203 72.98 45.12 -13.15
C ALA E 203 72.04 44.06 -13.73
N MET E 204 71.83 44.08 -15.04
CA MET E 204 70.97 43.09 -15.67
C MET E 204 71.58 41.70 -15.55
N TRP E 205 72.89 41.58 -15.71
CA TRP E 205 73.54 40.29 -15.56
C TRP E 205 73.53 39.82 -14.11
N PHE E 206 73.50 40.75 -13.15
CA PHE E 206 73.44 40.38 -11.75
C PHE E 206 72.05 39.87 -11.37
N SER E 207 71.01 40.61 -11.75
CA SER E 207 69.65 40.19 -11.44
C SER E 207 69.29 38.90 -12.18
N TRP E 208 69.60 38.85 -13.48
CA TRP E 208 69.28 37.66 -14.27
C TRP E 208 70.11 36.46 -13.82
N ARG E 209 71.40 36.68 -13.55
CA ARG E 209 72.25 35.59 -13.08
C ARG E 209 71.84 35.12 -11.69
N VAL E 210 71.20 35.99 -10.91
CA VAL E 210 70.73 35.58 -9.59
C VAL E 210 69.41 34.82 -9.68
N LEU E 211 68.54 35.22 -10.61
CA LEU E 211 67.28 34.51 -10.78
C LEU E 211 67.43 33.18 -11.49
N LEU E 212 68.44 33.05 -12.36
CA LEU E 212 68.62 31.86 -13.17
C LEU E 212 69.76 30.97 -12.69
N ASN E 213 70.47 31.36 -11.62
CA ASN E 213 71.58 30.59 -11.08
C ASN E 213 72.66 30.34 -12.15
N SER E 214 72.87 31.33 -13.01
CA SER E 214 73.91 31.21 -14.03
C SER E 214 75.29 31.16 -13.40
N GLY E 215 75.50 31.89 -12.31
CA GLY E 215 76.78 31.85 -11.60
C GLY E 215 77.94 32.41 -12.37
N LEU E 216 77.76 33.56 -13.02
CA LEU E 216 78.84 34.15 -13.80
C LEU E 216 79.91 34.76 -12.90
N GLY E 217 79.50 35.37 -11.78
CA GLY E 217 80.43 36.05 -10.92
C GLY E 217 81.03 37.29 -11.54
N GLU E 218 80.28 37.98 -12.38
CA GLU E 218 80.81 39.13 -13.11
C GLU E 218 81.09 40.31 -12.18
N GLY E 219 80.04 40.80 -11.51
CA GLY E 219 80.19 41.94 -10.62
C GLY E 219 79.26 41.82 -9.43
N ALA E 220 79.43 42.77 -8.50
CA ALA E 220 78.62 42.77 -7.29
C ALA E 220 78.72 44.14 -6.62
N PRO E 221 77.63 44.66 -6.07
CA PRO E 221 77.72 45.87 -5.25
C PRO E 221 77.91 45.55 -3.77
N ARG E 222 78.56 46.49 -3.07
CA ARG E 222 78.90 46.30 -1.67
C ARG E 222 78.05 47.14 -0.72
N SER E 223 77.17 47.99 -1.24
CA SER E 223 76.33 48.82 -0.38
C SER E 223 75.32 47.96 0.38
N PHE E 224 75.10 48.32 1.64
CA PHE E 224 74.12 47.60 2.46
C PHE E 224 72.73 47.69 1.88
N SER E 225 72.39 48.83 1.27
CA SER E 225 71.14 48.91 0.55
C SER E 225 71.14 47.95 -0.64
N ALA E 226 72.23 47.91 -1.40
CA ALA E 226 72.31 47.02 -2.56
C ALA E 226 72.44 45.55 -2.16
N ARG E 227 73.13 45.27 -1.05
CA ARG E 227 73.23 43.89 -0.59
C ARG E 227 71.91 43.39 -0.03
N ILE E 228 71.17 44.26 0.66
CA ILE E 228 69.85 43.89 1.15
C ILE E 228 68.86 43.77 -0.01
N LEU E 229 69.00 44.63 -1.03
CA LEU E 229 68.15 44.52 -2.21
C LEU E 229 68.41 43.20 -2.93
N GLY E 230 69.68 42.84 -3.12
CA GLY E 230 70.01 41.58 -3.74
C GLY E 230 69.69 40.37 -2.90
N MET E 231 69.65 40.53 -1.57
CA MET E 231 69.25 39.42 -0.71
C MET E 231 67.75 39.20 -0.78
N VAL E 232 66.99 40.30 -0.83
CA VAL E 232 65.57 40.18 -1.06
C VAL E 232 65.32 39.61 -2.45
N TRP E 233 66.17 39.93 -3.43
CA TRP E 233 66.00 39.41 -4.79
C TRP E 233 66.35 37.93 -4.89
N ALA E 234 67.35 37.48 -4.13
CA ALA E 234 67.73 36.06 -4.16
C ALA E 234 66.75 35.22 -3.35
N GLY E 235 66.37 35.68 -2.16
CA GLY E 235 65.34 35.00 -1.41
C GLY E 235 64.02 34.99 -2.15
N PHE E 236 63.63 36.14 -2.71
CA PHE E 236 62.44 36.21 -3.54
C PHE E 236 62.57 35.32 -4.76
N ALA E 237 63.80 35.10 -5.25
CA ALA E 237 64.00 34.17 -6.35
C ALA E 237 63.76 32.74 -5.90
N MET E 238 64.16 32.40 -4.67
CA MET E 238 63.86 31.07 -4.13
C MET E 238 62.37 30.89 -3.90
N ILE E 239 61.67 31.99 -3.60
CA ILE E 239 60.24 31.88 -3.34
C ILE E 239 59.46 31.82 -4.65
N ILE E 240 59.94 32.47 -5.71
CA ILE E 240 59.22 32.42 -6.98
C ILE E 240 59.55 31.13 -7.72
N VAL E 241 60.77 30.61 -7.58
CA VAL E 241 61.05 29.30 -8.15
C VAL E 241 60.39 28.21 -7.30
N ALA E 242 60.21 28.47 -6.00
CA ALA E 242 59.47 27.53 -5.15
C ALA E 242 57.98 27.58 -5.43
N SER E 243 57.48 28.72 -5.91
CA SER E 243 56.08 28.81 -6.32
C SER E 243 55.87 28.20 -7.70
N TYR E 244 56.80 28.44 -8.62
CA TYR E 244 56.69 27.83 -9.94
C TYR E 244 56.82 26.31 -9.85
N THR E 245 57.78 25.82 -9.05
CA THR E 245 57.89 24.39 -8.85
C THR E 245 56.77 23.86 -7.95
N ALA E 246 56.22 24.71 -7.10
CA ALA E 246 55.14 24.31 -6.19
C ALA E 246 53.84 24.06 -6.97
N ASN E 247 53.27 25.12 -7.54
CA ASN E 247 52.07 24.96 -8.35
C ASN E 247 52.33 24.14 -9.61
N LEU E 248 53.57 24.10 -10.09
CA LEU E 248 53.89 23.22 -11.21
C LEU E 248 53.88 21.75 -10.80
N ALA E 249 54.20 21.47 -9.53
CA ALA E 249 54.08 20.11 -9.01
C ALA E 249 52.66 19.80 -8.54
N ALA E 250 51.83 20.82 -8.32
CA ALA E 250 50.47 20.58 -7.88
C ALA E 250 49.58 20.08 -9.02
N PHE E 251 49.89 20.47 -10.25
CA PHE E 251 49.11 20.04 -11.41
C PHE E 251 49.53 18.64 -11.86
N LEU E 252 50.07 17.85 -10.94
CA LEU E 252 50.48 16.47 -11.22
C LEU E 252 49.36 15.48 -10.92
N VAL E 253 48.64 15.68 -9.83
CA VAL E 253 47.49 14.86 -9.46
C VAL E 253 46.25 15.74 -9.48
N LEU E 254 45.13 15.17 -9.91
CA LEU E 254 43.86 15.89 -10.03
C LEU E 254 44.00 17.09 -10.98
N ARG E 255 44.54 16.83 -12.16
CA ARG E 255 44.72 17.89 -13.15
C ARG E 255 43.37 18.31 -13.74
N ARG E 256 43.31 19.57 -14.15
CA ARG E 256 42.07 20.10 -14.72
C ARG E 256 41.78 19.41 -16.04
N PRO E 257 40.52 19.14 -16.36
CA PRO E 257 40.18 18.42 -17.59
C PRO E 257 40.54 19.22 -18.83
N GLU E 258 40.75 18.48 -19.93
CA GLU E 258 41.12 19.09 -21.19
C GLU E 258 39.88 19.64 -21.90
N GLU E 259 40.12 20.41 -22.95
CA GLU E 259 39.05 21.04 -23.71
C GLU E 259 38.38 20.11 -24.71
N ARG E 260 38.69 18.81 -24.67
CA ARG E 260 38.00 17.86 -25.55
C ARG E 260 36.49 17.90 -25.37
N ILE E 261 36.04 18.36 -24.20
CA ILE E 261 34.63 18.58 -23.88
C ILE E 261 34.24 19.88 -24.56
N THR E 262 33.54 19.76 -25.68
CA THR E 262 33.33 20.90 -26.55
C THR E 262 32.38 21.90 -25.91
N GLY E 263 31.18 21.47 -25.55
CA GLY E 263 30.18 22.38 -25.04
C GLY E 263 29.30 22.89 -26.15
N ILE E 264 28.38 23.79 -25.76
CA ILE E 264 27.36 24.27 -26.69
C ILE E 264 28.00 24.94 -27.90
N ASN E 265 28.92 25.87 -27.66
CA ASN E 265 29.56 26.64 -28.72
C ASN E 265 31.05 26.36 -28.67
N ASP E 266 31.45 25.23 -29.26
CA ASP E 266 32.87 24.94 -29.37
C ASP E 266 33.28 24.65 -30.80
N PRO E 267 34.53 24.94 -31.12
CA PRO E 267 35.03 24.65 -32.47
C PRO E 267 35.06 23.17 -32.81
N ARG E 268 35.35 22.28 -31.85
CA ARG E 268 35.44 20.85 -32.16
C ARG E 268 34.08 20.28 -32.54
N LEU E 269 33.00 20.78 -31.96
CA LEU E 269 31.67 20.29 -32.30
C LEU E 269 31.19 20.79 -33.66
N ARG E 270 31.72 21.92 -34.13
CA ARG E 270 31.27 22.52 -35.37
C ARG E 270 32.02 21.98 -36.60
N ASN E 271 33.33 21.76 -36.47
CA ASN E 271 34.14 21.37 -37.63
C ASN E 271 34.18 19.86 -37.77
N PRO E 272 33.83 19.31 -38.93
CA PRO E 272 33.84 17.84 -39.11
C PRO E 272 35.15 17.25 -39.67
N SER E 273 36.10 17.04 -38.77
CA SER E 273 37.38 16.43 -39.12
C SER E 273 37.31 14.92 -38.90
N ASP E 274 37.92 14.17 -39.83
CA ASP E 274 37.89 12.72 -39.75
C ASP E 274 38.82 12.17 -38.66
N LYS E 275 39.66 13.02 -38.05
CA LYS E 275 40.54 12.57 -36.98
C LYS E 275 39.84 12.60 -35.64
N PHE E 276 39.06 13.65 -35.37
CA PHE E 276 38.28 13.77 -34.14
C PHE E 276 36.85 13.36 -34.48
N ILE E 277 36.54 12.08 -34.24
CA ILE E 277 35.27 11.50 -34.67
C ILE E 277 34.23 11.78 -33.60
N TYR E 278 33.38 12.77 -33.86
CA TYR E 278 32.16 12.99 -33.10
C TYR E 278 30.98 12.57 -33.96
N ALA E 279 30.07 11.79 -33.37
CA ALA E 279 28.96 11.24 -34.15
C ALA E 279 27.76 11.04 -33.23
N THR E 280 26.63 10.74 -33.86
CA THR E 280 25.38 10.47 -33.17
C THR E 280 24.87 9.10 -33.57
N VAL E 281 23.93 8.59 -32.77
CA VAL E 281 23.33 7.29 -33.07
C VAL E 281 22.42 7.44 -34.28
N LYS E 282 22.58 6.53 -35.25
CA LYS E 282 21.71 6.54 -36.42
C LYS E 282 20.31 6.11 -36.04
N GLN E 283 19.33 6.60 -36.80
CA GLN E 283 17.91 6.36 -36.52
C GLN E 283 17.54 6.83 -35.11
N SER E 284 18.01 8.03 -34.75
CA SER E 284 17.72 8.63 -33.46
C SER E 284 17.61 10.13 -33.64
N SER E 285 17.36 10.84 -32.53
CA SER E 285 17.09 12.26 -32.60
C SER E 285 18.37 13.08 -32.78
N VAL E 286 19.47 12.62 -32.19
CA VAL E 286 20.71 13.40 -32.25
C VAL E 286 21.21 13.52 -33.68
N ASP E 287 20.86 12.57 -34.55
CA ASP E 287 21.16 12.74 -35.97
C ASP E 287 20.29 13.81 -36.60
N ILE E 288 19.04 13.95 -36.13
CA ILE E 288 18.16 14.99 -36.65
C ILE E 288 18.58 16.37 -36.15
N TYR E 289 19.27 16.42 -35.00
CA TYR E 289 19.73 17.72 -34.50
C TYR E 289 20.74 18.36 -35.44
N PHE E 290 21.62 17.55 -36.02
CA PHE E 290 22.62 18.05 -36.96
C PHE E 290 22.22 17.89 -38.42
N ARG E 291 21.15 17.15 -38.71
CA ARG E 291 20.69 16.99 -40.08
C ARG E 291 19.77 18.11 -40.53
N ARG E 292 18.94 18.64 -39.62
CA ARG E 292 18.00 19.68 -40.00
C ARG E 292 18.71 21.02 -40.24
N GLN E 293 19.59 21.42 -39.33
CA GLN E 293 20.32 22.67 -39.49
C GLN E 293 21.23 22.61 -40.71
N VAL E 294 21.01 23.51 -41.66
CA VAL E 294 21.83 23.52 -42.87
C VAL E 294 23.28 23.85 -42.55
N GLU E 295 23.51 24.68 -41.53
CA GLU E 295 24.87 25.04 -41.16
C GLU E 295 25.67 23.81 -40.75
N LEU E 296 25.08 22.93 -39.96
CA LEU E 296 25.72 21.68 -39.57
C LEU E 296 25.67 20.62 -40.67
N SER E 297 25.09 20.95 -41.84
CA SER E 297 25.00 19.99 -42.93
C SER E 297 26.37 19.43 -43.29
N THR E 298 27.39 20.28 -43.32
CA THR E 298 28.75 19.82 -43.54
C THR E 298 29.12 18.74 -42.52
N MET E 299 28.94 19.05 -41.24
CA MET E 299 29.16 18.04 -40.20
C MET E 299 28.25 16.82 -40.43
N TYR E 300 27.01 17.08 -40.89
CA TYR E 300 26.11 15.98 -41.21
C TYR E 300 26.75 15.00 -42.19
N ARG E 301 27.51 15.52 -43.16
CA ARG E 301 28.25 14.66 -44.07
C ARG E 301 29.14 13.67 -43.31
N HIS E 302 29.97 14.19 -42.41
CA HIS E 302 30.81 13.32 -41.60
C HIS E 302 29.98 12.42 -40.71
N MET E 303 28.79 12.87 -40.31
CA MET E 303 27.87 12.02 -39.56
C MET E 303 27.14 11.04 -40.46
N GLU E 304 26.98 11.35 -41.74
CA GLU E 304 26.26 10.44 -42.63
C GLU E 304 27.05 9.19 -42.95
N LYS E 305 28.39 9.30 -42.96
CA LYS E 305 29.24 8.16 -43.31
C LYS E 305 29.85 7.46 -42.11
N HIS E 306 29.76 8.04 -40.91
CA HIS E 306 30.38 7.47 -39.72
C HIS E 306 29.40 7.32 -38.56
N ASN E 307 28.10 7.21 -38.86
CA ASN E 307 27.11 7.07 -37.80
C ASN E 307 27.05 5.64 -37.30
N TYR E 308 26.67 5.49 -36.03
CA TYR E 308 26.48 4.20 -35.40
C TYR E 308 25.01 3.96 -35.14
N GLU E 309 24.64 2.69 -34.99
CA GLU E 309 23.24 2.31 -34.78
C GLU E 309 22.88 2.39 -33.30
N SER E 310 23.43 1.50 -32.49
CA SER E 310 23.14 1.46 -31.06
C SER E 310 24.09 2.37 -30.29
N ALA E 311 23.57 2.97 -29.22
CA ALA E 311 24.39 3.87 -28.40
C ALA E 311 25.48 3.12 -27.65
N ALA E 312 25.24 1.85 -27.32
CA ALA E 312 26.26 1.05 -26.65
C ALA E 312 27.47 0.82 -27.56
N GLU E 313 27.23 0.67 -28.86
CA GLU E 313 28.35 0.53 -29.80
C GLU E 313 29.19 1.80 -29.83
N ALA E 314 28.54 2.97 -29.78
CA ALA E 314 29.28 4.22 -29.71
C ALA E 314 30.01 4.36 -28.38
N ILE E 315 29.43 3.82 -27.31
CA ILE E 315 30.10 3.85 -26.02
C ILE E 315 31.36 3.00 -26.05
N GLN E 316 31.28 1.80 -26.63
CA GLN E 316 32.45 0.94 -26.74
C GLN E 316 33.47 1.53 -27.70
N ALA E 317 33.02 2.23 -28.74
CA ALA E 317 33.95 2.90 -29.65
C ALA E 317 34.69 4.03 -28.94
N VAL E 318 33.97 4.78 -28.11
CA VAL E 318 34.61 5.84 -27.35
C VAL E 318 35.50 5.27 -26.26
N ARG E 319 35.23 4.05 -25.78
CA ARG E 319 36.12 3.41 -24.81
C ARG E 319 37.32 2.77 -25.48
N ASP E 320 37.14 2.20 -26.67
CA ASP E 320 38.22 1.60 -27.43
C ASP E 320 38.99 2.62 -28.27
N ASN E 321 38.85 3.91 -27.96
CA ASN E 321 39.53 5.00 -28.66
C ASN E 321 39.22 5.00 -30.16
N LYS E 322 38.00 4.59 -30.53
CA LYS E 322 37.57 4.61 -31.92
C LYS E 322 36.83 5.89 -32.27
N LEU E 323 35.88 6.29 -31.41
CA LEU E 323 35.15 7.54 -31.58
C LEU E 323 35.68 8.56 -30.57
N HIS E 324 36.10 9.72 -31.08
CA HIS E 324 36.68 10.74 -30.23
C HIS E 324 35.62 11.27 -29.26
N ALA E 325 34.62 12.00 -29.77
CA ALA E 325 33.54 12.52 -28.96
C ALA E 325 32.23 11.83 -29.30
N PHE E 326 31.25 11.96 -28.40
CA PHE E 326 29.94 11.36 -28.62
C PHE E 326 28.88 12.27 -28.00
N ILE E 327 28.19 13.01 -28.86
CA ILE E 327 27.10 13.88 -28.40
C ILE E 327 25.89 13.00 -28.09
N TRP E 328 25.38 13.11 -26.87
CA TRP E 328 24.27 12.27 -26.43
C TRP E 328 23.59 12.95 -25.25
N ASP E 329 22.50 12.36 -24.78
CA ASP E 329 21.76 12.90 -23.65
C ASP E 329 22.63 12.97 -22.40
N SER E 330 22.38 13.97 -21.56
CA SER E 330 23.20 14.17 -20.37
C SER E 330 22.95 13.11 -19.32
N ALA E 331 21.73 12.58 -19.24
CA ALA E 331 21.45 11.52 -18.26
C ALA E 331 22.28 10.28 -18.56
N VAL E 332 22.22 9.79 -19.80
CA VAL E 332 22.92 8.57 -20.14
C VAL E 332 24.42 8.79 -20.21
N LEU E 333 24.86 9.90 -20.81
CA LEU E 333 26.29 10.16 -20.95
C LEU E 333 26.94 10.41 -19.59
N GLU E 334 26.30 11.21 -18.74
CA GLU E 334 26.83 11.41 -17.39
C GLU E 334 26.77 10.13 -16.57
N PHE E 335 25.76 9.29 -16.80
CA PHE E 335 25.69 8.01 -16.09
C PHE E 335 26.85 7.11 -16.49
N GLU E 336 27.12 7.01 -17.80
CA GLU E 336 28.24 6.19 -18.25
C GLU E 336 29.57 6.81 -17.84
N ALA E 337 29.61 8.13 -17.65
CA ALA E 337 30.81 8.77 -17.13
C ALA E 337 31.01 8.46 -15.65
N SER E 338 29.92 8.27 -14.92
CA SER E 338 30.00 7.88 -13.50
C SER E 338 30.16 6.37 -13.33
N GLN E 339 29.94 5.57 -14.37
CA GLN E 339 30.14 4.13 -14.33
C GLN E 339 31.42 3.70 -15.02
N LYS E 340 31.71 4.25 -16.19
CA LYS E 340 32.97 4.02 -16.91
C LYS E 340 33.70 5.36 -16.90
N CYS E 341 34.60 5.51 -15.93
CA CYS E 341 35.40 6.72 -15.78
C CYS E 341 36.39 6.91 -16.87
N ASP E 342 36.48 6.02 -17.83
CA ASP E 342 37.26 6.38 -18.97
C ASP E 342 36.55 7.41 -19.84
N LEU E 343 35.29 7.77 -19.58
CA LEU E 343 34.62 8.78 -20.41
C LEU E 343 34.08 10.02 -19.66
N VAL E 344 34.10 11.18 -20.32
CA VAL E 344 33.65 12.43 -19.70
C VAL E 344 32.72 13.20 -20.64
N THR E 345 31.74 13.87 -20.04
CA THR E 345 30.77 14.65 -20.79
C THR E 345 31.27 16.07 -21.03
N THR E 346 30.65 16.74 -22.00
CA THR E 346 31.05 18.09 -22.36
C THR E 346 30.47 19.11 -21.41
N GLY E 347 31.28 20.10 -21.04
CA GLY E 347 30.83 21.19 -20.21
C GLY E 347 29.81 22.06 -20.94
N GLU E 348 29.28 23.03 -20.21
CA GLU E 348 28.25 23.93 -20.74
C GLU E 348 27.10 23.12 -21.33
N LEU E 349 26.26 22.55 -20.49
CA LEU E 349 25.19 21.67 -20.95
C LEU E 349 24.21 22.44 -21.83
N PHE E 350 23.85 21.84 -22.95
CA PHE E 350 22.99 22.49 -23.92
C PHE E 350 21.88 21.53 -24.35
N PHE E 351 20.87 22.08 -25.00
CA PHE E 351 19.70 21.33 -25.47
C PHE E 351 19.05 20.55 -24.33
N ARG E 352 18.66 21.29 -23.29
CA ARG E 352 18.07 20.68 -22.10
C ARG E 352 16.67 20.19 -22.41
N SER E 353 16.47 18.87 -22.38
CA SER E 353 15.16 18.28 -22.61
C SER E 353 14.77 17.39 -21.44
N GLY E 354 13.69 16.62 -21.60
CA GLY E 354 13.23 15.77 -20.51
C GLY E 354 12.54 14.50 -20.95
N PHE E 355 12.90 13.38 -20.33
CA PHE E 355 12.26 12.11 -20.61
C PHE E 355 10.91 12.03 -19.90
N GLY E 356 9.87 11.69 -20.66
CA GLY E 356 8.53 11.56 -20.11
C GLY E 356 7.78 10.44 -20.82
N ILE E 357 6.74 9.94 -20.14
CA ILE E 357 5.95 8.85 -20.70
C ILE E 357 5.10 9.37 -21.86
N GLY E 358 4.75 8.47 -22.77
CA GLY E 358 3.97 8.83 -23.95
C GLY E 358 2.66 8.08 -24.02
N MET E 359 1.60 8.81 -24.36
CA MET E 359 0.25 8.26 -24.46
C MET E 359 -0.40 8.74 -25.76
N ARG E 360 -1.55 8.18 -26.07
CA ARG E 360 -2.30 8.60 -27.24
C ARG E 360 -3.26 9.74 -26.87
N LYS E 361 -3.79 10.40 -27.90
CA LYS E 361 -4.50 11.66 -27.68
C LYS E 361 -5.80 11.46 -26.91
N ASP E 362 -6.67 10.57 -27.39
CA ASP E 362 -8.00 10.43 -26.81
C ASP E 362 -8.00 9.81 -25.42
N SER E 363 -6.86 9.39 -24.90
CA SER E 363 -6.82 8.71 -23.62
C SER E 363 -7.14 9.67 -22.48
N PRO E 364 -7.96 9.25 -21.51
CA PRO E 364 -8.20 10.10 -20.34
C PRO E 364 -7.07 10.03 -19.33
N TRP E 365 -6.33 8.92 -19.35
CA TRP E 365 -5.20 8.73 -18.43
C TRP E 365 -4.27 9.94 -18.44
N LYS E 366 -4.09 10.54 -19.62
CA LYS E 366 -3.16 11.67 -19.75
C LYS E 366 -3.45 12.77 -18.75
N GLN E 367 -4.73 12.99 -18.43
CA GLN E 367 -5.04 14.02 -17.44
C GLN E 367 -4.56 13.62 -16.06
N GLU E 368 -4.85 12.38 -15.64
CA GLU E 368 -4.49 11.96 -14.29
C GLU E 368 -3.01 11.61 -14.20
N VAL E 369 -2.55 10.74 -15.10
CA VAL E 369 -1.17 10.23 -15.03
C VAL E 369 -0.17 11.37 -15.00
N SER E 370 -0.30 12.30 -15.94
CA SER E 370 0.58 13.48 -15.93
C SER E 370 0.50 14.21 -14.59
N LEU E 371 -0.73 14.47 -14.12
CA LEU E 371 -0.87 15.06 -12.79
C LEU E 371 -0.21 14.20 -11.74
N ASN E 372 -0.36 12.87 -11.85
CA ASN E 372 0.33 11.95 -10.94
C ASN E 372 1.84 12.18 -10.99
N ILE E 373 2.39 12.33 -12.19
CA ILE E 373 3.81 12.65 -12.30
C ILE E 373 4.11 13.97 -11.59
N LEU E 374 3.24 14.97 -11.80
CA LEU E 374 3.38 16.24 -11.07
C LEU E 374 3.30 16.01 -9.58
N LYS E 375 2.49 15.03 -9.14
CA LYS E 375 2.50 14.65 -7.74
C LYS E 375 3.69 13.75 -7.42
N SER E 376 4.12 12.91 -8.36
CA SER E 376 5.24 12.01 -8.11
C SER E 376 6.53 12.79 -7.87
N HIS E 377 6.68 13.96 -8.48
CA HIS E 377 7.80 14.83 -8.17
C HIS E 377 7.60 15.55 -6.84
N GLU E 378 6.35 15.85 -6.48
CA GLU E 378 6.07 16.66 -5.30
C GLU E 378 6.39 15.90 -4.01
N ASN E 379 6.20 14.58 -4.01
CA ASN E 379 6.46 13.78 -2.82
C ASN E 379 7.92 13.42 -2.65
N GLY E 380 8.74 13.58 -3.68
CA GLY E 380 10.14 13.23 -3.61
C GLY E 380 10.46 11.78 -3.96
N PHE E 381 9.52 11.05 -4.56
CA PHE E 381 9.79 9.67 -4.95
C PHE E 381 10.86 9.59 -6.03
N MET E 382 10.86 10.55 -6.95
CA MET E 382 11.90 10.57 -7.98
C MET E 382 13.28 10.76 -7.37
N GLU E 383 13.37 11.37 -6.20
CA GLU E 383 14.66 11.50 -5.53
C GLU E 383 15.14 10.15 -5.01
N GLU E 384 14.22 9.33 -4.49
CA GLU E 384 14.61 7.99 -4.07
C GLU E 384 14.98 7.12 -5.26
N LEU E 385 14.18 7.20 -6.33
CA LEU E 385 14.53 6.50 -7.58
C LEU E 385 15.91 6.91 -8.06
N ASP E 386 16.25 8.19 -7.91
CA ASP E 386 17.60 8.64 -8.25
C ASP E 386 18.62 8.01 -7.34
N LYS E 387 18.36 8.01 -6.02
CA LYS E 387 19.28 7.37 -5.08
C LYS E 387 19.46 5.89 -5.39
N THR E 388 18.53 5.29 -6.13
CA THR E 388 18.64 3.88 -6.47
C THR E 388 19.34 3.65 -7.81
N TRP E 389 19.00 4.42 -8.84
CA TRP E 389 19.38 4.09 -10.20
C TRP E 389 20.38 5.03 -10.85
N VAL E 390 20.78 6.11 -10.18
CA VAL E 390 21.91 6.93 -10.60
C VAL E 390 22.84 7.06 -9.39
N ARG E 391 23.76 6.12 -9.25
CA ARG E 391 24.79 6.14 -8.23
C ARG E 391 26.15 6.21 -8.91
N TYR E 392 26.99 7.14 -8.47
CA TYR E 392 28.28 7.38 -9.10
C TYR E 392 29.32 6.49 -8.46
N GLN E 393 29.91 5.59 -9.25
CA GLN E 393 31.00 4.74 -8.80
C GLN E 393 32.31 5.50 -9.00
N GLU E 394 32.98 5.82 -7.90
CA GLU E 394 34.24 6.54 -7.98
C GLU E 394 35.29 5.69 -8.68
N CYS E 395 36.40 6.34 -9.04
CA CYS E 395 37.46 5.70 -9.79
C CYS E 395 38.81 6.11 -9.21
N ASP E 396 39.87 5.78 -9.94
CA ASP E 396 41.21 6.23 -9.56
C ASP E 396 41.28 7.74 -9.69
N SER E 397 41.49 8.42 -8.55
CA SER E 397 41.47 9.88 -8.55
C SER E 397 42.57 10.48 -9.43
N ARG E 398 43.60 9.72 -9.75
CA ARG E 398 44.67 10.19 -10.62
C ARG E 398 44.17 10.31 -12.07
N ALA E 401 50.50 7.96 -11.08
CA ALA E 401 49.35 8.60 -11.74
C ALA E 401 49.65 8.84 -13.22
N PRO E 402 50.03 10.07 -13.56
CA PRO E 402 50.38 10.40 -14.94
C PRO E 402 51.60 9.59 -15.36
N ALA E 403 52.56 9.49 -14.45
CA ALA E 403 53.73 8.63 -14.68
C ALA E 403 54.46 9.01 -15.95
N THR E 404 54.76 8.00 -16.76
CA THR E 404 55.49 8.20 -18.00
C THR E 404 55.00 9.42 -18.76
N LEU E 405 53.71 9.74 -18.65
CA LEU E 405 53.18 10.86 -19.41
C LEU E 405 53.78 12.19 -18.97
N THR E 406 54.99 12.45 -19.45
CA THR E 406 55.67 13.73 -19.26
C THR E 406 56.48 14.15 -20.48
N PHE E 407 56.45 13.38 -21.58
CA PHE E 407 57.31 13.67 -22.72
C PHE E 407 56.82 14.87 -23.50
N GLU E 408 55.52 14.94 -23.79
CA GLU E 408 54.99 16.01 -24.62
C GLU E 408 55.25 17.39 -24.01
N ASN E 409 55.02 17.54 -22.69
CA ASN E 409 55.36 18.80 -22.03
C ASN E 409 56.84 19.13 -22.18
N MET E 410 57.69 18.19 -21.75
CA MET E 410 59.13 18.43 -21.78
C MET E 410 59.58 18.87 -23.16
N ALA E 411 58.94 18.31 -24.20
CA ALA E 411 59.16 18.83 -25.54
C ALA E 411 58.56 20.22 -25.72
N GLY E 412 57.53 20.55 -24.95
CA GLY E 412 56.96 21.90 -25.02
C GLY E 412 57.86 22.95 -24.42
N VAL E 413 58.30 22.73 -23.18
CA VAL E 413 59.21 23.68 -22.53
C VAL E 413 60.56 23.71 -23.24
N PHE E 414 61.04 22.55 -23.70
CA PHE E 414 62.25 22.52 -24.52
C PHE E 414 62.04 23.28 -25.82
N MET E 415 60.81 23.29 -26.33
CA MET E 415 60.50 24.08 -27.52
C MET E 415 60.46 25.57 -27.20
N LEU E 416 60.09 25.93 -25.97
CA LEU E 416 60.13 27.33 -25.57
C LEU E 416 61.57 27.80 -25.40
N VAL E 417 62.44 26.93 -24.86
CA VAL E 417 63.84 27.28 -24.69
C VAL E 417 64.53 27.36 -26.04
N ALA E 418 64.30 26.38 -26.91
CA ALA E 418 64.89 26.40 -28.24
C ALA E 418 64.36 27.59 -29.05
N GLY E 419 63.08 27.91 -28.88
CA GLY E 419 62.54 29.09 -29.54
C GLY E 419 63.17 30.37 -29.04
N GLY E 420 63.43 30.45 -27.73
CA GLY E 420 64.19 31.58 -27.21
C GLY E 420 65.61 31.62 -27.73
N ILE E 421 66.16 30.45 -28.08
CA ILE E 421 67.50 30.41 -28.67
C ILE E 421 67.45 30.88 -30.12
N VAL E 422 66.34 30.63 -30.81
CA VAL E 422 66.20 31.11 -32.18
C VAL E 422 66.00 32.62 -32.20
N ALA E 423 65.09 33.12 -31.36
CA ALA E 423 64.90 34.56 -31.24
C ALA E 423 66.16 35.24 -30.71
N GLY E 424 66.96 34.52 -29.93
CA GLY E 424 68.25 35.05 -29.54
C GLY E 424 69.26 35.07 -30.66
N ILE E 425 69.18 34.09 -31.57
CA ILE E 425 70.04 34.10 -32.75
C ILE E 425 69.65 35.25 -33.67
N PHE E 426 68.36 35.59 -33.73
CA PHE E 426 67.94 36.73 -34.51
C PHE E 426 68.41 38.05 -33.89
N LEU E 427 68.64 38.06 -32.58
CA LEU E 427 69.12 39.26 -31.89
C LEU E 427 70.63 39.40 -32.01
N GLU F 2 -7.72 39.23 -32.91
CA GLU F 2 -7.53 38.28 -31.82
C GLU F 2 -6.78 38.93 -30.65
N HIS F 3 -7.41 39.93 -30.05
CA HIS F 3 -6.82 40.62 -28.90
C HIS F 3 -6.92 39.73 -27.67
N LEU F 4 -5.79 39.23 -27.20
CA LEU F 4 -5.74 38.30 -26.07
C LEU F 4 -5.10 39.00 -24.88
N SER F 5 -5.89 39.25 -23.84
CA SER F 5 -5.37 39.86 -22.62
C SER F 5 -4.71 38.79 -21.75
N ILE F 6 -3.51 39.09 -21.28
CA ILE F 6 -2.72 38.17 -20.46
C ILE F 6 -2.41 38.85 -19.13
N VAL F 7 -2.54 38.09 -18.04
CA VAL F 7 -2.20 38.57 -16.71
C VAL F 7 -0.84 38.01 -16.33
N THR F 8 -0.01 38.84 -15.68
CA THR F 8 1.34 38.42 -15.33
C THR F 8 1.76 39.10 -14.03
N LEU F 9 2.88 38.62 -13.47
CA LEU F 9 3.49 39.19 -12.27
C LEU F 9 4.89 39.68 -12.61
N GLU F 10 5.41 40.57 -11.76
CA GLU F 10 6.69 41.23 -12.00
C GLU F 10 7.77 40.56 -11.15
N GLU F 11 8.72 39.92 -11.82
CA GLU F 11 9.85 39.29 -11.14
C GLU F 11 11.01 39.22 -12.13
N ALA F 12 12.03 40.06 -11.91
CA ALA F 12 13.17 40.11 -12.81
C ALA F 12 13.97 38.81 -12.74
N PRO F 13 14.61 38.40 -13.85
CA PRO F 13 14.58 39.07 -15.16
C PRO F 13 13.51 38.53 -16.10
N PHE F 14 12.55 37.78 -15.56
CA PHE F 14 11.53 37.17 -16.40
C PHE F 14 10.52 38.19 -16.91
N VAL F 15 10.26 39.24 -16.14
CA VAL F 15 9.30 40.26 -16.53
C VAL F 15 9.73 41.61 -15.95
N ILE F 16 10.51 42.36 -16.71
CA ILE F 16 11.01 43.66 -16.27
C ILE F 16 10.01 44.74 -16.70
N VAL F 17 9.56 45.54 -15.75
CA VAL F 17 8.60 46.61 -15.98
C VAL F 17 9.33 47.94 -15.90
N GLU F 18 9.20 48.75 -16.96
CA GLU F 18 9.82 50.06 -17.01
C GLU F 18 8.77 51.08 -17.47
N ASP F 19 8.75 52.23 -16.80
CA ASP F 19 7.80 53.28 -17.17
C ASP F 19 8.08 53.77 -18.59
N VAL F 20 7.02 54.23 -19.25
CA VAL F 20 7.13 54.69 -20.63
C VAL F 20 8.02 55.93 -20.68
N ASP F 21 8.80 56.05 -21.76
CA ASP F 21 9.66 57.21 -21.94
C ASP F 21 8.80 58.46 -22.11
N PRO F 22 8.88 59.42 -21.19
CA PRO F 22 8.01 60.60 -21.29
C PRO F 22 8.29 61.47 -22.50
N LEU F 23 9.47 61.36 -23.11
CA LEU F 23 9.76 62.12 -24.32
C LEU F 23 9.14 61.47 -25.55
N SER F 24 9.18 60.14 -25.64
CA SER F 24 8.59 59.41 -26.75
C SER F 24 7.12 59.06 -26.53
N GLY F 25 6.65 59.09 -25.29
CA GLY F 25 5.28 58.76 -24.99
C GLY F 25 5.02 57.27 -25.06
N THR F 26 5.23 56.66 -26.22
CA THR F 26 5.00 55.24 -26.41
C THR F 26 6.17 54.44 -25.85
N CYS F 27 6.12 53.12 -26.04
CA CYS F 27 7.15 52.22 -25.55
C CYS F 27 8.20 51.99 -26.63
N MET F 28 9.45 51.96 -26.20
CA MET F 28 10.58 51.84 -27.10
C MET F 28 11.27 50.48 -27.05
N ARG F 29 11.73 50.02 -28.20
CA ARG F 29 12.47 48.77 -28.34
C ARG F 29 11.67 47.52 -27.94
N ASN F 30 12.26 46.67 -27.11
CA ASN F 30 11.71 45.35 -26.80
C ASN F 30 10.34 45.38 -26.13
N THR F 31 10.14 46.34 -25.24
CA THR F 31 8.96 46.36 -24.38
C THR F 31 7.63 46.43 -25.14
N VAL F 32 6.66 45.70 -24.63
CA VAL F 32 5.28 45.66 -25.11
C VAL F 32 4.41 46.40 -24.10
N PRO F 33 3.31 47.01 -24.52
CA PRO F 33 2.50 47.79 -23.58
C PRO F 33 1.85 46.91 -22.52
N CYS F 34 1.81 47.42 -21.30
CA CYS F 34 1.27 46.66 -20.17
C CYS F 34 0.81 47.63 -19.10
N ARG F 35 -0.42 47.47 -18.63
CA ARG F 35 -1.02 48.39 -17.66
C ARG F 35 -0.86 47.86 -16.23
N LYS F 36 -1.25 48.71 -15.27
CA LYS F 36 -1.17 48.36 -13.85
C LYS F 36 -2.03 49.33 -13.06
N GLN F 37 -2.95 48.80 -12.25
CA GLN F 37 -3.97 49.60 -11.59
C GLN F 37 -3.84 49.48 -10.07
N ILE F 38 -3.93 50.60 -9.38
CA ILE F 38 -3.68 50.68 -7.95
C ILE F 38 -4.98 51.03 -7.23
N ARG F 39 -5.45 50.12 -6.39
CA ARG F 39 -6.60 50.34 -5.51
C ARG F 39 -6.33 51.34 -4.37
N PRO F 40 -5.19 51.26 -3.65
CA PRO F 40 -5.06 52.05 -2.41
C PRO F 40 -5.07 53.55 -2.65
N GLU F 41 -4.27 54.04 -3.59
CA GLU F 41 -4.17 55.46 -3.89
C GLU F 41 -4.43 55.70 -5.38
N ASN F 42 -4.75 56.94 -5.72
CA ASN F 42 -5.15 57.22 -7.09
C ASN F 42 -5.24 58.71 -7.34
N ARG F 43 -5.39 59.02 -8.63
CA ARG F 43 -5.61 60.38 -9.05
C ARG F 43 -7.10 60.71 -9.17
N THR F 44 -7.90 59.82 -9.77
CA THR F 44 -9.30 60.12 -9.98
C THR F 44 -10.15 58.86 -9.84
N GLU F 45 -11.44 59.08 -9.54
CA GLU F 45 -12.42 58.01 -9.37
C GLU F 45 -11.94 56.96 -8.36
N GLU F 46 -11.17 57.40 -7.37
CA GLU F 46 -10.70 56.53 -6.28
C GLU F 46 -9.99 55.28 -6.78
N GLY F 47 -9.22 55.40 -7.86
CA GLY F 47 -8.47 54.27 -8.35
C GLY F 47 -8.77 53.89 -9.76
N GLY F 48 -9.74 54.55 -10.38
CA GLY F 48 -10.21 54.15 -11.70
C GLY F 48 -9.17 54.31 -12.79
N ASN F 49 -8.21 55.20 -12.60
CA ASN F 49 -7.17 55.40 -13.60
C ASN F 49 -6.13 54.28 -13.52
N TYR F 50 -5.75 53.77 -14.68
CA TYR F 50 -4.79 52.68 -14.79
C TYR F 50 -3.49 53.21 -15.38
N ILE F 51 -2.39 52.96 -14.67
CA ILE F 51 -1.09 53.43 -15.14
C ILE F 51 -0.62 52.58 -16.32
N LYS F 52 0.11 53.22 -17.23
CA LYS F 52 0.64 52.57 -18.42
C LYS F 52 2.13 52.35 -18.26
N ARG F 53 2.60 51.19 -18.73
CA ARG F 53 3.99 50.79 -18.55
C ARG F 53 4.44 49.99 -19.78
N CYS F 54 5.75 49.74 -19.83
CA CYS F 54 6.38 49.00 -20.92
C CYS F 54 7.08 47.78 -20.32
N CYS F 55 6.72 46.60 -20.80
CA CYS F 55 7.22 45.34 -20.24
C CYS F 55 8.18 44.68 -21.21
N LYS F 56 9.40 44.44 -20.75
CA LYS F 56 10.43 43.78 -21.55
C LYS F 56 11.18 42.77 -20.68
N GLY F 57 11.70 41.74 -21.32
CA GLY F 57 12.47 40.73 -20.60
C GLY F 57 12.51 39.42 -21.38
N PHE F 58 12.73 38.34 -20.63
CA PHE F 58 12.84 37.00 -21.21
C PHE F 58 11.46 36.42 -21.54
N CYS F 59 10.65 36.18 -20.51
CA CYS F 59 9.31 35.64 -20.72
C CYS F 59 8.45 36.60 -21.53
N ILE F 60 8.67 37.90 -21.40
CA ILE F 60 7.95 38.86 -22.24
C ILE F 60 8.35 38.71 -23.70
N ASP F 61 9.64 38.45 -23.96
CA ASP F 61 10.07 38.15 -25.33
C ASP F 61 9.46 36.84 -25.82
N ILE F 62 9.21 35.89 -24.91
CA ILE F 62 8.57 34.65 -25.30
C ILE F 62 7.10 34.91 -25.66
N LEU F 63 6.43 35.80 -24.93
CA LEU F 63 5.02 36.07 -25.21
C LEU F 63 4.85 36.89 -26.48
N LYS F 64 5.77 37.84 -26.73
CA LYS F 64 5.67 38.63 -27.95
C LYS F 64 6.10 37.81 -29.18
N LYS F 65 7.13 36.98 -29.02
CA LYS F 65 7.56 36.13 -30.13
C LYS F 65 6.50 35.09 -30.47
N ILE F 66 5.93 34.44 -29.43
CA ILE F 66 4.81 33.54 -29.66
C ILE F 66 3.66 34.30 -30.31
N ALA F 67 3.40 35.53 -29.86
CA ALA F 67 2.37 36.36 -30.47
C ALA F 67 2.65 36.61 -31.95
N LYS F 68 3.92 36.61 -32.34
CA LYS F 68 4.25 36.74 -33.75
C LYS F 68 4.13 35.41 -34.50
N THR F 69 4.30 34.29 -33.79
CA THR F 69 4.28 32.99 -34.46
C THR F 69 2.87 32.43 -34.66
N VAL F 70 2.02 32.49 -33.63
CA VAL F 70 0.66 31.95 -33.73
C VAL F 70 -0.36 33.00 -34.17
N LYS F 71 0.07 34.26 -34.33
CA LYS F 71 -0.78 35.34 -34.81
C LYS F 71 -1.96 35.61 -33.87
N PHE F 72 -1.64 35.86 -32.60
CA PHE F 72 -2.62 36.30 -31.62
C PHE F 72 -2.08 37.55 -30.93
N THR F 73 -2.86 38.63 -31.00
CA THR F 73 -2.48 39.93 -30.47
C THR F 73 -2.78 40.02 -28.98
N TYR F 74 -2.06 40.92 -28.31
CA TYR F 74 -2.00 40.90 -26.85
C TYR F 74 -1.98 42.31 -26.28
N ASP F 75 -2.76 42.52 -25.23
CA ASP F 75 -2.73 43.73 -24.41
C ASP F 75 -2.39 43.28 -23.00
N LEU F 76 -1.11 43.42 -22.63
CA LEU F 76 -0.63 42.84 -21.39
C LEU F 76 -1.21 43.56 -20.17
N TYR F 77 -1.32 42.81 -19.07
CA TYR F 77 -1.90 43.30 -17.84
C TYR F 77 -1.23 42.61 -16.65
N LEU F 78 -1.04 43.36 -15.57
CA LEU F 78 -0.38 42.86 -14.37
C LEU F 78 -1.41 42.47 -13.32
N VAL F 79 -0.95 41.71 -12.32
CA VAL F 79 -1.80 41.23 -11.24
C VAL F 79 -1.79 42.23 -10.09
N THR F 80 -2.96 42.49 -9.53
CA THR F 80 -3.06 43.42 -8.42
C THR F 80 -2.72 42.76 -7.08
N ASN F 81 -3.25 41.57 -6.84
CA ASN F 81 -2.97 40.83 -5.62
C ASN F 81 -1.74 39.95 -5.84
N GLY F 82 -0.70 40.18 -5.05
CA GLY F 82 0.53 39.45 -5.25
C GLY F 82 0.45 38.02 -4.77
N LYS F 83 0.97 37.11 -5.60
CA LYS F 83 1.06 35.69 -5.29
C LYS F 83 1.78 35.01 -6.45
N HIS F 84 2.05 33.71 -6.29
CA HIS F 84 2.62 32.89 -7.34
C HIS F 84 1.62 31.83 -7.79
N GLY F 85 1.32 30.86 -6.92
CA GLY F 85 0.35 29.83 -7.24
C GLY F 85 -0.34 29.26 -6.03
N LYS F 86 -0.42 30.05 -4.96
CA LYS F 86 -1.02 29.59 -3.72
C LYS F 86 -2.54 29.69 -3.76
N LYS F 87 -3.18 28.75 -3.08
CA LYS F 87 -4.63 28.73 -2.95
C LYS F 87 -4.98 28.65 -1.47
N ILE F 88 -5.91 29.49 -1.04
CA ILE F 88 -6.29 29.59 0.36
C ILE F 88 -7.77 29.27 0.50
N ASN F 89 -8.09 28.38 1.45
CA ASN F 89 -9.48 28.01 1.76
C ASN F 89 -10.23 27.52 0.53
N GLY F 90 -9.52 26.87 -0.40
CA GLY F 90 -10.11 26.44 -1.65
C GLY F 90 -10.20 27.51 -2.71
N VAL F 91 -9.76 28.73 -2.42
CA VAL F 91 -9.77 29.83 -3.38
C VAL F 91 -8.32 30.16 -3.72
N TRP F 92 -8.02 30.18 -5.02
CA TRP F 92 -6.67 30.44 -5.50
C TRP F 92 -6.50 31.90 -5.86
N ASN F 93 -5.29 32.42 -5.64
CA ASN F 93 -4.96 33.80 -5.93
C ASN F 93 -3.59 33.87 -6.57
N GLY F 94 -3.43 34.83 -7.50
CA GLY F 94 -2.16 35.09 -8.15
C GLY F 94 -2.24 34.85 -9.64
N MET F 95 -1.15 34.35 -10.22
CA MET F 95 -1.12 34.10 -11.65
C MET F 95 -1.95 32.88 -12.02
N ILE F 96 -1.73 31.75 -11.33
CA ILE F 96 -2.56 30.57 -11.55
C ILE F 96 -3.98 30.81 -11.06
N GLY F 97 -4.14 31.69 -10.07
CA GLY F 97 -5.47 32.06 -9.64
C GLY F 97 -6.23 32.83 -10.71
N GLU F 98 -5.55 33.75 -11.38
CA GLU F 98 -6.16 34.46 -12.50
C GLU F 98 -6.37 33.54 -13.69
N VAL F 99 -5.52 32.52 -13.83
CA VAL F 99 -5.72 31.53 -14.90
C VAL F 99 -6.96 30.69 -14.60
N VAL F 100 -7.24 30.43 -13.32
CA VAL F 100 -8.44 29.70 -12.96
C VAL F 100 -9.67 30.62 -12.97
N THR F 101 -9.46 31.92 -12.73
CA THR F 101 -10.56 32.88 -12.74
C THR F 101 -10.93 33.36 -14.13
N LYS F 102 -10.28 32.83 -15.17
CA LYS F 102 -10.52 33.14 -16.58
C LYS F 102 -10.20 34.59 -16.93
N ARG F 103 -9.62 35.36 -16.01
CA ARG F 103 -9.22 36.73 -16.31
C ARG F 103 -8.07 36.80 -17.30
N ALA F 104 -7.45 35.67 -17.63
CA ALA F 104 -6.37 35.62 -18.60
C ALA F 104 -6.42 34.28 -19.31
N TYR F 105 -6.52 34.32 -20.65
CA TYR F 105 -6.51 33.08 -21.41
C TYR F 105 -5.20 32.34 -21.24
N MET F 106 -4.09 33.08 -21.22
CA MET F 106 -2.76 32.51 -21.00
C MET F 106 -2.07 33.26 -19.87
N ALA F 107 -1.14 32.58 -19.21
CA ALA F 107 -0.39 33.16 -18.10
C ALA F 107 1.06 32.72 -18.23
N VAL F 108 1.95 33.68 -18.55
CA VAL F 108 3.37 33.41 -18.73
C VAL F 108 4.15 34.29 -17.77
N GLY F 109 5.06 33.67 -17.02
CA GLY F 109 5.87 34.39 -16.05
C GLY F 109 6.73 33.48 -15.20
N SER F 110 6.89 33.81 -13.93
CA SER F 110 7.65 32.99 -12.99
C SER F 110 6.70 32.10 -12.18
N LEU F 111 5.90 31.31 -12.90
CA LEU F 111 4.88 30.45 -12.32
C LEU F 111 5.36 29.01 -12.34
N THR F 112 5.41 28.38 -11.17
CA THR F 112 5.86 26.99 -11.05
C THR F 112 4.71 26.04 -11.34
N ILE F 113 5.06 24.85 -11.81
CA ILE F 113 4.11 23.81 -12.15
C ILE F 113 4.11 22.78 -11.04
N ASN F 114 3.02 22.73 -10.29
CA ASN F 114 2.80 21.73 -9.25
C ASN F 114 1.55 20.92 -9.58
N GLU F 115 1.22 19.99 -8.68
CA GLU F 115 0.06 19.12 -8.91
C GLU F 115 -1.24 19.85 -8.59
N GLU F 116 -1.23 20.70 -7.56
CA GLU F 116 -2.45 21.39 -7.15
C GLU F 116 -2.96 22.32 -8.25
N ARG F 117 -2.04 22.96 -8.97
CA ARG F 117 -2.44 23.79 -10.11
C ARG F 117 -2.74 22.95 -11.33
N SER F 118 -1.97 21.88 -11.56
CA SER F 118 -2.22 21.02 -12.70
C SER F 118 -3.55 20.30 -12.62
N GLU F 119 -4.13 20.18 -11.41
CA GLU F 119 -5.44 19.54 -11.26
C GLU F 119 -6.58 20.48 -11.64
N VAL F 120 -6.42 21.79 -11.43
CA VAL F 120 -7.48 22.75 -11.68
C VAL F 120 -7.25 23.55 -12.95
N VAL F 121 -6.00 23.73 -13.39
CA VAL F 121 -5.69 24.36 -14.67
C VAL F 121 -4.66 23.49 -15.38
N ASP F 122 -4.42 23.82 -16.65
CA ASP F 122 -3.46 23.09 -17.46
C ASP F 122 -2.24 23.95 -17.70
N PHE F 123 -1.11 23.29 -17.98
CA PHE F 123 0.14 23.97 -18.28
C PHE F 123 0.73 23.41 -19.57
N SER F 124 1.68 24.16 -20.13
CA SER F 124 2.32 23.79 -21.39
C SER F 124 3.58 22.98 -21.12
N VAL F 125 4.46 22.87 -22.11
CA VAL F 125 5.72 22.15 -21.97
C VAL F 125 6.67 22.99 -21.13
N PRO F 126 7.63 22.40 -20.42
CA PRO F 126 8.53 23.20 -19.59
C PRO F 126 9.48 24.03 -20.42
N PHE F 127 9.65 25.30 -20.01
CA PHE F 127 10.61 26.21 -20.63
C PHE F 127 11.94 26.23 -19.89
N ILE F 128 11.91 26.33 -18.57
CA ILE F 128 13.11 26.31 -17.73
C ILE F 128 12.87 25.36 -16.57
N GLU F 129 13.91 24.59 -16.21
CA GLU F 129 13.82 23.65 -15.10
C GLU F 129 13.92 24.40 -13.78
N THR F 130 12.93 24.23 -12.92
CA THR F 130 12.89 24.93 -11.64
C THR F 130 12.30 24.01 -10.57
N GLY F 131 12.69 24.28 -9.33
CA GLY F 131 12.17 23.50 -8.23
C GLY F 131 12.44 24.20 -6.91
N ILE F 132 12.51 23.40 -5.85
CA ILE F 132 12.86 23.90 -4.53
C ILE F 132 14.36 23.74 -4.33
N SER F 133 15.00 24.77 -3.77
CA SER F 133 16.45 24.78 -3.61
C SER F 133 16.81 25.67 -2.43
N VAL F 134 18.02 25.53 -1.92
CA VAL F 134 18.46 26.33 -0.78
C VAL F 134 19.69 27.12 -1.18
N MET F 135 19.81 28.33 -0.66
CA MET F 135 20.93 29.21 -0.95
C MET F 135 21.58 29.68 0.35
N VAL F 136 22.91 29.69 0.36
CA VAL F 136 23.70 30.14 1.49
C VAL F 136 24.98 30.77 0.95
N SER F 137 25.57 31.65 1.74
CA SER F 137 26.77 32.40 1.36
C SER F 137 27.97 31.88 2.12
N ARG F 138 29.10 31.81 1.42
CA ARG F 138 30.38 31.39 2.01
C ARG F 138 31.35 32.56 2.01
N SER F 139 32.03 32.75 3.14
CA SER F 139 32.99 33.85 3.26
C SER F 139 34.27 33.53 2.49
N ASN F 140 34.76 34.53 1.76
CA ASN F 140 36.02 34.41 1.02
C ASN F 140 37.18 34.71 1.96
N GLY F 141 37.38 33.79 2.91
CA GLY F 141 38.36 33.96 3.96
C GLY F 141 39.68 33.24 3.77
N THR F 142 39.97 32.75 2.58
CA THR F 142 41.14 31.90 2.38
C THR F 142 42.41 32.74 2.26
N VAL F 143 43.44 32.36 3.03
CA VAL F 143 44.77 32.95 2.95
C VAL F 143 45.74 32.20 3.86
N ALA F 147 51.49 34.83 0.30
CA ALA F 147 51.07 33.55 0.84
C ALA F 147 52.18 32.52 0.71
N PHE F 148 53.22 32.86 -0.04
CA PHE F 148 54.33 31.93 -0.17
C PHE F 148 55.19 31.93 1.09
N LEU F 149 55.17 33.03 1.85
CA LEU F 149 55.86 33.04 3.13
C LEU F 149 55.28 32.01 4.09
N GLU F 150 54.04 31.59 3.86
CA GLU F 150 53.39 30.64 4.76
C GLU F 150 54.21 29.37 4.92
N PRO F 151 54.83 28.84 3.86
CA PRO F 151 55.73 27.66 3.89
C PRO F 151 56.78 27.58 4.96
N PHE F 152 57.60 28.60 5.11
CA PHE F 152 58.66 28.55 6.08
C PHE F 152 58.09 29.02 7.40
N SER F 153 58.59 28.49 8.49
CA SER F 153 58.05 29.08 9.70
C SER F 153 58.85 30.29 10.15
N ALA F 154 58.29 30.97 11.15
CA ALA F 154 59.00 32.01 11.91
C ALA F 154 60.37 31.56 12.46
N ASP F 155 60.56 30.28 12.80
CA ASP F 155 61.90 29.79 13.14
C ASP F 155 62.91 30.01 12.00
N VAL F 156 62.44 30.16 10.75
CA VAL F 156 63.35 30.43 9.62
C VAL F 156 64.22 31.65 9.91
N TRP F 157 63.59 32.77 10.30
CA TRP F 157 64.33 34.03 10.48
C TRP F 157 65.32 33.93 11.63
N VAL F 158 64.83 33.85 12.88
CA VAL F 158 65.70 33.80 14.05
C VAL F 158 66.75 32.69 13.92
N MET F 159 66.30 31.44 13.74
CA MET F 159 67.24 30.31 13.64
C MET F 159 68.23 30.49 12.49
N MET F 160 67.74 30.73 11.27
CA MET F 160 68.60 30.78 10.08
C MET F 160 69.60 31.93 10.15
N PHE F 161 69.13 33.16 10.30
CA PHE F 161 70.02 34.32 10.44
C PHE F 161 71.02 34.13 11.59
N VAL F 162 70.53 33.73 12.78
CA VAL F 162 71.41 33.48 13.92
C VAL F 162 72.50 32.48 13.58
N MET F 163 72.12 31.29 13.11
CA MET F 163 73.08 30.26 12.72
C MET F 163 74.08 30.77 11.68
N LEU F 164 73.61 31.44 10.62
CA LEU F 164 74.49 32.06 9.63
C LEU F 164 75.52 32.98 10.27
N LEU F 165 75.05 34.02 10.96
CA LEU F 165 75.93 34.96 11.62
C LEU F 165 76.92 34.24 12.54
N ILE F 166 76.42 33.40 13.45
CA ILE F 166 77.29 32.65 14.37
C ILE F 166 78.30 31.79 13.59
N VAL F 167 77.87 31.16 12.49
CA VAL F 167 78.77 30.32 11.71
C VAL F 167 79.78 31.17 10.93
N SER F 168 79.36 32.28 10.32
CA SER F 168 80.39 33.12 9.69
C SER F 168 81.32 33.73 10.74
N ALA F 169 80.80 33.99 11.96
CA ALA F 169 81.63 34.52 13.05
C ALA F 169 82.60 33.45 13.56
N VAL F 170 82.12 32.22 13.70
CA VAL F 170 82.85 31.05 14.20
C VAL F 170 83.65 30.36 13.08
N ALA F 171 82.96 29.97 12.01
CA ALA F 171 83.47 29.46 10.72
C ALA F 171 84.48 30.37 10.03
N VAL F 172 84.17 31.66 9.86
CA VAL F 172 85.19 32.61 9.40
C VAL F 172 86.50 32.43 10.17
N PHE F 173 86.43 32.22 11.51
CA PHE F 173 87.64 32.05 12.28
C PHE F 173 88.00 30.59 12.41
N VAL F 174 87.13 29.68 11.98
CA VAL F 174 87.59 28.31 11.73
C VAL F 174 88.34 28.32 10.43
N PHE F 175 87.81 29.05 9.45
CA PHE F 175 88.62 29.49 8.31
C PHE F 175 89.86 30.25 8.77
N GLU F 176 89.74 31.04 9.82
CA GLU F 176 90.89 31.64 10.54
C GLU F 176 91.87 32.56 9.78
N SER F 187 96.21 39.09 -3.02
CA SER F 187 96.40 40.52 -3.23
C SER F 187 95.50 41.32 -2.30
N PHE F 188 94.30 40.81 -2.05
CA PHE F 188 93.28 41.56 -1.34
C PHE F 188 92.37 40.62 -0.58
N THR F 189 91.92 41.07 0.58
CA THR F 189 90.94 40.35 1.40
C THR F 189 89.71 41.25 1.53
N ILE F 190 88.55 40.73 1.15
CA ILE F 190 87.35 41.53 0.96
C ILE F 190 86.36 41.14 2.04
N GLY F 191 86.37 41.89 3.14
CA GLY F 191 85.30 41.83 4.14
C GLY F 191 85.03 40.44 4.67
N LYS F 192 83.75 40.14 4.85
CA LYS F 192 83.29 38.85 5.35
C LYS F 192 82.49 38.13 4.27
N ALA F 193 82.61 36.80 4.26
CA ALA F 193 81.94 35.96 3.27
C ALA F 193 80.55 35.49 3.74
N ILE F 194 79.83 36.31 4.49
CA ILE F 194 78.47 35.95 4.87
C ILE F 194 77.53 36.09 3.67
N TRP F 195 77.82 37.02 2.77
CA TRP F 195 77.03 37.14 1.55
C TRP F 195 77.16 35.90 0.67
N LEU F 196 78.30 35.21 0.74
CA LEU F 196 78.46 33.95 0.03
C LEU F 196 77.59 32.86 0.65
N LEU F 197 77.48 32.85 1.98
CA LEU F 197 76.67 31.84 2.64
C LEU F 197 75.18 32.07 2.39
N TRP F 198 74.71 33.30 2.59
CA TRP F 198 73.30 33.60 2.33
C TRP F 198 72.96 33.46 0.85
N GLY F 199 73.91 33.82 -0.02
CA GLY F 199 73.71 33.57 -1.44
C GLY F 199 73.58 32.09 -1.74
N LEU F 200 74.42 31.26 -1.11
CA LEU F 200 74.32 29.82 -1.29
C LEU F 200 73.00 29.28 -0.75
N VAL F 201 72.45 29.90 0.30
CA VAL F 201 71.16 29.45 0.83
C VAL F 201 70.05 29.66 -0.18
N PHE F 202 70.14 30.71 -1.00
CA PHE F 202 69.12 31.01 -2.00
C PHE F 202 69.49 30.39 -3.36
N ASN F 203 69.66 29.07 -3.33
CA ASN F 203 69.84 28.25 -4.53
C ASN F 203 71.06 28.69 -5.34
N ASN F 204 72.23 28.43 -4.77
CA ASN F 204 73.52 28.76 -5.40
C ASN F 204 73.53 30.21 -5.88
N SER F 205 73.77 30.41 -7.17
CA SER F 205 73.73 31.75 -7.79
C SER F 205 74.61 32.73 -7.03
N LEU F 206 75.74 32.24 -6.50
CA LEU F 206 76.59 33.06 -5.65
C LEU F 206 77.80 33.51 -6.45
N PRO F 207 77.98 34.82 -6.66
CA PRO F 207 79.17 35.32 -7.35
C PRO F 207 80.38 35.53 -6.46
N VAL F 208 80.26 35.29 -5.16
CA VAL F 208 81.34 35.59 -4.22
C VAL F 208 82.46 34.57 -4.35
N GLN F 209 83.67 35.00 -4.04
CA GLN F 209 84.83 34.14 -4.10
C GLN F 209 84.90 33.25 -2.85
N ASN F 210 84.99 31.94 -3.07
CA ASN F 210 85.04 31.00 -1.97
C ASN F 210 86.39 31.09 -1.27
N PRO F 211 86.50 30.50 -0.09
CA PRO F 211 87.77 30.57 0.65
C PRO F 211 88.83 29.68 0.04
N LYS F 212 90.08 30.13 0.14
CA LYS F 212 91.23 29.39 -0.39
C LYS F 212 91.82 28.41 0.62
N GLY F 213 91.36 28.44 1.87
CA GLY F 213 91.89 27.54 2.88
C GLY F 213 91.41 26.11 2.70
N THR F 214 91.96 25.23 3.55
CA THR F 214 91.61 23.82 3.52
C THR F 214 90.53 23.47 4.53
N THR F 215 90.55 24.10 5.70
CA THR F 215 89.52 23.82 6.70
C THR F 215 88.18 24.41 6.31
N SER F 216 88.20 25.61 5.72
CA SER F 216 86.95 26.26 5.30
C SER F 216 86.21 25.46 4.25
N LYS F 217 86.89 24.53 3.57
CA LYS F 217 86.22 23.64 2.61
C LYS F 217 85.28 22.66 3.29
N ILE F 218 85.31 22.56 4.63
CA ILE F 218 84.43 21.65 5.35
C ILE F 218 83.19 22.39 5.82
N MET F 219 83.40 23.43 6.64
CA MET F 219 82.28 24.16 7.23
C MET F 219 81.33 24.69 6.17
N VAL F 220 81.88 25.29 5.10
CA VAL F 220 81.05 25.78 4.00
C VAL F 220 80.17 24.66 3.48
N SER F 221 80.74 23.48 3.27
CA SER F 221 79.97 22.33 2.84
C SER F 221 78.79 22.07 3.77
N VAL F 222 79.04 22.12 5.08
CA VAL F 222 77.96 21.96 6.05
C VAL F 222 76.88 23.00 5.79
N TRP F 223 77.28 24.26 5.62
CA TRP F 223 76.30 25.30 5.30
C TRP F 223 75.54 24.96 4.03
N ALA F 224 76.23 24.41 3.04
CA ALA F 224 75.56 23.96 1.82
C ALA F 224 74.43 23.01 2.15
N PHE F 225 74.67 22.05 3.03
CA PHE F 225 73.59 21.23 3.57
C PHE F 225 72.47 22.11 4.10
N PHE F 226 72.77 22.93 5.10
CA PHE F 226 71.78 23.85 5.66
C PHE F 226 71.15 24.73 4.59
N ALA F 227 71.82 24.90 3.45
CA ALA F 227 71.21 25.59 2.33
C ALA F 227 70.14 24.70 1.71
N VAL F 228 70.56 23.57 1.13
CA VAL F 228 69.66 22.79 0.28
C VAL F 228 68.45 22.34 1.09
N ILE F 229 68.68 21.83 2.29
CA ILE F 229 67.57 21.42 3.16
C ILE F 229 66.60 22.58 3.34
N PHE F 230 67.12 23.75 3.74
CA PHE F 230 66.25 24.92 3.84
C PHE F 230 65.54 25.17 2.51
N LEU F 231 66.31 25.14 1.42
CA LEU F 231 65.71 25.23 0.09
C LEU F 231 64.60 24.20 -0.06
N ALA F 232 64.90 22.94 0.26
CA ALA F 232 63.88 21.88 0.19
C ALA F 232 62.65 22.27 1.00
N SER F 233 62.85 22.75 2.23
CA SER F 233 61.73 23.20 3.03
C SER F 233 60.98 24.33 2.33
N TYR F 234 61.72 25.34 1.84
CA TYR F 234 61.09 26.42 1.09
C TYR F 234 60.40 25.91 -0.15
N THR F 235 60.81 24.73 -0.65
CA THR F 235 60.13 24.10 -1.79
C THR F 235 59.03 23.14 -1.34
N ALA F 236 59.21 22.50 -0.18
CA ALA F 236 58.19 21.56 0.24
C ALA F 236 57.01 22.29 0.82
N ASN F 237 57.30 23.17 1.76
CA ASN F 237 56.23 23.79 2.51
C ASN F 237 55.50 24.80 1.64
N LEU F 238 56.19 25.45 0.69
CA LEU F 238 55.45 26.32 -0.23
C LEU F 238 54.55 25.49 -1.15
N ALA F 239 54.90 24.24 -1.35
CA ALA F 239 54.06 23.34 -2.10
C ALA F 239 53.06 22.62 -1.21
N ALA F 240 53.19 22.80 0.12
CA ALA F 240 52.27 22.16 1.05
C ALA F 240 51.00 22.99 1.24
N PHE F 241 51.16 24.25 1.66
CA PHE F 241 50.00 25.09 1.91
C PHE F 241 49.26 25.44 0.62
N MET F 242 49.96 25.42 -0.51
CA MET F 242 49.35 25.74 -1.81
C MET F 242 48.67 24.54 -2.46
N ILE F 243 48.84 23.34 -1.91
CA ILE F 243 48.24 22.15 -2.49
C ILE F 243 47.00 21.75 -1.69
N GLN F 244 46.30 22.75 -1.15
CA GLN F 244 45.07 22.53 -0.37
C GLN F 244 44.11 23.66 -0.73
N ARG F 245 43.36 23.48 -1.82
CA ARG F 245 42.41 24.47 -2.29
C ARG F 245 41.39 23.80 -3.20
N ARG F 246 40.36 24.56 -3.55
CA ARG F 246 39.30 24.13 -4.46
C ARG F 246 38.61 22.86 -3.94
N TYR F 247 37.79 23.05 -2.91
CA TYR F 247 37.07 21.95 -2.30
C TYR F 247 35.94 22.50 -1.45
N VAL F 248 35.01 21.62 -1.10
CA VAL F 248 33.89 21.93 -0.21
C VAL F 248 33.38 20.64 0.40
N ASP F 249 33.24 20.60 1.72
CA ASP F 249 32.95 19.38 2.44
C ASP F 249 31.63 19.44 3.23
N GLN F 250 30.78 20.42 2.92
CA GLN F 250 29.47 20.46 3.55
C GLN F 250 28.63 19.27 3.09
N VAL F 251 27.92 18.67 4.04
CA VAL F 251 27.28 17.40 3.74
C VAL F 251 26.10 17.64 2.80
N SER F 252 25.91 16.72 1.87
CA SER F 252 24.80 16.75 0.92
C SER F 252 23.65 15.93 1.52
N GLY F 253 22.68 15.55 0.68
CA GLY F 253 21.59 14.67 1.08
C GLY F 253 20.87 15.07 2.35
N LEU F 254 20.36 16.32 2.37
CA LEU F 254 19.52 16.84 3.45
C LEU F 254 20.19 16.71 4.81
N SER F 255 21.47 17.11 4.88
CA SER F 255 22.29 16.83 6.06
C SER F 255 21.81 17.60 7.27
N ASP F 256 21.34 18.83 7.06
CA ASP F 256 20.97 19.67 8.19
C ASP F 256 19.76 19.14 8.92
N LYS F 257 18.90 18.37 8.25
CA LYS F 257 17.66 17.86 8.80
C LYS F 257 16.76 18.96 9.34
N LYS F 258 17.05 20.23 9.01
CA LYS F 258 16.31 21.34 9.56
C LYS F 258 14.85 21.32 9.14
N PHE F 259 14.55 20.77 7.96
CA PHE F 259 13.16 20.64 7.53
C PHE F 259 12.36 19.77 8.48
N GLN F 260 13.01 18.80 9.14
CA GLN F 260 12.40 17.95 10.15
C GLN F 260 12.90 18.26 11.55
N ARG F 261 14.22 18.35 11.74
CA ARG F 261 14.81 18.70 13.03
C ARG F 261 15.66 19.95 12.85
N PRO F 262 15.19 21.11 13.28
CA PRO F 262 15.89 22.37 12.94
C PRO F 262 17.32 22.44 13.43
N ASN F 263 17.64 21.83 14.57
CA ASN F 263 19.01 21.87 15.08
C ASN F 263 19.92 20.98 14.24
N ASP F 264 21.21 21.24 14.34
CA ASP F 264 22.22 20.48 13.61
C ASP F 264 23.55 20.62 14.35
N PHE F 265 24.65 20.28 13.68
CA PHE F 265 25.97 20.47 14.27
C PHE F 265 26.33 21.95 14.41
N SER F 266 25.58 22.86 13.77
CA SER F 266 25.63 24.30 13.86
C SER F 266 24.61 24.80 14.88
N PRO F 267 24.84 25.95 15.51
CA PRO F 267 23.92 26.41 16.57
C PRO F 267 22.50 26.63 16.08
N ALA F 268 22.29 26.90 14.80
CA ALA F 268 20.94 27.11 14.28
C ALA F 268 20.95 26.95 12.76
N PHE F 269 19.84 26.48 12.23
CA PHE F 269 19.59 26.44 10.80
C PHE F 269 18.29 27.19 10.53
N ARG F 270 18.39 28.29 9.80
CA ARG F 270 17.24 29.13 9.47
C ARG F 270 16.90 28.93 8.00
N PHE F 271 15.66 28.49 7.74
CA PHE F 271 15.16 28.33 6.39
C PHE F 271 13.85 29.09 6.27
N GLY F 272 13.80 30.06 5.36
CA GLY F 272 12.61 30.86 5.13
C GLY F 272 11.99 30.52 3.79
N THR F 273 10.66 30.58 3.74
CA THR F 273 9.93 30.46 2.49
C THR F 273 9.00 31.66 2.36
N VAL F 274 8.60 31.95 1.13
CA VAL F 274 7.65 33.02 0.89
C VAL F 274 6.27 32.54 1.30
N PRO F 275 5.66 33.13 2.33
CA PRO F 275 4.38 32.61 2.82
C PRO F 275 3.30 32.74 1.76
N ASN F 276 2.38 31.78 1.77
CA ASN F 276 1.36 31.64 0.73
C ASN F 276 2.02 31.64 -0.66
N GLY F 277 3.00 30.75 -0.81
CA GLY F 277 3.70 30.59 -2.07
C GLY F 277 3.86 29.12 -2.41
N SER F 278 4.31 28.88 -3.64
CA SER F 278 4.43 27.51 -4.12
C SER F 278 5.49 26.74 -3.35
N THR F 279 6.64 27.37 -3.08
CA THR F 279 7.69 26.69 -2.33
C THR F 279 7.26 26.46 -0.88
N GLU F 280 6.53 27.40 -0.29
CA GLU F 280 6.03 27.21 1.07
C GLU F 280 4.98 26.12 1.14
N ARG F 281 4.07 26.09 0.17
CA ARG F 281 3.04 25.05 0.16
C ARG F 281 3.65 23.68 -0.11
N ASN F 282 4.69 23.62 -0.95
CA ASN F 282 5.36 22.35 -1.21
C ASN F 282 6.15 21.89 0.01
N ILE F 283 6.77 22.83 0.74
CA ILE F 283 7.43 22.47 1.98
C ILE F 283 6.40 22.23 3.07
N ARG F 284 5.24 22.88 2.99
CA ARG F 284 4.17 22.64 3.95
C ARG F 284 3.60 21.25 3.81
N ASN F 285 3.51 20.75 2.58
CA ASN F 285 2.99 19.43 2.31
C ASN F 285 4.06 18.34 2.37
N ASN F 286 5.34 18.71 2.39
CA ASN F 286 6.42 17.73 2.47
C ASN F 286 6.84 17.48 3.92
N TYR F 287 7.35 18.50 4.58
CA TYR F 287 7.81 18.40 5.97
C TYR F 287 6.98 19.34 6.82
N LEU F 288 6.13 18.79 7.70
CA LEU F 288 5.31 19.62 8.56
C LEU F 288 6.15 20.41 9.55
N GLU F 289 7.29 19.85 9.98
CA GLU F 289 8.22 20.63 10.80
C GLU F 289 8.78 21.80 10.01
N MET F 290 9.11 21.58 8.73
CA MET F 290 9.48 22.66 7.85
C MET F 290 8.32 23.62 7.59
N HIS F 291 7.07 23.15 7.74
CA HIS F 291 5.93 24.03 7.60
C HIS F 291 5.80 24.96 8.81
N SER F 292 6.04 24.42 10.01
CA SER F 292 5.95 25.24 11.22
C SER F 292 7.11 26.21 11.32
N TYR F 293 8.35 25.70 11.14
CA TYR F 293 9.51 26.57 11.24
C TYR F 293 9.62 27.51 10.05
N MET F 294 9.12 27.10 8.88
CA MET F 294 9.12 27.98 7.72
C MET F 294 8.02 29.04 7.84
N VAL F 295 6.86 28.67 8.39
CA VAL F 295 5.80 29.65 8.60
C VAL F 295 6.19 30.65 9.68
N LYS F 296 6.92 30.20 10.70
CA LYS F 296 7.41 31.12 11.72
C LYS F 296 8.51 32.02 11.17
N PHE F 297 9.34 31.49 10.27
CA PHE F 297 10.40 32.24 9.63
C PHE F 297 10.05 32.67 8.21
N ASN F 298 8.77 32.94 7.96
CA ASN F 298 8.33 33.39 6.65
C ASN F 298 8.86 34.79 6.37
N GLN F 299 9.43 34.99 5.19
CA GLN F 299 10.05 36.26 4.83
C GLN F 299 9.03 37.19 4.17
N ARG F 300 9.45 38.44 3.95
CA ARG F 300 8.61 39.44 3.28
C ARG F 300 8.83 39.38 1.78
N SER F 301 10.00 39.81 1.33
CA SER F 301 10.38 39.79 -0.08
C SER F 301 11.65 38.96 -0.26
N VAL F 302 12.10 38.86 -1.51
CA VAL F 302 13.30 38.09 -1.80
C VAL F 302 14.56 38.85 -1.42
N GLN F 303 14.56 40.17 -1.64
CA GLN F 303 15.74 40.98 -1.31
C GLN F 303 15.97 41.04 0.20
N ASP F 304 14.90 40.98 0.99
CA ASP F 304 15.07 40.95 2.44
C ASP F 304 15.75 39.67 2.90
N ALA F 305 15.38 38.54 2.29
CA ALA F 305 16.04 37.28 2.61
C ALA F 305 17.47 37.28 2.10
N LEU F 306 17.74 37.90 0.94
CA LEU F 306 19.09 38.00 0.43
C LEU F 306 19.97 38.83 1.36
N LEU F 307 19.43 39.94 1.88
CA LEU F 307 20.15 40.71 2.88
C LEU F 307 20.33 39.92 4.17
N SER F 308 19.36 39.06 4.50
CA SER F 308 19.51 38.21 5.67
C SER F 308 20.60 37.15 5.48
N LEU F 309 20.85 36.75 4.23
CA LEU F 309 21.93 35.82 3.94
C LEU F 309 23.28 36.50 3.76
N LYS F 310 23.29 37.80 3.45
CA LYS F 310 24.54 38.53 3.27
C LYS F 310 25.02 39.20 4.57
N SER F 311 24.10 39.67 5.40
CA SER F 311 24.43 40.32 6.66
C SER F 311 24.49 39.34 7.83
N GLY F 312 24.58 38.04 7.56
CA GLY F 312 24.63 37.04 8.61
C GLY F 312 23.36 36.88 9.40
N LYS F 313 22.25 37.45 8.95
CA LYS F 313 20.98 37.35 9.65
C LYS F 313 20.22 36.07 9.33
N LEU F 314 20.64 35.30 8.34
CA LEU F 314 20.02 34.03 8.00
C LEU F 314 21.08 33.09 7.45
N ASP F 315 21.09 31.85 7.95
CA ASP F 315 22.09 30.89 7.51
C ASP F 315 21.82 30.42 6.08
N ALA F 316 20.54 30.21 5.73
CA ALA F 316 20.18 29.74 4.41
C ALA F 316 18.78 30.21 4.07
N PHE F 317 18.39 29.99 2.82
CA PHE F 317 17.07 30.31 2.32
C PHE F 317 16.60 29.16 1.42
N ILE F 318 15.28 28.98 1.33
CA ILE F 318 14.67 27.97 0.47
C ILE F 318 13.80 28.69 -0.54
N TYR F 319 14.06 28.47 -1.82
CA TYR F 319 13.69 29.38 -2.88
C TYR F 319 13.63 28.62 -4.20
N ASP F 320 12.99 29.25 -5.19
CA ASP F 320 13.08 28.82 -6.57
C ASP F 320 14.54 28.67 -6.99
N ALA F 321 14.81 27.67 -7.84
CA ALA F 321 16.18 27.26 -8.16
C ALA F 321 16.77 28.03 -9.32
N ALA F 322 15.99 28.30 -10.38
CA ALA F 322 16.54 28.98 -11.54
C ALA F 322 16.88 30.44 -11.23
N VAL F 323 15.98 31.12 -10.50
CA VAL F 323 16.23 32.51 -10.12
C VAL F 323 17.51 32.62 -9.31
N LEU F 324 17.78 31.62 -8.45
CA LEU F 324 19.04 31.58 -7.74
C LEU F 324 20.20 31.14 -8.63
N ASN F 325 19.92 30.44 -9.73
CA ASN F 325 21.00 30.00 -10.61
C ASN F 325 21.54 31.15 -11.44
N TYR F 326 20.66 32.05 -11.90
CA TYR F 326 21.15 33.24 -12.60
C TYR F 326 21.85 34.21 -11.67
N MET F 327 21.57 34.14 -10.36
CA MET F 327 22.14 35.09 -9.41
C MET F 327 23.64 34.90 -9.22
N ALA F 328 24.17 33.70 -9.48
CA ALA F 328 25.60 33.48 -9.26
C ALA F 328 26.44 34.42 -10.11
N GLY F 329 26.02 34.65 -11.34
CA GLY F 329 26.68 35.60 -12.20
C GLY F 329 26.56 36.99 -11.62
N ARG F 330 25.38 37.27 -11.06
CA ARG F 330 25.04 38.60 -10.55
C ARG F 330 25.94 39.01 -9.40
N ASP F 331 26.26 38.07 -8.52
CA ASP F 331 27.06 38.39 -7.35
C ASP F 331 28.42 38.90 -7.80
N GLU F 332 28.91 39.92 -7.11
CA GLU F 332 30.21 40.55 -7.47
C GLU F 332 31.26 40.12 -6.49
N GLY F 333 32.37 39.60 -7.03
CA GLY F 333 33.41 39.00 -6.21
C GLY F 333 32.92 37.60 -5.91
N CYS F 334 31.76 37.28 -6.48
CA CYS F 334 31.15 35.97 -6.33
C CYS F 334 31.34 35.29 -4.97
N LYS F 335 31.15 36.01 -3.87
CA LYS F 335 31.17 35.33 -2.58
C LYS F 335 30.07 34.28 -2.52
N LEU F 336 28.90 34.63 -3.03
CA LEU F 336 27.72 33.76 -3.01
C LEU F 336 27.79 32.55 -3.95
N VAL F 337 27.13 31.47 -3.56
CA VAL F 337 27.02 30.27 -4.40
C VAL F 337 25.86 29.31 -4.03
N THR F 338 25.49 28.47 -4.99
CA THR F 338 24.34 27.59 -4.88
C THR F 338 24.74 26.27 -4.29
N ILE F 339 24.20 26.01 -3.12
CA ILE F 339 24.59 24.82 -2.38
C ILE F 339 24.39 23.59 -3.24
N GLY F 340 25.43 22.77 -3.36
CA GLY F 340 25.36 21.55 -4.12
C GLY F 340 25.88 21.61 -5.54
N SER F 341 26.49 22.72 -5.94
CA SER F 341 27.04 22.89 -7.29
C SER F 341 25.99 22.70 -8.37
N GLY F 342 24.75 23.08 -8.07
CA GLY F 342 23.67 22.98 -9.04
C GLY F 342 22.66 21.89 -8.72
N LYS F 343 22.37 21.71 -7.44
CA LYS F 343 21.42 20.69 -7.03
C LYS F 343 19.98 21.19 -7.16
N VAL F 344 19.11 20.33 -7.69
CA VAL F 344 17.69 20.62 -7.84
C VAL F 344 16.90 19.52 -7.16
N PHE F 345 15.87 19.90 -6.41
CA PHE F 345 15.13 18.95 -5.59
C PHE F 345 13.81 18.52 -6.20
N ALA F 346 13.03 19.45 -6.75
CA ALA F 346 11.67 19.14 -7.20
C ALA F 346 11.62 18.71 -8.67
N THR F 347 12.43 19.33 -9.51
CA THR F 347 12.63 19.02 -10.94
C THR F 347 11.50 19.50 -11.85
N THR F 348 10.59 20.35 -11.36
CA THR F 348 9.44 20.77 -12.16
C THR F 348 9.89 21.83 -13.17
N GLY F 349 8.93 22.46 -13.85
CA GLY F 349 9.26 23.42 -14.88
C GLY F 349 8.26 24.55 -14.94
N TYR F 350 8.67 25.61 -15.64
CA TYR F 350 7.78 26.72 -15.92
C TYR F 350 6.89 26.38 -17.11
N GLY F 351 5.70 26.98 -17.14
CA GLY F 351 4.78 26.71 -18.23
C GLY F 351 3.65 27.71 -18.36
N ILE F 352 3.30 28.03 -19.61
CA ILE F 352 2.18 28.94 -19.86
C ILE F 352 0.88 28.24 -19.54
N ALA F 353 0.04 28.88 -18.73
CA ALA F 353 -1.24 28.30 -18.34
C ALA F 353 -2.25 28.45 -19.47
N ILE F 354 -3.15 27.47 -19.57
CA ILE F 354 -4.20 27.45 -20.57
C ILE F 354 -5.51 27.08 -19.89
N GLN F 355 -6.60 27.23 -20.63
CA GLN F 355 -7.93 26.89 -20.17
C GLN F 355 -8.04 25.39 -19.97
N LYS F 356 -8.74 24.96 -18.94
CA LYS F 356 -8.81 23.54 -18.65
C LYS F 356 -9.50 22.77 -19.73
N ASP F 357 -9.03 21.56 -19.99
CA ASP F 357 -9.78 20.66 -20.85
C ASP F 357 -9.70 21.17 -22.27
N SER F 358 -10.07 22.44 -22.41
CA SER F 358 -10.23 23.05 -23.70
C SER F 358 -9.24 24.16 -23.85
N GLY F 359 -8.70 24.33 -25.05
CA GLY F 359 -7.76 25.40 -25.27
C GLY F 359 -6.88 25.09 -26.46
N TRP F 360 -6.12 26.11 -26.86
CA TRP F 360 -5.12 26.01 -27.92
C TRP F 360 -3.87 25.23 -27.49
N LYS F 361 -3.94 24.57 -26.32
CA LYS F 361 -2.73 24.13 -25.63
C LYS F 361 -1.77 23.37 -26.53
N ARG F 362 -2.29 22.51 -27.41
CA ARG F 362 -1.42 21.69 -28.26
C ARG F 362 -0.59 22.56 -29.19
N GLN F 363 -1.23 23.50 -29.89
CA GLN F 363 -0.51 24.36 -30.82
C GLN F 363 0.46 25.30 -30.10
N VAL F 364 0.03 25.85 -28.95
CA VAL F 364 0.93 26.70 -28.17
C VAL F 364 2.14 25.92 -27.69
N ASP F 365 1.91 24.67 -27.24
CA ASP F 365 3.02 23.82 -26.86
C ASP F 365 3.96 23.60 -28.04
N LEU F 366 3.40 23.43 -29.25
CA LEU F 366 4.24 23.35 -30.44
C LEU F 366 5.07 24.62 -30.61
N ALA F 367 4.50 25.78 -30.24
CA ALA F 367 5.25 27.02 -30.35
C ALA F 367 6.41 27.05 -29.35
N ILE F 368 6.16 26.60 -28.12
CA ILE F 368 7.22 26.58 -27.10
C ILE F 368 8.35 25.64 -27.54
N LEU F 369 8.00 24.38 -27.81
CA LEU F 369 9.00 23.42 -28.27
C LEU F 369 9.63 23.82 -29.59
N GLN F 370 9.00 24.72 -30.34
CA GLN F 370 9.62 25.28 -31.53
C GLN F 370 10.66 26.34 -31.17
N LEU F 371 10.37 27.15 -30.14
CA LEU F 371 11.40 28.05 -29.61
C LEU F 371 12.58 27.27 -29.06
N PHE F 372 12.33 26.06 -28.55
CA PHE F 372 13.44 25.21 -28.10
C PHE F 372 14.16 24.58 -29.30
N GLY F 373 13.41 24.26 -30.36
CA GLY F 373 14.02 23.59 -31.50
C GLY F 373 14.90 24.50 -32.33
N ASP F 374 14.50 25.77 -32.47
CA ASP F 374 15.31 26.72 -33.22
C ASP F 374 16.56 27.15 -32.47
N GLY F 375 16.74 26.70 -31.23
CA GLY F 375 17.88 27.10 -30.44
C GLY F 375 17.75 28.43 -29.75
N GLU F 376 16.56 29.03 -29.76
CA GLU F 376 16.35 30.34 -29.15
C GLU F 376 16.56 30.29 -27.64
N MET F 377 16.44 29.12 -27.02
CA MET F 377 16.72 29.01 -25.59
C MET F 377 18.21 29.16 -25.31
N GLU F 378 19.05 28.65 -26.22
CA GLU F 378 20.49 28.80 -26.04
C GLU F 378 20.95 30.23 -26.32
N GLU F 379 20.38 30.86 -27.36
CA GLU F 379 20.74 32.25 -27.64
C GLU F 379 20.22 33.18 -26.55
N LEU F 380 19.02 32.91 -26.02
CA LEU F 380 18.49 33.73 -24.94
C LEU F 380 19.28 33.50 -23.65
N GLU F 381 19.69 32.27 -23.38
CA GLU F 381 20.51 32.01 -22.20
C GLU F 381 21.91 32.61 -22.35
N ALA F 382 22.40 32.75 -23.58
CA ALA F 382 23.69 33.38 -23.80
C ALA F 382 23.61 34.90 -23.68
N LEU F 383 22.51 35.49 -24.15
CA LEU F 383 22.36 36.93 -24.10
C LEU F 383 21.86 37.41 -22.74
N TRP F 384 20.93 36.68 -22.12
CA TRP F 384 20.32 37.09 -20.87
C TRP F 384 20.89 36.36 -19.66
N LEU F 385 20.81 35.03 -19.72
CA LEU F 385 21.23 34.13 -18.65
C LEU F 385 22.73 34.14 -18.37
N THR F 386 23.53 34.18 -19.43
CA THR F 386 24.97 34.05 -19.25
C THR F 386 25.47 35.20 -18.41
N GLY F 387 26.35 34.89 -17.47
CA GLY F 387 26.88 35.88 -16.55
C GLY F 387 28.38 35.97 -16.61
N ILE F 388 28.90 37.19 -16.70
CA ILE F 388 30.33 37.37 -16.77
C ILE F 388 30.89 36.37 -15.79
N CYS F 389 30.12 36.07 -14.75
CA CYS F 389 30.62 35.22 -13.71
C CYS F 389 30.30 33.78 -14.08
N HIS F 390 31.32 32.95 -14.15
CA HIS F 390 31.10 31.53 -14.40
C HIS F 390 30.86 31.31 -15.89
N ASN F 391 30.91 32.39 -16.67
CA ASN F 391 30.77 32.26 -18.10
C ASN F 391 31.97 31.51 -18.62
N GLU F 392 33.13 31.86 -18.08
CA GLU F 392 34.38 31.12 -18.34
C GLU F 392 34.29 29.77 -17.65
N LYS F 393 34.92 28.76 -18.25
CA LYS F 393 34.90 27.42 -17.69
C LYS F 393 35.64 27.36 -16.36
N ASN F 394 34.91 27.56 -15.27
CA ASN F 394 35.47 27.46 -13.93
C ASN F 394 36.21 28.71 -13.44
N GLU F 395 36.12 29.79 -14.22
CA GLU F 395 36.78 31.07 -13.81
C GLU F 395 36.58 32.17 -14.85
N SER F 399 44.51 26.10 -9.84
CA SER F 399 45.73 25.39 -10.25
C SER F 399 46.87 26.35 -10.50
N GLN F 400 46.55 27.50 -11.10
CA GLN F 400 47.55 28.51 -11.39
C GLN F 400 47.71 29.43 -10.18
N LEU F 401 48.96 29.78 -9.89
CA LEU F 401 49.26 30.65 -8.75
C LEU F 401 48.61 32.01 -8.95
N ASP F 402 47.70 32.37 -8.05
CA ASP F 402 46.95 33.60 -8.18
C ASP F 402 47.84 34.80 -7.85
N ILE F 403 47.25 35.99 -7.94
CA ILE F 403 47.99 37.21 -7.62
C ILE F 403 48.14 37.41 -6.12
N ASP F 404 47.33 36.73 -5.31
CA ASP F 404 47.40 36.92 -3.86
C ASP F 404 48.72 36.42 -3.29
N ASN F 405 49.19 35.26 -3.76
CA ASN F 405 50.46 34.73 -3.27
C ASN F 405 51.62 35.61 -3.72
N MET F 406 51.65 35.96 -5.01
CA MET F 406 52.68 36.86 -5.51
C MET F 406 52.62 38.21 -4.81
N ALA F 407 51.42 38.65 -4.41
CA ALA F 407 51.33 39.87 -3.61
C ALA F 407 51.93 39.65 -2.23
N GLY F 408 51.77 38.45 -1.67
CA GLY F 408 52.37 38.15 -0.39
C GLY F 408 53.88 38.18 -0.43
N VAL F 409 54.47 37.59 -1.47
CA VAL F 409 55.94 37.61 -1.60
C VAL F 409 56.44 39.02 -1.89
N PHE F 410 55.80 39.68 -2.86
CA PHE F 410 56.27 40.99 -3.30
C PHE F 410 56.08 42.04 -2.22
N TYR F 411 55.16 41.82 -1.28
CA TYR F 411 55.05 42.74 -0.15
C TYR F 411 56.31 42.68 0.71
N MET F 412 56.90 41.50 0.85
CA MET F 412 58.11 41.35 1.67
C MET F 412 59.36 41.73 0.88
N LEU F 413 59.40 41.40 -0.42
CA LEU F 413 60.54 41.79 -1.26
C LEU F 413 60.60 43.31 -1.40
N ALA F 414 59.47 43.93 -1.75
CA ALA F 414 59.44 45.38 -1.87
C ALA F 414 59.58 46.05 -0.52
N ALA F 415 59.01 45.45 0.53
CA ALA F 415 59.19 45.98 1.87
C ALA F 415 60.66 45.97 2.27
N ALA F 416 61.39 44.93 1.86
CA ALA F 416 62.83 44.89 2.09
C ALA F 416 63.59 45.79 1.13
N MET F 417 62.97 46.20 0.03
CA MET F 417 63.61 47.15 -0.88
C MET F 417 63.55 48.56 -0.33
N ALA F 418 62.35 49.00 0.05
CA ALA F 418 62.21 50.30 0.69
C ALA F 418 62.91 50.33 2.04
N LEU F 419 62.87 49.23 2.77
CA LEU F 419 63.64 49.13 4.01
C LEU F 419 65.14 49.13 3.74
N SER F 420 65.55 48.66 2.56
CA SER F 420 66.95 48.77 2.17
C SER F 420 67.32 50.22 1.87
N LEU F 421 66.39 50.97 1.25
CA LEU F 421 66.62 52.40 1.08
C LEU F 421 66.64 53.12 2.42
N ILE F 422 65.88 52.65 3.41
CA ILE F 422 65.98 53.18 4.76
C ILE F 422 67.33 52.83 5.37
N THR F 423 67.88 51.67 5.01
CA THR F 423 69.24 51.34 5.41
C THR F 423 70.27 52.20 4.68
N PHE F 424 69.91 52.77 3.53
CA PHE F 424 70.80 53.68 2.82
C PHE F 424 70.74 55.09 3.43
N ILE F 425 69.55 55.53 3.83
CA ILE F 425 69.43 56.83 4.49
C ILE F 425 70.04 56.78 5.89
N MET F 426 69.86 55.66 6.60
CA MET F 426 70.54 55.47 7.87
C MET F 426 72.03 55.29 7.67
N GLU F 427 72.44 54.66 6.56
CA GLU F 427 73.86 54.59 6.23
C GLU F 427 74.43 55.97 5.94
N HIS F 428 73.60 56.89 5.47
CA HIS F 428 74.05 58.27 5.26
C HIS F 428 74.10 59.04 6.56
N LEU F 429 73.13 58.82 7.45
CA LEU F 429 73.15 59.47 8.76
C LEU F 429 74.34 59.02 9.58
N PHE F 430 74.70 57.73 9.48
CA PHE F 430 75.90 57.23 10.14
C PHE F 430 77.17 57.54 9.35
N TYR F 431 77.05 57.82 8.05
CA TYR F 431 78.21 58.15 7.24
C TYR F 431 78.63 59.60 7.42
N LYS F 432 77.69 60.49 7.73
CA LYS F 432 78.02 61.90 7.93
C LYS F 432 78.75 62.14 9.25
N SER F 433 78.71 61.18 10.17
CA SER F 433 79.38 61.33 11.46
C SER F 433 80.90 61.29 11.29
N THR G 3 -12.63 15.51 -36.11
CA THR G 3 -12.27 16.79 -35.51
C THR G 3 -13.10 17.05 -34.24
N ARG G 4 -13.43 18.32 -34.00
CA ARG G 4 -14.25 18.73 -32.87
C ARG G 4 -15.66 18.94 -33.36
N LEU G 5 -16.62 18.26 -32.73
CA LEU G 5 -18.03 18.37 -33.09
C LEU G 5 -18.85 18.67 -31.85
N LYS G 6 -19.91 19.46 -32.03
CA LYS G 6 -20.79 19.82 -30.93
C LYS G 6 -21.73 18.69 -30.58
N ILE G 7 -22.08 18.61 -29.29
CA ILE G 7 -22.94 17.57 -28.75
C ILE G 7 -24.04 18.23 -27.93
N VAL G 8 -25.29 17.98 -28.31
CA VAL G 8 -26.45 18.52 -27.60
C VAL G 8 -27.11 17.41 -26.82
N THR G 9 -27.74 17.79 -25.71
CA THR G 9 -28.43 16.84 -24.84
C THR G 9 -29.51 17.58 -24.07
N ILE G 10 -30.33 16.81 -23.36
CA ILE G 10 -31.42 17.35 -22.55
C ILE G 10 -31.29 16.79 -21.14
N HIS G 11 -31.94 17.47 -20.20
CA HIS G 11 -31.91 17.09 -18.79
C HIS G 11 -33.01 16.06 -18.54
N GLN G 12 -32.61 14.80 -18.41
CA GLN G 12 -33.51 13.70 -18.03
C GLN G 12 -32.93 13.04 -16.79
N GLU G 13 -33.72 13.03 -15.71
CA GLU G 13 -33.22 12.63 -14.39
C GLU G 13 -32.44 11.33 -14.38
N PRO G 14 -32.93 10.21 -14.95
CA PRO G 14 -32.14 8.97 -14.90
C PRO G 14 -30.98 8.96 -15.88
N PHE G 15 -31.18 9.54 -17.06
CA PHE G 15 -30.18 9.47 -18.12
C PHE G 15 -29.14 10.57 -18.04
N VAL G 16 -29.55 11.79 -17.69
CA VAL G 16 -28.67 12.96 -17.72
C VAL G 16 -28.83 13.71 -16.40
N TYR G 17 -27.80 13.69 -15.57
CA TYR G 17 -27.75 14.49 -14.36
C TYR G 17 -27.08 15.82 -14.65
N VAL G 18 -27.69 16.92 -14.19
CA VAL G 18 -27.19 18.26 -14.40
C VAL G 18 -27.09 18.93 -13.04
N ARG G 19 -25.88 19.00 -12.48
CA ARG G 19 -25.63 19.66 -11.21
C ARG G 19 -24.48 20.65 -11.38
N PRO G 20 -24.51 21.79 -10.71
CA PRO G 20 -23.49 22.82 -10.92
C PRO G 20 -22.10 22.35 -10.50
N THR G 21 -21.11 23.15 -10.87
CA THR G 21 -19.71 22.85 -10.61
C THR G 21 -19.26 23.42 -9.26
N THR G 22 -18.11 22.95 -8.81
CA THR G 22 -17.50 23.49 -7.60
C THR G 22 -16.95 24.89 -7.87
N SER G 23 -16.59 25.58 -6.79
CA SER G 23 -15.94 26.88 -6.92
C SER G 23 -14.57 26.77 -7.58
N ASP G 24 -14.00 25.56 -7.61
CA ASP G 24 -12.71 25.36 -8.25
C ASP G 24 -12.80 25.44 -9.77
N GLY G 25 -13.99 25.20 -10.33
CA GLY G 25 -14.18 25.15 -11.76
C GLY G 25 -14.30 23.74 -12.31
N THR G 26 -13.66 22.77 -11.65
CA THR G 26 -13.78 21.37 -12.04
C THR G 26 -15.00 20.73 -11.40
N CYS G 27 -15.48 19.66 -12.03
CA CYS G 27 -16.68 18.99 -11.54
C CYS G 27 -16.37 18.21 -10.27
N ARG G 28 -17.25 18.34 -9.29
CA ARG G 28 -17.05 17.69 -8.00
C ARG G 28 -16.95 16.19 -8.17
N GLU G 29 -15.82 15.62 -7.75
CA GLU G 29 -15.61 14.18 -7.88
C GLU G 29 -16.52 13.42 -6.93
N GLU G 30 -17.24 12.44 -7.47
CA GLU G 30 -18.13 11.58 -6.70
C GLU G 30 -17.83 10.12 -7.03
N TYR G 31 -18.50 9.22 -6.33
CA TYR G 31 -18.31 7.79 -6.54
C TYR G 31 -19.67 7.10 -6.54
N THR G 32 -19.79 6.07 -7.39
CA THR G 32 -21.03 5.31 -7.45
C THR G 32 -21.14 4.38 -6.25
N ILE G 33 -22.32 3.77 -6.11
CA ILE G 33 -22.58 2.89 -4.97
C ILE G 33 -21.68 1.67 -5.03
N ASN G 34 -21.34 1.21 -6.23
CA ASN G 34 -20.48 0.03 -6.38
C ASN G 34 -19.01 0.33 -6.13
N GLY G 35 -18.64 1.58 -5.92
CA GLY G 35 -17.26 1.94 -5.67
C GLY G 35 -16.43 2.05 -6.94
N ASP G 36 -16.78 3.01 -7.79
CA ASP G 36 -16.09 3.24 -9.04
C ASP G 36 -16.04 4.74 -9.30
N PRO G 37 -15.09 5.21 -10.10
CA PRO G 37 -14.97 6.64 -10.36
C PRO G 37 -16.13 7.15 -11.20
N ILE G 38 -16.82 8.18 -10.70
CA ILE G 38 -17.89 8.84 -11.43
C ILE G 38 -17.26 9.89 -12.35
N LYS G 39 -17.52 9.78 -13.65
CA LYS G 39 -17.03 10.75 -14.61
C LYS G 39 -18.07 11.85 -14.78
N LYS G 40 -17.57 13.08 -14.96
CA LYS G 40 -18.44 14.23 -15.13
C LYS G 40 -17.81 15.18 -16.14
N VAL G 41 -18.65 15.88 -16.90
CA VAL G 41 -18.21 16.78 -17.95
C VAL G 41 -18.90 18.13 -17.77
N ILE G 42 -18.59 19.07 -18.67
CA ILE G 42 -19.08 20.44 -18.60
C ILE G 42 -20.29 20.58 -19.52
N CYS G 43 -21.23 21.42 -19.09
CA CYS G 43 -22.48 21.63 -19.81
C CYS G 43 -22.67 23.13 -20.01
N ASN G 44 -23.08 23.50 -21.23
CA ASN G 44 -23.32 24.90 -21.60
C ASN G 44 -24.83 25.07 -21.80
N GLY G 45 -25.51 25.56 -20.76
CA GLY G 45 -26.95 25.71 -20.81
C GLY G 45 -27.46 26.86 -19.99
N PRO G 46 -28.76 27.13 -20.10
CA PRO G 46 -29.35 28.25 -19.34
C PRO G 46 -29.62 27.87 -17.89
N ASP G 47 -29.31 28.81 -17.00
CA ASP G 47 -29.60 28.64 -15.58
C ASP G 47 -31.04 29.08 -15.32
N GLU G 48 -31.91 28.11 -15.02
CA GLU G 48 -33.33 28.40 -14.82
C GLU G 48 -33.63 29.11 -13.51
N THR G 49 -32.63 29.29 -12.65
CA THR G 49 -32.84 29.97 -11.39
C THR G 49 -32.81 31.49 -11.51
N ILE G 50 -32.26 32.01 -12.61
CA ILE G 50 -32.19 33.46 -12.83
C ILE G 50 -33.54 33.93 -13.37
N PRO G 51 -33.87 35.22 -13.23
CA PRO G 51 -35.12 35.71 -13.82
C PRO G 51 -35.19 35.49 -15.32
N GLY G 52 -34.09 35.70 -16.03
CA GLY G 52 -33.96 35.36 -17.42
C GLY G 52 -33.24 34.05 -17.63
N ARG G 53 -32.78 33.83 -18.86
CA ARG G 53 -32.08 32.61 -19.22
C ARG G 53 -30.62 32.92 -19.54
N PRO G 54 -29.70 32.81 -18.58
CA PRO G 54 -28.28 33.03 -18.88
C PRO G 54 -27.52 31.74 -19.14
N THR G 55 -26.64 31.75 -20.14
CA THR G 55 -25.81 30.60 -20.44
C THR G 55 -24.66 30.51 -19.45
N VAL G 56 -24.65 29.47 -18.64
CA VAL G 56 -23.63 29.30 -17.60
C VAL G 56 -23.14 27.86 -17.60
N PRO G 57 -21.85 27.62 -17.42
CA PRO G 57 -21.35 26.24 -17.36
C PRO G 57 -21.84 25.52 -16.11
N GLN G 58 -22.07 24.22 -16.27
CA GLN G 58 -22.47 23.33 -15.19
C GLN G 58 -21.77 22.00 -15.38
N CYS G 59 -22.13 21.01 -14.58
CA CYS G 59 -21.55 19.69 -14.65
C CYS G 59 -22.62 18.66 -14.94
N CYS G 60 -22.39 17.87 -16.00
CA CYS G 60 -23.33 16.85 -16.44
C CYS G 60 -22.70 15.48 -16.31
N TYR G 61 -23.50 14.51 -15.87
CA TYR G 61 -23.03 13.15 -15.64
C TYR G 61 -24.23 12.23 -15.53
N GLY G 62 -24.13 11.07 -16.20
CA GLY G 62 -25.24 10.12 -16.17
C GLY G 62 -24.99 9.00 -17.16
N PHE G 63 -26.10 8.37 -17.58
CA PHE G 63 -26.05 7.25 -18.51
C PHE G 63 -25.52 7.69 -19.87
N CYS G 64 -26.17 8.69 -20.47
CA CYS G 64 -25.76 9.19 -21.77
C CYS G 64 -24.37 9.81 -21.73
N VAL G 65 -23.89 10.25 -20.56
CA VAL G 65 -22.53 10.77 -20.45
C VAL G 65 -21.52 9.65 -20.53
N ASP G 66 -21.73 8.59 -19.74
CA ASP G 66 -20.84 7.42 -19.81
C ASP G 66 -20.84 6.82 -21.20
N LEU G 67 -22.01 6.74 -21.84
CA LEU G 67 -22.09 6.23 -23.21
C LEU G 67 -21.38 7.17 -24.17
N LEU G 68 -21.48 8.48 -23.93
CA LEU G 68 -20.77 9.45 -24.76
C LEU G 68 -19.27 9.26 -24.65
N ILE G 69 -18.77 8.94 -23.45
CA ILE G 69 -17.35 8.63 -23.31
C ILE G 69 -17.01 7.30 -23.97
N LYS G 70 -17.96 6.35 -23.99
CA LYS G 70 -17.73 5.08 -24.68
C LYS G 70 -17.54 5.31 -26.17
N LEU G 71 -18.41 6.13 -26.78
CA LEU G 71 -18.25 6.45 -28.19
C LEU G 71 -17.01 7.30 -28.44
N ALA G 72 -16.67 8.19 -27.51
CA ALA G 72 -15.47 9.00 -27.63
C ALA G 72 -14.20 8.15 -27.51
N ARG G 73 -14.28 6.99 -26.88
CA ARG G 73 -13.14 6.08 -26.82
C ARG G 73 -13.10 5.12 -27.99
N GLU G 74 -14.27 4.72 -28.52
CA GLU G 74 -14.29 3.82 -29.67
C GLU G 74 -13.83 4.53 -30.93
N MET G 75 -14.30 5.75 -31.16
CA MET G 75 -13.95 6.53 -32.33
C MET G 75 -13.05 7.70 -31.93
N ASP G 76 -12.27 8.18 -32.89
CA ASP G 76 -11.24 9.18 -32.63
C ASP G 76 -11.79 10.58 -32.91
N PHE G 77 -12.69 11.03 -32.05
CA PHE G 77 -13.27 12.37 -32.16
C PHE G 77 -13.42 12.99 -30.77
N THR G 78 -13.42 14.31 -30.75
CA THR G 78 -13.58 15.08 -29.52
C THR G 78 -14.98 15.68 -29.45
N TYR G 79 -15.30 16.26 -28.30
CA TYR G 79 -16.66 16.69 -28.01
C TYR G 79 -16.66 18.04 -27.32
N GLU G 80 -17.84 18.66 -27.30
CA GLU G 80 -18.08 19.90 -26.55
C GLU G 80 -19.57 19.91 -26.20
N VAL G 81 -19.89 19.54 -24.96
CA VAL G 81 -21.28 19.35 -24.56
C VAL G 81 -21.93 20.70 -24.27
N HIS G 82 -23.22 20.80 -24.58
CA HIS G 82 -24.00 21.98 -24.27
C HIS G 82 -25.46 21.56 -24.10
N LEU G 83 -26.15 22.22 -23.16
CA LEU G 83 -27.53 21.86 -22.87
C LEU G 83 -28.47 22.42 -23.94
N VAL G 84 -29.70 21.88 -23.94
CA VAL G 84 -30.68 22.23 -24.96
C VAL G 84 -31.15 23.67 -24.76
N ALA G 85 -31.45 24.35 -25.86
CA ALA G 85 -31.78 25.77 -25.81
C ALA G 85 -33.21 26.01 -25.32
N ASP G 86 -34.19 25.39 -25.97
CA ASP G 86 -35.58 25.69 -25.68
C ASP G 86 -36.12 24.95 -24.46
N GLY G 87 -35.44 23.89 -24.02
CA GLY G 87 -35.93 23.11 -22.91
C GLY G 87 -36.90 22.01 -23.26
N LYS G 88 -37.05 21.68 -24.54
CA LYS G 88 -37.90 20.59 -24.97
C LYS G 88 -37.14 19.70 -25.94
N PHE G 89 -37.63 18.47 -26.10
CA PHE G 89 -36.97 17.49 -26.95
C PHE G 89 -36.84 18.01 -28.38
N GLY G 90 -37.98 18.29 -29.02
CA GLY G 90 -38.01 18.69 -30.41
C GLY G 90 -39.36 18.41 -31.04
N THR G 91 -39.82 19.29 -31.93
CA THR G 91 -41.14 19.15 -32.52
C THR G 91 -41.18 19.96 -33.80
N GLN G 92 -42.02 19.53 -34.73
CA GLN G 92 -42.39 20.33 -35.90
C GLN G 92 -43.61 21.17 -35.52
N GLU G 93 -43.45 22.49 -35.57
CA GLU G 93 -44.52 23.38 -35.16
C GLU G 93 -44.31 24.74 -35.80
N ARG G 94 -45.38 25.54 -35.80
CA ARG G 94 -45.36 26.90 -36.32
C ARG G 94 -45.94 27.82 -35.26
N VAL G 95 -45.16 28.84 -34.87
CA VAL G 95 -45.54 29.77 -33.80
C VAL G 95 -46.01 31.11 -34.37
N ASN G 96 -45.14 31.79 -35.13
CA ASN G 96 -45.46 33.12 -35.64
C ASN G 96 -45.84 33.13 -37.12
N ASN G 97 -45.54 32.07 -37.87
CA ASN G 97 -45.85 31.99 -39.29
C ASN G 97 -47.03 31.04 -39.48
N SER G 98 -48.14 31.58 -39.98
CA SER G 98 -49.34 30.78 -40.20
C SER G 98 -49.25 29.87 -41.41
N ASN G 99 -48.24 30.05 -42.27
CA ASN G 99 -48.08 29.22 -43.46
C ASN G 99 -46.73 28.53 -43.53
N ALA G 100 -45.82 28.79 -42.58
CA ALA G 100 -44.50 28.18 -42.57
C ALA G 100 -44.23 27.62 -41.18
N ALA G 101 -43.81 26.35 -41.13
CA ALA G 101 -43.49 25.68 -39.89
C ALA G 101 -42.00 25.35 -39.85
N ALA G 102 -41.50 25.11 -38.62
CA ALA G 102 -40.10 24.81 -38.42
C ALA G 102 -39.96 23.81 -37.28
N TRP G 103 -38.75 23.32 -37.09
CA TRP G 103 -38.43 22.37 -36.03
C TRP G 103 -37.76 23.08 -34.86
N ASN G 104 -38.11 22.66 -33.64
CA ASN G 104 -37.56 23.25 -32.44
C ASN G 104 -37.04 22.16 -31.52
N GLY G 105 -36.05 22.51 -30.71
CA GLY G 105 -35.46 21.59 -29.76
C GLY G 105 -34.13 21.05 -30.20
N MET G 106 -33.78 19.87 -29.67
CA MET G 106 -32.53 19.22 -30.05
C MET G 106 -32.56 18.83 -31.53
N MET G 107 -33.72 18.38 -32.02
CA MET G 107 -33.87 18.04 -33.43
C MET G 107 -33.55 19.25 -34.31
N GLY G 108 -34.18 20.39 -34.02
CA GLY G 108 -33.88 21.60 -34.77
C GLY G 108 -32.44 22.04 -34.61
N GLU G 109 -31.87 21.85 -33.42
CA GLU G 109 -30.47 22.20 -33.21
C GLU G 109 -29.56 21.37 -34.09
N LEU G 110 -29.93 20.11 -34.33
CA LEU G 110 -29.18 19.31 -35.30
C LEU G 110 -29.43 19.81 -36.72
N LEU G 111 -30.67 20.20 -37.02
CA LEU G 111 -30.99 20.70 -38.36
C LEU G 111 -30.41 22.09 -38.58
N SER G 112 -30.27 22.89 -37.53
CA SER G 112 -29.76 24.25 -37.65
C SER G 112 -28.24 24.32 -37.71
N GLY G 113 -27.55 23.18 -37.72
CA GLY G 113 -26.09 23.19 -37.72
C GLY G 113 -25.43 23.58 -36.43
N GLN G 114 -26.21 23.93 -35.40
CA GLN G 114 -25.64 24.29 -34.10
C GLN G 114 -24.91 23.12 -33.46
N ALA G 115 -25.35 21.89 -33.75
CA ALA G 115 -24.72 20.69 -33.24
C ALA G 115 -24.49 19.71 -34.39
N ASP G 116 -23.64 18.73 -34.15
CA ASP G 116 -23.31 17.72 -35.16
C ASP G 116 -23.79 16.32 -34.80
N MET G 117 -24.21 16.09 -33.55
CA MET G 117 -24.67 14.77 -33.14
C MET G 117 -25.43 14.91 -31.82
N ILE G 118 -26.49 14.12 -31.67
CA ILE G 118 -27.33 14.14 -30.47
C ILE G 118 -27.19 12.80 -29.78
N VAL G 119 -26.70 12.83 -28.54
CA VAL G 119 -26.60 11.63 -27.71
C VAL G 119 -27.45 11.81 -26.47
N ALA G 120 -28.74 11.58 -26.60
CA ALA G 120 -29.70 11.84 -25.53
C ALA G 120 -30.85 10.86 -25.67
N PRO G 121 -31.71 10.75 -24.64
CA PRO G 121 -32.90 9.90 -24.80
C PRO G 121 -33.91 10.47 -25.79
N LEU G 122 -33.66 10.29 -27.09
CA LEU G 122 -34.56 10.74 -28.14
C LEU G 122 -35.34 9.56 -28.67
N THR G 123 -36.67 9.68 -28.66
CA THR G 123 -37.53 8.58 -29.12
C THR G 123 -37.60 8.57 -30.64
N ILE G 124 -37.66 7.36 -31.21
CA ILE G 124 -37.65 7.18 -32.66
C ILE G 124 -39.08 7.04 -33.16
N ASN G 125 -39.39 7.73 -34.26
CA ASN G 125 -40.69 7.62 -34.90
C ASN G 125 -40.53 8.04 -36.36
N ASN G 126 -41.62 7.87 -37.12
CA ASN G 126 -41.55 8.17 -38.55
C ASN G 126 -41.44 9.66 -38.80
N GLU G 127 -42.12 10.48 -37.97
CA GLU G 127 -42.07 11.92 -38.18
C GLU G 127 -40.67 12.47 -38.03
N ARG G 128 -39.84 11.84 -37.20
CA ARG G 128 -38.47 12.28 -37.03
C ARG G 128 -37.52 11.65 -38.04
N ALA G 129 -37.83 10.43 -38.50
CA ALA G 129 -36.99 9.80 -39.51
C ALA G 129 -37.08 10.46 -40.87
N GLN G 130 -38.05 11.37 -41.06
CA GLN G 130 -38.18 12.08 -42.33
C GLN G 130 -37.17 13.22 -42.47
N TYR G 131 -36.66 13.75 -41.36
CA TYR G 131 -35.73 14.88 -41.38
C TYR G 131 -34.30 14.49 -41.02
N ILE G 132 -34.10 13.63 -40.02
CA ILE G 132 -32.78 13.16 -39.65
C ILE G 132 -32.78 11.63 -39.70
N GLU G 133 -31.60 11.04 -39.54
CA GLU G 133 -31.45 9.60 -39.56
C GLU G 133 -31.07 9.07 -38.17
N PHE G 134 -31.69 7.98 -37.78
CA PHE G 134 -31.40 7.34 -36.51
C PHE G 134 -30.57 6.08 -36.73
N SER G 135 -29.80 5.71 -35.71
CA SER G 135 -29.05 4.46 -35.71
C SER G 135 -29.90 3.36 -35.09
N LYS G 136 -29.30 2.19 -34.89
CA LYS G 136 -29.99 1.16 -34.12
C LYS G 136 -30.19 1.67 -32.71
N PRO G 137 -31.38 1.56 -32.14
CA PRO G 137 -31.65 2.22 -30.85
C PRO G 137 -30.85 1.57 -29.73
N PHE G 138 -30.29 2.42 -28.87
CA PHE G 138 -29.50 1.94 -27.73
C PHE G 138 -30.36 1.65 -26.50
N LYS G 139 -31.62 2.03 -26.49
CA LYS G 139 -32.53 1.69 -25.40
C LYS G 139 -33.84 1.18 -25.96
N TYR G 140 -34.31 0.05 -25.46
CA TYR G 140 -35.61 -0.50 -25.85
C TYR G 140 -36.56 -0.39 -24.66
N GLN G 141 -37.65 0.36 -24.84
CA GLN G 141 -38.57 0.64 -23.75
C GLN G 141 -39.94 0.95 -24.36
N GLY G 142 -40.83 1.52 -23.56
CA GLY G 142 -42.19 1.83 -24.00
C GLY G 142 -42.72 3.02 -23.25
N LEU G 143 -44.04 3.02 -23.04
CA LEU G 143 -44.71 4.10 -22.32
C LEU G 143 -45.47 3.54 -21.13
N THR G 144 -45.38 4.23 -20.00
CA THR G 144 -46.13 3.88 -18.80
C THR G 144 -46.79 5.14 -18.25
N ILE G 145 -47.82 4.93 -17.43
CA ILE G 145 -48.51 6.01 -16.74
C ILE G 145 -48.22 5.88 -15.25
N LEU G 146 -47.85 6.99 -14.62
CA LEU G 146 -47.46 7.01 -13.21
C LEU G 146 -48.55 7.66 -12.36
N VAL G 147 -48.95 6.99 -11.29
CA VAL G 147 -49.95 7.50 -10.36
C VAL G 147 -49.41 7.32 -8.94
N LYS G 148 -50.24 7.68 -7.97
CA LYS G 148 -49.88 7.58 -6.56
C LYS G 148 -50.38 6.26 -5.97
N LYS G 149 -49.76 5.86 -4.88
CA LYS G 149 -50.05 4.57 -4.28
C LYS G 149 -51.47 4.44 -3.79
N GLU G 150 -51.98 5.43 -3.10
CA GLU G 150 -53.37 5.34 -2.57
C GLU G 150 -53.54 4.15 -1.64
N ILE G 151 -54.70 3.49 -1.71
CA ILE G 151 -55.05 2.34 -0.89
C ILE G 151 -55.50 1.19 -1.78
N PRO G 152 -55.01 -0.01 -1.50
CA PRO G 152 -55.15 -1.13 -2.44
C PRO G 152 -56.59 -1.34 -2.91
N ARG G 153 -56.71 -1.89 -4.12
CA ARG G 153 -57.99 -2.15 -4.77
C ARG G 153 -58.83 -0.87 -4.87
N THR G 155 -56.62 -7.68 -6.14
CA THR G 155 -57.65 -8.36 -5.37
C THR G 155 -58.40 -9.36 -6.25
N LEU G 156 -59.03 -10.35 -5.62
CA LEU G 156 -59.75 -11.38 -6.37
C LEU G 156 -60.97 -10.77 -7.07
N ASP G 157 -61.37 -11.41 -8.16
CA ASP G 157 -62.44 -10.89 -9.01
C ASP G 157 -63.81 -11.49 -8.64
N SER G 158 -63.90 -12.82 -8.57
CA SER G 158 -65.17 -13.51 -8.35
C SER G 158 -65.06 -14.42 -7.14
N PHE G 159 -66.23 -14.92 -6.71
CA PHE G 159 -66.28 -15.78 -5.53
C PHE G 159 -65.60 -17.13 -5.79
N MET G 160 -65.85 -17.72 -6.96
CA MET G 160 -65.25 -18.99 -7.35
C MET G 160 -63.85 -18.83 -7.93
N GLN G 161 -63.11 -17.81 -7.50
CA GLN G 161 -61.77 -17.58 -8.05
C GLN G 161 -60.77 -18.68 -7.67
N PRO G 162 -60.67 -19.12 -6.40
CA PRO G 162 -59.66 -20.15 -6.08
C PRO G 162 -59.91 -21.49 -6.78
N PHE G 163 -61.09 -22.07 -6.61
CA PHE G 163 -61.41 -23.35 -7.24
C PHE G 163 -61.98 -23.09 -8.63
N GLN G 164 -61.33 -23.66 -9.64
CA GLN G 164 -61.78 -23.49 -11.02
C GLN G 164 -63.11 -24.22 -11.24
N SER G 165 -63.72 -23.96 -12.40
CA SER G 165 -64.96 -24.64 -12.76
C SER G 165 -64.77 -26.14 -12.87
N THR G 166 -63.55 -26.61 -13.11
CA THR G 166 -63.27 -28.03 -13.06
C THR G 166 -63.24 -28.54 -11.62
N LEU G 167 -62.76 -27.72 -10.68
CA LEU G 167 -62.76 -28.12 -9.28
C LEU G 167 -64.17 -28.11 -8.72
N TRP G 168 -64.97 -27.10 -9.06
CA TRP G 168 -66.37 -27.10 -8.65
C TRP G 168 -67.16 -28.19 -9.36
N LEU G 169 -66.77 -28.52 -10.59
CA LEU G 169 -67.41 -29.63 -11.30
C LEU G 169 -67.03 -30.97 -10.68
N LEU G 170 -65.86 -31.04 -10.04
CA LEU G 170 -65.46 -32.27 -9.36
C LEU G 170 -66.04 -32.36 -7.96
N VAL G 171 -66.32 -31.21 -7.34
CA VAL G 171 -66.93 -31.22 -6.01
C VAL G 171 -68.43 -31.46 -6.10
N GLY G 172 -69.09 -30.81 -7.05
CA GLY G 172 -70.52 -31.00 -7.27
C GLY G 172 -70.81 -32.27 -8.03
N LEU G 173 -70.04 -32.54 -9.07
CA LEU G 173 -70.17 -33.81 -9.77
C LEU G 173 -69.74 -34.98 -8.88
N SER G 174 -68.79 -34.75 -7.98
CA SER G 174 -68.50 -35.75 -6.96
C SER G 174 -69.60 -35.79 -5.91
N VAL G 175 -70.39 -34.72 -5.82
CA VAL G 175 -71.51 -34.71 -4.89
C VAL G 175 -72.68 -35.53 -5.45
N HIS G 176 -72.85 -35.58 -6.76
CA HIS G 176 -73.74 -36.60 -7.30
C HIS G 176 -73.06 -37.96 -7.30
N VAL G 177 -71.76 -38.02 -7.57
CA VAL G 177 -71.16 -39.35 -7.66
C VAL G 177 -71.21 -40.03 -6.29
N VAL G 178 -71.07 -39.27 -5.21
CA VAL G 178 -71.23 -39.85 -3.88
C VAL G 178 -72.69 -39.92 -3.48
N ALA G 179 -73.53 -39.04 -4.05
CA ALA G 179 -74.96 -39.05 -3.74
C ALA G 179 -75.69 -40.18 -4.46
N VAL G 180 -75.45 -40.31 -5.76
CA VAL G 180 -75.90 -41.41 -6.61
C VAL G 180 -75.22 -42.71 -6.24
N MET G 181 -73.95 -42.68 -5.83
CA MET G 181 -73.31 -43.90 -5.39
C MET G 181 -73.88 -44.37 -4.05
N LEU G 182 -74.17 -43.43 -3.14
CA LEU G 182 -74.88 -43.79 -1.91
C LEU G 182 -76.32 -44.16 -2.21
N TYR G 183 -76.88 -43.65 -3.31
CA TYR G 183 -78.22 -43.99 -3.73
C TYR G 183 -78.29 -45.42 -4.22
N LEU G 184 -77.30 -45.86 -5.01
CA LEU G 184 -77.29 -47.22 -5.50
C LEU G 184 -76.87 -48.20 -4.42
N LEU G 185 -75.84 -47.86 -3.65
CA LEU G 185 -75.39 -48.76 -2.59
C LEU G 185 -76.42 -48.89 -1.48
N ASP G 186 -77.16 -47.81 -1.20
CA ASP G 186 -78.21 -47.87 -0.19
C ASP G 186 -79.53 -48.43 -0.72
N ARG G 187 -79.75 -48.35 -2.03
CA ARG G 187 -81.01 -48.81 -2.61
C ARG G 187 -80.98 -50.28 -3.03
N PHE G 188 -79.83 -50.78 -3.48
CA PHE G 188 -79.77 -52.15 -4.00
C PHE G 188 -80.03 -53.17 -2.90
N SER G 189 -79.50 -52.94 -1.70
CA SER G 189 -79.70 -53.87 -0.60
C SER G 189 -79.68 -53.14 0.74
N THR G 199 -85.23 -40.59 -1.73
CA THR G 199 -83.97 -41.31 -1.77
C THR G 199 -82.95 -40.58 -2.64
N LEU G 200 -83.31 -40.36 -3.91
CA LEU G 200 -82.41 -39.65 -4.82
C LEU G 200 -82.24 -38.19 -4.37
N SER G 201 -83.35 -37.50 -4.13
CA SER G 201 -83.28 -36.12 -3.66
C SER G 201 -82.65 -36.03 -2.28
N SER G 202 -82.90 -37.03 -1.43
CA SER G 202 -82.27 -37.04 -0.11
C SER G 202 -80.76 -37.28 -0.23
N ALA G 203 -80.33 -38.05 -1.22
CA ALA G 203 -78.91 -38.28 -1.41
C ALA G 203 -78.22 -37.04 -1.96
N MET G 204 -78.82 -36.42 -2.98
CA MET G 204 -78.28 -35.17 -3.52
C MET G 204 -78.30 -34.06 -2.47
N TRP G 205 -79.25 -34.10 -1.54
CA TRP G 205 -79.31 -33.11 -0.48
C TRP G 205 -78.33 -33.42 0.65
N PHE G 206 -78.01 -34.69 0.85
CA PHE G 206 -76.98 -35.02 1.84
C PHE G 206 -75.60 -34.65 1.33
N SER G 207 -75.30 -35.02 0.08
CA SER G 207 -73.99 -34.74 -0.48
C SER G 207 -73.81 -33.25 -0.77
N TRP G 208 -74.84 -32.61 -1.35
CA TRP G 208 -74.75 -31.16 -1.58
C TRP G 208 -74.82 -30.39 -0.28
N ARG G 209 -75.64 -30.87 0.66
CA ARG G 209 -75.74 -30.19 1.95
C ARG G 209 -74.42 -30.27 2.72
N VAL G 210 -73.70 -31.37 2.59
CA VAL G 210 -72.39 -31.46 3.23
C VAL G 210 -71.36 -30.61 2.48
N LEU G 211 -71.33 -30.73 1.14
CA LEU G 211 -70.43 -29.93 0.34
C LEU G 211 -70.67 -28.43 0.52
N LEU G 212 -71.87 -28.06 0.96
CA LEU G 212 -72.16 -26.67 1.31
C LEU G 212 -72.25 -26.46 2.81
N ASN G 213 -72.09 -27.52 3.61
CA ASN G 213 -72.15 -27.45 5.07
C ASN G 213 -73.45 -26.82 5.56
N SER G 214 -74.52 -26.96 4.77
CA SER G 214 -75.78 -26.31 5.08
C SER G 214 -76.60 -27.15 6.05
N GLY G 215 -77.71 -26.57 6.52
CA GLY G 215 -78.66 -27.29 7.33
C GLY G 215 -79.89 -27.65 6.51
N LEU G 216 -79.67 -27.89 5.21
CA LEU G 216 -80.78 -28.19 4.32
C LEU G 216 -81.13 -29.68 4.33
N GLY G 217 -80.15 -30.54 4.07
CA GLY G 217 -80.42 -31.96 4.05
C GLY G 217 -80.81 -32.48 5.42
N GLU G 218 -81.74 -33.44 5.43
CA GLU G 218 -82.27 -34.00 6.67
C GLU G 218 -82.00 -35.48 6.82
N GLY G 219 -82.32 -36.28 5.81
CA GLY G 219 -82.13 -37.71 5.93
C GLY G 219 -80.69 -38.14 5.66
N ALA G 220 -80.35 -39.32 6.18
CA ALA G 220 -79.02 -39.88 6.02
C ALA G 220 -79.11 -41.39 5.92
N PRO G 221 -78.32 -42.01 5.04
CA PRO G 221 -78.35 -43.46 4.92
C PRO G 221 -77.44 -44.14 5.95
N ARG G 222 -77.85 -45.33 6.37
CA ARG G 222 -77.17 -46.05 7.44
C ARG G 222 -76.39 -47.27 6.98
N SER G 223 -76.50 -47.66 5.71
CA SER G 223 -75.75 -48.82 5.22
C SER G 223 -74.25 -48.56 5.32
N PHE G 224 -73.50 -49.61 5.64
CA PHE G 224 -72.06 -49.46 5.81
C PHE G 224 -71.40 -48.90 4.55
N SER G 225 -71.91 -49.29 3.37
CA SER G 225 -71.44 -48.67 2.14
C SER G 225 -71.85 -47.20 2.08
N ALA G 226 -73.10 -46.91 2.41
CA ALA G 226 -73.61 -45.55 2.34
C ALA G 226 -73.18 -44.73 3.56
N ARG G 227 -72.96 -45.37 4.70
CA ARG G 227 -72.43 -44.64 5.85
C ARG G 227 -70.94 -44.42 5.71
N ILE G 228 -70.24 -45.29 4.99
CA ILE G 228 -68.83 -45.06 4.70
C ILE G 228 -68.69 -44.04 3.59
N LEU G 229 -69.70 -44.04 2.73
CA LEU G 229 -69.91 -42.96 1.83
C LEU G 229 -70.25 -41.75 2.65
N GLY G 230 -71.13 -41.92 3.62
CA GLY G 230 -71.66 -40.75 4.30
C GLY G 230 -70.63 -39.97 5.06
N MET G 231 -69.88 -40.65 5.90
CA MET G 231 -68.89 -39.95 6.69
C MET G 231 -67.91 -39.41 5.69
N VAL G 232 -67.58 -40.25 4.73
CA VAL G 232 -66.46 -39.99 3.88
C VAL G 232 -66.74 -38.70 3.20
N TRP G 233 -67.97 -38.51 2.76
CA TRP G 233 -68.30 -37.32 2.02
C TRP G 233 -68.04 -36.19 2.94
N ALA G 234 -68.53 -36.35 4.14
CA ALA G 234 -68.22 -35.28 5.09
C ALA G 234 -66.73 -34.99 5.07
N GLY G 235 -65.89 -36.03 5.16
CA GLY G 235 -64.46 -35.74 5.04
C GLY G 235 -64.11 -34.88 3.83
N PHE G 236 -64.76 -35.15 2.69
CA PHE G 236 -64.64 -34.28 1.53
C PHE G 236 -65.19 -32.89 1.79
N ALA G 237 -66.12 -32.75 2.75
CA ALA G 237 -66.69 -31.43 3.03
C ALA G 237 -65.79 -30.60 3.94
N MET G 238 -65.11 -31.26 4.89
CA MET G 238 -64.15 -30.57 5.73
C MET G 238 -62.88 -30.23 4.96
N ILE G 239 -62.50 -31.08 4.00
CA ILE G 239 -61.32 -30.80 3.20
C ILE G 239 -61.61 -29.92 1.99
N ILE G 240 -62.86 -29.82 1.56
CA ILE G 240 -63.20 -28.94 0.44
C ILE G 240 -63.62 -27.56 0.94
N VAL G 241 -64.41 -27.51 2.01
CA VAL G 241 -64.68 -26.23 2.66
C VAL G 241 -63.39 -25.69 3.30
N ALA G 242 -62.74 -26.50 4.14
CA ALA G 242 -61.41 -26.15 4.63
C ALA G 242 -60.45 -25.83 3.50
N SER G 243 -60.43 -26.66 2.45
CA SER G 243 -59.53 -26.46 1.32
C SER G 243 -59.75 -25.09 0.67
N TYR G 244 -61.02 -24.75 0.39
CA TYR G 244 -61.28 -23.41 -0.10
C TYR G 244 -60.71 -22.37 0.85
N THR G 245 -61.02 -22.46 2.15
CA THR G 245 -60.46 -21.48 3.08
C THR G 245 -58.95 -21.37 2.97
N ALA G 246 -58.26 -22.50 2.81
CA ALA G 246 -56.82 -22.46 2.57
C ALA G 246 -56.50 -21.63 1.35
N ASN G 247 -57.23 -21.82 0.24
CA ASN G 247 -57.04 -20.97 -0.94
C ASN G 247 -57.53 -19.55 -0.71
N LEU G 248 -58.50 -19.37 0.20
CA LEU G 248 -59.04 -18.06 0.54
C LEU G 248 -58.02 -17.25 1.30
N ALA G 249 -57.17 -17.94 2.05
CA ALA G 249 -56.02 -17.41 2.73
C ALA G 249 -54.79 -17.38 1.84
N ALA G 250 -54.85 -18.09 0.70
CA ALA G 250 -53.71 -18.11 -0.20
C ALA G 250 -53.56 -16.78 -0.92
N PHE G 251 -54.67 -16.07 -1.15
CA PHE G 251 -54.63 -14.79 -1.82
C PHE G 251 -54.24 -13.68 -0.86
N LEU G 252 -53.47 -14.01 0.19
CA LEU G 252 -53.01 -13.04 1.16
C LEU G 252 -51.59 -12.57 0.86
N VAL G 253 -51.19 -12.59 -0.41
CA VAL G 253 -49.90 -12.08 -0.86
C VAL G 253 -50.13 -10.76 -1.59
N LEU G 254 -49.45 -9.71 -1.15
CA LEU G 254 -49.63 -8.37 -1.70
C LEU G 254 -49.07 -8.34 -3.12
N ARG G 255 -49.90 -8.77 -4.07
CA ARG G 255 -49.51 -8.90 -5.47
C ARG G 255 -50.15 -7.79 -6.28
N ARG G 256 -49.31 -6.97 -6.91
CA ARG G 256 -49.74 -5.89 -7.80
C ARG G 256 -50.87 -5.05 -7.21
N PRO G 257 -50.66 -4.38 -6.08
CA PRO G 257 -51.75 -3.65 -5.45
C PRO G 257 -51.90 -2.24 -6.00
N GLU G 258 -53.17 -1.81 -6.07
CA GLU G 258 -53.52 -0.42 -6.36
C GLU G 258 -53.05 0.01 -7.77
N GLU G 259 -53.30 -0.85 -8.75
CA GLU G 259 -53.10 -0.49 -10.15
C GLU G 259 -54.33 0.29 -10.60
N ARG G 260 -54.29 1.60 -10.35
CA ARG G 260 -55.49 2.44 -10.49
C ARG G 260 -56.03 2.42 -11.92
N ILE G 261 -55.18 2.73 -12.89
CA ILE G 261 -55.56 2.82 -14.29
C ILE G 261 -54.84 1.70 -15.06
N THR G 262 -55.61 0.75 -15.57
CA THR G 262 -55.08 -0.39 -16.32
C THR G 262 -54.20 0.03 -17.50
N GLY G 263 -54.67 0.96 -18.32
CA GLY G 263 -53.96 1.34 -19.52
C GLY G 263 -54.80 2.28 -20.38
N ILE G 264 -54.37 2.46 -21.63
CA ILE G 264 -55.16 3.25 -22.58
C ILE G 264 -56.63 2.84 -22.54
N ASN G 265 -56.91 1.58 -22.22
CA ASN G 265 -58.29 1.12 -22.05
C ASN G 265 -58.94 1.69 -20.79
N ASP G 266 -58.15 1.82 -19.71
CA ASP G 266 -58.70 1.98 -18.37
C ASP G 266 -59.61 3.20 -18.29
N PRO G 267 -60.72 3.12 -17.57
CA PRO G 267 -61.76 4.16 -17.66
C PRO G 267 -61.28 5.56 -17.32
N ARG G 268 -60.47 5.71 -16.28
CA ARG G 268 -59.96 7.04 -15.94
C ARG G 268 -58.94 7.53 -16.95
N LEU G 269 -58.26 6.61 -17.64
CA LEU G 269 -57.25 7.01 -18.60
C LEU G 269 -57.90 7.55 -19.88
N ARG G 270 -59.01 6.96 -20.30
CA ARG G 270 -59.64 7.37 -21.55
C ARG G 270 -60.41 8.69 -21.37
N ASN G 271 -61.25 8.77 -20.34
CA ASN G 271 -62.10 9.93 -20.15
C ASN G 271 -61.45 10.87 -19.14
N PRO G 272 -61.23 12.14 -19.47
CA PRO G 272 -60.57 13.06 -18.52
C PRO G 272 -61.53 13.72 -17.52
N SER G 273 -61.79 13.02 -16.43
CA SER G 273 -62.63 13.56 -15.37
C SER G 273 -61.84 14.54 -14.51
N ASP G 274 -62.55 15.54 -13.97
CA ASP G 274 -61.91 16.60 -13.20
C ASP G 274 -61.32 16.12 -11.88
N LYS G 275 -61.59 14.88 -11.47
CA LYS G 275 -60.98 14.33 -10.27
C LYS G 275 -59.64 13.64 -10.55
N PHE G 276 -59.47 13.10 -11.75
CA PHE G 276 -58.25 12.40 -12.15
C PHE G 276 -57.61 13.20 -13.30
N ILE G 277 -56.65 14.04 -12.97
CA ILE G 277 -56.03 14.94 -13.92
C ILE G 277 -54.74 14.29 -14.41
N TYR G 278 -54.71 13.92 -15.69
CA TYR G 278 -53.53 13.37 -16.32
C TYR G 278 -53.08 14.27 -17.46
N ALA G 279 -51.76 14.32 -17.68
CA ALA G 279 -51.21 15.16 -18.73
C ALA G 279 -49.81 14.66 -19.08
N THR G 280 -49.38 14.99 -20.29
CA THR G 280 -48.05 14.65 -20.79
C THR G 280 -47.28 15.92 -21.12
N VAL G 281 -45.95 15.77 -21.23
CA VAL G 281 -45.10 16.91 -21.49
C VAL G 281 -45.35 17.46 -22.89
N LYS G 282 -45.34 18.79 -23.00
CA LYS G 282 -45.56 19.42 -24.29
C LYS G 282 -44.26 19.45 -25.09
N GLN G 283 -44.41 19.47 -26.42
CA GLN G 283 -43.28 19.53 -27.35
C GLN G 283 -42.32 18.36 -27.11
N SER G 284 -42.86 17.14 -27.15
CA SER G 284 -42.08 15.93 -26.97
C SER G 284 -42.61 14.86 -27.92
N SER G 285 -41.94 13.71 -27.90
CA SER G 285 -42.33 12.64 -28.81
C SER G 285 -43.70 12.08 -28.46
N VAL G 286 -44.03 12.01 -27.17
CA VAL G 286 -45.31 11.47 -26.74
C VAL G 286 -46.46 12.37 -27.21
N ASP G 287 -46.22 13.68 -27.23
CA ASP G 287 -47.24 14.60 -27.77
C ASP G 287 -47.44 14.37 -29.26
N ILE G 288 -46.37 14.07 -30.00
CA ILE G 288 -46.50 13.76 -31.41
C ILE G 288 -47.25 12.44 -31.60
N TYR G 289 -47.05 11.48 -30.70
CA TYR G 289 -47.75 10.21 -30.81
C TYR G 289 -49.23 10.38 -30.51
N PHE G 290 -49.56 11.22 -29.53
CA PHE G 290 -50.97 11.49 -29.24
C PHE G 290 -51.60 12.39 -30.29
N ARG G 291 -50.80 13.12 -31.06
CA ARG G 291 -51.35 13.96 -32.12
C ARG G 291 -51.60 13.14 -33.39
N ARG G 292 -50.70 12.21 -33.71
CA ARG G 292 -50.88 11.38 -34.89
C ARG G 292 -52.07 10.44 -34.73
N GLN G 293 -52.18 9.78 -33.58
CA GLN G 293 -53.33 8.93 -33.30
C GLN G 293 -54.59 9.77 -33.21
N VAL G 294 -55.57 9.46 -34.05
CA VAL G 294 -56.77 10.28 -34.14
C VAL G 294 -57.55 10.25 -32.83
N GLU G 295 -57.79 9.04 -32.31
CA GLU G 295 -58.54 8.91 -31.05
C GLU G 295 -57.85 9.67 -29.93
N LEU G 296 -56.56 9.41 -29.72
CA LEU G 296 -55.76 10.09 -28.71
C LEU G 296 -55.87 11.61 -28.80
N SER G 297 -56.39 12.10 -29.94
CA SER G 297 -56.65 13.53 -30.10
C SER G 297 -57.42 14.08 -28.91
N THR G 298 -58.48 13.37 -28.48
CA THR G 298 -59.24 13.86 -27.34
C THR G 298 -58.36 14.00 -26.10
N MET G 299 -57.52 12.98 -25.84
CA MET G 299 -56.53 13.08 -24.78
C MET G 299 -55.68 14.32 -24.97
N TYR G 300 -55.20 14.53 -26.19
CA TYR G 300 -54.44 15.73 -26.55
C TYR G 300 -55.10 16.98 -25.97
N ARG G 301 -56.42 17.11 -26.17
CA ARG G 301 -57.15 18.26 -25.65
C ARG G 301 -56.90 18.44 -24.15
N HIS G 302 -57.20 17.39 -23.36
CA HIS G 302 -57.04 17.48 -21.92
C HIS G 302 -55.58 17.73 -21.54
N MET G 303 -54.64 17.34 -22.40
CA MET G 303 -53.24 17.59 -22.11
C MET G 303 -52.81 18.99 -22.51
N GLU G 304 -53.44 19.57 -23.55
CA GLU G 304 -53.03 20.88 -24.01
C GLU G 304 -53.21 21.95 -22.92
N LYS G 305 -54.19 21.77 -22.04
CA LYS G 305 -54.42 22.69 -20.94
C LYS G 305 -53.62 22.35 -19.69
N HIS G 306 -52.98 21.18 -19.64
CA HIS G 306 -52.24 20.77 -18.46
C HIS G 306 -50.84 20.27 -18.79
N ASN G 307 -50.36 20.46 -20.02
CA ASN G 307 -49.03 20.02 -20.39
C ASN G 307 -47.96 20.79 -19.64
N TYR G 308 -46.79 20.19 -19.52
CA TYR G 308 -45.66 20.77 -18.82
C TYR G 308 -44.52 21.06 -19.80
N GLU G 309 -43.56 21.85 -19.32
CA GLU G 309 -42.35 22.14 -20.09
C GLU G 309 -41.24 21.16 -19.72
N SER G 310 -40.89 21.08 -18.44
CA SER G 310 -39.91 20.12 -17.96
C SER G 310 -40.65 18.92 -17.36
N ALA G 311 -40.08 17.74 -17.58
CA ALA G 311 -40.70 16.53 -17.06
C ALA G 311 -40.63 16.46 -15.54
N ALA G 312 -39.58 17.04 -14.95
CA ALA G 312 -39.45 17.02 -13.50
C ALA G 312 -40.60 17.75 -12.82
N GLU G 313 -41.10 18.84 -13.43
CA GLU G 313 -42.22 19.56 -12.85
C GLU G 313 -43.46 18.68 -12.79
N ALA G 314 -43.74 17.97 -13.88
CA ALA G 314 -44.88 17.06 -13.89
C ALA G 314 -44.69 15.92 -12.89
N ILE G 315 -43.45 15.45 -12.74
CA ILE G 315 -43.17 14.38 -11.80
C ILE G 315 -43.46 14.85 -10.37
N GLN G 316 -42.91 16.00 -9.99
CA GLN G 316 -43.18 16.52 -8.65
C GLN G 316 -44.65 16.85 -8.45
N ALA G 317 -45.35 17.21 -9.52
CA ALA G 317 -46.78 17.44 -9.41
C ALA G 317 -47.51 16.14 -9.11
N VAL G 318 -47.08 15.03 -9.74
CA VAL G 318 -47.69 13.74 -9.48
C VAL G 318 -47.32 13.26 -8.08
N ARG G 319 -46.17 13.68 -7.56
CA ARG G 319 -45.77 13.26 -6.22
C ARG G 319 -46.54 14.02 -5.14
N ASP G 320 -46.79 15.30 -5.36
CA ASP G 320 -47.50 16.14 -4.39
C ASP G 320 -49.02 15.99 -4.47
N ASN G 321 -49.51 14.93 -5.11
CA ASN G 321 -50.94 14.68 -5.28
C ASN G 321 -51.64 15.83 -5.99
N LYS G 322 -50.89 16.58 -6.80
CA LYS G 322 -51.46 17.65 -7.61
C LYS G 322 -51.91 17.15 -8.97
N LEU G 323 -51.05 16.41 -9.66
CA LEU G 323 -51.41 15.71 -10.89
C LEU G 323 -51.68 14.25 -10.58
N HIS G 324 -52.82 13.74 -11.05
CA HIS G 324 -53.23 12.39 -10.71
C HIS G 324 -52.29 11.34 -11.30
N ALA G 325 -52.00 11.46 -12.60
CA ALA G 325 -51.12 10.52 -13.28
C ALA G 325 -50.24 11.29 -14.26
N PHE G 326 -49.35 10.57 -14.93
CA PHE G 326 -48.41 11.18 -15.86
C PHE G 326 -47.98 10.11 -16.86
N ILE G 327 -48.39 10.28 -18.13
CA ILE G 327 -48.02 9.35 -19.19
C ILE G 327 -46.66 9.77 -19.74
N TRP G 328 -45.71 8.83 -19.77
CA TRP G 328 -44.34 9.15 -20.12
C TRP G 328 -43.62 7.87 -20.53
N ASP G 329 -42.31 7.97 -20.73
CA ASP G 329 -41.51 6.84 -21.15
C ASP G 329 -41.38 5.80 -20.03
N SER G 330 -41.25 4.54 -20.44
CA SER G 330 -41.21 3.45 -19.46
C SER G 330 -39.91 3.41 -18.69
N ALA G 331 -38.79 3.78 -19.33
CA ALA G 331 -37.50 3.76 -18.62
C ALA G 331 -37.45 4.82 -17.53
N VAL G 332 -37.87 6.04 -17.86
CA VAL G 332 -37.80 7.13 -16.88
C VAL G 332 -38.83 6.93 -15.79
N LEU G 333 -40.07 6.61 -16.15
CA LEU G 333 -41.11 6.46 -15.14
C LEU G 333 -40.92 5.22 -14.28
N GLU G 334 -40.41 4.14 -14.86
CA GLU G 334 -40.08 2.96 -14.06
C GLU G 334 -38.88 3.24 -13.16
N PHE G 335 -37.93 4.05 -13.64
CA PHE G 335 -36.83 4.49 -12.80
C PHE G 335 -37.33 5.26 -11.59
N GLU G 336 -38.20 6.25 -11.82
CA GLU G 336 -38.71 7.06 -10.72
C GLU G 336 -39.61 6.25 -9.80
N ALA G 337 -40.36 5.29 -10.36
CA ALA G 337 -41.17 4.41 -9.52
C ALA G 337 -40.28 3.56 -8.63
N SER G 338 -39.12 3.14 -9.14
CA SER G 338 -38.15 2.45 -8.30
C SER G 338 -37.33 3.40 -7.44
N GLN G 339 -37.48 4.71 -7.62
CA GLN G 339 -36.77 5.72 -6.85
C GLN G 339 -37.66 6.45 -5.84
N LYS G 340 -38.87 6.81 -6.23
CA LYS G 340 -39.85 7.43 -5.34
C LYS G 340 -40.89 6.40 -4.95
N CYS G 341 -41.01 6.15 -3.65
CA CYS G 341 -41.90 5.12 -3.10
C CYS G 341 -43.36 5.50 -3.06
N ASP G 342 -43.69 6.74 -3.43
CA ASP G 342 -45.06 7.22 -3.39
C ASP G 342 -45.70 7.25 -4.76
N LEU G 343 -45.10 6.58 -5.75
CA LEU G 343 -45.64 6.54 -7.11
C LEU G 343 -45.41 5.15 -7.68
N VAL G 344 -46.33 4.74 -8.56
CA VAL G 344 -46.25 3.46 -9.25
C VAL G 344 -46.59 3.67 -10.71
N THR G 345 -46.15 2.72 -11.55
CA THR G 345 -46.42 2.76 -12.98
C THR G 345 -47.66 1.96 -13.32
N THR G 346 -48.45 2.46 -14.26
CA THR G 346 -49.60 1.73 -14.74
C THR G 346 -49.16 0.57 -15.62
N GLY G 347 -49.91 -0.51 -15.56
CA GLY G 347 -49.58 -1.69 -16.33
C GLY G 347 -49.78 -1.46 -17.83
N GLU G 348 -49.59 -2.55 -18.57
CA GLU G 348 -49.78 -2.60 -20.01
C GLU G 348 -49.00 -1.47 -20.70
N LEU G 349 -47.68 -1.68 -20.77
CA LEU G 349 -46.81 -0.74 -21.45
C LEU G 349 -47.14 -0.75 -22.94
N PHE G 350 -47.47 0.41 -23.49
CA PHE G 350 -47.87 0.55 -24.89
C PHE G 350 -46.93 1.50 -25.62
N PHE G 351 -46.95 1.39 -26.95
CA PHE G 351 -46.03 2.11 -27.83
C PHE G 351 -44.58 1.83 -27.44
N ARG G 352 -44.15 0.62 -27.78
CA ARG G 352 -42.78 0.17 -27.51
C ARG G 352 -41.85 0.76 -28.56
N SER G 353 -40.97 1.68 -28.15
CA SER G 353 -40.01 2.28 -29.06
C SER G 353 -38.64 2.19 -28.39
N GLY G 354 -37.70 3.00 -28.87
CA GLY G 354 -36.35 2.95 -28.33
C GLY G 354 -35.62 4.27 -28.35
N PHE G 355 -34.97 4.63 -27.25
CA PHE G 355 -34.13 5.81 -27.21
C PHE G 355 -32.91 5.58 -28.09
N GLY G 356 -32.70 6.48 -29.05
CA GLY G 356 -31.59 6.36 -29.98
C GLY G 356 -30.98 7.72 -30.26
N ILE G 357 -29.77 7.67 -30.80
CA ILE G 357 -29.02 8.90 -31.09
C ILE G 357 -29.47 9.47 -32.42
N GLY G 358 -29.26 10.78 -32.57
CA GLY G 358 -29.75 11.52 -33.72
C GLY G 358 -28.60 12.02 -34.60
N MET G 359 -28.72 11.76 -35.90
CA MET G 359 -27.76 12.21 -36.88
C MET G 359 -28.50 12.60 -38.15
N ARG G 360 -27.88 13.45 -38.95
CA ARG G 360 -28.50 13.92 -40.18
C ARG G 360 -28.53 12.79 -41.22
N LYS G 361 -29.48 12.91 -42.16
CA LYS G 361 -29.73 11.83 -43.12
C LYS G 361 -28.53 11.56 -44.01
N ASP G 362 -27.75 12.59 -44.32
CA ASP G 362 -26.57 12.45 -45.16
C ASP G 362 -25.30 12.30 -44.33
N SER G 363 -25.42 11.83 -43.09
CA SER G 363 -24.24 11.69 -42.22
C SER G 363 -23.71 10.27 -42.30
N PRO G 364 -22.41 10.08 -42.56
CA PRO G 364 -21.85 8.72 -42.60
C PRO G 364 -21.70 8.08 -41.23
N TRP G 365 -21.80 8.86 -40.15
CA TRP G 365 -21.65 8.29 -38.81
C TRP G 365 -22.73 7.27 -38.48
N LYS G 366 -23.89 7.35 -39.15
CA LYS G 366 -25.00 6.45 -38.80
C LYS G 366 -24.63 5.00 -39.00
N GLN G 367 -23.86 4.69 -40.05
CA GLN G 367 -23.48 3.32 -40.37
C GLN G 367 -22.60 2.71 -39.29
N GLU G 368 -21.37 3.21 -39.19
CA GLU G 368 -20.41 2.63 -38.25
C GLU G 368 -20.88 2.80 -36.81
N VAL G 369 -21.52 3.92 -36.50
CA VAL G 369 -21.99 4.14 -35.14
C VAL G 369 -23.13 3.18 -34.80
N SER G 370 -24.04 2.96 -35.75
CA SER G 370 -25.10 1.98 -35.53
C SER G 370 -24.52 0.59 -35.31
N LEU G 371 -23.55 0.20 -36.14
CA LEU G 371 -22.89 -1.09 -35.93
C LEU G 371 -22.25 -1.15 -34.54
N ASN G 372 -21.70 -0.02 -34.08
CA ASN G 372 -21.08 0.00 -32.77
C ASN G 372 -22.11 -0.06 -31.65
N ILE G 373 -23.33 0.40 -31.91
CA ILE G 373 -24.39 0.24 -30.93
C ILE G 373 -24.81 -1.22 -30.84
N LEU G 374 -24.93 -1.89 -32.00
CA LEU G 374 -25.25 -3.31 -31.99
C LEU G 374 -24.18 -4.13 -31.28
N LYS G 375 -22.91 -3.80 -31.52
CA LYS G 375 -21.83 -4.51 -30.83
C LYS G 375 -21.83 -4.20 -29.34
N SER G 376 -22.00 -2.92 -28.98
CA SER G 376 -22.03 -2.53 -27.58
C SER G 376 -23.15 -3.25 -26.84
N HIS G 377 -24.24 -3.51 -27.55
CA HIS G 377 -25.31 -4.33 -27.01
C HIS G 377 -24.90 -5.78 -26.90
N GLU G 378 -24.15 -6.27 -27.88
CA GLU G 378 -23.74 -7.67 -27.90
C GLU G 378 -22.77 -7.99 -26.77
N ASN G 379 -22.01 -7.00 -26.30
CA ASN G 379 -21.06 -7.26 -25.22
C ASN G 379 -21.70 -7.21 -23.84
N GLY G 380 -22.89 -6.62 -23.72
CA GLY G 380 -23.57 -6.53 -22.44
C GLY G 380 -23.14 -5.39 -21.55
N PHE G 381 -22.51 -4.35 -22.10
CA PHE G 381 -22.11 -3.21 -21.29
C PHE G 381 -23.31 -2.40 -20.84
N MET G 382 -24.34 -2.29 -21.68
CA MET G 382 -25.55 -1.55 -21.30
C MET G 382 -26.23 -2.18 -20.09
N GLU G 383 -26.02 -3.48 -19.85
CA GLU G 383 -26.53 -4.08 -18.63
C GLU G 383 -25.77 -3.58 -17.42
N GLU G 384 -24.46 -3.33 -17.57
CA GLU G 384 -23.69 -2.76 -16.47
C GLU G 384 -24.09 -1.31 -16.22
N LEU G 385 -24.20 -0.53 -17.29
CA LEU G 385 -24.64 0.86 -17.13
C LEU G 385 -26.03 0.93 -16.53
N ASP G 386 -26.91 -0.01 -16.90
CA ASP G 386 -28.23 -0.05 -16.30
C ASP G 386 -28.16 -0.43 -14.82
N LYS G 387 -27.28 -1.36 -14.47
CA LYS G 387 -27.10 -1.72 -13.07
C LYS G 387 -26.53 -0.57 -12.25
N THR G 388 -25.82 0.36 -12.90
CA THR G 388 -25.26 1.51 -12.20
C THR G 388 -26.23 2.67 -12.09
N TRP G 389 -27.04 2.92 -13.12
CA TRP G 389 -27.90 4.09 -13.15
C TRP G 389 -29.37 3.78 -12.93
N VAL G 390 -29.74 2.52 -12.66
CA VAL G 390 -31.09 2.18 -12.26
C VAL G 390 -31.01 1.46 -10.91
N ARG G 391 -30.39 2.12 -9.93
CA ARG G 391 -30.19 1.52 -8.62
C ARG G 391 -31.54 1.26 -7.94
N TYR G 392 -31.67 0.08 -7.33
CA TYR G 392 -32.93 -0.32 -6.74
C TYR G 392 -33.10 0.28 -5.36
N GLN G 393 -34.24 0.92 -5.12
CA GLN G 393 -34.58 1.41 -3.79
C GLN G 393 -35.67 0.57 -3.12
N GLU G 394 -36.07 -0.54 -3.74
CA GLU G 394 -36.96 -1.53 -3.13
C GLU G 394 -38.37 -0.98 -2.93
N CYS G 395 -38.52 0.10 -2.16
CA CYS G 395 -39.83 0.71 -1.90
C CYS G 395 -40.81 -0.34 -1.33
N ASP G 396 -40.31 -1.19 -0.43
CA ASP G 396 -41.17 -2.21 0.16
C ASP G 396 -41.40 -1.91 1.64
N ALA G 403 -55.02 -3.83 5.15
CA ALA G 403 -55.77 -4.83 4.40
C ALA G 403 -57.28 -4.66 4.61
N THR G 404 -58.04 -4.68 3.52
CA THR G 404 -59.49 -4.54 3.57
C THR G 404 -60.11 -5.41 2.48
N LEU G 405 -61.30 -5.92 2.77
CA LEU G 405 -62.00 -6.77 1.82
C LEU G 405 -62.53 -5.93 0.65
N THR G 406 -62.13 -6.28 -0.56
CA THR G 406 -62.63 -5.60 -1.75
C THR G 406 -64.13 -5.86 -1.90
N PHE G 407 -64.93 -4.80 -1.80
CA PHE G 407 -66.38 -4.95 -1.79
C PHE G 407 -66.90 -5.55 -3.09
N GLU G 408 -66.18 -5.36 -4.20
CA GLU G 408 -66.64 -5.86 -5.49
C GLU G 408 -66.70 -7.39 -5.51
N ASN G 409 -65.77 -8.05 -4.81
CA ASN G 409 -65.77 -9.51 -4.79
C ASN G 409 -66.97 -10.05 -4.03
N MET G 410 -67.19 -9.55 -2.82
CA MET G 410 -68.38 -9.94 -2.06
C MET G 410 -69.66 -9.57 -2.80
N ALA G 411 -69.60 -8.54 -3.64
CA ALA G 411 -70.71 -8.25 -4.54
C ALA G 411 -70.77 -9.23 -5.70
N GLY G 412 -69.68 -9.94 -5.99
CA GLY G 412 -69.71 -11.00 -6.99
C GLY G 412 -70.37 -12.24 -6.44
N VAL G 413 -70.01 -12.62 -5.21
CA VAL G 413 -70.69 -13.73 -4.54
C VAL G 413 -72.16 -13.40 -4.34
N PHE G 414 -72.43 -12.18 -3.85
CA PHE G 414 -73.81 -11.71 -3.71
C PHE G 414 -74.52 -11.66 -5.06
N MET G 415 -73.78 -11.46 -6.15
CA MET G 415 -74.37 -11.52 -7.48
C MET G 415 -74.71 -12.94 -7.88
N LEU G 416 -73.91 -13.92 -7.45
CA LEU G 416 -74.29 -15.31 -7.65
C LEU G 416 -75.54 -15.66 -6.87
N VAL G 417 -75.65 -15.17 -5.63
CA VAL G 417 -76.83 -15.44 -4.82
C VAL G 417 -78.06 -14.80 -5.45
N ALA G 418 -77.95 -13.54 -5.87
CA ALA G 418 -79.08 -12.85 -6.47
C ALA G 418 -79.48 -13.47 -7.79
N GLY G 419 -78.51 -13.93 -8.59
CA GLY G 419 -78.84 -14.64 -9.82
C GLY G 419 -79.56 -15.94 -9.55
N GLY G 420 -79.11 -16.68 -8.53
CA GLY G 420 -79.85 -17.87 -8.11
C GLY G 420 -81.22 -17.56 -7.58
N ILE G 421 -81.43 -16.34 -7.10
CA ILE G 421 -82.76 -15.94 -6.62
C ILE G 421 -83.67 -15.56 -7.78
N VAL G 422 -83.13 -14.94 -8.83
CA VAL G 422 -83.94 -14.61 -10.00
C VAL G 422 -84.30 -15.87 -10.76
N ALA G 423 -83.29 -16.64 -11.18
CA ALA G 423 -83.54 -17.89 -11.88
C ALA G 423 -84.30 -18.87 -10.99
N GLY G 424 -84.08 -18.82 -9.68
CA GLY G 424 -84.86 -19.63 -8.77
C GLY G 424 -86.30 -19.16 -8.64
N ILE G 425 -86.54 -17.86 -8.91
CA ILE G 425 -87.91 -17.37 -8.94
C ILE G 425 -88.59 -17.81 -10.23
N PHE G 426 -87.85 -17.90 -11.33
CA PHE G 426 -88.39 -18.47 -12.55
C PHE G 426 -88.68 -19.96 -12.37
N LEU G 427 -87.83 -20.67 -11.62
CA LEU G 427 -88.08 -22.08 -11.37
C LEU G 427 -89.24 -22.29 -10.39
N ILE G 428 -89.42 -21.39 -9.43
CA ILE G 428 -90.52 -21.50 -8.49
C ILE G 428 -91.84 -21.14 -9.17
N PHE G 429 -91.81 -20.14 -10.06
CA PHE G 429 -93.00 -19.84 -10.86
C PHE G 429 -93.29 -20.97 -11.85
N ILE G 430 -92.25 -21.69 -12.28
CA ILE G 430 -92.46 -22.87 -13.12
C ILE G 430 -93.06 -24.00 -12.28
N GLU G 431 -92.72 -24.07 -11.00
CA GLU G 431 -93.29 -25.08 -10.11
C GLU G 431 -94.69 -24.73 -9.65
N ILE G 432 -95.08 -23.45 -9.72
CA ILE G 432 -96.42 -23.03 -9.32
C ILE G 432 -97.47 -23.24 -10.41
N ALA G 433 -97.05 -23.67 -11.60
CA ALA G 433 -97.98 -23.92 -12.70
C ALA G 433 -98.42 -25.38 -12.72
N GLU H 2 -39.87 -4.05 -60.86
CA GLU H 2 -39.59 -4.18 -59.43
C GLU H 2 -40.13 -5.50 -58.88
N HIS H 3 -39.28 -6.52 -58.85
CA HIS H 3 -39.60 -7.83 -58.30
C HIS H 3 -38.72 -8.10 -57.09
N LEU H 4 -39.35 -8.46 -55.97
CA LEU H 4 -38.65 -8.67 -54.72
C LEU H 4 -38.50 -10.17 -54.47
N SER H 5 -37.28 -10.59 -54.14
CA SER H 5 -36.99 -11.97 -53.77
C SER H 5 -37.00 -12.07 -52.24
N ILE H 6 -38.01 -12.72 -51.70
CA ILE H 6 -38.22 -12.80 -50.27
C ILE H 6 -38.00 -14.24 -49.80
N VAL H 7 -37.46 -14.38 -48.59
CA VAL H 7 -37.23 -15.66 -47.95
C VAL H 7 -37.71 -15.58 -46.51
N THR H 8 -38.03 -16.73 -45.93
CA THR H 8 -38.56 -16.80 -44.58
C THR H 8 -38.20 -18.12 -43.94
N LEU H 9 -38.34 -18.17 -42.62
CA LEU H 9 -38.17 -19.37 -41.81
C LEU H 9 -39.49 -19.71 -41.12
N GLU H 10 -39.47 -20.80 -40.34
CA GLU H 10 -40.66 -21.28 -39.65
C GLU H 10 -40.41 -21.20 -38.15
N GLU H 11 -41.00 -20.20 -37.51
CA GLU H 11 -40.89 -20.04 -36.05
C GLU H 11 -42.21 -19.52 -35.51
N ALA H 12 -42.92 -20.36 -34.78
CA ALA H 12 -44.15 -19.93 -34.15
C ALA H 12 -43.84 -18.90 -33.06
N PRO H 13 -44.70 -17.88 -32.88
CA PRO H 13 -45.93 -17.64 -33.62
C PRO H 13 -45.74 -16.65 -34.76
N PHE H 14 -44.50 -16.21 -34.96
CA PHE H 14 -44.25 -15.11 -35.89
C PHE H 14 -44.55 -15.50 -37.33
N VAL H 15 -44.25 -16.75 -37.65
CA VAL H 15 -44.60 -17.34 -38.93
C VAL H 15 -45.19 -18.70 -38.63
N ILE H 16 -46.36 -18.98 -39.15
CA ILE H 16 -46.99 -20.28 -38.94
C ILE H 16 -47.26 -20.91 -40.28
N VAL H 17 -46.88 -22.17 -40.45
CA VAL H 17 -47.10 -22.82 -41.74
C VAL H 17 -48.18 -23.88 -41.56
N GLU H 18 -49.31 -23.69 -42.23
CA GLU H 18 -50.44 -24.61 -42.16
C GLU H 18 -50.84 -25.02 -43.58
N ASP H 19 -51.08 -26.32 -43.77
CA ASP H 19 -51.39 -26.85 -45.08
C ASP H 19 -52.64 -26.17 -45.64
N VAL H 20 -52.73 -26.14 -46.98
CA VAL H 20 -53.84 -25.47 -47.64
C VAL H 20 -55.15 -26.19 -47.32
N ASP H 21 -56.24 -25.43 -47.28
CA ASP H 21 -57.55 -26.00 -47.04
C ASP H 21 -57.93 -26.91 -48.19
N PRO H 22 -58.17 -28.20 -47.95
CA PRO H 22 -58.48 -29.11 -49.07
C PRO H 22 -59.79 -28.81 -49.75
N LEU H 23 -60.74 -28.16 -49.08
CA LEU H 23 -62.02 -27.85 -49.70
C LEU H 23 -61.94 -26.60 -50.57
N SER H 24 -61.19 -25.58 -50.12
CA SER H 24 -61.08 -24.34 -50.86
C SER H 24 -59.89 -24.30 -51.80
N GLY H 25 -58.91 -25.18 -51.62
CA GLY H 25 -57.73 -25.18 -52.46
C GLY H 25 -56.76 -24.06 -52.16
N THR H 26 -57.23 -22.82 -52.22
CA THR H 26 -56.39 -21.67 -51.94
C THR H 26 -56.21 -21.49 -50.44
N CYS H 27 -55.73 -20.31 -50.02
CA CYS H 27 -55.43 -20.02 -48.62
C CYS H 27 -56.54 -19.15 -48.03
N MET H 28 -57.27 -19.71 -47.08
CA MET H 28 -58.42 -19.06 -46.46
C MET H 28 -58.00 -18.36 -45.17
N ARG H 29 -58.91 -17.50 -44.68
CA ARG H 29 -58.77 -16.83 -43.38
C ARG H 29 -57.51 -15.98 -43.32
N ASN H 30 -57.39 -15.05 -44.29
CA ASN H 30 -56.34 -14.04 -44.30
C ASN H 30 -54.94 -14.65 -44.32
N THR H 31 -54.80 -15.86 -44.81
CA THR H 31 -53.49 -16.50 -44.93
C THR H 31 -52.84 -16.08 -46.24
N VAL H 32 -51.52 -16.33 -46.34
CA VAL H 32 -50.77 -15.98 -47.54
C VAL H 32 -50.21 -17.25 -48.16
N PRO H 33 -50.29 -17.40 -49.48
CA PRO H 33 -49.77 -18.63 -50.12
C PRO H 33 -48.25 -18.66 -50.06
N CYS H 34 -47.71 -19.81 -49.64
CA CYS H 34 -46.28 -19.97 -49.47
C CYS H 34 -45.83 -21.32 -50.02
N ARG H 35 -44.80 -21.29 -50.86
CA ARG H 35 -44.26 -22.50 -51.47
C ARG H 35 -43.17 -23.13 -50.60
N LYS H 36 -42.75 -24.32 -50.97
CA LYS H 36 -41.70 -25.03 -50.24
C LYS H 36 -41.01 -26.00 -51.20
N GLN H 37 -39.77 -25.68 -51.57
CA GLN H 37 -39.00 -26.50 -52.50
C GLN H 37 -38.29 -27.63 -51.77
N ILE H 38 -38.09 -28.74 -52.48
CA ILE H 38 -37.42 -29.91 -51.91
C ILE H 38 -36.06 -30.11 -52.57
N ASN H 49 -39.26 -28.85 -57.64
CA ASN H 49 -40.68 -28.67 -57.39
C ASN H 49 -40.94 -28.24 -55.95
N TYR H 50 -41.92 -27.37 -55.75
CA TYR H 50 -42.24 -26.81 -54.45
C TYR H 50 -43.71 -27.06 -54.14
N ILE H 51 -43.97 -27.77 -53.03
CA ILE H 51 -45.34 -27.96 -52.59
C ILE H 51 -45.92 -26.64 -52.08
N LYS H 52 -47.24 -26.54 -52.13
CA LYS H 52 -47.95 -25.32 -51.77
C LYS H 52 -48.55 -25.47 -50.38
N ARG H 53 -48.38 -24.43 -49.56
CA ARG H 53 -48.95 -24.36 -48.22
C ARG H 53 -49.44 -22.94 -47.98
N CYS H 54 -49.98 -22.71 -46.79
CA CYS H 54 -50.56 -21.42 -46.41
C CYS H 54 -49.89 -20.95 -45.12
N CYS H 55 -49.13 -19.86 -45.21
CA CYS H 55 -48.43 -19.30 -44.07
C CYS H 55 -49.16 -18.08 -43.54
N LYS H 56 -49.23 -17.97 -42.21
CA LYS H 56 -49.88 -16.85 -41.55
C LYS H 56 -49.20 -16.63 -40.21
N GLY H 57 -49.05 -15.36 -39.83
CA GLY H 57 -48.39 -15.06 -38.58
C GLY H 57 -48.20 -13.57 -38.40
N PHE H 58 -47.35 -13.25 -37.42
CA PHE H 58 -47.08 -11.86 -37.04
C PHE H 58 -46.16 -11.17 -38.05
N CYS H 59 -44.97 -11.76 -38.28
CA CYS H 59 -44.05 -11.18 -39.24
C CYS H 59 -44.64 -11.17 -40.65
N ILE H 60 -45.52 -12.11 -40.95
CA ILE H 60 -46.16 -12.14 -42.27
C ILE H 60 -47.07 -10.93 -42.45
N ASP H 61 -47.90 -10.63 -41.44
CA ASP H 61 -48.75 -9.45 -41.53
C ASP H 61 -47.92 -8.16 -41.52
N ILE H 62 -46.84 -8.13 -40.74
CA ILE H 62 -45.93 -7.00 -40.82
C ILE H 62 -45.40 -6.83 -42.25
N LEU H 63 -45.13 -7.96 -42.92
CA LEU H 63 -44.70 -7.89 -44.32
C LEU H 63 -45.83 -7.43 -45.21
N LYS H 64 -47.08 -7.67 -44.82
CA LYS H 64 -48.21 -7.22 -45.62
C LYS H 64 -48.34 -5.70 -45.54
N LYS H 65 -48.30 -5.15 -44.33
CA LYS H 65 -48.42 -3.70 -44.19
C LYS H 65 -47.22 -3.00 -44.80
N ILE H 66 -46.01 -3.57 -44.64
CA ILE H 66 -44.81 -2.97 -45.21
C ILE H 66 -44.87 -2.99 -46.74
N ALA H 67 -45.17 -4.16 -47.30
CA ALA H 67 -45.25 -4.28 -48.76
C ALA H 67 -46.33 -3.38 -49.33
N LYS H 68 -47.45 -3.21 -48.61
CA LYS H 68 -48.50 -2.33 -49.09
C LYS H 68 -48.06 -0.86 -49.04
N THR H 69 -47.34 -0.48 -47.98
CA THR H 69 -46.95 0.93 -47.84
C THR H 69 -45.82 1.31 -48.79
N VAL H 70 -44.94 0.38 -49.14
CA VAL H 70 -43.84 0.68 -50.05
C VAL H 70 -44.13 0.24 -51.49
N LYS H 71 -45.22 -0.47 -51.72
CA LYS H 71 -45.70 -0.79 -53.07
C LYS H 71 -44.68 -1.57 -53.87
N PHE H 72 -44.56 -2.86 -53.58
CA PHE H 72 -43.76 -3.77 -54.40
C PHE H 72 -44.43 -5.13 -54.38
N THR H 73 -44.36 -5.83 -55.50
CA THR H 73 -44.94 -7.16 -55.65
C THR H 73 -43.83 -8.20 -55.67
N TYR H 74 -44.12 -9.36 -55.09
CA TYR H 74 -43.08 -10.34 -54.74
C TYR H 74 -43.59 -11.75 -54.99
N ASP H 75 -42.66 -12.70 -54.92
CA ASP H 75 -42.94 -14.13 -54.98
C ASP H 75 -42.16 -14.76 -53.84
N LEU H 76 -42.82 -15.03 -52.72
CA LEU H 76 -42.12 -15.51 -51.54
C LEU H 76 -41.67 -16.95 -51.72
N TYR H 77 -40.60 -17.32 -51.01
CA TYR H 77 -40.04 -18.66 -51.05
C TYR H 77 -39.58 -19.04 -49.65
N LEU H 78 -39.74 -20.31 -49.30
CA LEU H 78 -39.31 -20.81 -48.01
C LEU H 78 -37.86 -21.28 -48.08
N VAL H 79 -37.20 -21.26 -46.93
CA VAL H 79 -35.80 -21.66 -46.83
C VAL H 79 -35.72 -23.14 -46.50
N THR H 80 -34.74 -23.82 -47.08
CA THR H 80 -34.47 -25.22 -46.80
C THR H 80 -32.99 -25.52 -46.59
N ASN H 81 -32.07 -24.66 -47.03
CA ASN H 81 -30.65 -24.94 -46.87
C ASN H 81 -30.16 -24.55 -45.48
N GLY H 82 -30.63 -23.41 -44.94
CA GLY H 82 -30.14 -22.92 -43.68
C GLY H 82 -31.21 -22.40 -42.72
N LYS H 83 -31.23 -22.98 -41.50
CA LYS H 83 -32.34 -22.76 -40.58
C LYS H 83 -32.33 -21.34 -40.06
N HIS H 84 -31.14 -20.85 -39.72
CA HIS H 84 -30.90 -19.52 -39.19
C HIS H 84 -29.54 -19.08 -39.66
N GLY H 85 -29.39 -17.77 -39.80
CA GLY H 85 -28.12 -17.21 -40.18
C GLY H 85 -26.97 -17.84 -39.41
N LYS H 86 -25.95 -18.29 -40.14
CA LYS H 86 -24.76 -18.79 -39.50
C LYS H 86 -23.57 -18.72 -40.45
N LYS H 87 -22.45 -18.23 -39.94
CA LYS H 87 -21.22 -18.12 -40.71
C LYS H 87 -20.23 -19.17 -40.24
N ILE H 88 -19.66 -19.92 -41.19
CA ILE H 88 -18.78 -21.05 -40.88
C ILE H 88 -17.50 -20.90 -41.68
N ASN H 89 -16.38 -20.69 -40.98
CA ASN H 89 -15.04 -20.71 -41.57
C ASN H 89 -14.92 -19.77 -42.77
N GLY H 90 -15.44 -18.55 -42.61
CA GLY H 90 -15.35 -17.56 -43.66
C GLY H 90 -16.33 -17.73 -44.80
N VAL H 91 -17.25 -18.69 -44.70
CA VAL H 91 -18.28 -18.91 -45.72
C VAL H 91 -19.63 -18.87 -45.02
N TRP H 92 -20.51 -17.98 -45.48
CA TRP H 92 -21.79 -17.76 -44.81
C TRP H 92 -22.85 -18.71 -45.37
N ASN H 93 -23.63 -19.27 -44.45
CA ASN H 93 -24.72 -20.18 -44.79
C ASN H 93 -26.00 -19.71 -44.12
N GLY H 94 -27.09 -19.76 -44.87
CA GLY H 94 -28.38 -19.29 -44.40
C GLY H 94 -28.96 -18.21 -45.28
N MET H 95 -29.88 -17.41 -44.72
CA MET H 95 -30.49 -16.34 -45.50
C MET H 95 -29.46 -15.28 -45.85
N ILE H 96 -28.63 -14.88 -44.89
CA ILE H 96 -27.61 -13.86 -45.14
C ILE H 96 -26.60 -14.36 -46.17
N GLY H 97 -26.43 -15.68 -46.28
CA GLY H 97 -25.58 -16.22 -47.33
C GLY H 97 -26.16 -15.97 -48.72
N GLU H 98 -27.47 -16.17 -48.87
CA GLU H 98 -28.12 -15.83 -50.13
C GLU H 98 -28.07 -14.34 -50.40
N VAL H 99 -28.19 -13.53 -49.34
CA VAL H 99 -28.12 -12.08 -49.51
C VAL H 99 -26.74 -11.67 -49.99
N VAL H 100 -25.69 -12.29 -49.45
CA VAL H 100 -24.34 -12.00 -49.92
C VAL H 100 -24.14 -12.56 -51.33
N THR H 101 -24.81 -13.67 -51.64
CA THR H 101 -24.78 -14.26 -52.98
C THR H 101 -25.75 -13.59 -53.94
N LYS H 102 -26.41 -12.51 -53.52
CA LYS H 102 -27.40 -11.76 -54.29
C LYS H 102 -28.61 -12.61 -54.68
N ARG H 103 -28.78 -13.78 -54.07
CA ARG H 103 -29.89 -14.65 -54.38
C ARG H 103 -31.19 -14.24 -53.71
N ALA H 104 -31.15 -13.27 -52.80
CA ALA H 104 -32.36 -12.78 -52.14
C ALA H 104 -32.14 -11.32 -51.77
N TYR H 105 -32.95 -10.43 -52.34
CA TYR H 105 -32.78 -9.01 -52.07
C TYR H 105 -33.15 -8.67 -50.63
N MET H 106 -34.19 -9.29 -50.10
CA MET H 106 -34.60 -9.05 -48.73
C MET H 106 -34.91 -10.39 -48.06
N ALA H 107 -34.88 -10.37 -46.73
CA ALA H 107 -35.21 -11.54 -45.92
C ALA H 107 -35.93 -11.08 -44.67
N VAL H 108 -37.15 -11.57 -44.46
CA VAL H 108 -38.01 -11.11 -43.37
C VAL H 108 -38.52 -12.30 -42.58
N GLY H 109 -38.56 -12.16 -41.26
CA GLY H 109 -39.02 -13.24 -40.40
C GLY H 109 -38.76 -12.93 -38.94
N SER H 110 -38.55 -13.98 -38.15
CA SER H 110 -38.18 -13.84 -36.75
C SER H 110 -36.66 -13.91 -36.62
N LEU H 111 -36.00 -12.90 -37.17
CA LEU H 111 -34.54 -12.86 -37.30
C LEU H 111 -34.01 -11.65 -36.55
N THR H 112 -33.11 -11.87 -35.59
CA THR H 112 -32.57 -10.74 -34.85
C THR H 112 -31.40 -10.11 -35.61
N ILE H 113 -31.04 -8.90 -35.21
CA ILE H 113 -30.05 -8.10 -35.90
C ILE H 113 -28.85 -7.96 -34.98
N ASN H 114 -27.72 -8.50 -35.39
CA ASN H 114 -26.50 -8.41 -34.59
C ASN H 114 -25.41 -7.69 -35.39
N GLU H 115 -24.26 -7.50 -34.75
CA GLU H 115 -23.20 -6.70 -35.35
C GLU H 115 -22.48 -7.45 -36.47
N GLU H 116 -22.29 -8.76 -36.31
CA GLU H 116 -21.55 -9.53 -37.30
C GLU H 116 -22.26 -9.53 -38.66
N ARG H 117 -23.56 -9.83 -38.63
CA ARG H 117 -24.35 -9.86 -39.85
C ARG H 117 -24.40 -8.49 -40.51
N SER H 118 -24.55 -7.45 -39.69
CA SER H 118 -24.70 -6.10 -40.22
C SER H 118 -23.53 -5.69 -41.10
N GLU H 119 -22.44 -6.45 -41.11
CA GLU H 119 -21.31 -6.12 -41.98
C GLU H 119 -21.58 -6.55 -43.41
N VAL H 120 -22.29 -7.67 -43.61
CA VAL H 120 -22.51 -8.22 -44.94
C VAL H 120 -23.93 -7.94 -45.43
N VAL H 121 -24.83 -7.58 -44.52
CA VAL H 121 -26.19 -7.19 -44.88
C VAL H 121 -26.51 -5.90 -44.15
N ASP H 122 -27.54 -5.22 -44.64
CA ASP H 122 -28.10 -4.05 -43.97
C ASP H 122 -29.36 -4.45 -43.21
N PHE H 123 -29.70 -3.64 -42.22
CA PHE H 123 -30.84 -3.91 -41.35
C PHE H 123 -31.66 -2.65 -41.16
N SER H 124 -32.98 -2.82 -41.09
CA SER H 124 -33.89 -1.72 -40.83
C SER H 124 -34.09 -1.58 -39.32
N VAL H 125 -35.03 -0.74 -38.93
CA VAL H 125 -35.33 -0.56 -37.51
C VAL H 125 -35.89 -1.90 -37.01
N PRO H 126 -35.80 -2.17 -35.71
CA PRO H 126 -36.43 -3.39 -35.18
C PRO H 126 -37.91 -3.16 -34.91
N PHE H 127 -38.72 -4.18 -35.21
CA PHE H 127 -40.14 -4.12 -34.91
C PHE H 127 -40.52 -4.82 -33.61
N ILE H 128 -39.81 -5.88 -33.23
CA ILE H 128 -40.06 -6.59 -31.98
C ILE H 128 -38.73 -6.78 -31.28
N GLU H 129 -38.61 -6.24 -30.06
CA GLU H 129 -37.38 -6.40 -29.29
C GLU H 129 -37.25 -7.84 -28.81
N THR H 130 -36.13 -8.49 -29.15
CA THR H 130 -35.94 -9.90 -28.82
C THR H 130 -34.51 -10.17 -28.38
N GLY H 131 -34.35 -10.66 -27.15
CA GLY H 131 -33.03 -10.98 -26.66
C GLY H 131 -32.97 -12.41 -26.15
N ILE H 132 -31.92 -12.72 -25.39
CA ILE H 132 -31.74 -14.05 -24.83
C ILE H 132 -32.45 -13.99 -23.49
N SER H 133 -32.92 -15.11 -22.99
CA SER H 133 -33.60 -15.12 -21.71
C SER H 133 -33.68 -16.56 -21.23
N VAL H 134 -33.84 -16.70 -19.94
CA VAL H 134 -33.85 -18.03 -19.34
C VAL H 134 -35.29 -18.34 -18.98
N MET H 135 -35.71 -19.54 -19.34
CA MET H 135 -37.01 -20.09 -18.96
C MET H 135 -36.77 -21.44 -18.30
N VAL H 136 -37.33 -21.61 -17.11
CA VAL H 136 -37.17 -22.84 -16.36
C VAL H 136 -38.48 -23.15 -15.66
N SER H 137 -38.84 -24.43 -15.63
CA SER H 137 -40.10 -24.83 -15.02
C SER H 137 -40.01 -24.75 -13.50
N ARG H 138 -41.18 -24.54 -12.88
CA ARG H 138 -41.31 -24.58 -11.42
C ARG H 138 -41.53 -26.03 -10.99
N SER H 139 -40.47 -26.84 -11.15
CA SER H 139 -40.57 -28.27 -10.89
C SER H 139 -39.46 -28.84 -10.03
N ASN H 140 -38.63 -27.98 -9.41
CA ASN H 140 -37.42 -28.47 -8.73
C ASN H 140 -37.75 -29.55 -7.70
N GLY H 141 -38.73 -29.31 -6.85
CA GLY H 141 -39.23 -30.32 -5.94
C GLY H 141 -40.72 -30.12 -5.68
N THR H 142 -41.51 -31.20 -5.77
CA THR H 142 -42.95 -31.07 -5.62
C THR H 142 -43.54 -32.42 -5.27
N VAL H 143 -44.74 -32.38 -4.69
CA VAL H 143 -45.48 -33.57 -4.30
C VAL H 143 -46.70 -33.68 -5.19
N SER H 144 -46.67 -34.65 -6.10
CA SER H 144 -47.93 -35.16 -6.63
C SER H 144 -48.80 -35.70 -5.51
N PRO H 145 -48.27 -36.27 -4.42
CA PRO H 145 -49.14 -36.77 -3.35
C PRO H 145 -49.78 -35.65 -2.52
N SER H 146 -50.75 -36.08 -1.70
CA SER H 146 -51.83 -35.22 -1.20
C SER H 146 -51.34 -33.99 -0.45
N ALA H 147 -51.96 -32.86 -0.76
CA ALA H 147 -51.84 -31.60 -0.02
C ALA H 147 -52.94 -31.43 1.02
N PHE H 148 -54.15 -31.90 0.72
CA PHE H 148 -55.29 -31.70 1.61
C PHE H 148 -55.22 -32.61 2.83
N LEU H 149 -54.93 -33.90 2.63
CA LEU H 149 -54.69 -34.81 3.75
C LEU H 149 -53.41 -34.48 4.52
N GLU H 150 -52.59 -33.57 4.01
CA GLU H 150 -51.25 -33.36 4.56
C GLU H 150 -51.15 -32.71 5.95
N PRO H 151 -52.06 -31.81 6.37
CA PRO H 151 -51.75 -31.01 7.58
C PRO H 151 -51.55 -31.82 8.85
N PHE H 152 -52.37 -32.85 9.07
CA PHE H 152 -52.33 -33.66 10.27
C PHE H 152 -51.70 -35.01 9.94
N SER H 153 -50.71 -35.41 10.73
CA SER H 153 -50.03 -36.68 10.51
C SER H 153 -51.04 -37.83 10.55
N ALA H 154 -50.57 -39.00 10.11
CA ALA H 154 -51.41 -40.18 10.13
C ALA H 154 -51.84 -40.56 11.53
N ASP H 155 -51.08 -40.14 12.55
CA ASP H 155 -51.45 -40.42 13.93
C ASP H 155 -52.56 -39.51 14.43
N VAL H 156 -52.80 -38.38 13.77
CA VAL H 156 -53.83 -37.45 14.22
C VAL H 156 -55.22 -37.93 13.78
N TRP H 157 -55.36 -38.39 12.54
CA TRP H 157 -56.63 -38.94 12.11
C TRP H 157 -56.93 -40.26 12.81
N VAL H 158 -55.92 -41.11 12.98
CA VAL H 158 -56.09 -42.32 13.76
C VAL H 158 -56.47 -41.97 15.20
N MET H 159 -55.89 -40.88 15.73
CA MET H 159 -56.30 -40.40 17.05
C MET H 159 -57.74 -39.90 17.02
N MET H 160 -58.23 -39.45 15.86
CA MET H 160 -59.63 -39.05 15.75
C MET H 160 -60.54 -40.26 15.76
N PHE H 161 -60.11 -41.37 15.15
CA PHE H 161 -60.90 -42.59 15.17
C PHE H 161 -60.93 -43.19 16.58
N VAL H 162 -59.77 -43.25 17.25
CA VAL H 162 -59.73 -43.70 18.63
C VAL H 162 -60.58 -42.79 19.51
N MET H 163 -60.59 -41.50 19.20
CA MET H 163 -61.47 -40.57 19.91
C MET H 163 -62.93 -40.89 19.63
N LEU H 164 -63.24 -41.42 18.44
CA LEU H 164 -64.59 -41.88 18.17
C LEU H 164 -64.93 -43.12 19.00
N LEU H 165 -63.94 -43.98 19.24
CA LEU H 165 -64.14 -45.08 20.17
C LEU H 165 -64.42 -44.56 21.59
N ILE H 166 -63.71 -43.50 21.99
CA ILE H 166 -63.99 -42.88 23.27
C ILE H 166 -65.41 -42.31 23.30
N VAL H 167 -65.89 -41.81 22.17
CA VAL H 167 -67.29 -41.40 22.07
C VAL H 167 -68.21 -42.60 22.30
N SER H 168 -67.87 -43.74 21.70
CA SER H 168 -68.68 -44.95 21.90
C SER H 168 -68.72 -45.35 23.37
N ALA H 169 -67.59 -45.25 24.07
CA ALA H 169 -67.57 -45.62 25.49
C ALA H 169 -68.36 -44.62 26.33
N VAL H 170 -68.22 -43.32 26.04
CA VAL H 170 -68.93 -42.30 26.80
C VAL H 170 -70.43 -42.34 26.52
N ALA H 171 -70.85 -42.94 25.42
CA ALA H 171 -72.27 -43.00 25.09
C ALA H 171 -73.05 -43.79 26.15
N VAL H 172 -72.44 -44.84 26.70
CA VAL H 172 -73.15 -45.67 27.67
C VAL H 172 -73.37 -44.92 28.98
N PHE H 173 -72.29 -44.33 29.53
CA PHE H 173 -72.43 -43.55 30.75
C PHE H 173 -73.34 -42.34 30.55
N VAL H 174 -73.32 -41.75 29.36
CA VAL H 174 -74.21 -40.64 29.06
C VAL H 174 -75.65 -41.10 28.94
N PHE H 175 -75.86 -42.36 28.54
CA PHE H 175 -77.22 -42.85 28.31
C PHE H 175 -77.98 -43.08 29.61
N GLU H 176 -77.26 -43.41 30.70
CA GLU H 176 -77.93 -43.70 31.96
C GLU H 176 -78.52 -42.44 32.56
N TYR H 177 -79.75 -42.55 33.07
CA TYR H 177 -80.44 -41.43 33.68
C TYR H 177 -81.57 -41.92 34.60
N THR H 189 -78.47 -45.05 21.68
CA THR H 189 -77.87 -45.77 20.55
C THR H 189 -76.48 -45.22 20.22
N ILE H 190 -75.45 -45.99 20.58
CA ILE H 190 -74.07 -45.59 20.30
C ILE H 190 -73.70 -45.76 18.83
N GLY H 191 -74.57 -46.37 18.03
CA GLY H 191 -74.31 -46.54 16.62
C GLY H 191 -74.22 -45.23 15.87
N LYS H 192 -75.32 -44.48 15.84
CA LYS H 192 -75.34 -43.16 15.20
C LYS H 192 -74.66 -42.10 16.04
N ALA H 193 -74.12 -42.46 17.22
CA ALA H 193 -73.36 -41.49 18.00
C ALA H 193 -71.98 -41.28 17.41
N ILE H 194 -71.37 -42.34 16.88
CA ILE H 194 -70.11 -42.18 16.14
C ILE H 194 -70.33 -41.39 14.87
N TRP H 195 -71.52 -41.52 14.26
CA TRP H 195 -71.90 -40.66 13.15
C TRP H 195 -72.09 -39.21 13.61
N LEU H 196 -72.57 -39.03 14.85
CA LEU H 196 -72.73 -37.68 15.39
C LEU H 196 -71.38 -37.02 15.63
N LEU H 197 -70.47 -37.74 16.27
CA LEU H 197 -69.13 -37.23 16.52
C LEU H 197 -68.39 -37.00 15.21
N TRP H 198 -68.54 -37.94 14.29
CA TRP H 198 -67.87 -37.86 13.00
C TRP H 198 -68.41 -36.62 12.31
N GLY H 199 -69.70 -36.40 12.45
CA GLY H 199 -70.33 -35.23 11.88
C GLY H 199 -69.76 -33.97 12.48
N LEU H 200 -69.52 -33.99 13.78
CA LEU H 200 -69.04 -32.81 14.45
C LEU H 200 -67.72 -32.45 13.79
N VAL H 201 -66.92 -33.46 13.49
CA VAL H 201 -65.56 -33.17 13.02
C VAL H 201 -65.55 -32.34 11.75
N PHE H 202 -66.58 -32.44 10.91
CA PHE H 202 -66.66 -31.69 9.65
C PHE H 202 -67.53 -30.45 9.77
N ASN H 203 -67.38 -29.68 10.86
CA ASN H 203 -68.11 -28.43 11.07
C ASN H 203 -69.62 -28.66 10.98
N ASN H 204 -70.13 -29.36 12.00
CA ASN H 204 -71.58 -29.56 12.13
C ASN H 204 -72.01 -30.32 10.87
N SER H 205 -73.03 -29.86 10.12
CA SER H 205 -73.42 -30.50 8.85
C SER H 205 -73.70 -31.99 9.00
N LEU H 206 -74.10 -32.39 10.20
CA LEU H 206 -74.37 -33.77 10.55
C LEU H 206 -75.84 -33.93 10.90
N PRO H 207 -76.55 -34.86 10.26
CA PRO H 207 -77.97 -35.05 10.53
C PRO H 207 -78.29 -35.92 11.73
N VAL H 208 -77.29 -36.30 12.52
CA VAL H 208 -77.52 -37.20 13.65
C VAL H 208 -78.21 -36.46 14.79
N GLN H 209 -78.94 -37.21 15.61
CA GLN H 209 -79.63 -36.65 16.76
C GLN H 209 -78.73 -36.79 18.00
N ASN H 210 -78.53 -35.67 18.70
CA ASN H 210 -77.70 -35.68 19.88
C ASN H 210 -78.38 -36.44 21.01
N PRO H 211 -77.61 -36.91 22.00
CA PRO H 211 -78.22 -37.69 23.09
C PRO H 211 -79.03 -36.80 24.03
N LYS H 212 -80.02 -37.42 24.68
CA LYS H 212 -80.97 -36.71 25.51
C LYS H 212 -80.51 -36.55 26.96
N GLY H 213 -79.37 -37.12 27.33
CA GLY H 213 -78.89 -36.99 28.68
C GLY H 213 -78.27 -35.63 28.96
N THR H 214 -78.12 -35.33 30.26
CA THR H 214 -77.49 -34.08 30.67
C THR H 214 -75.96 -34.19 30.61
N THR H 215 -75.40 -35.20 31.28
CA THR H 215 -73.98 -35.50 31.10
C THR H 215 -73.64 -35.72 29.64
N SER H 216 -74.58 -36.29 28.88
CA SER H 216 -74.42 -36.39 27.44
C SER H 216 -74.22 -35.01 26.80
N LYS H 217 -74.98 -34.01 27.27
CA LYS H 217 -74.86 -32.67 26.72
C LYS H 217 -73.52 -32.04 27.10
N ILE H 218 -73.07 -32.26 28.35
CA ILE H 218 -71.78 -31.71 28.78
C ILE H 218 -70.66 -32.30 27.95
N MET H 219 -70.57 -33.63 27.91
CA MET H 219 -69.54 -34.28 27.09
C MET H 219 -69.65 -33.88 25.64
N VAL H 220 -70.87 -33.66 25.14
CA VAL H 220 -71.05 -33.21 23.77
C VAL H 220 -70.43 -31.83 23.59
N SER H 221 -70.57 -30.96 24.58
CA SER H 221 -69.94 -29.64 24.50
C SER H 221 -68.42 -29.78 24.44
N VAL H 222 -67.85 -30.64 25.29
CA VAL H 222 -66.40 -30.85 25.28
C VAL H 222 -65.94 -31.33 23.91
N TRP H 223 -66.61 -32.37 23.38
CA TRP H 223 -66.25 -32.86 22.06
C TRP H 223 -66.40 -31.78 20.99
N ALA H 224 -67.35 -30.87 21.17
CA ALA H 224 -67.50 -29.77 20.24
C ALA H 224 -66.30 -28.84 20.27
N PHE H 225 -65.77 -28.57 21.48
CA PHE H 225 -64.51 -27.85 21.58
C PHE H 225 -63.42 -28.58 20.81
N PHE H 226 -63.34 -29.90 20.99
CA PHE H 226 -62.37 -30.69 20.23
C PHE H 226 -62.57 -30.51 18.73
N ALA H 227 -63.82 -30.34 18.28
CA ALA H 227 -64.09 -30.16 16.86
C ALA H 227 -63.59 -28.80 16.38
N VAL H 228 -63.84 -27.75 17.17
CA VAL H 228 -63.37 -26.43 16.78
C VAL H 228 -61.85 -26.41 16.70
N ILE H 229 -61.19 -27.04 17.68
CA ILE H 229 -59.73 -27.07 17.68
C ILE H 229 -59.21 -27.86 16.49
N PHE H 230 -59.76 -29.06 16.27
CA PHE H 230 -59.28 -29.92 15.19
C PHE H 230 -59.47 -29.26 13.83
N LEU H 231 -60.68 -28.78 13.56
CA LEU H 231 -60.96 -28.20 12.24
C LEU H 231 -60.22 -26.89 12.05
N ALA H 232 -60.19 -26.04 13.08
CA ALA H 232 -59.44 -24.79 12.98
C ALA H 232 -57.96 -25.06 12.74
N SER H 233 -57.43 -26.15 13.29
CA SER H 233 -56.04 -26.49 13.03
C SER H 233 -55.85 -27.08 11.64
N TYR H 234 -56.87 -27.76 11.11
CA TYR H 234 -56.79 -28.27 9.75
C TYR H 234 -56.79 -27.13 8.73
N THR H 235 -57.60 -26.10 8.98
CA THR H 235 -57.62 -24.94 8.09
C THR H 235 -56.36 -24.09 8.28
N ALA H 236 -55.88 -23.98 9.52
CA ALA H 236 -54.70 -23.17 9.77
C ALA H 236 -53.46 -23.81 9.17
N ASN H 237 -53.35 -25.14 9.26
CA ASN H 237 -52.18 -25.82 8.73
C ASN H 237 -52.30 -26.01 7.22
N LEU H 238 -53.51 -26.25 6.72
CA LEU H 238 -53.70 -26.28 5.27
C LEU H 238 -53.36 -24.92 4.67
N ALA H 239 -53.73 -23.84 5.35
CA ALA H 239 -53.31 -22.51 4.92
C ALA H 239 -51.84 -22.24 5.20
N ALA H 240 -51.22 -23.05 6.07
CA ALA H 240 -49.80 -22.91 6.32
C ALA H 240 -48.98 -23.48 5.17
N PHE H 241 -49.16 -24.78 4.88
CA PHE H 241 -48.47 -25.38 3.75
C PHE H 241 -48.89 -24.72 2.45
N MET H 242 -50.16 -24.32 2.35
CA MET H 242 -50.61 -23.57 1.18
C MET H 242 -50.03 -22.16 1.16
N ILE H 243 -49.59 -21.65 2.30
CA ILE H 243 -48.97 -20.32 2.34
C ILE H 243 -47.47 -20.37 2.12
N GLN H 244 -46.84 -21.54 2.28
CA GLN H 244 -45.40 -21.64 2.06
C GLN H 244 -45.00 -21.59 0.59
N ARG H 245 -45.97 -21.61 -0.33
CA ARG H 245 -45.69 -21.54 -1.75
C ARG H 245 -45.33 -20.10 -2.14
N ARG H 246 -44.14 -19.92 -2.69
CA ARG H 246 -43.65 -18.60 -3.10
C ARG H 246 -42.98 -18.71 -4.46
N TYR H 247 -42.45 -17.59 -4.93
CA TYR H 247 -41.78 -17.53 -6.22
C TYR H 247 -40.30 -17.86 -6.05
N VAL H 248 -39.83 -18.84 -6.81
CA VAL H 248 -38.44 -19.29 -6.76
C VAL H 248 -37.79 -18.97 -8.09
N ASP H 249 -36.78 -18.09 -8.06
CA ASP H 249 -36.04 -17.70 -9.25
C ASP H 249 -34.58 -18.03 -9.05
N GLN H 250 -34.02 -18.83 -9.95
CA GLN H 250 -32.60 -19.15 -9.87
C GLN H 250 -31.73 -18.02 -10.39
N VAL H 251 -32.22 -17.24 -11.35
CA VAL H 251 -31.44 -16.20 -11.99
C VAL H 251 -31.12 -15.08 -11.00
N SER H 252 -32.15 -14.29 -10.66
CA SER H 252 -31.98 -13.10 -9.83
C SER H 252 -30.92 -12.18 -10.41
N GLY H 253 -30.99 -11.98 -11.73
CA GLY H 253 -30.01 -11.19 -12.42
C GLY H 253 -29.34 -11.93 -13.57
N LEU H 254 -29.82 -13.13 -13.87
CA LEU H 254 -29.35 -14.00 -14.94
C LEU H 254 -27.90 -14.43 -14.80
N SER H 255 -27.21 -13.95 -13.76
CA SER H 255 -25.82 -14.34 -13.48
C SER H 255 -25.74 -14.86 -12.05
N ASP H 256 -26.54 -15.89 -11.77
CA ASP H 256 -26.45 -16.58 -10.49
C ASP H 256 -25.19 -17.43 -10.38
N LYS H 257 -24.36 -17.48 -11.43
CA LYS H 257 -23.11 -18.20 -11.53
C LYS H 257 -23.31 -19.71 -11.53
N LYS H 258 -24.54 -20.21 -11.39
CA LYS H 258 -24.80 -21.63 -11.67
C LYS H 258 -24.34 -21.99 -13.08
N PHE H 259 -24.61 -21.12 -14.06
CA PHE H 259 -24.17 -21.33 -15.44
C PHE H 259 -22.68 -21.09 -15.62
N GLN H 260 -22.10 -20.14 -14.88
CA GLN H 260 -20.66 -19.89 -14.99
C GLN H 260 -19.85 -21.04 -14.41
N ARG H 261 -20.27 -21.56 -13.26
CA ARG H 261 -19.63 -22.70 -12.61
C ARG H 261 -20.64 -23.84 -12.53
N PRO H 262 -20.73 -24.64 -13.61
CA PRO H 262 -21.69 -25.75 -13.71
C PRO H 262 -21.51 -27.02 -12.85
N ASN H 263 -20.30 -27.57 -12.83
CA ASN H 263 -19.94 -28.69 -11.95
C ASN H 263 -19.82 -28.38 -10.45
N ASP H 264 -19.19 -27.26 -10.09
CA ASP H 264 -19.08 -26.89 -8.68
C ASP H 264 -20.42 -26.98 -7.98
N PHE H 265 -21.50 -26.60 -8.66
CA PHE H 265 -22.86 -26.72 -8.15
C PHE H 265 -23.37 -28.13 -8.47
N SER H 266 -23.32 -29.02 -7.48
CA SER H 266 -23.81 -30.38 -7.67
C SER H 266 -25.16 -30.56 -6.99
N PRO H 267 -26.13 -31.26 -7.60
CA PRO H 267 -26.04 -31.92 -8.92
C PRO H 267 -25.89 -30.96 -10.09
N ALA H 268 -25.36 -31.45 -11.21
CA ALA H 268 -25.02 -30.60 -12.33
C ALA H 268 -26.21 -29.77 -12.80
N PHE H 269 -25.92 -28.57 -13.29
CA PHE H 269 -26.93 -27.63 -13.74
C PHE H 269 -27.21 -27.92 -15.21
N ARG H 270 -28.31 -28.62 -15.48
CA ARG H 270 -28.68 -28.98 -16.84
C ARG H 270 -29.34 -27.77 -17.50
N PHE H 271 -28.57 -27.02 -18.28
CA PHE H 271 -29.07 -25.86 -18.99
C PHE H 271 -28.46 -25.82 -20.39
N GLY H 272 -29.22 -25.27 -21.32
CA GLY H 272 -28.76 -25.21 -22.70
C GLY H 272 -29.60 -24.26 -23.52
N THR H 273 -29.36 -24.30 -24.83
CA THR H 273 -30.05 -23.45 -25.79
C THR H 273 -30.35 -24.29 -27.03
N VAL H 274 -30.94 -23.63 -28.02
CA VAL H 274 -31.11 -24.22 -29.35
C VAL H 274 -29.84 -23.94 -30.15
N PRO H 275 -29.17 -24.95 -30.66
CA PRO H 275 -27.86 -24.74 -31.28
C PRO H 275 -27.94 -23.93 -32.57
N ASN H 276 -26.79 -23.35 -32.94
CA ASN H 276 -26.61 -22.56 -34.16
C ASN H 276 -27.50 -21.30 -34.21
N GLY H 277 -28.01 -20.85 -33.05
CA GLY H 277 -28.80 -19.64 -32.98
C GLY H 277 -27.96 -18.46 -32.50
N SER H 278 -28.63 -17.33 -32.24
CA SER H 278 -27.90 -16.18 -31.67
C SER H 278 -27.53 -16.44 -30.22
N THR H 279 -28.41 -17.08 -29.46
CA THR H 279 -28.08 -17.34 -28.08
C THR H 279 -26.87 -18.23 -27.98
N GLU H 280 -26.68 -19.11 -28.95
CA GLU H 280 -25.52 -19.99 -28.97
C GLU H 280 -24.24 -19.19 -29.25
N ARG H 281 -24.27 -18.32 -30.26
CA ARG H 281 -23.07 -17.57 -30.61
C ARG H 281 -22.74 -16.52 -29.55
N ASN H 282 -23.74 -15.79 -29.08
CA ASN H 282 -23.50 -14.77 -28.07
C ASN H 282 -23.09 -15.38 -26.74
N ILE H 283 -23.76 -16.46 -26.32
CA ILE H 283 -23.31 -17.17 -25.12
C ILE H 283 -21.92 -17.74 -25.35
N ARG H 284 -21.57 -18.05 -26.61
CA ARG H 284 -20.24 -18.56 -26.90
C ARG H 284 -19.19 -17.47 -26.77
N ASN H 285 -19.55 -16.23 -27.10
CA ASN H 285 -18.61 -15.12 -26.96
C ASN H 285 -18.60 -14.54 -25.56
N ASN H 286 -19.58 -14.90 -24.72
CA ASN H 286 -19.64 -14.40 -23.35
C ASN H 286 -18.87 -15.34 -22.41
N TYR H 287 -19.39 -16.54 -22.20
CA TYR H 287 -18.81 -17.51 -21.27
C TYR H 287 -18.46 -18.78 -22.04
N LEU H 288 -17.18 -18.96 -22.36
CA LEU H 288 -16.75 -20.16 -23.06
C LEU H 288 -16.93 -21.40 -22.20
N GLU H 289 -16.83 -21.26 -20.88
CA GLU H 289 -17.09 -22.39 -19.98
C GLU H 289 -18.57 -22.78 -20.05
N MET H 290 -19.46 -21.80 -19.95
CA MET H 290 -20.88 -22.07 -20.11
C MET H 290 -21.21 -22.58 -21.51
N HIS H 291 -20.38 -22.25 -22.50
CA HIS H 291 -20.56 -22.82 -23.83
C HIS H 291 -20.18 -24.29 -23.85
N SER H 292 -19.07 -24.63 -23.20
CA SER H 292 -18.66 -26.03 -23.12
C SER H 292 -19.67 -26.87 -22.34
N TYR H 293 -20.27 -26.28 -21.29
CA TYR H 293 -21.30 -26.99 -20.56
C TYR H 293 -22.60 -27.07 -21.35
N MET H 294 -22.92 -26.04 -22.14
CA MET H 294 -24.17 -26.01 -22.88
C MET H 294 -24.13 -26.92 -24.10
N VAL H 295 -22.94 -27.17 -24.66
CA VAL H 295 -22.86 -27.97 -25.89
C VAL H 295 -23.40 -29.37 -25.65
N LYS H 296 -23.15 -29.93 -24.45
CA LYS H 296 -23.63 -31.26 -24.13
C LYS H 296 -25.13 -31.29 -23.90
N PHE H 297 -25.74 -30.16 -23.54
CA PHE H 297 -27.16 -30.08 -23.28
C PHE H 297 -27.92 -29.37 -24.41
N ASN H 298 -27.43 -29.51 -25.64
CA ASN H 298 -28.10 -28.88 -26.78
C ASN H 298 -29.44 -29.54 -27.02
N GLN H 299 -30.48 -28.73 -27.24
CA GLN H 299 -31.84 -29.20 -27.42
C GLN H 299 -32.19 -29.25 -28.91
N ARG H 300 -33.38 -29.78 -29.20
CA ARG H 300 -33.81 -30.02 -30.57
C ARG H 300 -34.73 -28.94 -31.12
N SER H 301 -35.86 -28.70 -30.45
CA SER H 301 -36.86 -27.77 -30.94
C SER H 301 -37.39 -26.96 -29.77
N VAL H 302 -37.78 -25.70 -30.05
CA VAL H 302 -38.28 -24.81 -29.01
C VAL H 302 -39.30 -25.53 -28.13
N GLN H 303 -40.23 -26.26 -28.75
CA GLN H 303 -41.15 -27.08 -27.98
C GLN H 303 -40.48 -28.33 -27.44
N ASP H 304 -39.46 -28.86 -28.13
CA ASP H 304 -38.71 -29.99 -27.57
C ASP H 304 -37.87 -29.55 -26.39
N ALA H 305 -37.28 -28.36 -26.46
CA ALA H 305 -36.58 -27.82 -25.30
C ALA H 305 -37.54 -27.51 -24.16
N LEU H 306 -38.75 -27.05 -24.50
CA LEU H 306 -39.78 -26.87 -23.47
C LEU H 306 -40.13 -28.21 -22.83
N LEU H 307 -40.17 -29.28 -23.63
CA LEU H 307 -40.36 -30.61 -23.07
C LEU H 307 -39.17 -31.03 -22.20
N SER H 308 -37.98 -30.52 -22.51
CA SER H 308 -36.82 -30.81 -21.68
C SER H 308 -36.92 -30.10 -20.34
N LEU H 309 -37.39 -28.85 -20.34
CA LEU H 309 -37.54 -28.12 -19.09
C LEU H 309 -38.73 -28.56 -18.28
N LYS H 310 -39.74 -29.18 -18.91
CA LYS H 310 -40.95 -29.60 -18.21
C LYS H 310 -40.86 -31.04 -17.69
N SER H 311 -40.15 -31.92 -18.40
CA SER H 311 -40.03 -33.31 -18.02
C SER H 311 -38.82 -33.58 -17.12
N GLY H 312 -38.26 -32.54 -16.50
CA GLY H 312 -37.11 -32.69 -15.63
C GLY H 312 -35.83 -33.10 -16.32
N LYS H 313 -35.81 -33.17 -17.65
CA LYS H 313 -34.58 -33.53 -18.36
C LYS H 313 -33.57 -32.39 -18.38
N LEU H 314 -33.99 -31.17 -18.09
CA LEU H 314 -33.10 -30.01 -18.07
C LEU H 314 -33.53 -29.08 -16.94
N ASP H 315 -32.56 -28.58 -16.19
CA ASP H 315 -32.87 -27.68 -15.08
C ASP H 315 -33.35 -26.32 -15.59
N ALA H 316 -32.82 -25.85 -16.73
CA ALA H 316 -33.22 -24.57 -17.27
C ALA H 316 -32.96 -24.55 -18.77
N PHE H 317 -33.50 -23.52 -19.42
CA PHE H 317 -33.38 -23.29 -20.85
C PHE H 317 -33.07 -21.82 -21.08
N ILE H 318 -32.39 -21.51 -22.19
CA ILE H 318 -31.98 -20.13 -22.47
C ILE H 318 -32.10 -19.89 -23.97
N TYR H 319 -33.05 -19.03 -24.39
CA TYR H 319 -33.25 -18.75 -25.82
C TYR H 319 -33.98 -17.42 -25.96
N ASP H 320 -34.58 -17.20 -27.12
CA ASP H 320 -35.02 -15.89 -27.55
C ASP H 320 -36.06 -15.32 -26.59
N ALA H 321 -35.91 -14.05 -26.24
CA ALA H 321 -36.84 -13.43 -25.31
C ALA H 321 -38.24 -13.38 -25.89
N ALA H 322 -38.35 -13.19 -27.21
CA ALA H 322 -39.65 -13.15 -27.85
C ALA H 322 -40.19 -14.56 -28.09
N VAL H 323 -39.36 -15.45 -28.62
CA VAL H 323 -39.81 -16.81 -28.92
C VAL H 323 -40.15 -17.53 -27.63
N LEU H 324 -39.26 -17.47 -26.63
CA LEU H 324 -39.58 -18.08 -25.35
C LEU H 324 -40.60 -17.25 -24.56
N ASN H 325 -40.76 -15.98 -24.91
CA ASN H 325 -41.81 -15.18 -24.27
C ASN H 325 -43.19 -15.67 -24.68
N TYR H 326 -43.40 -15.88 -25.98
CA TYR H 326 -44.65 -16.45 -26.44
C TYR H 326 -44.79 -17.89 -26.01
N MET H 327 -43.76 -18.70 -26.24
CA MET H 327 -43.83 -20.12 -25.92
C MET H 327 -44.09 -20.32 -24.44
N ALA H 328 -43.61 -19.40 -23.59
CA ALA H 328 -43.98 -19.43 -22.18
C ALA H 328 -45.41 -18.94 -21.99
N GLY H 329 -45.81 -17.92 -22.75
CA GLY H 329 -47.15 -17.39 -22.64
C GLY H 329 -48.22 -18.29 -23.21
N ARG H 330 -47.86 -19.20 -24.10
CA ARG H 330 -48.80 -20.10 -24.75
C ARG H 330 -48.62 -21.55 -24.34
N ASP H 331 -47.76 -21.83 -23.36
CA ASP H 331 -47.60 -23.18 -22.85
C ASP H 331 -48.75 -23.51 -21.90
N GLU H 332 -49.42 -24.64 -22.15
CA GLU H 332 -50.52 -25.05 -21.31
C GLU H 332 -50.02 -25.34 -19.89
N GLY H 333 -50.54 -24.61 -18.92
CA GLY H 333 -50.10 -24.69 -17.55
C GLY H 333 -49.09 -23.65 -17.14
N CYS H 334 -48.47 -22.98 -18.12
CA CYS H 334 -47.46 -21.95 -17.88
C CYS H 334 -46.31 -22.50 -17.02
N LYS H 335 -45.73 -23.60 -17.49
CA LYS H 335 -44.64 -24.24 -16.74
C LYS H 335 -43.38 -23.40 -16.81
N LEU H 336 -42.81 -23.23 -18.00
CA LEU H 336 -41.60 -22.45 -18.15
C LEU H 336 -41.93 -20.96 -18.01
N VAL H 337 -41.17 -20.26 -17.15
CA VAL H 337 -41.38 -18.85 -16.92
C VAL H 337 -40.08 -18.11 -17.19
N THR H 338 -40.20 -16.87 -17.64
CA THR H 338 -39.03 -16.05 -17.91
C THR H 338 -38.24 -15.83 -16.62
N ILE H 339 -36.97 -16.22 -16.62
CA ILE H 339 -36.16 -16.07 -15.42
C ILE H 339 -36.07 -14.59 -15.05
N GLY H 340 -35.91 -14.33 -13.75
CA GLY H 340 -35.72 -12.97 -13.27
C GLY H 340 -36.85 -12.02 -13.64
N SER H 341 -38.09 -12.51 -13.55
CA SER H 341 -39.28 -11.66 -13.58
C SER H 341 -39.36 -10.81 -14.85
N GLY H 342 -39.27 -11.50 -15.99
CA GLY H 342 -39.30 -10.82 -17.28
C GLY H 342 -37.97 -10.30 -17.76
N LYS H 343 -36.85 -10.80 -17.23
CA LYS H 343 -35.53 -10.31 -17.60
C LYS H 343 -35.23 -10.56 -19.08
N VAL H 344 -34.40 -9.68 -19.68
CA VAL H 344 -34.05 -9.65 -21.09
C VAL H 344 -32.52 -9.66 -21.17
N PHE H 345 -31.91 -10.42 -22.10
CA PHE H 345 -30.44 -10.55 -22.03
C PHE H 345 -29.70 -9.49 -22.86
N ALA H 346 -30.28 -9.12 -24.01
CA ALA H 346 -29.58 -8.28 -24.99
C ALA H 346 -30.46 -7.29 -25.74
N THR H 347 -29.82 -6.26 -26.29
CA THR H 347 -30.47 -5.20 -27.05
C THR H 347 -31.16 -5.62 -28.36
N THR H 348 -30.57 -6.57 -29.08
CA THR H 348 -30.90 -6.82 -30.49
C THR H 348 -32.36 -7.20 -30.76
N GLY H 349 -32.88 -6.73 -31.89
CA GLY H 349 -34.29 -6.83 -32.22
C GLY H 349 -34.53 -7.47 -33.57
N TYR H 350 -35.78 -7.88 -33.78
CA TYR H 350 -36.17 -8.50 -35.04
C TYR H 350 -36.19 -7.47 -36.17
N GLY H 351 -35.51 -7.77 -37.27
CA GLY H 351 -35.42 -6.85 -38.38
C GLY H 351 -35.26 -7.57 -39.70
N ILE H 352 -35.79 -6.95 -40.76
CA ILE H 352 -35.71 -7.50 -42.10
C ILE H 352 -34.43 -7.03 -42.77
N ALA H 353 -33.69 -7.97 -43.35
CA ALA H 353 -32.45 -7.67 -44.04
C ALA H 353 -32.72 -7.08 -45.43
N ILE H 354 -31.63 -6.62 -46.07
CA ILE H 354 -31.65 -6.21 -47.46
C ILE H 354 -30.30 -6.59 -48.04
N GLN H 355 -30.24 -6.69 -49.37
CA GLN H 355 -28.94 -6.80 -50.02
C GLN H 355 -28.09 -5.65 -49.54
N LYS H 356 -26.94 -5.96 -48.95
CA LYS H 356 -26.16 -4.92 -48.29
C LYS H 356 -25.60 -3.92 -49.30
N ASP H 357 -25.64 -2.67 -48.90
CA ASP H 357 -24.91 -1.54 -49.45
C ASP H 357 -25.54 -1.00 -50.72
N SER H 358 -26.61 -1.62 -51.24
CA SER H 358 -27.44 -1.00 -52.28
C SER H 358 -28.87 -1.49 -52.01
N GLY H 359 -29.41 -0.99 -50.90
CA GLY H 359 -30.69 -1.44 -50.42
C GLY H 359 -31.71 -0.33 -50.40
N TRP H 360 -32.98 -0.71 -50.35
CA TRP H 360 -34.05 0.26 -50.34
C TRP H 360 -33.81 1.08 -49.12
N LYS H 361 -33.44 0.41 -48.04
CA LYS H 361 -33.03 1.12 -46.86
C LYS H 361 -34.16 2.01 -46.40
N ARG H 362 -33.82 3.28 -46.25
CA ARG H 362 -34.63 4.19 -45.46
C ARG H 362 -36.13 4.06 -45.73
N GLN H 363 -36.54 3.84 -46.99
CA GLN H 363 -37.96 3.73 -47.29
C GLN H 363 -38.63 2.65 -46.45
N VAL H 364 -38.02 1.47 -46.39
CA VAL H 364 -38.56 0.39 -45.57
C VAL H 364 -38.64 0.82 -44.10
N ASP H 365 -37.58 1.45 -43.60
CA ASP H 365 -37.57 1.89 -42.20
C ASP H 365 -38.65 2.94 -41.95
N LEU H 366 -38.90 3.80 -42.94
CA LEU H 366 -39.97 4.79 -42.83
C LEU H 366 -41.31 4.09 -42.74
N ALA H 367 -41.48 2.98 -43.47
CA ALA H 367 -42.70 2.20 -43.34
C ALA H 367 -42.81 1.60 -41.95
N ILE H 368 -41.72 1.06 -41.42
CA ILE H 368 -41.74 0.46 -40.08
C ILE H 368 -42.12 1.51 -39.05
N LEU H 369 -41.42 2.64 -39.04
CA LEU H 369 -41.69 3.69 -38.07
C LEU H 369 -43.05 4.33 -38.28
N GLN H 370 -43.60 4.26 -39.48
CA GLN H 370 -44.98 4.69 -39.68
C GLN H 370 -45.94 3.73 -39.02
N LEU H 371 -45.71 2.43 -39.17
CA LEU H 371 -46.53 1.44 -38.49
C LEU H 371 -46.44 1.61 -36.97
N PHE H 372 -45.24 1.97 -36.48
CA PHE H 372 -45.09 2.21 -35.05
C PHE H 372 -45.81 3.47 -34.63
N GLY H 373 -45.72 4.53 -35.43
CA GLY H 373 -46.35 5.79 -35.08
C GLY H 373 -47.87 5.69 -35.05
N ASP H 374 -48.45 4.99 -36.02
CA ASP H 374 -49.89 4.81 -36.02
C ASP H 374 -50.35 3.87 -34.93
N GLY H 375 -49.45 3.03 -34.40
CA GLY H 375 -49.81 2.10 -33.36
C GLY H 375 -50.34 0.77 -33.85
N GLU H 376 -50.32 0.51 -35.16
CA GLU H 376 -50.79 -0.76 -35.68
C GLU H 376 -49.95 -1.92 -35.16
N MET H 377 -48.69 -1.68 -34.78
CA MET H 377 -47.91 -2.73 -34.14
C MET H 377 -48.52 -3.15 -32.82
N GLU H 378 -49.16 -2.22 -32.09
CA GLU H 378 -49.81 -2.58 -30.84
C GLU H 378 -51.01 -3.48 -31.08
N GLU H 379 -51.78 -3.20 -32.15
CA GLU H 379 -52.91 -4.05 -32.47
C GLU H 379 -52.45 -5.42 -32.98
N LEU H 380 -51.40 -5.44 -33.79
CA LEU H 380 -50.89 -6.72 -34.28
C LEU H 380 -50.33 -7.55 -33.16
N GLU H 381 -49.59 -6.93 -32.24
CA GLU H 381 -49.06 -7.64 -31.09
C GLU H 381 -50.18 -8.07 -30.15
N ALA H 382 -51.28 -7.32 -30.13
CA ALA H 382 -52.40 -7.71 -29.26
C ALA H 382 -53.06 -8.98 -29.76
N LEU H 383 -53.10 -9.19 -31.08
CA LEU H 383 -53.76 -10.34 -31.65
C LEU H 383 -52.85 -11.57 -31.76
N TRP H 384 -51.52 -11.38 -31.69
CA TRP H 384 -50.59 -12.48 -31.92
C TRP H 384 -49.69 -12.76 -30.73
N LEU H 385 -48.95 -11.77 -30.24
CA LEU H 385 -47.89 -12.02 -29.27
C LEU H 385 -48.35 -11.97 -27.82
N THR H 386 -49.58 -11.54 -27.55
CA THR H 386 -50.05 -11.40 -26.19
C THR H 386 -50.09 -12.75 -25.49
N GLY H 387 -49.33 -12.89 -24.42
CA GLY H 387 -49.26 -14.11 -23.63
C GLY H 387 -49.85 -13.90 -22.25
N ILE H 388 -50.68 -14.85 -21.84
CA ILE H 388 -51.40 -14.77 -20.58
C ILE H 388 -50.69 -15.56 -19.47
N CYS H 389 -49.40 -15.85 -19.64
CA CYS H 389 -48.63 -16.56 -18.63
C CYS H 389 -47.51 -15.72 -18.03
N HIS H 390 -46.88 -14.84 -18.80
CA HIS H 390 -45.67 -14.16 -18.36
C HIS H 390 -45.96 -13.24 -17.18
N ASN H 391 -44.92 -12.99 -16.38
CA ASN H 391 -44.99 -12.14 -15.19
C ASN H 391 -46.07 -12.61 -14.23
N SER H 399 -47.66 -17.38 -8.67
CA SER H 399 -49.12 -17.24 -8.70
C SER H 399 -49.78 -18.50 -9.29
N GLN H 400 -50.22 -19.40 -8.42
CA GLN H 400 -50.86 -20.64 -8.82
C GLN H 400 -52.17 -20.81 -8.07
N LEU H 401 -52.93 -21.83 -8.49
CA LEU H 401 -54.21 -22.16 -7.86
C LEU H 401 -54.40 -23.66 -7.92
N ASP H 402 -55.31 -24.15 -7.06
CA ASP H 402 -55.51 -25.59 -6.92
C ASP H 402 -56.06 -26.19 -8.21
N ILE H 403 -55.54 -27.37 -8.57
CA ILE H 403 -55.96 -28.06 -9.78
C ILE H 403 -56.38 -29.48 -9.45
N ASP H 404 -55.48 -30.26 -8.84
CA ASP H 404 -55.74 -31.67 -8.62
C ASP H 404 -55.55 -32.16 -7.18
N ASN H 405 -55.08 -31.31 -6.26
CA ASN H 405 -54.87 -31.76 -4.88
C ASN H 405 -56.19 -32.01 -4.18
N MET H 406 -57.08 -31.02 -4.19
CA MET H 406 -58.42 -31.23 -3.64
C MET H 406 -59.14 -32.37 -4.34
N ALA H 407 -58.80 -32.63 -5.60
CA ALA H 407 -59.25 -33.83 -6.29
C ALA H 407 -58.49 -35.08 -5.85
N GLY H 408 -57.41 -34.92 -5.10
CA GLY H 408 -56.72 -36.04 -4.48
C GLY H 408 -57.44 -36.41 -3.22
N VAL H 409 -57.88 -35.40 -2.47
CA VAL H 409 -58.81 -35.66 -1.36
C VAL H 409 -60.10 -36.25 -1.89
N PHE H 410 -60.54 -35.79 -3.08
CA PHE H 410 -61.68 -36.41 -3.75
C PHE H 410 -61.35 -37.84 -4.19
N TYR H 411 -60.07 -38.14 -4.44
CA TYR H 411 -59.66 -39.51 -4.68
C TYR H 411 -59.63 -40.34 -3.41
N MET H 412 -59.54 -39.69 -2.25
CA MET H 412 -59.67 -40.41 -0.98
C MET H 412 -61.14 -40.66 -0.65
N LEU H 413 -62.01 -39.70 -0.97
CA LEU H 413 -63.44 -39.89 -0.74
C LEU H 413 -64.03 -40.90 -1.72
N ALA H 414 -63.62 -40.83 -2.99
CA ALA H 414 -64.07 -41.80 -3.98
C ALA H 414 -63.37 -43.14 -3.81
N ALA H 415 -62.10 -43.14 -3.37
CA ALA H 415 -61.44 -44.40 -3.02
C ALA H 415 -62.13 -45.08 -1.85
N ALA H 416 -62.57 -44.29 -0.87
CA ALA H 416 -63.40 -44.83 0.19
C ALA H 416 -64.83 -45.10 -0.27
N MET H 417 -65.21 -44.61 -1.44
CA MET H 417 -66.50 -44.98 -2.03
C MET H 417 -66.43 -46.37 -2.66
N ALA H 418 -65.34 -46.67 -3.37
CA ALA H 418 -65.14 -48.02 -3.88
C ALA H 418 -64.88 -48.99 -2.74
N LEU H 419 -64.10 -48.58 -1.73
CA LEU H 419 -63.93 -49.39 -0.54
C LEU H 419 -65.26 -49.59 0.17
N SER H 420 -66.11 -48.57 0.18
CA SER H 420 -67.46 -48.71 0.72
C SER H 420 -68.27 -49.72 -0.09
N LEU H 421 -68.06 -49.76 -1.41
CA LEU H 421 -68.68 -50.81 -2.22
C LEU H 421 -68.16 -52.20 -1.85
N ILE H 422 -66.88 -52.29 -1.49
CA ILE H 422 -66.35 -53.55 -0.99
C ILE H 422 -67.04 -53.94 0.31
N THR H 423 -67.29 -52.97 1.18
CA THR H 423 -68.08 -53.24 2.38
C THR H 423 -69.54 -53.57 2.06
N PHE H 424 -70.02 -53.15 0.89
CA PHE H 424 -71.37 -53.54 0.48
C PHE H 424 -71.41 -54.98 0.00
N ILE H 425 -70.37 -55.41 -0.72
CA ILE H 425 -70.29 -56.83 -1.12
C ILE H 425 -70.09 -57.71 0.11
N MET H 426 -69.29 -57.26 1.07
CA MET H 426 -69.14 -57.99 2.32
C MET H 426 -70.46 -58.03 3.08
N GLU H 427 -71.20 -56.91 3.08
CA GLU H 427 -72.52 -56.89 3.70
C GLU H 427 -73.47 -57.85 2.99
N HIS H 428 -73.27 -58.07 1.68
CA HIS H 428 -74.05 -59.08 0.97
C HIS H 428 -73.63 -60.48 1.36
N LEU H 429 -72.34 -60.68 1.66
CA LEU H 429 -71.90 -61.97 2.18
C LEU H 429 -72.53 -62.25 3.54
N PHE H 430 -72.68 -61.21 4.37
CA PHE H 430 -73.43 -61.35 5.62
C PHE H 430 -74.92 -61.51 5.37
N TYR H 431 -75.42 -61.02 4.24
CA TYR H 431 -76.83 -61.19 3.91
C TYR H 431 -77.14 -62.56 3.34
N LYS H 432 -76.13 -63.29 2.86
CA LYS H 432 -76.34 -64.64 2.35
C LYS H 432 -76.45 -65.66 3.47
N SER H 433 -75.72 -65.46 4.57
CA SER H 433 -75.77 -66.37 5.70
C SER H 433 -77.02 -66.18 6.55
N ARG H 434 -77.83 -65.17 6.27
CA ARG H 434 -79.06 -64.92 7.02
C ARG H 434 -80.14 -65.93 6.65
#